data_3CWB
#
_entry.id   3CWB
#
_cell.length_a   174.778
_cell.length_b   182.663
_cell.length_c   242.945
_cell.angle_alpha   90.00
_cell.angle_beta   90.00
_cell.angle_gamma   90.00
#
_symmetry.space_group_name_H-M   'P 21 21 21'
#
loop_
_entity.id
_entity.type
_entity.pdbx_description
1 polymer 'MITOCHONDRIAL UBIQUINOL-CYTOCHROME-C REDUCTASE COMPLEX CORE PROTEIN I'
2 polymer 'MITOCHONDRIAL UBIQUINOL-CYTOCHROME-C REDUCTASE COMPLEX CORE PROTEIN 2'
3 polymer 'Cytochrome b'
4 polymer 'MITOCHONDRIAL CYTOCHROME C1, HEME PROTEIN'
5 polymer 'MITOCHONDRIAL UBIQUINOL-CYTOCHROME C REDUCTASE IRON-SULFUR PROTEIN'
6 polymer 'MITOCHONDRIAL UBIQUINOL-CYTOCHROME C REDUCTASE 14 KDA PROTEIN'
7 polymer 'MITOCHONDRIAL UBIQUINOL-CYTOCHROME C REDUCTASE UBIQUINONE-BINDING PROTEIN QP-C'
8 polymer 'MITOCHONDRIAL UBIQUINOL-CYTOCHROME C REDUCTASE 11 KDA PROTEIN, COMPLEX III SUBUNIT VIII'
9 polymer 'MITOCHONDRIAL UBIQUINOL-CYTOCHROME C REDUCTASE IRON-SULFUR SUBUNIT, leader sequence'
10 polymer 'MITOCHONDRIAL UBIQUINOL-CYTOCHROME C REDUCTASE 7.2 KDA PROTEIN'
11 non-polymer 1,2-dioleoyl-sn-glycero-3-phosphoethanolamine
12 non-polymer 'octyl beta-D-glucopyranoside'
13 non-polymer 'AZIDE ION'
14 non-polymer 'PROTOPORPHYRIN IX CONTAINING FE'
15 non-polymer 'methyl N-[(5Z)-6-({[4-(4-iodobenzyl)phenyl]carbonyl}amino)hex-5-enoyl]glycinate'
16 non-polymer 'Coenzyme Q10, (2Z,6E,10Z,14E,18E,22E,26Z)-isomer'
17 non-polymer 'HEME C'
18 non-polymer CARDIOLIPIN
19 non-polymer 'FE2/S2 (INORGANIC) CLUSTER'
20 non-polymer 'UNKNOWN LIGAND'
21 water water
#
loop_
_entity_poly.entity_id
_entity_poly.type
_entity_poly.pdbx_seq_one_letter_code
_entity_poly.pdbx_strand_id
1 'polypeptide(L)'
;AATYAQTLQNIPETNVTTLDNGLRVASEESSQPTCTVGVWIGAGSRYENEKNNGAGYFVEHLAFKGTKKRPCAAFEKEVE
SMGAHFNGYTSREQTAFYIKALSKDMPKVVELLADVVQNCALEESQIEKERGVILQELKEMDNDMTNVTFDYLHATAFQG
TALARTVEGTTENIKHLTRADLASYIDTHFKAPRMVLAAAGGISHKELVDAARQHFSGVSFTYKEDAVPILPRCRFTGSE
IRARDDALPVAHVALAVEGPGWADPDNVVLHVANAIIGRYDRTFGGGKHLSSRLAALAVEHKLCHSFQTFNTSYSDTGLF
GFHFVADPLSIDDMMFCAQGEWMRLCTSTTESEVKRAKNHLRSAMVAQLDGTTPVCETIGSHLLNYGRRISLEEWDSRIS
AVDARMVRDVCSKYIYDKCPALAAVGPIEQLLDYNRIRSGMYWIRF
;
A,N
2 'polypeptide(L)'
;SLKVAPKVAVSAAAERVKLCPGAEDLEITKLPNGLIIASLENFSPASRIGVFIKAGSRYETTANLGTAHLLRLASPLTTK
GASSFRITRGIEAVGGSLSVYSTREKMTYCVECLRDHVDTVMEYLLNVTTAPEFRPWEVTDLQPQLKVDKAVAFQSPQVG
VLENLHAAAYKTALANPLYCPDYRIGKITSEQLHHFVQNNFTSARMALVGIGVKHSDLKQVAEQFLNIRSGAGTSSAKAT
YWGGEIREQNGHSLVHAAVVTEGAAVGSAEANAFSVLQHVLGAGPLIKRGSSVTSKLYQGVAKATTQPFDASAFNVNYSD
SGLFGFYTISQAAHAGEVIRAAMNQLKAAAQGGVTEEDVTKAKNQLKATYLMSVETAQGLLNEIGSEALLSGTHTAPSVV
AQKIDSVTSADVVNAAKKFVSGKKSMAASGDLGSTPFLDEL
;
B,O
3 'polypeptide(L)'
;MAPNIRKSHPLLKMINNSLIDLPAPSNISAWWNFGSLLAVCLMTQILTGLLLAMHYTADTSLAFSSVAHTCRNVQYGWLI
RNLHANGASFFFICIFLHIGRGLYYGSYLYKETWNTGVILLLTLMATAFVGYVLPWGQMSFWGATVITNLFSAIPYIGHT
LVEWAWGGFSVDNPTLTRFFALHFLLPFAIAGITIIHLTFLHESGSNNPLGISSDSDKIPFHPYYSFKDILGLTLMLTPF
LTLALFSPNLLGDPENFTPANPLVTPPHIKPEWYFLFAYAILRSIPNKLGGVLALAASVLILFLIPFLHKSKQRTMTFRP
LSQTLFWLLVANLLILTWIGSQPVEHPFIIIGQMASLSYFTILLILFPTIGTLENKMLNY
;
C,P
4 'polypeptide(L)'
;GELELHPPAFPWSHGGPLSALDHSSVRRGFQVYKQVCSACHSMDYVAFRNLIGVTHTEAEAKALAEEVEVQDGPDENGEL
FMRPGKISDYFPKPYPNPEAARAANNGALPPDLSYIVNARHGGEDYVFSLLTGYCDPPAGVVVREGLHYNPYFPGQAIGM
APPIYNEILEYDDGTPATMSQIAKDVCTFLRWAAEPEHDQRKRMGLKMLLISALLTSLLYYMKRHKWSVLKSRKMAYRPP
K
;
D,Q
5 'polypeptide(L)'
;VHNDVTVPDFSAYRREDVMDATTSSQTSSEDRKGFSYLVTATACVATAYAAKNVVTQFISSLSASADVLALSKIEIKLSD
IPEGKNVAFKWRGKPLFVRHRTQAEINQEAEVDVSKLRDPQHDLDRVKKPEWVILVGVCTHLGCVPIANSGDFGGYYCPC
HGSHYDASGRIRKGPAPYNLEVPTYQFVGDDLVVVG
;
E,R
6 'polypeptide(L)'
;AARATVAGGGRLMDRIRKWYYNAAGFNKYGLMRDDTLYEDDDVKEALKRLPKDLYNERMFRIKRALDLSLKHRILPKEQW
VKYEEDKPYLEPYLKEVIRERLEREAWNKK
;
F,S
7 'polypeptide(L)'
;GIHFGNLARVRHIITYSLSPFEQRAIPNIFSDALPNVWRRFSSQVFKVAPPFLGAYLLYSWGTQEFERLKRKNPADYEND
Q
;
G,T
8 'polypeptide(L)' LRGSGEEEEEELVDPLTTIREHCEQTEKCVKARERLELCDARVSSRSHTEEQCTEELFDFLHARDHCVAHKLFNKLK H,U
9 'polypeptide(L)'
;(UNK)(UNK)(UNK)(UNK)(UNK)(UNK)(UNK)(UNK)(UNK)(UNK)(UNK)(UNK)(UNK)(UNK)(UNK)(UNK)
(UNK)(UNK)(UNK)(UNK)RPLLCRESMSGRSARRDLVAGISLNAPASVRY
;
I,V
10 'polypeptide(L)' ALLRQAYSALFRRTSTFALTVVLGAVLFERAFDQGADAIFEHLNEGKLWKHIKHKYEASEE J,W
#
loop_
_chem_comp.id
_chem_comp.type
_chem_comp.name
_chem_comp.formula
AZI non-polymer 'AZIDE ION' 'N3 -1'
BOG D-saccharide 'octyl beta-D-glucopyranoside' 'C14 H28 O6'
CDL non-polymer CARDIOLIPIN 'C81 H156 O17 P2 -2'
FES non-polymer 'FE2/S2 (INORGANIC) CLUSTER' 'Fe2 S2'
HEC non-polymer 'HEME C' 'C34 H34 Fe N4 O4'
HEM non-polymer 'PROTOPORPHYRIN IX CONTAINING FE' 'C34 H32 Fe N4 O4'
ICX non-polymer 'methyl N-[(5Z)-6-({[4-(4-iodobenzyl)phenyl]carbonyl}amino)hex-5-enoyl]glycinate' 'C23 H25 I N2 O4'
PEE non-polymer 1,2-dioleoyl-sn-glycero-3-phosphoethanolamine 'C41 H78 N O8 P'
UNL non-polymer 'UNKNOWN LIGAND' ?
UQ non-polymer 'Coenzyme Q10, (2Z,6E,10Z,14E,18E,22E,26Z)-isomer' 'C59 H90 O4'
#
# COMPACT_ATOMS: atom_id res chain seq x y z
N ALA A 2 -25.76 -20.24 56.10
CA ALA A 2 -24.34 -20.26 56.59
C ALA A 2 -23.39 -19.63 55.57
N THR A 3 -22.39 -18.90 56.07
CA THR A 3 -21.41 -18.24 55.19
C THR A 3 -20.29 -19.16 54.72
N TYR A 4 -19.57 -18.68 53.69
CA TYR A 4 -18.46 -19.40 53.10
C TYR A 4 -17.30 -19.58 54.11
N ALA A 5 -16.90 -18.48 54.76
CA ALA A 5 -15.83 -18.50 55.76
C ALA A 5 -15.88 -19.68 56.73
N GLN A 6 -17.09 -20.10 57.07
CA GLN A 6 -17.28 -21.19 58.01
C GLN A 6 -17.22 -22.58 57.39
N THR A 7 -17.92 -22.78 56.27
CA THR A 7 -17.89 -24.08 55.61
C THR A 7 -16.45 -24.45 55.43
N LEU A 8 -15.60 -23.41 55.43
CA LEU A 8 -14.17 -23.58 55.28
C LEU A 8 -13.49 -24.23 56.48
N GLN A 9 -13.92 -23.87 57.68
CA GLN A 9 -13.31 -24.42 58.88
C GLN A 9 -13.91 -25.72 59.42
N ASN A 10 -14.99 -26.18 58.77
CA ASN A 10 -15.63 -27.44 59.17
C ASN A 10 -14.92 -28.61 58.53
N ILE A 11 -14.32 -28.34 57.39
CA ILE A 11 -13.58 -29.37 56.67
C ILE A 11 -12.64 -30.00 57.70
N PRO A 12 -12.78 -31.33 57.91
CA PRO A 12 -11.97 -32.10 58.85
C PRO A 12 -10.45 -32.00 58.70
N GLU A 13 -9.81 -31.53 59.76
CA GLU A 13 -8.36 -31.39 59.81
C GLU A 13 -7.78 -32.68 59.22
N THR A 14 -6.76 -32.57 58.37
CA THR A 14 -6.14 -33.76 57.76
C THR A 14 -5.10 -34.34 58.71
N ASN A 15 -5.24 -35.62 59.04
CA ASN A 15 -4.35 -36.32 59.96
C ASN A 15 -3.08 -36.88 59.36
N VAL A 16 -2.03 -36.91 60.15
CA VAL A 16 -0.75 -37.43 59.70
C VAL A 16 0.08 -38.06 60.81
N THR A 17 0.80 -39.11 60.46
CA THR A 17 1.68 -39.82 61.38
C THR A 17 2.77 -40.48 60.56
N THR A 18 3.92 -40.67 61.15
CA THR A 18 5.05 -41.27 60.44
C THR A 18 5.48 -42.60 61.04
N LEU A 19 5.97 -43.49 60.19
CA LEU A 19 6.47 -44.78 60.64
C LEU A 19 7.98 -44.60 60.81
N ASP A 20 8.55 -45.27 61.78
CA ASP A 20 9.97 -45.15 62.05
C ASP A 20 10.88 -45.61 60.90
N ASN A 21 10.30 -45.85 59.73
CA ASN A 21 11.08 -46.26 58.58
C ASN A 21 11.11 -45.18 57.51
N GLY A 22 10.29 -44.13 57.70
CA GLY A 22 10.25 -43.02 56.76
C GLY A 22 8.90 -42.70 56.10
N LEU A 23 8.10 -43.73 55.88
CA LEU A 23 6.80 -43.52 55.25
C LEU A 23 6.00 -42.58 56.12
N ARG A 24 5.10 -41.85 55.48
CA ARG A 24 4.25 -40.91 56.19
C ARG A 24 2.84 -41.21 55.76
N VAL A 25 1.89 -41.21 56.68
CA VAL A 25 0.52 -41.51 56.30
C VAL A 25 -0.49 -40.42 56.66
N ALA A 26 -1.31 -40.08 55.68
CA ALA A 26 -2.31 -39.04 55.86
C ALA A 26 -3.57 -39.34 55.08
N SER A 27 -4.67 -38.72 55.51
CA SER A 27 -5.95 -38.92 54.89
C SER A 27 -7.06 -38.12 55.55
N GLU A 28 -8.01 -37.68 54.73
CA GLU A 28 -9.13 -36.89 55.21
C GLU A 28 -10.37 -37.74 55.23
N GLU A 29 -10.95 -37.85 56.41
CA GLU A 29 -12.16 -38.65 56.65
C GLU A 29 -13.47 -37.94 56.25
N SER A 30 -14.38 -38.69 55.65
CA SER A 30 -15.66 -38.14 55.23
C SER A 30 -16.76 -39.11 55.63
N SER A 31 -17.79 -39.22 54.80
CA SER A 31 -18.92 -40.12 55.04
C SER A 31 -19.11 -41.07 53.86
N GLN A 32 -18.59 -40.66 52.70
CA GLN A 32 -18.70 -41.46 51.48
C GLN A 32 -18.33 -42.92 51.71
N PRO A 33 -19.10 -43.84 51.10
CA PRO A 33 -18.91 -45.29 51.19
C PRO A 33 -17.78 -45.73 50.28
N THR A 34 -17.44 -44.86 49.33
CA THR A 34 -16.37 -45.09 48.37
C THR A 34 -15.19 -44.23 48.80
N CYS A 35 -14.04 -44.42 48.15
CA CYS A 35 -12.84 -43.66 48.49
C CYS A 35 -11.68 -43.92 47.52
N THR A 36 -10.54 -43.30 47.81
CA THR A 36 -9.34 -43.45 47.00
C THR A 36 -8.11 -43.43 47.90
N VAL A 37 -7.15 -44.29 47.58
CA VAL A 37 -5.91 -44.37 48.33
C VAL A 37 -4.75 -44.54 47.38
N GLY A 38 -3.60 -44.00 47.73
CA GLY A 38 -2.46 -44.13 46.85
C GLY A 38 -1.14 -43.80 47.49
N VAL A 39 -0.08 -44.26 46.83
CA VAL A 39 1.28 -44.02 47.28
C VAL A 39 1.78 -42.85 46.42
N TRP A 40 2.35 -41.81 47.04
CA TRP A 40 2.85 -40.65 46.29
C TRP A 40 4.33 -40.48 46.39
N ILE A 41 5.02 -41.24 45.56
CA ILE A 41 6.47 -41.24 45.50
C ILE A 41 7.03 -39.94 44.93
N GLY A 42 8.13 -39.49 45.52
CA GLY A 42 8.79 -38.29 45.03
C GLY A 42 9.87 -38.74 44.07
N ALA A 43 9.47 -39.41 43.00
CA ALA A 43 10.41 -39.89 41.99
C ALA A 43 9.98 -39.36 40.62
N GLY A 44 10.87 -39.49 39.65
CA GLY A 44 10.55 -39.00 38.32
C GLY A 44 11.80 -38.92 37.49
N SER A 45 11.67 -38.52 36.22
CA SER A 45 12.84 -38.43 35.38
C SER A 45 13.82 -37.40 35.92
N ARG A 46 13.32 -36.39 36.64
CA ARG A 46 14.21 -35.37 37.18
C ARG A 46 15.33 -36.04 37.93
N TYR A 47 15.06 -37.22 38.49
CA TYR A 47 16.05 -38.01 39.23
C TYR A 47 16.78 -38.98 38.32
N GLU A 48 16.44 -38.96 37.04
CA GLU A 48 17.07 -39.86 36.11
C GLU A 48 18.35 -39.23 35.56
N ASN A 49 19.16 -40.03 34.88
CA ASN A 49 20.39 -39.55 34.28
C ASN A 49 20.40 -39.93 32.79
N GLU A 50 21.46 -39.57 32.07
CA GLU A 50 21.60 -39.83 30.64
C GLU A 50 21.48 -41.30 30.18
N LYS A 51 21.79 -42.23 31.07
CA LYS A 51 21.74 -43.66 30.73
C LYS A 51 20.41 -44.33 31.02
N ASN A 52 19.69 -43.81 32.02
CA ASN A 52 18.42 -44.38 32.44
C ASN A 52 17.21 -43.45 32.22
N ASN A 53 17.27 -42.59 31.22
CA ASN A 53 16.14 -41.71 30.97
C ASN A 53 15.03 -42.59 30.45
N GLY A 54 13.97 -42.72 31.24
CA GLY A 54 12.84 -43.55 30.83
C GLY A 54 12.49 -44.66 31.81
N ALA A 55 13.05 -44.61 33.00
CA ALA A 55 12.76 -45.63 33.97
C ALA A 55 11.40 -45.37 34.60
N GLY A 56 11.28 -44.21 35.26
CA GLY A 56 10.04 -43.88 35.92
C GLY A 56 8.84 -44.27 35.07
N TYR A 57 9.03 -44.22 33.76
CA TYR A 57 7.98 -44.54 32.83
C TYR A 57 7.86 -46.02 32.54
N PHE A 58 8.97 -46.64 32.18
CA PHE A 58 9.01 -48.07 31.87
C PHE A 58 8.47 -48.84 33.06
N VAL A 59 8.65 -48.24 34.23
CA VAL A 59 8.18 -48.81 35.49
C VAL A 59 6.66 -48.60 35.59
N GLU A 60 6.25 -47.35 35.54
CA GLU A 60 4.86 -46.99 35.58
C GLU A 60 4.09 -47.88 34.61
N HIS A 61 4.79 -48.46 33.64
CA HIS A 61 4.16 -49.33 32.64
C HIS A 61 3.99 -50.75 33.12
N LEU A 62 4.92 -51.22 33.95
CA LEU A 62 4.90 -52.58 34.48
C LEU A 62 4.32 -52.70 35.88
N ALA A 63 4.07 -51.55 36.51
CA ALA A 63 3.50 -51.54 37.86
C ALA A 63 2.07 -52.04 37.87
N PHE A 64 1.56 -52.44 36.72
CA PHE A 64 0.19 -52.92 36.62
C PHE A 64 0.06 -54.24 35.90
N LYS A 65 1.20 -54.87 35.65
CA LYS A 65 1.23 -56.16 34.97
C LYS A 65 1.57 -57.28 35.92
N GLY A 66 1.47 -56.98 37.22
CA GLY A 66 1.73 -57.99 38.23
C GLY A 66 2.94 -57.90 39.15
N THR A 67 2.90 -58.76 40.18
CA THR A 67 3.94 -58.88 41.20
C THR A 67 4.37 -60.35 41.28
N LYS A 68 5.24 -60.66 42.23
CA LYS A 68 5.73 -62.02 42.40
C LYS A 68 4.73 -62.90 43.13
N LYS A 69 3.97 -62.29 44.03
CA LYS A 69 2.96 -63.02 44.80
C LYS A 69 1.82 -63.46 43.90
N ARG A 70 1.36 -62.53 43.05
CA ARG A 70 0.23 -62.77 42.13
C ARG A 70 0.47 -62.19 40.73
N PRO A 71 0.94 -63.01 39.77
CA PRO A 71 1.21 -62.56 38.40
C PRO A 71 0.09 -61.80 37.69
N CYS A 72 0.35 -61.47 36.42
CA CYS A 72 -0.56 -60.71 35.55
C CYS A 72 -2.04 -60.88 35.88
N ALA A 73 -2.69 -61.84 35.24
CA ALA A 73 -4.11 -62.09 35.45
C ALA A 73 -4.51 -61.88 36.92
N ALA A 74 -4.00 -62.72 37.80
CA ALA A 74 -4.33 -62.64 39.23
C ALA A 74 -4.47 -61.22 39.74
N PHE A 75 -3.45 -60.40 39.50
CA PHE A 75 -3.49 -59.03 39.97
C PHE A 75 -4.74 -58.36 39.44
N GLU A 76 -4.80 -58.19 38.12
CA GLU A 76 -5.94 -57.55 37.49
C GLU A 76 -7.26 -58.15 37.95
N LYS A 77 -7.36 -59.47 37.80
CA LYS A 77 -8.56 -60.20 38.19
C LYS A 77 -9.01 -59.77 39.57
N GLU A 78 -8.19 -60.02 40.58
CA GLU A 78 -8.52 -59.65 41.95
C GLU A 78 -8.95 -58.19 42.12
N VAL A 79 -8.39 -57.29 41.31
CA VAL A 79 -8.75 -55.89 41.42
C VAL A 79 -10.07 -55.59 40.73
N GLU A 80 -10.20 -56.04 39.50
CA GLU A 80 -11.43 -55.81 38.76
C GLU A 80 -12.60 -56.37 39.55
N SER A 81 -12.47 -57.60 39.99
CA SER A 81 -13.50 -58.29 40.73
C SER A 81 -14.03 -57.64 42.02
N MET A 82 -13.48 -56.48 42.37
CA MET A 82 -13.97 -55.77 43.56
C MET A 82 -14.31 -54.33 43.19
N GLY A 83 -14.36 -54.09 41.89
CA GLY A 83 -14.73 -52.80 41.36
C GLY A 83 -13.74 -51.67 41.47
N ALA A 84 -12.63 -51.88 42.18
CA ALA A 84 -11.64 -50.80 42.34
C ALA A 84 -11.02 -50.34 41.02
N HIS A 85 -10.43 -49.14 41.06
CA HIS A 85 -9.78 -48.52 39.90
C HIS A 85 -8.32 -48.22 40.19
N PHE A 86 -7.43 -48.83 39.40
CA PHE A 86 -6.02 -48.58 39.62
C PHE A 86 -5.39 -47.83 38.46
N ASN A 87 -4.99 -46.59 38.74
CA ASN A 87 -4.36 -45.72 37.76
C ASN A 87 -3.10 -45.13 38.37
N GLY A 88 -2.27 -44.52 37.50
CA GLY A 88 -1.05 -43.93 37.96
C GLY A 88 -0.42 -43.04 36.92
N TYR A 89 0.63 -42.32 37.33
CA TYR A 89 1.33 -41.44 36.42
C TYR A 89 2.75 -41.22 36.88
N THR A 90 3.45 -40.34 36.18
CA THR A 90 4.84 -40.07 36.53
C THR A 90 5.37 -38.81 35.84
N SER A 91 5.44 -37.68 36.54
CA SER A 91 5.94 -36.43 35.95
C SER A 91 7.46 -36.44 35.96
N ARG A 92 8.09 -35.27 36.01
CA ARG A 92 9.55 -35.21 36.03
C ARG A 92 10.08 -35.44 37.42
N GLU A 93 9.31 -34.98 38.41
CA GLU A 93 9.73 -35.16 39.80
C GLU A 93 8.62 -35.56 40.77
N GLN A 94 7.77 -36.50 40.36
CA GLN A 94 6.69 -36.97 41.23
C GLN A 94 5.87 -38.07 40.59
N THR A 95 6.21 -39.33 40.87
CA THR A 95 5.46 -40.46 40.31
C THR A 95 4.33 -40.74 41.29
N ALA A 96 3.36 -41.56 40.90
CA ALA A 96 2.26 -41.87 41.81
C ALA A 96 1.35 -43.03 41.38
N PHE A 97 1.06 -43.93 42.30
CA PHE A 97 0.16 -45.04 42.02
C PHE A 97 -0.98 -44.95 43.03
N TYR A 98 -2.21 -45.01 42.54
CA TYR A 98 -3.39 -44.89 43.40
C TYR A 98 -4.62 -45.68 42.94
N ILE A 99 -5.43 -46.11 43.90
CA ILE A 99 -6.64 -46.89 43.64
C ILE A 99 -7.94 -46.28 44.21
N LYS A 100 -9.02 -46.37 43.44
CA LYS A 100 -10.32 -45.90 43.86
C LYS A 100 -11.13 -47.15 44.16
N ALA A 101 -11.78 -47.21 45.32
CA ALA A 101 -12.57 -48.38 45.67
C ALA A 101 -13.42 -48.10 46.89
N LEU A 102 -14.29 -49.05 47.23
CA LEU A 102 -15.20 -48.92 48.38
C LEU A 102 -14.50 -48.91 49.75
N SER A 103 -14.87 -47.93 50.58
CA SER A 103 -14.28 -47.77 51.90
C SER A 103 -14.18 -49.10 52.63
N LYS A 104 -15.03 -50.04 52.23
CA LYS A 104 -15.03 -51.36 52.85
C LYS A 104 -13.69 -52.02 52.63
N ASP A 105 -13.20 -51.98 51.41
CA ASP A 105 -11.94 -52.63 51.08
C ASP A 105 -10.70 -51.81 51.37
N MET A 106 -10.86 -50.78 52.18
CA MET A 106 -9.75 -49.91 52.54
C MET A 106 -8.42 -50.66 52.80
N PRO A 107 -8.45 -51.71 53.63
CA PRO A 107 -7.24 -52.48 53.94
C PRO A 107 -6.69 -53.28 52.75
N LYS A 108 -7.46 -54.28 52.32
CA LYS A 108 -7.09 -55.13 51.18
C LYS A 108 -6.43 -54.26 50.09
N VAL A 109 -6.95 -53.06 49.89
CA VAL A 109 -6.41 -52.15 48.89
C VAL A 109 -4.95 -51.86 49.23
N VAL A 110 -4.74 -51.14 50.33
CA VAL A 110 -3.40 -50.79 50.76
C VAL A 110 -2.43 -51.93 50.53
N GLU A 111 -2.87 -53.14 50.81
CA GLU A 111 -2.03 -54.32 50.64
C GLU A 111 -1.48 -54.37 49.23
N LEU A 112 -2.40 -54.18 48.28
CA LEU A 112 -2.06 -54.19 46.86
C LEU A 112 -1.05 -53.07 46.51
N LEU A 113 -1.39 -51.82 46.90
CA LEU A 113 -0.52 -50.69 46.66
C LEU A 113 0.88 -51.05 47.13
N ALA A 114 0.97 -51.55 48.35
CA ALA A 114 2.24 -51.97 48.93
C ALA A 114 2.89 -53.09 48.14
N ASP A 115 2.11 -53.81 47.35
CA ASP A 115 2.64 -54.90 46.56
C ASP A 115 3.22 -54.47 45.22
N VAL A 116 2.72 -53.36 44.69
CA VAL A 116 3.22 -52.87 43.41
C VAL A 116 4.53 -52.13 43.64
N VAL A 117 4.49 -51.17 44.57
CA VAL A 117 5.64 -50.36 44.89
C VAL A 117 6.83 -51.16 45.36
N GLN A 118 6.58 -52.23 46.10
CA GLN A 118 7.67 -53.06 46.65
C GLN A 118 8.00 -54.34 45.88
N ASN A 119 7.01 -55.21 45.72
CA ASN A 119 7.23 -56.46 45.02
C ASN A 119 6.80 -56.48 43.56
N CYS A 120 7.16 -55.45 42.81
CA CYS A 120 6.79 -55.44 41.41
C CYS A 120 7.39 -56.65 40.70
N ALA A 121 6.60 -57.35 39.90
CA ALA A 121 7.04 -58.55 39.19
C ALA A 121 8.27 -58.36 38.35
N LEU A 122 8.10 -57.71 37.21
CA LEU A 122 9.18 -57.43 36.25
C LEU A 122 9.59 -58.64 35.41
N GLU A 123 8.60 -59.32 34.84
CA GLU A 123 8.84 -60.49 34.01
C GLU A 123 9.54 -60.12 32.70
N GLU A 124 10.58 -60.87 32.36
CA GLU A 124 11.36 -60.64 31.13
C GLU A 124 10.56 -60.74 29.82
N SER A 125 9.42 -61.40 29.86
CA SER A 125 8.59 -61.55 28.69
C SER A 125 7.73 -60.32 28.54
N GLN A 126 7.43 -59.71 29.69
CA GLN A 126 6.59 -58.52 29.77
C GLN A 126 7.34 -57.26 29.39
N ILE A 127 8.57 -57.13 29.85
CA ILE A 127 9.33 -55.96 29.51
C ILE A 127 9.52 -55.85 28.01
N GLU A 128 10.17 -56.84 27.41
CA GLU A 128 10.39 -56.83 25.96
C GLU A 128 9.12 -56.66 25.13
N LYS A 129 7.98 -56.49 25.80
CA LYS A 129 6.68 -56.28 25.16
C LYS A 129 6.24 -54.86 25.44
N GLU A 130 6.50 -54.40 26.66
CA GLU A 130 6.16 -53.03 27.02
C GLU A 130 7.14 -52.09 26.34
N ARG A 131 8.18 -52.68 25.76
CA ARG A 131 9.21 -51.92 25.06
C ARG A 131 8.60 -51.48 23.75
N GLY A 132 8.01 -52.41 23.02
CA GLY A 132 7.39 -52.06 21.75
C GLY A 132 6.27 -51.05 21.94
N VAL A 133 5.56 -51.14 23.07
CA VAL A 133 4.44 -50.25 23.37
C VAL A 133 4.84 -48.83 23.72
N ILE A 134 5.77 -48.67 24.65
CA ILE A 134 6.18 -47.32 24.97
C ILE A 134 6.54 -46.70 23.65
N LEU A 135 7.38 -47.38 22.89
CA LEU A 135 7.83 -46.92 21.59
C LEU A 135 6.70 -46.43 20.71
N GLN A 136 5.50 -46.90 21.00
CA GLN A 136 4.33 -46.49 20.23
C GLN A 136 3.66 -45.29 20.89
N GLU A 137 3.59 -45.29 22.21
CA GLU A 137 2.98 -44.16 22.89
C GLU A 137 3.78 -42.91 22.60
N LEU A 138 4.85 -43.06 21.81
CA LEU A 138 5.68 -41.92 21.45
C LEU A 138 5.25 -41.44 20.08
N LYS A 139 5.28 -42.33 19.09
CA LYS A 139 4.86 -41.95 17.74
C LYS A 139 3.54 -41.21 17.88
N GLU A 140 2.81 -41.52 18.93
CA GLU A 140 1.53 -40.87 19.13
C GLU A 140 1.72 -39.60 19.91
N MET A 141 2.24 -39.70 21.12
CA MET A 141 2.44 -38.49 21.92
C MET A 141 3.17 -37.40 21.18
N ASP A 142 3.83 -37.78 20.09
CA ASP A 142 4.58 -36.83 19.29
C ASP A 142 3.66 -35.89 18.52
N ASN A 143 2.45 -36.33 18.24
CA ASN A 143 1.53 -35.49 17.51
C ASN A 143 0.63 -34.65 18.39
N ASP A 144 1.05 -34.42 19.62
CA ASP A 144 0.25 -33.59 20.50
C ASP A 144 1.03 -32.32 20.69
N MET A 145 1.05 -31.49 19.65
CA MET A 145 1.78 -30.22 19.67
C MET A 145 1.85 -29.53 21.03
N THR A 146 0.71 -29.35 21.68
CA THR A 146 0.68 -28.68 22.98
C THR A 146 1.79 -29.27 23.85
N ASN A 147 1.93 -30.59 23.84
CA ASN A 147 2.98 -31.26 24.64
C ASN A 147 4.34 -31.31 23.98
N VAL A 148 4.37 -31.42 22.66
CA VAL A 148 5.64 -31.42 21.96
C VAL A 148 6.28 -30.09 22.27
N THR A 149 5.45 -29.06 22.46
CA THR A 149 5.96 -27.73 22.79
C THR A 149 6.45 -27.66 24.23
N PHE A 150 5.55 -27.87 25.18
CA PHE A 150 5.92 -27.81 26.57
C PHE A 150 7.17 -28.60 26.91
N ASP A 151 7.46 -29.67 26.16
CA ASP A 151 8.69 -30.42 26.43
C ASP A 151 9.88 -29.60 25.98
N TYR A 152 9.77 -29.10 24.75
CA TYR A 152 10.80 -28.25 24.16
C TYR A 152 11.03 -27.05 25.07
N LEU A 153 9.95 -26.49 25.58
CA LEU A 153 10.08 -25.37 26.48
C LEU A 153 11.03 -25.81 27.59
N HIS A 154 10.73 -26.94 28.23
CA HIS A 154 11.60 -27.44 29.28
C HIS A 154 13.00 -27.68 28.73
N ALA A 155 13.08 -28.43 27.65
CA ALA A 155 14.35 -28.78 27.00
C ALA A 155 15.33 -27.65 26.71
N THR A 156 14.87 -26.40 26.73
CA THR A 156 15.77 -25.28 26.48
C THR A 156 15.72 -24.27 27.61
N ALA A 157 14.62 -24.23 28.35
CA ALA A 157 14.52 -23.29 29.44
C ALA A 157 15.51 -23.76 30.51
N PHE A 158 15.53 -25.07 30.76
CA PHE A 158 16.43 -25.64 31.74
C PHE A 158 17.55 -26.35 31.06
N GLN A 159 17.58 -26.26 29.74
CA GLN A 159 18.63 -26.86 28.90
C GLN A 159 19.94 -27.24 29.62
N GLY A 160 20.49 -28.39 29.26
CA GLY A 160 21.72 -28.80 29.89
C GLY A 160 21.54 -29.48 31.23
N THR A 161 20.49 -29.14 31.98
CA THR A 161 20.28 -29.80 33.26
C THR A 161 19.43 -31.05 33.08
N ALA A 162 18.96 -31.57 34.23
CA ALA A 162 18.16 -32.80 34.28
C ALA A 162 16.70 -32.51 34.09
N LEU A 163 16.30 -31.31 34.53
CA LEU A 163 14.91 -30.93 34.43
C LEU A 163 14.54 -30.87 32.98
N ALA A 164 15.50 -30.47 32.16
CA ALA A 164 15.29 -30.35 30.71
C ALA A 164 15.16 -31.68 29.93
N ARG A 165 14.61 -32.72 30.56
CA ARG A 165 14.43 -33.99 29.87
C ARG A 165 12.97 -34.36 29.77
N THR A 166 12.66 -35.16 28.75
CA THR A 166 11.30 -35.60 28.54
C THR A 166 11.04 -36.67 29.59
N VAL A 167 9.80 -36.80 30.04
CA VAL A 167 9.49 -37.80 31.05
C VAL A 167 9.53 -39.20 30.46
N GLU A 168 8.99 -39.33 29.26
CA GLU A 168 8.93 -40.62 28.59
C GLU A 168 10.31 -41.13 28.22
N GLY A 169 11.31 -40.27 28.32
CA GLY A 169 12.66 -40.66 28.01
C GLY A 169 12.98 -40.85 26.54
N THR A 170 14.28 -40.96 26.24
CA THR A 170 14.81 -41.13 24.89
C THR A 170 14.41 -42.39 24.17
N THR A 171 14.55 -42.35 22.84
CA THR A 171 14.21 -43.47 21.98
C THR A 171 15.24 -44.58 22.13
N GLU A 172 16.51 -44.19 22.26
CA GLU A 172 17.56 -45.17 22.42
C GLU A 172 17.43 -45.91 23.74
N ASN A 173 17.21 -45.16 24.82
CA ASN A 173 17.03 -45.71 26.18
C ASN A 173 15.88 -46.74 26.29
N ILE A 174 14.71 -46.35 25.80
CA ILE A 174 13.57 -47.23 25.85
C ILE A 174 13.82 -48.46 24.99
N LYS A 175 14.81 -48.39 24.12
CA LYS A 175 15.17 -49.52 23.27
C LYS A 175 16.18 -50.44 23.93
N HIS A 176 16.93 -49.92 24.90
CA HIS A 176 17.95 -50.73 25.56
C HIS A 176 17.81 -50.93 27.07
N LEU A 177 16.96 -50.17 27.75
CA LEU A 177 16.83 -50.37 29.20
C LEU A 177 16.78 -51.88 29.51
N THR A 178 17.30 -52.30 30.66
CA THR A 178 17.32 -53.71 31.02
C THR A 178 16.65 -54.05 32.36
N ARG A 179 16.18 -55.30 32.47
CA ARG A 179 15.53 -55.77 33.69
C ARG A 179 16.33 -55.11 34.79
N ALA A 180 17.63 -55.27 34.66
CA ALA A 180 18.55 -54.70 35.62
C ALA A 180 18.25 -53.22 35.91
N ASP A 181 18.46 -52.37 34.92
CA ASP A 181 18.27 -50.93 35.03
C ASP A 181 16.91 -50.54 35.64
N LEU A 182 15.86 -51.28 35.27
CA LEU A 182 14.51 -51.03 35.79
C LEU A 182 14.55 -51.30 37.26
N ALA A 183 15.14 -52.45 37.62
CA ALA A 183 15.26 -52.84 39.00
C ALA A 183 15.82 -51.70 39.81
N SER A 184 17.08 -51.33 39.54
CA SER A 184 17.73 -50.24 40.26
C SER A 184 16.83 -49.04 40.50
N TYR A 185 16.17 -48.54 39.45
CA TYR A 185 15.28 -47.38 39.57
C TYR A 185 14.29 -47.58 40.73
N ILE A 186 13.65 -48.75 40.74
CA ILE A 186 12.69 -49.10 41.78
C ILE A 186 13.39 -49.13 43.13
N ASP A 187 14.49 -49.87 43.16
CA ASP A 187 15.32 -50.06 44.34
C ASP A 187 15.90 -48.77 44.88
N THR A 188 16.53 -47.99 44.01
CA THR A 188 17.16 -46.73 44.39
C THR A 188 16.17 -45.60 44.72
N HIS A 189 15.00 -45.62 44.08
CA HIS A 189 14.02 -44.55 44.28
C HIS A 189 12.77 -44.80 45.10
N PHE A 190 12.13 -45.96 44.91
CA PHE A 190 10.92 -46.27 45.64
C PHE A 190 11.22 -46.65 47.10
N LYS A 191 11.53 -45.62 47.90
CA LYS A 191 11.84 -45.80 49.33
C LYS A 191 10.91 -45.00 50.26
N ALA A 192 10.40 -45.68 51.27
CA ALA A 192 9.47 -45.13 52.26
C ALA A 192 9.60 -43.69 52.74
N PRO A 193 10.81 -43.21 53.07
CA PRO A 193 10.89 -41.82 53.55
C PRO A 193 10.51 -40.83 52.47
N ARG A 194 10.47 -41.32 51.23
CA ARG A 194 10.12 -40.52 50.05
C ARG A 194 8.76 -40.88 49.48
N MET A 195 8.03 -41.76 50.16
CA MET A 195 6.71 -42.16 49.69
C MET A 195 5.67 -41.64 50.67
N VAL A 196 4.44 -41.48 50.21
CA VAL A 196 3.35 -40.99 51.05
C VAL A 196 2.07 -41.77 50.81
N LEU A 197 1.50 -42.28 51.89
CA LEU A 197 0.27 -43.02 51.79
C LEU A 197 -0.82 -42.02 52.08
N ALA A 198 -1.60 -41.70 51.07
CA ALA A 198 -2.67 -40.75 51.25
C ALA A 198 -3.95 -41.41 50.82
N ALA A 199 -5.05 -40.90 51.36
CA ALA A 199 -6.37 -41.41 51.05
C ALA A 199 -7.43 -40.48 51.58
N ALA A 200 -8.61 -40.59 51.01
CA ALA A 200 -9.70 -39.77 51.44
C ALA A 200 -10.94 -40.61 51.19
N GLY A 201 -11.95 -40.39 52.02
CA GLY A 201 -13.20 -41.12 51.92
C GLY A 201 -13.77 -41.45 53.27
N GLY A 202 -14.58 -42.51 53.34
CA GLY A 202 -15.16 -42.90 54.60
C GLY A 202 -14.26 -43.89 55.32
N ILE A 203 -13.06 -43.44 55.65
CA ILE A 203 -12.10 -44.29 56.34
C ILE A 203 -11.67 -43.68 57.66
N SER A 204 -11.32 -44.55 58.61
CA SER A 204 -10.85 -44.10 59.91
C SER A 204 -9.35 -43.94 59.80
N HIS A 205 -8.80 -42.91 60.42
CA HIS A 205 -7.37 -42.73 60.30
C HIS A 205 -6.62 -43.93 60.82
N LYS A 206 -6.90 -44.30 62.07
CA LYS A 206 -6.21 -45.43 62.65
C LYS A 206 -6.30 -46.64 61.71
N GLU A 207 -7.51 -47.13 61.43
CA GLU A 207 -7.67 -48.30 60.56
C GLU A 207 -6.64 -48.28 59.43
N LEU A 208 -6.53 -47.12 58.80
CA LEU A 208 -5.60 -46.97 57.69
C LEU A 208 -4.17 -47.24 58.08
N VAL A 209 -3.62 -46.38 58.92
CA VAL A 209 -2.24 -46.57 59.34
C VAL A 209 -1.95 -48.02 59.72
N ASP A 210 -2.89 -48.64 60.43
CA ASP A 210 -2.72 -50.03 60.85
C ASP A 210 -2.25 -50.91 59.72
N ALA A 211 -2.89 -50.76 58.57
CA ALA A 211 -2.54 -51.55 57.41
C ALA A 211 -1.12 -51.24 56.99
N ALA A 212 -0.78 -49.95 57.01
CA ALA A 212 0.55 -49.52 56.63
C ALA A 212 1.55 -50.32 57.44
N ARG A 213 1.47 -50.17 58.75
CA ARG A 213 2.37 -50.85 59.69
C ARG A 213 2.61 -52.30 59.25
N GLN A 214 1.59 -52.94 58.70
CA GLN A 214 1.72 -54.35 58.31
C GLN A 214 2.35 -54.70 56.97
N HIS A 215 2.17 -53.87 55.94
CA HIS A 215 2.76 -54.19 54.64
C HIS A 215 3.92 -53.33 54.24
N PHE A 216 3.91 -52.09 54.71
CA PHE A 216 4.98 -51.15 54.43
C PHE A 216 6.00 -51.33 55.55
N SER A 217 6.49 -52.55 55.68
CA SER A 217 7.45 -52.93 56.71
C SER A 217 8.82 -52.31 56.48
N GLY A 218 9.70 -53.08 55.84
CA GLY A 218 11.06 -52.66 55.54
C GLY A 218 11.68 -51.63 56.47
N VAL A 219 12.06 -52.04 57.69
CA VAL A 219 12.68 -51.12 58.65
C VAL A 219 14.20 -51.04 58.40
N SER A 220 14.73 -49.81 58.42
CA SER A 220 16.12 -49.52 58.11
C SER A 220 17.16 -49.46 59.24
N PHE A 221 18.42 -49.66 58.84
CA PHE A 221 19.56 -49.66 59.76
C PHE A 221 20.40 -48.40 59.73
N THR A 222 21.09 -48.17 58.63
CA THR A 222 21.95 -46.99 58.50
C THR A 222 21.19 -45.69 58.30
N TYR A 223 21.80 -44.58 58.69
CA TYR A 223 21.21 -43.25 58.54
C TYR A 223 20.95 -42.92 57.07
N LYS A 224 21.73 -43.53 56.17
CA LYS A 224 21.61 -43.32 54.74
C LYS A 224 20.15 -43.43 54.28
N GLU A 225 19.52 -44.52 54.69
CA GLU A 225 18.13 -44.82 54.33
C GLU A 225 17.08 -43.84 54.84
N ASP A 226 17.40 -43.05 55.85
CA ASP A 226 16.43 -42.06 56.38
C ASP A 226 16.67 -40.69 55.73
N ALA A 227 17.71 -40.60 54.89
CA ALA A 227 18.10 -39.36 54.22
C ALA A 227 17.51 -39.17 52.82
N VAL A 228 16.99 -37.96 52.60
CA VAL A 228 16.39 -37.56 51.34
C VAL A 228 17.46 -36.89 50.48
N PRO A 229 18.02 -37.62 49.49
CA PRO A 229 19.07 -37.06 48.62
C PRO A 229 18.68 -35.72 48.01
N ILE A 230 19.35 -34.65 48.42
CA ILE A 230 19.04 -33.34 47.88
C ILE A 230 19.58 -33.27 46.45
N LEU A 231 18.75 -32.67 45.59
CA LEU A 231 19.00 -32.53 44.16
C LEU A 231 19.83 -31.34 43.68
N PRO A 232 20.61 -31.56 42.61
CA PRO A 232 21.46 -30.54 42.00
C PRO A 232 20.59 -29.45 41.38
N ARG A 233 20.99 -28.18 41.54
CA ARG A 233 20.21 -27.05 41.00
C ARG A 233 20.09 -27.06 39.48
N CYS A 234 18.95 -26.62 38.97
CA CYS A 234 18.75 -26.55 37.54
C CYS A 234 18.81 -25.12 37.02
N ARG A 235 19.81 -24.84 36.19
CA ARG A 235 20.06 -23.52 35.60
C ARG A 235 19.12 -23.04 34.52
N PHE A 236 18.42 -21.95 34.80
CA PHE A 236 17.50 -21.41 33.81
C PHE A 236 18.37 -20.69 32.81
N THR A 237 17.92 -20.61 31.57
CA THR A 237 18.72 -19.98 30.55
C THR A 237 17.81 -19.34 29.54
N GLY A 238 17.91 -18.03 29.42
CA GLY A 238 17.08 -17.33 28.45
C GLY A 238 17.41 -17.80 27.04
N SER A 239 16.42 -18.28 26.32
CA SER A 239 16.73 -18.78 25.01
C SER A 239 15.51 -19.29 24.30
N GLU A 240 15.71 -19.73 23.07
CA GLU A 240 14.63 -20.25 22.27
C GLU A 240 15.08 -21.47 21.48
N ILE A 241 14.08 -22.23 21.06
CA ILE A 241 14.23 -23.42 20.22
C ILE A 241 13.00 -23.38 19.30
N ARG A 242 13.25 -23.25 18.00
CA ARG A 242 12.17 -23.16 17.02
C ARG A 242 12.14 -24.37 16.10
N ALA A 243 11.04 -25.09 16.12
CA ALA A 243 10.86 -26.29 15.29
C ALA A 243 9.85 -25.95 14.21
N ARG A 244 10.33 -25.78 13.00
CA ARG A 244 9.42 -25.38 11.95
C ARG A 244 8.97 -26.47 11.04
N ASP A 245 7.76 -26.28 10.52
CA ASP A 245 7.13 -27.21 9.60
C ASP A 245 5.92 -26.44 9.10
N ASP A 246 6.07 -25.66 8.04
CA ASP A 246 4.95 -24.91 7.52
C ASP A 246 3.83 -25.85 7.07
N ALA A 247 4.02 -27.15 7.24
CA ALA A 247 3.00 -28.11 6.81
C ALA A 247 1.91 -28.33 7.84
N LEU A 248 2.12 -27.79 9.05
CA LEU A 248 1.15 -27.91 10.13
C LEU A 248 0.10 -26.81 10.06
N PRO A 249 -1.12 -27.15 10.42
CA PRO A 249 -2.28 -26.26 10.44
C PRO A 249 -2.15 -25.03 11.29
N VAL A 250 -1.59 -25.18 12.48
CA VAL A 250 -1.44 -24.04 13.37
C VAL A 250 -0.08 -24.07 13.96
N ALA A 251 0.26 -23.07 14.74
CA ALA A 251 1.56 -23.02 15.35
C ALA A 251 1.36 -22.81 16.84
N HIS A 252 2.19 -23.47 17.64
CA HIS A 252 2.12 -23.32 19.08
C HIS A 252 3.35 -22.56 19.54
N VAL A 253 3.16 -21.63 20.48
CA VAL A 253 4.27 -20.86 21.00
C VAL A 253 4.16 -20.91 22.51
N ALA A 254 5.27 -20.85 23.21
CA ALA A 254 5.23 -20.89 24.65
C ALA A 254 6.34 -20.03 25.20
N LEU A 255 5.97 -19.04 26.01
CA LEU A 255 6.96 -18.15 26.57
C LEU A 255 7.05 -18.35 28.07
N ALA A 256 8.21 -18.10 28.67
CA ALA A 256 8.33 -18.30 30.11
C ALA A 256 9.54 -17.66 30.74
N VAL A 257 9.44 -17.48 32.06
CA VAL A 257 10.47 -16.93 32.95
C VAL A 257 10.74 -17.96 34.04
N GLU A 258 11.81 -17.79 34.81
CA GLU A 258 12.07 -18.77 35.86
C GLU A 258 11.12 -18.62 37.04
N GLY A 259 10.46 -19.73 37.39
CA GLY A 259 9.52 -19.78 38.51
C GLY A 259 10.21 -19.67 39.86
N PRO A 260 9.46 -19.47 40.96
CA PRO A 260 10.05 -19.34 42.29
C PRO A 260 10.38 -20.64 43.07
N GLY A 261 9.62 -21.71 42.83
CA GLY A 261 9.88 -22.95 43.54
C GLY A 261 8.84 -23.16 44.63
N TRP A 262 8.21 -24.33 44.59
CA TRP A 262 7.16 -24.72 45.53
C TRP A 262 7.00 -23.92 46.83
N ALA A 263 8.04 -23.92 47.65
CA ALA A 263 8.01 -23.25 48.94
C ALA A 263 7.53 -21.78 48.97
N ASP A 264 8.18 -20.93 48.18
CA ASP A 264 7.88 -19.50 48.14
C ASP A 264 6.39 -19.12 48.23
N PRO A 265 6.06 -18.21 49.15
CA PRO A 265 4.72 -17.67 49.43
C PRO A 265 4.29 -16.74 48.29
N ASP A 266 5.22 -16.50 47.38
CA ASP A 266 4.94 -15.64 46.26
C ASP A 266 4.10 -16.37 45.23
N ASN A 267 4.29 -17.68 45.10
CA ASN A 267 3.50 -18.42 44.13
C ASN A 267 2.04 -18.05 44.21
N VAL A 268 1.60 -17.66 45.39
CA VAL A 268 0.21 -17.27 45.59
C VAL A 268 -0.07 -16.06 44.70
N VAL A 269 0.69 -14.99 44.94
CA VAL A 269 0.53 -13.76 44.17
C VAL A 269 0.54 -14.11 42.69
N LEU A 270 1.54 -14.88 42.27
CA LEU A 270 1.64 -15.26 40.88
C LEU A 270 0.35 -15.87 40.36
N HIS A 271 -0.21 -16.83 41.10
CA HIS A 271 -1.44 -17.47 40.65
C HIS A 271 -2.60 -16.49 40.62
N VAL A 272 -2.56 -15.49 41.48
CA VAL A 272 -3.60 -14.49 41.48
C VAL A 272 -3.46 -13.77 40.15
N ALA A 273 -2.23 -13.43 39.79
CA ALA A 273 -1.95 -12.74 38.53
C ALA A 273 -2.47 -13.57 37.37
N ASN A 274 -1.89 -14.76 37.17
CA ASN A 274 -2.27 -15.67 36.11
C ASN A 274 -3.78 -15.79 35.94
N ALA A 275 -4.52 -15.43 36.97
CA ALA A 275 -5.97 -15.51 36.93
C ALA A 275 -6.52 -14.29 36.22
N ILE A 276 -5.84 -13.18 36.42
CA ILE A 276 -6.24 -11.93 35.81
C ILE A 276 -6.29 -12.08 34.29
N ILE A 277 -5.27 -12.72 33.74
CA ILE A 277 -5.15 -12.95 32.30
C ILE A 277 -5.91 -14.20 31.92
N GLY A 278 -6.05 -15.09 32.90
CA GLY A 278 -6.79 -16.32 32.66
C GLY A 278 -6.44 -17.04 31.37
N ARG A 279 -7.44 -17.66 30.77
CA ARG A 279 -7.23 -18.38 29.56
C ARG A 279 -8.48 -18.26 28.69
N TYR A 280 -8.35 -18.58 27.41
CA TYR A 280 -9.46 -18.51 26.46
C TYR A 280 -9.32 -19.62 25.45
N ASP A 281 -10.41 -19.88 24.74
CA ASP A 281 -10.44 -20.91 23.73
C ASP A 281 -11.71 -20.81 22.89
N ARG A 282 -11.55 -20.89 21.57
CA ARG A 282 -12.66 -20.83 20.63
C ARG A 282 -14.09 -21.00 21.11
N THR A 283 -14.38 -22.12 21.78
CA THR A 283 -15.72 -22.45 22.25
C THR A 283 -16.32 -21.61 23.39
N PHE A 284 -15.46 -20.92 24.14
CA PHE A 284 -15.90 -20.07 25.25
C PHE A 284 -17.07 -19.22 24.86
N GLY A 285 -18.20 -19.47 25.50
CA GLY A 285 -19.38 -18.68 25.21
C GLY A 285 -19.17 -17.23 25.60
N GLY A 286 -18.24 -17.01 26.52
CA GLY A 286 -17.96 -15.65 26.98
C GLY A 286 -18.02 -14.64 25.87
N GLY A 287 -17.12 -14.79 24.89
CA GLY A 287 -17.07 -13.90 23.76
C GLY A 287 -16.47 -12.54 24.08
N LYS A 288 -16.71 -11.58 23.19
CA LYS A 288 -16.17 -10.24 23.36
C LYS A 288 -16.42 -9.54 24.69
N HIS A 289 -17.12 -10.20 25.60
CA HIS A 289 -17.41 -9.59 26.88
C HIS A 289 -16.58 -10.16 28.03
N LEU A 290 -15.83 -11.21 27.73
CA LEU A 290 -14.97 -11.83 28.71
C LEU A 290 -14.21 -10.73 29.42
N SER A 291 -13.77 -10.98 30.63
CA SER A 291 -13.08 -9.97 31.40
C SER A 291 -11.59 -9.89 31.14
N SER A 292 -11.01 -11.00 30.71
CA SER A 292 -9.58 -11.03 30.43
C SER A 292 -9.27 -10.21 29.21
N ARG A 293 -8.57 -9.10 29.43
CA ARG A 293 -8.20 -8.21 28.35
C ARG A 293 -7.76 -9.01 27.15
N LEU A 294 -6.72 -9.83 27.33
CA LEU A 294 -6.18 -10.66 26.25
C LEU A 294 -7.22 -11.57 25.62
N ALA A 295 -8.13 -12.07 26.43
CA ALA A 295 -9.17 -12.94 25.92
C ALA A 295 -10.02 -12.09 25.01
N ALA A 296 -10.42 -10.92 25.51
CA ALA A 296 -11.24 -9.98 24.74
C ALA A 296 -10.63 -9.65 23.37
N LEU A 297 -9.37 -9.22 23.38
CA LEU A 297 -8.64 -8.85 22.17
C LEU A 297 -8.53 -10.10 21.31
N ALA A 298 -8.10 -11.18 21.93
CA ALA A 298 -7.96 -12.41 21.20
C ALA A 298 -9.19 -12.66 20.32
N VAL A 299 -10.37 -12.35 20.87
CA VAL A 299 -11.62 -12.59 20.17
C VAL A 299 -11.89 -11.58 19.08
N GLU A 300 -11.83 -10.30 19.46
CA GLU A 300 -12.10 -9.22 18.53
C GLU A 300 -11.27 -9.35 17.25
N HIS A 301 -10.00 -9.71 17.37
CA HIS A 301 -9.13 -9.81 16.19
C HIS A 301 -8.74 -11.22 15.73
N LYS A 302 -9.50 -12.22 16.15
CA LYS A 302 -9.23 -13.62 15.76
C LYS A 302 -7.77 -14.01 15.96
N LEU A 303 -7.21 -13.52 17.05
CA LEU A 303 -5.84 -13.77 17.39
C LEU A 303 -5.41 -15.20 17.56
N CYS A 304 -6.25 -16.06 18.15
CA CYS A 304 -5.78 -17.42 18.40
C CYS A 304 -6.84 -18.45 18.76
N HIS A 305 -6.55 -19.70 18.42
CA HIS A 305 -7.46 -20.80 18.71
C HIS A 305 -7.59 -21.05 20.21
N SER A 306 -6.54 -20.70 20.94
CA SER A 306 -6.53 -20.90 22.37
C SER A 306 -5.24 -20.36 22.97
N PHE A 307 -5.26 -20.07 24.27
CA PHE A 307 -4.07 -19.61 24.95
C PHE A 307 -4.31 -19.96 26.39
N GLN A 308 -3.25 -19.98 27.18
CA GLN A 308 -3.37 -20.31 28.58
C GLN A 308 -2.16 -19.84 29.35
N THR A 309 -2.38 -19.59 30.63
CA THR A 309 -1.32 -19.16 31.52
C THR A 309 -0.98 -20.37 32.33
N PHE A 310 0.23 -20.40 32.85
CA PHE A 310 0.65 -21.53 33.65
C PHE A 310 1.69 -21.13 34.70
N ASN A 311 1.69 -21.86 35.80
CA ASN A 311 2.67 -21.63 36.85
C ASN A 311 3.10 -23.00 37.36
N THR A 312 3.93 -23.65 36.56
CA THR A 312 4.46 -24.94 36.93
C THR A 312 5.54 -24.68 38.00
N SER A 313 5.43 -25.37 39.12
CA SER A 313 6.37 -25.20 40.20
C SER A 313 7.09 -26.49 40.51
N TYR A 314 8.32 -26.35 41.01
CA TYR A 314 9.13 -27.50 41.39
C TYR A 314 9.81 -27.27 42.74
N SER A 315 10.50 -28.30 43.20
CA SER A 315 11.22 -28.24 44.45
C SER A 315 12.03 -26.95 44.62
N ASP A 316 12.94 -26.71 43.70
CA ASP A 316 13.80 -25.54 43.77
C ASP A 316 13.49 -24.40 42.81
N THR A 317 12.83 -24.71 41.69
CA THR A 317 12.54 -23.72 40.64
C THR A 317 11.11 -23.70 40.03
N GLY A 318 10.99 -23.63 38.71
CA GLY A 318 9.69 -23.61 38.07
C GLY A 318 9.58 -22.75 36.82
N LEU A 319 8.56 -22.99 36.00
CA LEU A 319 8.35 -22.21 34.78
C LEU A 319 7.12 -21.32 34.92
N PHE A 320 7.14 -20.13 34.31
CA PHE A 320 6.01 -19.20 34.42
C PHE A 320 5.75 -18.43 33.15
N GLY A 321 4.61 -18.68 32.53
CA GLY A 321 4.34 -17.94 31.32
C GLY A 321 2.99 -18.14 30.68
N PHE A 322 3.01 -18.61 29.44
CA PHE A 322 1.79 -18.84 28.68
C PHE A 322 2.06 -19.50 27.35
N HIS A 323 1.04 -20.17 26.83
CA HIS A 323 1.12 -20.88 25.58
C HIS A 323 -0.13 -20.65 24.77
N PHE A 324 0.04 -20.36 23.50
CA PHE A 324 -1.10 -20.12 22.62
C PHE A 324 -0.93 -20.82 21.27
N VAL A 325 -2.04 -21.09 20.65
CA VAL A 325 -2.04 -21.75 19.36
C VAL A 325 -2.69 -20.78 18.42
N ALA A 326 -2.12 -20.58 17.24
CA ALA A 326 -2.74 -19.64 16.31
C ALA A 326 -2.49 -20.02 14.89
N ASP A 327 -3.02 -19.18 13.99
CA ASP A 327 -2.83 -19.35 12.56
C ASP A 327 -1.48 -18.72 12.20
N PRO A 328 -0.78 -19.30 11.23
CA PRO A 328 0.52 -18.75 10.86
C PRO A 328 0.51 -17.23 10.67
N LEU A 329 -0.65 -16.66 10.40
CA LEU A 329 -0.74 -15.22 10.15
C LEU A 329 -1.27 -14.32 11.26
N SER A 330 -1.22 -14.82 12.48
CA SER A 330 -1.67 -14.03 13.61
C SER A 330 -0.77 -14.30 14.81
N ILE A 331 0.22 -15.18 14.64
CA ILE A 331 1.14 -15.50 15.72
C ILE A 331 1.66 -14.19 16.20
N ASP A 332 2.06 -13.34 15.28
CA ASP A 332 2.62 -12.06 15.69
C ASP A 332 1.71 -11.23 16.59
N ASP A 333 0.73 -10.59 15.99
CA ASP A 333 -0.23 -9.76 16.71
C ASP A 333 -0.50 -10.34 18.10
N MET A 334 -0.87 -11.63 18.15
CA MET A 334 -1.15 -12.35 19.41
C MET A 334 -0.02 -12.21 20.42
N MET A 335 1.13 -12.80 20.07
CA MET A 335 2.32 -12.74 20.90
C MET A 335 2.35 -11.34 21.47
N PHE A 336 2.41 -10.36 20.58
CA PHE A 336 2.46 -8.98 21.00
C PHE A 336 1.43 -8.59 22.05
N CYS A 337 0.15 -8.85 21.80
CA CYS A 337 -0.92 -8.50 22.75
C CYS A 337 -0.61 -9.08 24.10
N ALA A 338 -0.20 -10.35 24.08
CA ALA A 338 0.17 -11.07 25.28
C ALA A 338 1.25 -10.33 26.05
N GLN A 339 2.48 -10.37 25.54
CA GLN A 339 3.61 -9.71 26.19
C GLN A 339 3.20 -8.35 26.77
N GLY A 340 2.16 -7.77 26.18
CA GLY A 340 1.66 -6.48 26.62
C GLY A 340 0.86 -6.66 27.88
N GLU A 341 -0.01 -7.65 27.86
CA GLU A 341 -0.83 -7.92 29.03
C GLU A 341 0.11 -8.29 30.18
N TRP A 342 1.22 -8.94 29.85
CA TRP A 342 2.18 -9.29 30.88
C TRP A 342 2.65 -7.97 31.45
N MET A 343 3.08 -7.07 30.60
CA MET A 343 3.54 -5.80 31.08
C MET A 343 2.47 -5.15 31.94
N ARG A 344 1.28 -4.96 31.38
CA ARG A 344 0.19 -4.35 32.14
C ARG A 344 0.24 -4.80 33.59
N LEU A 345 0.35 -6.11 33.79
CA LEU A 345 0.43 -6.68 35.12
C LEU A 345 1.47 -5.96 35.99
N CYS A 346 2.70 -5.89 35.51
CA CYS A 346 3.79 -5.27 36.25
C CYS A 346 3.67 -3.75 36.42
N THR A 347 2.78 -3.11 35.65
CA THR A 347 2.65 -1.66 35.73
C THR A 347 1.34 -1.01 36.12
N SER A 348 0.20 -1.60 35.79
CA SER A 348 -1.04 -0.94 36.16
C SER A 348 -2.24 -1.83 36.53
N THR A 349 -1.99 -2.94 37.24
CA THR A 349 -3.07 -3.82 37.67
C THR A 349 -3.90 -3.07 38.71
N THR A 350 -5.21 -3.02 38.53
CA THR A 350 -6.12 -2.32 39.46
C THR A 350 -6.76 -3.21 40.49
N GLU A 351 -7.31 -2.60 41.53
CA GLU A 351 -7.94 -3.36 42.61
C GLU A 351 -9.12 -4.20 42.11
N SER A 352 -9.73 -3.78 41.01
CA SER A 352 -10.83 -4.54 40.44
C SER A 352 -10.27 -5.77 39.75
N GLU A 353 -9.29 -5.55 38.88
CA GLU A 353 -8.66 -6.66 38.16
C GLU A 353 -8.34 -7.80 39.13
N VAL A 354 -7.81 -7.45 40.30
CA VAL A 354 -7.46 -8.47 41.27
C VAL A 354 -8.64 -9.00 42.06
N LYS A 355 -9.58 -8.13 42.41
CA LYS A 355 -10.73 -8.58 43.18
C LYS A 355 -11.35 -9.76 42.50
N ARG A 356 -11.57 -9.64 41.20
CA ARG A 356 -12.14 -10.72 40.43
C ARG A 356 -11.19 -11.92 40.44
N ALA A 357 -9.94 -11.66 40.08
CA ALA A 357 -8.92 -12.70 40.03
C ALA A 357 -8.97 -13.57 41.27
N LYS A 358 -8.94 -12.92 42.43
CA LYS A 358 -9.00 -13.65 43.69
C LYS A 358 -10.18 -14.63 43.69
N ASN A 359 -11.40 -14.10 43.73
CA ASN A 359 -12.59 -14.94 43.75
C ASN A 359 -12.50 -16.08 42.77
N HIS A 360 -11.83 -15.86 41.64
CA HIS A 360 -11.69 -16.91 40.64
C HIS A 360 -10.77 -18.00 41.17
N LEU A 361 -9.56 -17.61 41.54
CA LEU A 361 -8.58 -18.54 42.05
C LEU A 361 -9.18 -19.35 43.16
N ARG A 362 -9.87 -18.64 44.06
CA ARG A 362 -10.55 -19.21 45.22
C ARG A 362 -11.36 -20.47 44.87
N SER A 363 -12.37 -20.31 44.03
CA SER A 363 -13.22 -21.44 43.64
C SER A 363 -12.51 -22.46 42.74
N ALA A 364 -11.36 -22.06 42.17
CA ALA A 364 -10.61 -22.95 41.33
C ALA A 364 -9.92 -23.95 42.22
N MET A 365 -9.34 -23.43 43.30
CA MET A 365 -8.64 -24.24 44.27
C MET A 365 -9.62 -25.17 44.96
N VAL A 366 -10.87 -24.70 45.13
CA VAL A 366 -11.95 -25.47 45.76
C VAL A 366 -12.31 -26.66 44.89
N ALA A 367 -12.33 -26.44 43.58
CA ALA A 367 -12.66 -27.48 42.63
C ALA A 367 -11.48 -28.44 42.44
N GLN A 368 -10.41 -28.16 43.15
CA GLN A 368 -9.22 -29.02 43.10
C GLN A 368 -9.54 -30.19 44.05
N LEU A 369 -10.50 -29.93 44.94
CA LEU A 369 -10.95 -30.89 45.93
C LEU A 369 -12.41 -31.29 45.66
N ASP A 370 -12.64 -31.79 44.45
CA ASP A 370 -13.97 -32.23 43.99
C ASP A 370 -13.93 -33.74 43.82
N GLY A 371 -14.11 -34.47 44.93
CA GLY A 371 -14.08 -35.92 44.86
C GLY A 371 -12.97 -36.47 45.73
N THR A 372 -12.86 -37.79 45.82
CA THR A 372 -11.84 -38.40 46.65
C THR A 372 -10.48 -38.37 45.99
N THR A 373 -10.40 -38.84 44.75
CA THR A 373 -9.12 -38.86 44.05
C THR A 373 -8.44 -37.51 44.07
N PRO A 374 -9.10 -36.45 43.59
CA PRO A 374 -8.40 -35.15 43.63
C PRO A 374 -8.03 -34.64 45.02
N VAL A 375 -8.85 -34.94 46.04
CA VAL A 375 -8.52 -34.50 47.41
C VAL A 375 -7.25 -35.20 47.85
N CYS A 376 -7.22 -36.49 47.57
CA CYS A 376 -6.09 -37.33 47.91
C CYS A 376 -4.85 -36.71 47.26
N GLU A 377 -4.90 -36.57 45.94
CA GLU A 377 -3.81 -35.99 45.16
C GLU A 377 -3.27 -34.72 45.80
N THR A 378 -4.16 -33.91 46.37
CA THR A 378 -3.76 -32.67 47.01
C THR A 378 -2.88 -32.97 48.21
N ILE A 379 -3.24 -34.02 48.92
CA ILE A 379 -2.51 -34.44 50.09
C ILE A 379 -1.19 -35.08 49.66
N GLY A 380 -1.26 -36.05 48.77
CA GLY A 380 -0.04 -36.69 48.30
C GLY A 380 0.97 -35.62 47.94
N SER A 381 0.56 -34.71 47.07
CA SER A 381 1.43 -33.64 46.62
C SER A 381 1.79 -32.65 47.72
N HIS A 382 0.83 -32.26 48.55
CA HIS A 382 1.15 -31.33 49.61
C HIS A 382 2.31 -31.82 50.48
N LEU A 383 2.14 -32.95 51.14
CA LEU A 383 3.18 -33.50 52.01
C LEU A 383 4.53 -33.58 51.33
N LEU A 384 4.52 -34.15 50.14
CA LEU A 384 5.73 -34.36 49.36
C LEU A 384 6.41 -33.04 48.93
N ASN A 385 5.65 -31.96 48.78
CA ASN A 385 6.22 -30.68 48.36
C ASN A 385 6.30 -29.60 49.43
N TYR A 386 5.16 -29.30 50.04
CA TYR A 386 5.09 -28.29 51.09
C TYR A 386 5.53 -28.83 52.45
N GLY A 387 5.49 -30.16 52.62
CA GLY A 387 5.90 -30.78 53.87
C GLY A 387 4.82 -30.88 54.93
N ARG A 388 3.56 -30.76 54.51
CA ARG A 388 2.43 -30.82 55.42
C ARG A 388 1.18 -30.57 54.59
N ARG A 389 0.07 -30.27 55.24
CA ARG A 389 -1.16 -30.04 54.50
C ARG A 389 -1.63 -28.62 54.65
N ILE A 390 -1.94 -27.99 53.52
CA ILE A 390 -2.43 -26.63 53.54
C ILE A 390 -3.93 -26.60 53.33
N SER A 391 -4.61 -26.24 54.42
CA SER A 391 -6.06 -26.15 54.47
C SER A 391 -6.63 -25.02 53.63
N LEU A 392 -7.80 -25.24 53.07
CA LEU A 392 -8.43 -24.21 52.27
C LEU A 392 -8.59 -22.94 53.11
N GLU A 393 -8.73 -23.14 54.42
CA GLU A 393 -8.88 -22.02 55.36
C GLU A 393 -7.63 -21.16 55.32
N GLU A 394 -6.48 -21.82 55.11
CA GLU A 394 -5.20 -21.14 55.03
C GLU A 394 -5.06 -20.55 53.62
N TRP A 395 -5.10 -21.42 52.61
CA TRP A 395 -5.02 -20.99 51.22
C TRP A 395 -5.86 -19.75 51.05
N ASP A 396 -7.11 -19.81 51.50
CA ASP A 396 -7.98 -18.67 51.38
C ASP A 396 -7.43 -17.42 52.06
N SER A 397 -6.99 -17.52 53.30
CA SER A 397 -6.47 -16.35 53.97
C SER A 397 -5.32 -15.75 53.17
N ARG A 398 -4.44 -16.60 52.66
CA ARG A 398 -3.27 -16.15 51.89
C ARG A 398 -3.66 -15.37 50.63
N ILE A 399 -4.85 -15.63 50.11
CA ILE A 399 -5.37 -14.94 48.93
C ILE A 399 -6.00 -13.61 49.33
N SER A 400 -6.79 -13.62 50.40
CA SER A 400 -7.44 -12.41 50.89
C SER A 400 -6.40 -11.31 51.10
N ALA A 401 -5.14 -11.74 51.29
CA ALA A 401 -4.05 -10.81 51.52
C ALA A 401 -3.65 -10.01 50.29
N VAL A 402 -3.62 -10.68 49.14
CA VAL A 402 -3.21 -10.06 47.87
C VAL A 402 -4.05 -8.90 47.31
N ASP A 403 -3.37 -7.81 46.96
CA ASP A 403 -3.99 -6.62 46.39
C ASP A 403 -3.12 -6.13 45.23
N ALA A 404 -3.59 -5.12 44.50
CA ALA A 404 -2.82 -4.60 43.37
C ALA A 404 -1.34 -4.52 43.66
N ARG A 405 -0.94 -3.50 44.41
CA ARG A 405 0.47 -3.28 44.77
C ARG A 405 1.25 -4.59 44.85
N MET A 406 0.71 -5.56 45.57
CA MET A 406 1.37 -6.86 45.72
C MET A 406 1.72 -7.44 44.35
N VAL A 407 0.70 -7.63 43.51
CA VAL A 407 0.89 -8.19 42.17
C VAL A 407 1.92 -7.41 41.38
N ARG A 408 1.69 -6.12 41.21
CA ARG A 408 2.59 -5.27 40.47
C ARG A 408 4.05 -5.51 40.83
N ASP A 409 4.36 -5.63 42.12
CA ASP A 409 5.74 -5.85 42.55
C ASP A 409 6.28 -7.24 42.26
N VAL A 410 5.44 -8.25 42.44
CA VAL A 410 5.87 -9.62 42.19
C VAL A 410 6.10 -9.86 40.71
N CYS A 411 5.10 -9.58 39.90
CA CYS A 411 5.26 -9.76 38.46
C CYS A 411 6.50 -9.03 37.97
N SER A 412 6.69 -7.80 38.43
CA SER A 412 7.85 -7.05 38.04
C SER A 412 9.01 -7.88 38.53
N LYS A 413 8.95 -8.26 39.79
CA LYS A 413 9.99 -9.05 40.43
C LYS A 413 10.40 -10.27 39.59
N TYR A 414 9.44 -10.95 38.96
CA TYR A 414 9.75 -12.16 38.16
C TYR A 414 9.74 -12.03 36.65
N ILE A 415 9.05 -11.02 36.14
CA ILE A 415 8.92 -10.80 34.69
C ILE A 415 9.78 -9.71 34.08
N TYR A 416 9.58 -8.49 34.57
CA TYR A 416 10.27 -7.31 34.06
C TYR A 416 11.73 -7.44 33.75
N ASP A 417 11.99 -7.24 32.47
CA ASP A 417 13.32 -7.29 31.95
C ASP A 417 14.03 -8.58 32.31
N LYS A 418 13.39 -9.71 32.04
CA LYS A 418 14.03 -10.99 32.29
C LYS A 418 14.20 -11.70 30.94
N CYS A 419 15.35 -12.32 30.71
CA CYS A 419 15.54 -13.03 29.46
C CYS A 419 14.62 -14.23 29.48
N PRO A 420 13.72 -14.35 28.50
CA PRO A 420 12.79 -15.47 28.48
C PRO A 420 13.20 -16.73 27.73
N ALA A 421 12.44 -17.79 27.98
CA ALA A 421 12.66 -19.06 27.32
C ALA A 421 11.53 -19.11 26.31
N LEU A 422 11.89 -19.46 25.09
CA LEU A 422 10.91 -19.50 24.01
C LEU A 422 10.96 -20.80 23.25
N ALA A 423 9.78 -21.32 22.96
CA ALA A 423 9.71 -22.56 22.23
C ALA A 423 8.56 -22.36 21.28
N ALA A 424 8.82 -22.53 19.99
CA ALA A 424 7.76 -22.39 19.02
C ALA A 424 7.72 -23.65 18.16
N VAL A 425 6.51 -23.99 17.72
CA VAL A 425 6.33 -25.16 16.90
C VAL A 425 5.24 -25.00 15.85
N GLY A 426 5.61 -25.35 14.61
CA GLY A 426 4.70 -25.26 13.48
C GLY A 426 5.20 -24.44 12.31
N PRO A 427 4.28 -23.72 11.64
CA PRO A 427 4.43 -22.85 10.47
C PRO A 427 4.70 -21.44 10.99
N ILE A 428 5.53 -21.43 12.00
CA ILE A 428 5.93 -20.26 12.72
C ILE A 428 6.86 -19.22 12.08
N GLU A 429 6.51 -18.69 10.90
CA GLU A 429 7.41 -17.70 10.32
C GLU A 429 7.12 -16.29 10.73
N GLN A 430 5.85 -15.97 10.94
CA GLN A 430 5.47 -14.61 11.29
C GLN A 430 6.06 -14.13 12.63
N LEU A 431 6.28 -15.06 13.57
CA LEU A 431 6.89 -14.67 14.84
C LEU A 431 8.34 -14.85 14.55
N LEU A 432 9.19 -13.85 14.75
CA LEU A 432 10.58 -14.13 14.42
C LEU A 432 11.76 -13.52 15.17
N ASP A 433 11.61 -13.07 16.40
CA ASP A 433 12.86 -12.63 16.98
C ASP A 433 13.08 -12.60 18.45
N TYR A 434 14.03 -13.41 18.91
CA TYR A 434 14.30 -13.43 20.33
C TYR A 434 14.48 -12.00 20.75
N ASN A 435 15.46 -11.35 20.14
CA ASN A 435 15.71 -9.96 20.47
C ASN A 435 14.42 -9.18 20.58
N ARG A 436 13.69 -9.06 19.49
CA ARG A 436 12.44 -8.32 19.51
C ARG A 436 11.53 -8.74 20.67
N ILE A 437 11.58 -10.03 21.02
CA ILE A 437 10.77 -10.50 22.12
C ILE A 437 11.36 -9.96 23.41
N ARG A 438 12.66 -10.15 23.59
CA ARG A 438 13.33 -9.65 24.79
C ARG A 438 12.88 -8.21 24.97
N SER A 439 12.97 -7.45 23.89
CA SER A 439 12.62 -6.04 23.83
C SER A 439 11.19 -5.82 24.33
N GLY A 440 10.38 -6.86 24.28
CA GLY A 440 9.00 -6.72 24.72
C GLY A 440 8.82 -7.04 26.18
N MET A 441 9.93 -7.15 26.90
CA MET A 441 9.86 -7.47 28.31
C MET A 441 9.98 -6.23 29.17
N TYR A 442 9.78 -5.06 28.59
CA TYR A 442 9.89 -3.84 29.38
C TYR A 442 9.22 -2.56 28.85
N TRP A 443 8.56 -1.86 29.77
CA TRP A 443 7.83 -0.60 29.54
C TRP A 443 6.42 -0.83 28.88
N ILE A 444 5.36 -0.92 29.69
CA ILE A 444 3.99 -1.13 29.19
N PRO B 21 -21.62 -29.33 61.13
CA PRO B 21 -22.86 -30.14 60.96
C PRO B 21 -22.80 -31.15 59.79
N GLY B 22 -22.17 -32.29 60.04
CA GLY B 22 -22.04 -33.31 59.02
C GLY B 22 -23.31 -33.65 58.26
N ALA B 23 -24.13 -34.56 58.81
CA ALA B 23 -25.36 -35.01 58.16
C ALA B 23 -26.65 -34.22 58.38
N GLU B 24 -27.22 -33.78 57.26
CA GLU B 24 -28.47 -33.04 57.19
C GLU B 24 -29.39 -34.04 56.51
N ASP B 25 -30.42 -33.52 55.84
CA ASP B 25 -31.38 -34.38 55.14
C ASP B 25 -31.73 -33.78 53.79
N LEU B 26 -32.06 -34.66 52.83
CA LEU B 26 -32.41 -34.26 51.48
C LEU B 26 -33.90 -33.95 51.32
N GLU B 27 -34.24 -32.66 51.19
CA GLU B 27 -35.64 -32.24 51.03
C GLU B 27 -36.04 -32.22 49.56
N ILE B 28 -37.32 -32.01 49.28
CA ILE B 28 -37.79 -32.00 47.92
C ILE B 28 -39.27 -31.62 47.83
N THR B 29 -39.55 -30.32 47.77
CA THR B 29 -40.93 -29.82 47.68
C THR B 29 -41.40 -29.84 46.22
N LYS B 30 -42.72 -29.71 46.00
CA LYS B 30 -43.28 -29.71 44.66
C LYS B 30 -44.43 -28.71 44.51
N LEU B 31 -44.11 -27.47 44.15
CA LEU B 31 -45.12 -26.42 43.98
C LEU B 31 -46.36 -26.85 43.18
N PRO B 32 -47.42 -26.00 43.19
CA PRO B 32 -48.66 -26.29 42.47
C PRO B 32 -48.48 -26.48 40.97
N ASN B 33 -47.83 -25.51 40.32
CA ASN B 33 -47.60 -25.57 38.88
C ASN B 33 -46.75 -26.76 38.42
N GLY B 34 -46.14 -27.49 39.35
CA GLY B 34 -45.35 -28.66 38.99
C GLY B 34 -43.84 -28.47 38.96
N LEU B 35 -43.36 -27.38 39.56
CA LEU B 35 -41.94 -27.07 39.58
C LEU B 35 -41.25 -27.76 40.76
N ILE B 36 -40.64 -28.91 40.48
CA ILE B 36 -39.96 -29.68 41.52
C ILE B 36 -38.70 -28.98 42.04
N ILE B 37 -38.59 -28.86 43.35
CA ILE B 37 -37.43 -28.22 43.98
C ILE B 37 -36.66 -29.26 44.81
N ALA B 38 -35.41 -29.51 44.43
CA ALA B 38 -34.57 -30.47 45.15
C ALA B 38 -33.41 -29.73 45.81
N SER B 39 -33.30 -29.88 47.13
CA SER B 39 -32.25 -29.22 47.90
C SER B 39 -31.29 -30.27 48.47
N LEU B 40 -30.37 -29.80 49.30
CA LEU B 40 -29.37 -30.64 49.96
C LEU B 40 -28.18 -29.80 50.34
N GLU B 41 -28.07 -29.51 51.63
CA GLU B 41 -26.95 -28.72 52.13
C GLU B 41 -25.86 -29.71 52.58
N ASN B 42 -24.70 -29.72 51.91
CA ASN B 42 -23.63 -30.64 52.30
C ASN B 42 -22.47 -29.84 52.86
N PHE B 43 -22.74 -28.56 53.10
CA PHE B 43 -21.77 -27.63 53.65
C PHE B 43 -20.44 -27.48 52.93
N SER B 44 -20.39 -27.84 51.64
CA SER B 44 -19.15 -27.68 50.89
C SER B 44 -19.05 -26.17 50.67
N PRO B 45 -17.84 -25.63 50.64
CA PRO B 45 -17.62 -24.20 50.46
C PRO B 45 -18.24 -23.61 49.20
N ALA B 46 -18.76 -24.46 48.34
CA ALA B 46 -19.33 -23.97 47.10
C ALA B 46 -20.61 -24.66 46.69
N SER B 47 -21.53 -23.86 46.15
CA SER B 47 -22.83 -24.31 45.70
C SER B 47 -22.84 -24.58 44.22
N ARG B 48 -23.88 -25.26 43.75
CA ARG B 48 -24.02 -25.56 42.34
C ARG B 48 -25.50 -25.70 42.05
N ILE B 49 -26.13 -24.61 41.65
CA ILE B 49 -27.56 -24.60 41.34
C ILE B 49 -27.80 -24.88 39.86
N GLY B 50 -28.93 -25.50 39.54
CA GLY B 50 -29.25 -25.82 38.15
C GLY B 50 -30.72 -25.92 37.82
N VAL B 51 -31.03 -25.92 36.53
CA VAL B 51 -32.39 -26.00 36.02
C VAL B 51 -32.47 -27.10 34.96
N PHE B 52 -32.88 -28.29 35.37
CA PHE B 52 -33.00 -29.41 34.45
C PHE B 52 -34.30 -29.24 33.72
N ILE B 53 -34.38 -29.69 32.49
CA ILE B 53 -35.62 -29.50 31.74
C ILE B 53 -35.87 -30.62 30.75
N LYS B 54 -37.14 -30.96 30.57
CA LYS B 54 -37.50 -31.97 29.59
C LYS B 54 -37.43 -31.23 28.24
N ALA B 55 -36.23 -31.13 27.68
CA ALA B 55 -36.04 -30.44 26.40
C ALA B 55 -35.10 -31.27 25.52
N GLY B 56 -34.71 -30.76 24.36
CA GLY B 56 -33.82 -31.54 23.52
C GLY B 56 -34.20 -31.64 22.06
N SER B 57 -33.31 -32.25 21.27
CA SER B 57 -33.52 -32.41 19.84
C SER B 57 -34.48 -33.54 19.49
N ARG B 58 -35.29 -33.93 20.46
CA ARG B 58 -36.25 -35.01 20.27
C ARG B 58 -37.63 -34.40 20.01
N TYR B 59 -37.74 -33.10 20.27
CA TYR B 59 -38.99 -32.37 20.08
C TYR B 59 -38.86 -31.52 18.84
N GLU B 60 -37.80 -31.79 18.09
CA GLU B 60 -37.53 -31.06 16.86
C GLU B 60 -38.28 -31.75 15.73
N THR B 61 -38.85 -30.97 14.82
CA THR B 61 -39.55 -31.50 13.63
C THR B 61 -38.61 -31.24 12.46
N THR B 62 -38.86 -31.89 11.34
CA THR B 62 -38.02 -31.67 10.17
C THR B 62 -37.77 -30.18 9.95
N ALA B 63 -38.87 -29.42 9.93
CA ALA B 63 -38.83 -27.99 9.69
C ALA B 63 -38.05 -27.09 10.64
N ASN B 64 -37.73 -27.54 11.86
CA ASN B 64 -37.00 -26.68 12.79
C ASN B 64 -35.80 -27.32 13.48
N LEU B 65 -35.11 -28.21 12.76
CA LEU B 65 -33.94 -28.91 13.27
C LEU B 65 -32.88 -28.03 13.94
N GLY B 66 -32.04 -28.68 14.73
CA GLY B 66 -30.95 -28.02 15.44
C GLY B 66 -31.30 -26.84 16.31
N THR B 67 -32.52 -26.32 16.19
CA THR B 67 -32.93 -25.18 17.01
C THR B 67 -32.74 -25.48 18.49
N ALA B 68 -32.48 -26.75 18.79
CA ALA B 68 -32.21 -27.19 20.15
C ALA B 68 -30.78 -26.80 20.44
N HIS B 69 -29.92 -27.24 19.52
CA HIS B 69 -28.49 -26.99 19.57
C HIS B 69 -28.13 -25.52 19.77
N LEU B 70 -28.65 -24.66 18.89
CA LEU B 70 -28.36 -23.24 18.94
C LEU B 70 -28.83 -22.66 20.24
N LEU B 71 -29.94 -23.16 20.73
CA LEU B 71 -30.51 -22.69 21.98
C LEU B 71 -29.50 -22.90 23.09
N ARG B 72 -28.66 -23.91 22.90
CA ARG B 72 -27.64 -24.29 23.87
C ARG B 72 -26.49 -23.29 23.94
N LEU B 73 -26.16 -22.73 22.78
CA LEU B 73 -25.08 -21.77 22.66
C LEU B 73 -25.64 -20.37 22.86
N ALA B 74 -26.94 -20.24 22.68
CA ALA B 74 -27.61 -18.94 22.83
C ALA B 74 -27.75 -18.58 24.30
N SER B 75 -27.20 -19.44 25.15
CA SER B 75 -27.23 -19.23 26.58
C SER B 75 -26.80 -17.86 27.08
N PRO B 76 -25.68 -17.33 26.57
CA PRO B 76 -25.16 -16.01 26.98
C PRO B 76 -25.85 -14.79 26.38
N LEU B 77 -26.87 -15.02 25.58
CA LEU B 77 -27.58 -13.91 24.95
C LEU B 77 -28.49 -13.15 25.91
N THR B 78 -28.57 -11.83 25.72
CA THR B 78 -29.37 -10.94 26.55
C THR B 78 -30.73 -11.48 26.92
N THR B 79 -31.22 -11.04 28.08
CA THR B 79 -32.52 -11.44 28.62
C THR B 79 -33.27 -10.15 28.96
N LYS B 80 -34.51 -10.25 29.42
CA LYS B 80 -35.29 -9.05 29.75
C LYS B 80 -34.79 -8.36 31.01
N GLY B 81 -33.77 -8.93 31.65
CA GLY B 81 -33.24 -8.34 32.87
C GLY B 81 -31.73 -8.27 32.97
N ALA B 82 -31.03 -8.64 31.90
CA ALA B 82 -29.56 -8.61 31.91
C ALA B 82 -28.96 -8.71 30.48
N SER B 83 -27.94 -7.89 30.23
CA SER B 83 -27.27 -7.84 28.93
C SER B 83 -26.19 -8.89 28.72
N SER B 84 -26.07 -9.32 27.47
CA SER B 84 -25.07 -10.32 27.06
C SER B 84 -23.79 -10.01 27.81
N PHE B 85 -23.58 -8.72 28.02
CA PHE B 85 -22.43 -8.20 28.72
C PHE B 85 -22.49 -8.46 30.22
N ARG B 86 -23.45 -7.81 30.86
CA ARG B 86 -23.60 -7.94 32.29
C ARG B 86 -23.63 -9.37 32.75
N ILE B 87 -24.19 -10.26 31.92
CA ILE B 87 -24.27 -11.66 32.30
C ILE B 87 -22.90 -12.29 32.41
N THR B 88 -22.05 -12.04 31.42
CA THR B 88 -20.73 -12.62 31.43
C THR B 88 -19.80 -11.90 32.39
N ARG B 89 -19.81 -10.57 32.38
CA ARG B 89 -18.95 -9.86 33.31
C ARG B 89 -19.45 -10.00 34.74
N GLY B 90 -20.78 -10.04 34.89
CA GLY B 90 -21.37 -10.17 36.20
C GLY B 90 -21.04 -11.48 36.89
N ILE B 91 -21.00 -12.56 36.11
CA ILE B 91 -20.70 -13.87 36.66
C ILE B 91 -19.19 -14.09 36.88
N GLU B 92 -18.37 -13.60 35.97
CA GLU B 92 -16.93 -13.74 36.09
C GLU B 92 -16.46 -12.98 37.31
N ALA B 93 -17.14 -11.87 37.60
CA ALA B 93 -16.82 -11.00 38.73
C ALA B 93 -16.78 -11.72 40.10
N VAL B 94 -17.37 -12.90 40.15
CA VAL B 94 -17.44 -13.66 41.40
C VAL B 94 -16.69 -14.98 41.29
N GLY B 95 -16.08 -15.22 40.13
CA GLY B 95 -15.38 -16.46 39.92
C GLY B 95 -16.41 -17.54 39.68
N GLY B 96 -17.47 -17.17 38.96
CA GLY B 96 -18.55 -18.10 38.65
C GLY B 96 -18.35 -18.89 37.38
N SER B 97 -19.40 -19.60 36.97
CA SER B 97 -19.35 -20.40 35.75
C SER B 97 -20.78 -20.71 35.36
N LEU B 98 -21.02 -20.76 34.07
CA LEU B 98 -22.35 -21.02 33.59
C LEU B 98 -22.16 -22.01 32.48
N SER B 99 -22.90 -23.10 32.52
CA SER B 99 -22.75 -24.12 31.50
C SER B 99 -24.08 -24.77 31.18
N VAL B 100 -24.30 -25.18 29.94
CA VAL B 100 -25.53 -25.86 29.55
C VAL B 100 -25.21 -27.29 29.10
N TYR B 101 -25.94 -28.27 29.63
CA TYR B 101 -25.68 -29.65 29.25
C TYR B 101 -26.97 -30.29 28.76
N SER B 102 -26.91 -30.96 27.62
CA SER B 102 -28.12 -31.58 27.11
C SER B 102 -27.96 -32.91 26.37
N THR B 103 -28.95 -33.79 26.53
CA THR B 103 -29.02 -35.09 25.88
C THR B 103 -30.01 -34.89 24.73
N ARG B 104 -30.45 -35.97 24.10
CA ARG B 104 -31.40 -35.83 23.03
C ARG B 104 -32.71 -35.34 23.64
N GLU B 105 -32.92 -35.69 24.91
CA GLU B 105 -34.16 -35.34 25.61
C GLU B 105 -34.06 -34.60 26.95
N LYS B 106 -32.95 -33.97 27.27
CA LYS B 106 -32.85 -33.27 28.55
C LYS B 106 -31.82 -32.16 28.59
N MET B 107 -32.25 -30.92 28.83
CA MET B 107 -31.31 -29.82 28.90
C MET B 107 -31.02 -29.49 30.36
N THR B 108 -29.82 -29.00 30.64
CA THR B 108 -29.45 -28.71 32.02
C THR B 108 -28.68 -27.42 32.16
N TYR B 109 -29.33 -26.36 32.61
CA TYR B 109 -28.64 -25.10 32.82
C TYR B 109 -28.17 -25.10 34.27
N CYS B 110 -26.91 -24.77 34.54
CA CYS B 110 -26.43 -24.76 35.92
C CYS B 110 -25.19 -23.91 36.15
N VAL B 111 -25.21 -23.14 37.22
CA VAL B 111 -24.10 -22.27 37.57
C VAL B 111 -23.44 -22.87 38.80
N GLU B 112 -22.19 -22.48 39.05
CA GLU B 112 -21.43 -22.95 40.21
C GLU B 112 -20.77 -21.70 40.76
N CYS B 113 -20.35 -21.71 42.02
CA CYS B 113 -19.70 -20.55 42.62
C CYS B 113 -19.55 -20.74 44.11
N LEU B 114 -19.02 -19.71 44.78
CA LEU B 114 -18.83 -19.76 46.23
C LEU B 114 -20.17 -19.41 46.89
N ARG B 115 -20.41 -19.99 48.07
CA ARG B 115 -21.66 -19.77 48.79
C ARG B 115 -22.13 -18.33 48.95
N ASP B 116 -21.22 -17.43 49.30
CA ASP B 116 -21.57 -16.04 49.51
C ASP B 116 -21.96 -15.26 48.28
N HIS B 117 -21.98 -15.92 47.14
CA HIS B 117 -22.32 -15.22 45.91
C HIS B 117 -23.49 -15.83 45.16
N VAL B 118 -23.87 -17.05 45.53
CA VAL B 118 -25.00 -17.74 44.90
C VAL B 118 -26.20 -16.80 44.63
N ASP B 119 -26.41 -15.87 45.56
CA ASP B 119 -27.51 -14.90 45.48
C ASP B 119 -27.54 -14.24 44.11
N THR B 120 -26.40 -13.70 43.73
CA THR B 120 -26.24 -13.01 42.46
C THR B 120 -26.16 -13.90 41.21
N VAL B 121 -25.47 -15.03 41.28
CA VAL B 121 -25.34 -15.93 40.13
C VAL B 121 -26.71 -16.45 39.75
N MET B 122 -27.63 -16.43 40.70
CA MET B 122 -28.97 -16.94 40.44
C MET B 122 -29.75 -16.06 39.46
N GLU B 123 -29.71 -14.76 39.68
CA GLU B 123 -30.42 -13.81 38.83
C GLU B 123 -30.23 -14.17 37.37
N TYR B 124 -28.99 -14.44 37.00
CA TYR B 124 -28.69 -14.78 35.61
C TYR B 124 -29.22 -16.18 35.29
N LEU B 125 -28.92 -17.15 36.16
CA LEU B 125 -29.40 -18.50 35.91
C LEU B 125 -30.89 -18.43 35.66
N LEU B 126 -31.59 -17.66 36.47
CA LEU B 126 -33.02 -17.50 36.30
C LEU B 126 -33.28 -16.77 34.97
N ASN B 127 -32.76 -15.56 34.85
CA ASN B 127 -32.96 -14.76 33.66
C ASN B 127 -32.71 -15.46 32.36
N VAL B 128 -31.67 -16.29 32.33
CA VAL B 128 -31.33 -17.02 31.12
C VAL B 128 -32.38 -18.01 30.67
N THR B 129 -32.81 -18.87 31.59
CA THR B 129 -33.79 -19.91 31.28
C THR B 129 -35.26 -19.50 31.30
N THR B 130 -35.55 -18.31 31.81
CA THR B 130 -36.94 -17.88 31.90
C THR B 130 -37.32 -16.65 31.06
N ALA B 131 -36.36 -15.75 30.85
CA ALA B 131 -36.64 -14.52 30.08
C ALA B 131 -35.68 -14.18 28.94
N PRO B 132 -35.40 -15.14 28.05
CA PRO B 132 -34.50 -14.79 26.96
C PRO B 132 -35.21 -13.89 25.94
N GLU B 133 -34.48 -12.93 25.36
CA GLU B 133 -35.03 -12.00 24.35
C GLU B 133 -34.75 -12.44 22.91
N PHE B 134 -33.71 -13.25 22.74
CA PHE B 134 -33.29 -13.76 21.44
C PHE B 134 -33.37 -12.71 20.33
N ARG B 135 -32.67 -11.60 20.55
CA ARG B 135 -32.65 -10.49 19.60
C ARG B 135 -32.15 -11.01 18.27
N PRO B 136 -32.85 -10.64 17.18
CA PRO B 136 -32.54 -11.04 15.80
C PRO B 136 -31.06 -11.03 15.46
N TRP B 137 -30.39 -9.93 15.80
CA TRP B 137 -28.99 -9.77 15.51
C TRP B 137 -28.07 -10.60 16.39
N GLU B 138 -28.16 -10.45 17.71
CA GLU B 138 -27.30 -11.24 18.61
C GLU B 138 -27.29 -12.69 18.17
N VAL B 139 -28.42 -13.14 17.60
CA VAL B 139 -28.59 -14.51 17.12
C VAL B 139 -27.91 -14.78 15.78
N THR B 140 -28.32 -14.06 14.74
CA THR B 140 -27.71 -14.26 13.43
C THR B 140 -26.19 -14.04 13.52
N ASP B 141 -25.76 -13.26 14.51
CA ASP B 141 -24.34 -12.96 14.73
C ASP B 141 -23.65 -14.10 15.47
N LEU B 142 -24.45 -15.05 15.95
CA LEU B 142 -23.96 -16.19 16.72
C LEU B 142 -24.08 -17.52 15.99
N GLN B 143 -24.86 -17.55 14.93
CA GLN B 143 -25.02 -18.79 14.23
C GLN B 143 -23.76 -19.43 13.70
N PRO B 144 -22.85 -18.64 13.11
CA PRO B 144 -21.62 -19.26 12.60
C PRO B 144 -20.92 -20.17 13.62
N GLN B 145 -21.18 -19.95 14.90
CA GLN B 145 -20.57 -20.76 15.94
C GLN B 145 -20.94 -22.22 15.77
N LEU B 146 -22.17 -22.48 15.39
CA LEU B 146 -22.62 -23.85 15.19
C LEU B 146 -21.63 -24.58 14.30
N LYS B 147 -21.27 -23.93 13.20
CA LYS B 147 -20.33 -24.52 12.26
C LYS B 147 -19.14 -25.00 13.04
N VAL B 148 -18.69 -24.17 13.98
CA VAL B 148 -17.53 -24.46 14.82
C VAL B 148 -17.78 -25.45 15.95
N ASP B 149 -18.63 -25.04 16.88
CA ASP B 149 -18.92 -25.88 18.01
C ASP B 149 -19.08 -27.30 17.52
N LYS B 150 -19.61 -27.45 16.32
CA LYS B 150 -19.84 -28.76 15.75
C LYS B 150 -18.55 -29.43 15.29
N ALA B 151 -17.70 -28.65 14.60
CA ALA B 151 -16.43 -29.11 14.07
C ALA B 151 -15.43 -29.64 15.11
N VAL B 152 -15.48 -29.11 16.33
CA VAL B 152 -14.59 -29.57 17.39
C VAL B 152 -15.03 -30.93 17.87
N ALA B 153 -16.28 -31.04 18.32
CA ALA B 153 -16.82 -32.29 18.83
C ALA B 153 -16.52 -33.43 17.86
N PHE B 154 -16.78 -33.19 16.57
CA PHE B 154 -16.55 -34.19 15.53
C PHE B 154 -15.13 -34.62 15.26
N GLN B 155 -14.19 -34.14 16.07
CA GLN B 155 -12.80 -34.54 15.89
C GLN B 155 -12.70 -35.97 16.41
N SER B 156 -13.66 -36.29 17.30
CA SER B 156 -13.76 -37.61 17.91
C SER B 156 -14.69 -38.50 17.07
N PRO B 157 -14.13 -39.47 16.33
CA PRO B 157 -15.00 -40.32 15.54
C PRO B 157 -16.02 -40.92 16.48
N GLN B 158 -15.59 -41.08 17.73
CA GLN B 158 -16.44 -41.59 18.77
C GLN B 158 -17.88 -40.99 18.58
N VAL B 159 -18.00 -39.67 18.49
CA VAL B 159 -19.31 -39.00 18.33
C VAL B 159 -19.98 -39.07 16.95
N GLY B 160 -19.18 -39.22 15.91
CA GLY B 160 -19.75 -39.27 14.58
C GLY B 160 -20.59 -40.51 14.38
N VAL B 161 -20.09 -41.65 14.87
CA VAL B 161 -20.81 -42.91 14.71
C VAL B 161 -22.06 -42.94 15.53
N LEU B 162 -22.05 -42.26 16.67
CA LEU B 162 -23.25 -42.24 17.50
C LEU B 162 -24.36 -41.45 16.81
N GLU B 163 -24.03 -40.32 16.19
CA GLU B 163 -25.04 -39.54 15.49
C GLU B 163 -25.77 -40.43 14.50
N ASN B 164 -25.01 -41.10 13.65
CA ASN B 164 -25.55 -41.99 12.64
C ASN B 164 -26.34 -43.16 13.18
N LEU B 165 -25.83 -43.80 14.24
CA LEU B 165 -26.52 -44.93 14.85
C LEU B 165 -27.96 -44.53 15.12
N HIS B 166 -28.14 -43.55 16.01
CA HIS B 166 -29.46 -43.05 16.36
C HIS B 166 -30.36 -42.83 15.14
N ALA B 167 -29.83 -42.26 14.07
CA ALA B 167 -30.63 -42.03 12.88
C ALA B 167 -30.81 -43.32 12.10
N ALA B 168 -29.95 -44.30 12.37
CA ALA B 168 -30.00 -45.62 11.73
C ALA B 168 -30.75 -46.64 12.57
N ALA B 169 -31.21 -46.20 13.73
CA ALA B 169 -31.96 -47.06 14.61
C ALA B 169 -33.27 -46.42 14.99
N TYR B 170 -33.64 -45.33 14.30
CA TYR B 170 -34.90 -44.64 14.58
C TYR B 170 -35.61 -43.99 13.37
N LYS B 171 -36.88 -43.67 13.54
CA LYS B 171 -37.67 -43.03 12.48
C LYS B 171 -37.92 -41.58 12.83
N THR B 172 -37.90 -41.27 14.13
CA THR B 172 -38.14 -39.90 14.62
C THR B 172 -37.59 -39.62 16.01
N ALA B 173 -37.84 -38.39 16.50
CA ALA B 173 -37.43 -37.89 17.82
C ALA B 173 -35.98 -38.16 18.22
N LEU B 174 -35.72 -39.39 18.65
CA LEU B 174 -34.40 -39.80 19.07
C LEU B 174 -33.46 -39.89 17.86
N ALA B 175 -34.02 -40.04 16.67
CA ALA B 175 -33.18 -40.12 15.50
C ALA B 175 -32.62 -38.76 15.20
N ASN B 176 -33.29 -37.72 15.68
CA ASN B 176 -32.82 -36.35 15.43
C ASN B 176 -31.40 -36.16 16.00
N PRO B 177 -30.46 -35.64 15.17
CA PRO B 177 -29.07 -35.40 15.57
C PRO B 177 -28.91 -34.33 16.66
N LEU B 178 -27.92 -34.55 17.54
CA LEU B 178 -27.69 -33.65 18.64
C LEU B 178 -26.99 -32.35 18.27
N TYR B 179 -26.34 -32.35 17.11
CA TYR B 179 -25.66 -31.15 16.62
C TYR B 179 -26.37 -30.71 15.33
N CYS B 180 -26.89 -29.49 15.33
CA CYS B 180 -27.60 -28.97 14.18
C CYS B 180 -26.97 -29.45 12.87
N PRO B 181 -27.75 -30.07 11.99
CA PRO B 181 -27.21 -30.56 10.71
C PRO B 181 -26.57 -29.43 9.93
N ASP B 182 -25.70 -29.79 9.00
CA ASP B 182 -24.98 -28.80 8.20
C ASP B 182 -25.87 -27.88 7.37
N TYR B 183 -26.84 -28.45 6.67
CA TYR B 183 -27.68 -27.61 5.85
C TYR B 183 -28.39 -26.50 6.62
N ARG B 184 -28.85 -26.79 7.83
CA ARG B 184 -29.58 -25.80 8.60
C ARG B 184 -28.77 -24.74 9.32
N ILE B 185 -27.45 -24.79 9.21
CA ILE B 185 -26.65 -23.79 9.89
C ILE B 185 -26.92 -22.43 9.28
N GLY B 186 -27.36 -21.50 10.12
CA GLY B 186 -27.64 -20.15 9.67
C GLY B 186 -29.08 -19.89 9.23
N LYS B 187 -29.93 -20.91 9.26
CA LYS B 187 -31.32 -20.72 8.85
C LYS B 187 -32.32 -20.79 10.00
N ILE B 188 -31.80 -20.98 11.21
CA ILE B 188 -32.62 -21.01 12.40
C ILE B 188 -33.09 -19.57 12.65
N THR B 189 -34.24 -19.36 13.27
CA THR B 189 -34.73 -18.00 13.50
C THR B 189 -34.98 -17.68 14.96
N SER B 190 -35.31 -16.42 15.24
CA SER B 190 -35.61 -16.00 16.60
C SER B 190 -36.97 -16.57 17.01
N GLU B 191 -37.90 -16.56 16.07
CA GLU B 191 -39.20 -17.11 16.39
C GLU B 191 -38.93 -18.59 16.70
N GLN B 192 -38.42 -19.35 15.73
CA GLN B 192 -38.13 -20.78 15.94
C GLN B 192 -37.61 -21.12 17.31
N LEU B 193 -36.68 -20.32 17.83
CA LEU B 193 -36.13 -20.58 19.15
C LEU B 193 -37.22 -20.37 20.17
N HIS B 194 -37.80 -19.18 20.17
CA HIS B 194 -38.86 -18.86 21.11
C HIS B 194 -39.89 -19.99 21.26
N HIS B 195 -40.58 -20.31 20.17
CA HIS B 195 -41.60 -21.35 20.22
C HIS B 195 -41.05 -22.65 20.75
N PHE B 196 -39.73 -22.77 20.82
CA PHE B 196 -39.13 -23.98 21.35
C PHE B 196 -39.00 -23.87 22.86
N VAL B 197 -39.00 -22.64 23.36
CA VAL B 197 -38.91 -22.40 24.78
C VAL B 197 -40.32 -22.31 25.39
N GLN B 198 -41.18 -21.50 24.78
CA GLN B 198 -42.54 -21.35 25.26
C GLN B 198 -43.23 -22.71 25.26
N ASN B 199 -42.88 -23.54 24.28
CA ASN B 199 -43.47 -24.88 24.13
C ASN B 199 -42.71 -26.03 24.78
N ASN B 200 -41.75 -25.74 25.65
CA ASN B 200 -41.03 -26.84 26.28
C ASN B 200 -40.52 -26.53 27.67
N PHE B 201 -39.94 -25.34 27.84
CA PHE B 201 -39.42 -24.95 29.16
C PHE B 201 -40.56 -24.46 30.06
N THR B 202 -41.53 -25.34 30.29
CA THR B 202 -42.68 -25.03 31.14
C THR B 202 -42.46 -25.61 32.54
N SER B 203 -42.98 -24.91 33.56
CA SER B 203 -42.80 -25.32 34.96
C SER B 203 -42.93 -26.80 35.28
N ALA B 204 -43.84 -27.50 34.60
CA ALA B 204 -44.04 -28.92 34.87
C ALA B 204 -42.94 -29.81 34.30
N ARG B 205 -42.12 -29.24 33.42
CA ARG B 205 -41.00 -29.95 32.79
C ARG B 205 -39.68 -29.42 33.32
N MET B 206 -39.74 -28.55 34.32
CA MET B 206 -38.53 -27.98 34.90
C MET B 206 -38.28 -28.43 36.33
N ALA B 207 -37.02 -28.48 36.72
CA ALA B 207 -36.63 -28.90 38.06
C ALA B 207 -35.46 -28.04 38.55
N LEU B 208 -35.66 -27.35 39.67
CA LEU B 208 -34.64 -26.48 40.22
C LEU B 208 -33.79 -27.12 41.31
N VAL B 209 -32.93 -28.07 40.92
CA VAL B 209 -32.05 -28.82 41.83
C VAL B 209 -30.80 -28.05 42.31
N GLY B 210 -30.47 -28.14 43.59
CA GLY B 210 -29.30 -27.43 44.10
C GLY B 210 -28.53 -28.05 45.25
N ILE B 211 -27.20 -27.89 45.23
CA ILE B 211 -26.32 -28.41 46.26
C ILE B 211 -25.73 -27.24 47.07
N GLY B 212 -25.28 -27.52 48.30
CA GLY B 212 -24.70 -26.49 49.14
C GLY B 212 -25.66 -25.34 49.40
N VAL B 213 -26.95 -25.64 49.46
CA VAL B 213 -27.98 -24.63 49.71
C VAL B 213 -29.09 -25.08 50.69
N LYS B 214 -29.79 -24.10 51.27
CA LYS B 214 -30.88 -24.38 52.20
C LYS B 214 -32.15 -24.49 51.34
N HIS B 215 -32.98 -25.50 51.58
CA HIS B 215 -34.19 -25.66 50.78
C HIS B 215 -35.08 -24.42 50.85
N SER B 216 -34.96 -23.66 51.94
CA SER B 216 -35.76 -22.45 52.13
C SER B 216 -35.44 -21.34 51.13
N ASP B 217 -34.16 -21.16 50.82
CA ASP B 217 -33.73 -20.14 49.87
C ASP B 217 -34.19 -20.56 48.47
N LEU B 218 -33.68 -21.72 48.02
CA LEU B 218 -34.01 -22.26 46.69
C LEU B 218 -35.49 -22.21 46.41
N LYS B 219 -36.31 -22.60 47.38
CA LYS B 219 -37.75 -22.57 47.18
C LYS B 219 -38.23 -21.15 47.02
N GLN B 220 -38.02 -20.34 48.05
CA GLN B 220 -38.45 -18.96 48.02
C GLN B 220 -38.16 -18.33 46.66
N VAL B 221 -36.92 -18.48 46.19
CA VAL B 221 -36.52 -17.92 44.91
C VAL B 221 -37.29 -18.52 43.75
N ALA B 222 -37.42 -19.85 43.74
CA ALA B 222 -38.14 -20.55 42.68
C ALA B 222 -39.55 -20.04 42.46
N GLU B 223 -40.23 -19.71 43.55
CA GLU B 223 -41.61 -19.24 43.49
C GLU B 223 -41.82 -17.75 43.22
N GLN B 224 -41.08 -16.90 43.92
CA GLN B 224 -41.22 -15.44 43.78
C GLN B 224 -40.74 -14.86 42.47
N PHE B 225 -39.90 -15.59 41.76
CA PHE B 225 -39.36 -15.14 40.49
C PHE B 225 -39.93 -15.87 39.27
N LEU B 226 -39.97 -17.20 39.34
CA LEU B 226 -40.48 -18.00 38.23
C LEU B 226 -41.91 -17.71 37.78
N ASN B 227 -42.09 -17.75 36.46
CA ASN B 227 -43.37 -17.49 35.80
C ASN B 227 -43.81 -18.65 34.88
N ILE B 228 -43.60 -18.49 33.57
CA ILE B 228 -43.97 -19.48 32.54
C ILE B 228 -44.71 -20.73 33.06
N ARG B 229 -46.01 -20.80 32.78
CA ARG B 229 -46.87 -21.90 33.22
C ARG B 229 -46.45 -23.31 32.87
N SER B 230 -47.21 -24.26 33.41
CA SER B 230 -46.97 -25.68 33.22
C SER B 230 -47.65 -26.31 32.01
N GLY B 231 -47.64 -27.63 31.96
CA GLY B 231 -48.23 -28.34 30.87
C GLY B 231 -47.14 -28.89 29.99
N ALA B 232 -47.32 -30.11 29.50
CA ALA B 232 -46.32 -30.74 28.64
C ALA B 232 -46.07 -29.93 27.38
N GLY B 233 -46.67 -28.75 27.30
CA GLY B 233 -46.48 -27.89 26.14
C GLY B 233 -46.74 -28.58 24.81
N THR B 234 -45.77 -29.38 24.35
CA THR B 234 -45.88 -30.13 23.11
C THR B 234 -45.32 -31.53 23.27
N SER B 235 -46.20 -32.51 23.33
CA SER B 235 -45.81 -33.91 23.49
C SER B 235 -44.76 -34.28 22.44
N SER B 236 -43.97 -35.31 22.75
CA SER B 236 -42.94 -35.75 21.83
C SER B 236 -43.41 -36.94 21.02
N ALA B 237 -43.04 -36.95 19.75
CA ALA B 237 -43.40 -38.03 18.83
C ALA B 237 -42.86 -39.35 19.36
N LYS B 238 -43.77 -40.24 19.77
CA LYS B 238 -43.38 -41.54 20.30
C LYS B 238 -42.23 -42.14 19.48
N ALA B 239 -41.26 -42.72 20.16
CA ALA B 239 -40.10 -43.30 19.50
C ALA B 239 -40.39 -44.59 18.76
N THR B 240 -40.42 -44.50 17.44
CA THR B 240 -40.67 -45.67 16.62
C THR B 240 -39.32 -46.27 16.29
N TYR B 241 -39.19 -47.59 16.44
CA TYR B 241 -37.92 -48.21 16.14
C TYR B 241 -37.84 -48.53 14.65
N TRP B 242 -36.66 -48.33 14.08
CA TRP B 242 -36.41 -48.59 12.67
C TRP B 242 -35.51 -49.80 12.54
N GLY B 243 -34.22 -49.59 12.79
CA GLY B 243 -33.27 -50.68 12.71
C GLY B 243 -32.63 -50.84 11.35
N GLY B 244 -31.80 -49.87 10.98
CA GLY B 244 -31.12 -49.93 9.70
C GLY B 244 -29.65 -49.71 9.93
N GLU B 245 -28.89 -49.72 8.86
CA GLU B 245 -27.46 -49.53 8.97
C GLU B 245 -26.99 -48.30 8.19
N ILE B 246 -25.95 -47.66 8.72
CA ILE B 246 -25.35 -46.48 8.12
C ILE B 246 -23.83 -46.66 8.08
N ARG B 247 -23.30 -46.94 6.89
CA ARG B 247 -21.85 -47.14 6.72
C ARG B 247 -21.23 -45.91 6.06
N GLU B 248 -20.24 -45.33 6.74
CA GLU B 248 -19.55 -44.13 6.28
C GLU B 248 -18.08 -44.34 5.90
N GLN B 249 -17.82 -44.49 4.61
CA GLN B 249 -16.48 -44.70 4.11
C GLN B 249 -15.74 -43.39 4.25
N ASN B 250 -14.58 -43.37 4.90
CA ASN B 250 -13.83 -42.12 5.04
C ASN B 250 -12.31 -42.26 4.96
N GLY B 251 -11.83 -43.44 4.56
CA GLY B 251 -10.39 -43.66 4.44
C GLY B 251 -9.54 -43.61 5.70
N HIS B 252 -10.13 -43.12 6.79
CA HIS B 252 -9.52 -42.99 8.12
C HIS B 252 -8.91 -44.36 8.51
N SER B 253 -7.84 -44.34 9.32
CA SER B 253 -7.12 -45.56 9.74
C SER B 253 -7.82 -46.64 10.58
N LEU B 254 -8.72 -46.22 11.47
CA LEU B 254 -9.43 -47.14 12.34
C LEU B 254 -10.91 -47.24 12.03
N VAL B 255 -11.50 -48.40 12.29
CA VAL B 255 -12.91 -48.60 12.03
C VAL B 255 -13.70 -48.67 13.33
N HIS B 256 -14.58 -47.71 13.52
CA HIS B 256 -15.41 -47.70 14.70
C HIS B 256 -16.70 -48.38 14.32
N ALA B 257 -17.30 -49.08 15.27
CA ALA B 257 -18.56 -49.76 14.98
C ALA B 257 -19.38 -50.05 16.22
N ALA B 258 -20.69 -49.90 16.09
CA ALA B 258 -21.60 -50.17 17.19
C ALA B 258 -22.85 -50.85 16.63
N VAL B 259 -23.11 -52.07 17.09
CA VAL B 259 -24.27 -52.85 16.68
C VAL B 259 -25.15 -52.96 17.91
N VAL B 260 -26.38 -52.48 17.81
CA VAL B 260 -27.26 -52.52 18.96
C VAL B 260 -28.69 -52.91 18.61
N THR B 261 -29.53 -53.06 19.62
CA THR B 261 -30.95 -53.41 19.43
C THR B 261 -31.78 -52.71 20.49
N GLU B 262 -33.09 -52.68 20.27
CA GLU B 262 -34.00 -52.03 21.20
C GLU B 262 -33.69 -52.50 22.61
N GLY B 263 -33.56 -51.56 23.53
CA GLY B 263 -33.25 -51.90 24.90
C GLY B 263 -34.39 -51.63 25.84
N ALA B 264 -34.06 -51.05 26.98
CA ALA B 264 -35.05 -50.77 27.99
C ALA B 264 -35.34 -49.30 28.17
N ALA B 265 -36.40 -49.01 28.91
CA ALA B 265 -36.76 -47.64 29.17
C ALA B 265 -36.20 -47.26 30.54
N VAL B 266 -36.21 -45.96 30.82
CA VAL B 266 -35.73 -45.45 32.11
C VAL B 266 -36.72 -45.91 33.16
N GLY B 267 -36.25 -46.72 34.11
CA GLY B 267 -37.13 -47.21 35.16
C GLY B 267 -37.64 -48.64 35.08
N SER B 268 -37.72 -49.22 33.88
CA SER B 268 -38.18 -50.61 33.76
C SER B 268 -37.18 -51.42 34.57
N ALA B 269 -37.67 -52.39 35.33
CA ALA B 269 -36.79 -53.23 36.14
C ALA B 269 -35.97 -54.14 35.22
N GLU B 270 -36.35 -54.16 33.93
CA GLU B 270 -35.66 -54.94 32.92
C GLU B 270 -34.35 -54.25 32.54
N ALA B 271 -34.39 -52.92 32.61
CA ALA B 271 -33.23 -52.08 32.30
C ALA B 271 -32.05 -52.36 33.20
N ASN B 272 -32.32 -52.74 34.44
CA ASN B 272 -31.24 -53.03 35.37
C ASN B 272 -30.49 -54.27 34.91
N ALA B 273 -31.16 -55.13 34.13
CA ALA B 273 -30.55 -56.36 33.63
C ALA B 273 -29.39 -56.03 32.68
N PHE B 274 -29.69 -55.24 31.66
CA PHE B 274 -28.66 -54.84 30.71
C PHE B 274 -27.55 -54.15 31.48
N SER B 275 -27.92 -53.22 32.37
CA SER B 275 -26.94 -52.49 33.17
C SER B 275 -26.00 -53.47 33.85
N VAL B 276 -26.46 -54.71 34.02
CA VAL B 276 -25.61 -55.72 34.62
C VAL B 276 -24.95 -56.50 33.47
N LEU B 277 -25.73 -56.80 32.44
CA LEU B 277 -25.17 -57.51 31.29
C LEU B 277 -24.12 -56.61 30.64
N GLN B 278 -24.20 -55.33 30.96
CA GLN B 278 -23.26 -54.37 30.43
C GLN B 278 -21.93 -54.76 31.00
N HIS B 279 -21.86 -54.71 32.32
CA HIS B 279 -20.64 -55.04 33.03
C HIS B 279 -20.20 -56.47 32.81
N VAL B 280 -21.15 -57.32 32.48
CA VAL B 280 -20.82 -58.72 32.26
C VAL B 280 -19.99 -58.93 31.01
N LEU B 281 -20.22 -58.09 30.02
CA LEU B 281 -19.48 -58.17 28.75
C LEU B 281 -18.20 -57.34 28.79
N GLY B 282 -18.08 -56.51 29.82
CA GLY B 282 -16.92 -55.64 29.98
C GLY B 282 -17.22 -54.29 29.36
N ALA B 283 -17.48 -53.29 30.20
CA ALA B 283 -17.80 -51.95 29.68
C ALA B 283 -16.79 -50.89 30.07
N GLY B 284 -15.54 -51.09 29.67
CA GLY B 284 -14.50 -50.12 30.01
C GLY B 284 -13.42 -50.74 30.87
N PRO B 285 -12.26 -50.07 31.01
CA PRO B 285 -11.15 -50.58 31.82
C PRO B 285 -11.11 -49.96 33.21
N LEU B 286 -10.44 -50.65 34.14
CA LEU B 286 -10.30 -50.20 35.52
C LEU B 286 -8.84 -50.13 35.93
N ILE B 287 -7.97 -50.62 35.05
CA ILE B 287 -6.54 -50.62 35.27
C ILE B 287 -5.86 -50.00 34.05
N LYS B 288 -5.18 -48.88 34.25
CA LYS B 288 -4.49 -48.17 33.18
C LYS B 288 -3.58 -49.07 32.35
N ARG B 289 -3.81 -49.09 31.03
CA ARG B 289 -3.03 -49.93 30.14
C ARG B 289 -3.29 -51.39 30.51
N GLY B 290 -4.50 -51.66 30.97
CA GLY B 290 -4.87 -53.00 31.39
C GLY B 290 -5.25 -54.02 30.34
N SER B 291 -5.70 -55.18 30.82
CA SER B 291 -6.12 -56.30 29.98
C SER B 291 -7.60 -56.63 30.24
N SER B 292 -8.11 -56.18 31.38
CA SER B 292 -9.50 -56.41 31.76
C SER B 292 -10.00 -57.82 31.47
N VAL B 293 -9.71 -58.75 32.37
CA VAL B 293 -10.15 -60.13 32.18
C VAL B 293 -11.63 -60.29 32.55
N THR B 294 -12.13 -59.39 33.39
CA THR B 294 -13.53 -59.40 33.81
C THR B 294 -14.39 -58.88 32.66
N SER B 295 -13.82 -58.90 31.46
CA SER B 295 -14.53 -58.44 30.28
C SER B 295 -14.62 -59.58 29.27
N LYS B 296 -15.78 -60.22 29.25
CA LYS B 296 -16.04 -61.33 28.34
C LYS B 296 -15.71 -60.85 26.95
N LEU B 297 -16.41 -59.80 26.54
CA LEU B 297 -16.24 -59.22 25.22
C LEU B 297 -14.78 -58.96 24.88
N TYR B 298 -14.13 -58.11 25.67
CA TYR B 298 -12.73 -57.78 25.43
C TYR B 298 -11.93 -59.07 25.24
N GLN B 299 -11.69 -59.75 26.35
CA GLN B 299 -10.97 -60.99 26.30
C GLN B 299 -11.48 -61.85 25.16
N GLY B 300 -12.79 -61.84 24.93
CA GLY B 300 -13.35 -62.65 23.87
C GLY B 300 -12.83 -62.30 22.49
N VAL B 301 -12.47 -61.04 22.31
CA VAL B 301 -11.97 -60.57 21.03
C VAL B 301 -10.49 -60.85 20.85
N ALA B 302 -9.73 -60.68 21.92
CA ALA B 302 -8.29 -60.90 21.88
C ALA B 302 -7.97 -62.33 21.43
N LYS B 303 -8.92 -63.22 21.64
CA LYS B 303 -8.74 -64.63 21.27
C LYS B 303 -9.15 -64.84 19.81
N ALA B 304 -9.06 -63.77 19.02
CA ALA B 304 -9.39 -63.82 17.61
C ALA B 304 -8.56 -62.82 16.81
N THR B 305 -8.30 -61.67 17.42
CA THR B 305 -7.50 -60.62 16.80
C THR B 305 -6.05 -60.67 17.28
N THR B 306 -5.17 -60.19 16.41
CA THR B 306 -3.73 -60.17 16.70
C THR B 306 -3.21 -58.75 17.01
N GLN B 307 -3.71 -57.77 16.25
CA GLN B 307 -3.29 -56.37 16.39
C GLN B 307 -4.19 -55.57 17.34
N PRO B 308 -3.70 -54.40 17.82
CA PRO B 308 -4.41 -53.51 18.73
C PRO B 308 -5.82 -53.17 18.28
N PHE B 309 -6.73 -53.18 19.22
CA PHE B 309 -8.14 -52.92 18.95
C PHE B 309 -8.75 -52.52 20.27
N ASP B 310 -10.08 -52.47 20.30
CA ASP B 310 -10.79 -52.16 21.51
C ASP B 310 -12.28 -52.37 21.33
N ALA B 311 -12.90 -53.04 22.31
CA ALA B 311 -14.34 -53.32 22.27
C ALA B 311 -15.02 -53.17 23.63
N SER B 312 -16.29 -52.78 23.63
CA SER B 312 -17.03 -52.60 24.88
C SER B 312 -18.56 -52.72 24.77
N ALA B 313 -19.22 -52.75 25.92
CA ALA B 313 -20.67 -52.88 25.98
C ALA B 313 -21.39 -51.54 25.90
N PHE B 314 -22.25 -51.40 24.90
CA PHE B 314 -22.98 -50.16 24.72
C PHE B 314 -24.33 -50.25 25.38
N ASN B 315 -24.73 -49.20 26.09
CA ASN B 315 -26.05 -49.18 26.74
C ASN B 315 -26.61 -47.79 27.06
N VAL B 316 -27.80 -47.52 26.53
CA VAL B 316 -28.49 -46.25 26.75
C VAL B 316 -29.93 -46.50 27.16
N ASN B 317 -30.44 -45.65 28.04
CA ASN B 317 -31.81 -45.81 28.48
C ASN B 317 -32.56 -44.50 28.34
N TYR B 318 -33.55 -44.49 27.44
CA TYR B 318 -34.36 -43.30 27.20
C TYR B 318 -35.78 -43.49 27.75
N SER B 319 -36.45 -42.39 28.12
CA SER B 319 -37.80 -42.43 28.67
C SER B 319 -38.75 -43.43 28.02
N ASP B 320 -38.83 -43.42 26.68
CA ASP B 320 -39.72 -44.33 25.97
C ASP B 320 -39.01 -45.32 25.02
N SER B 321 -37.78 -45.68 25.35
CA SER B 321 -37.02 -46.61 24.54
C SER B 321 -35.59 -46.67 25.07
N GLY B 322 -34.71 -47.27 24.29
CA GLY B 322 -33.32 -47.38 24.71
C GLY B 322 -32.56 -48.20 23.70
N LEU B 323 -31.25 -48.28 23.86
CA LEU B 323 -30.44 -49.07 22.93
C LEU B 323 -29.43 -49.94 23.67
N PHE B 324 -28.95 -50.96 22.99
CA PHE B 324 -27.99 -51.84 23.62
C PHE B 324 -27.28 -52.68 22.59
N GLY B 325 -25.98 -52.81 22.82
CA GLY B 325 -25.13 -53.57 21.94
C GLY B 325 -23.69 -53.33 22.32
N PHE B 326 -22.81 -53.55 21.37
CA PHE B 326 -21.40 -53.37 21.63
C PHE B 326 -20.83 -52.33 20.66
N TYR B 327 -19.66 -51.76 20.99
CA TYR B 327 -18.99 -50.77 20.18
C TYR B 327 -17.51 -51.17 20.05
N THR B 328 -17.05 -51.37 18.81
CA THR B 328 -15.67 -51.77 18.54
C THR B 328 -14.87 -50.63 17.94
N ILE B 329 -13.58 -50.85 17.80
CA ILE B 329 -12.66 -49.87 17.22
C ILE B 329 -11.46 -50.70 16.85
N SER B 330 -11.10 -50.76 15.57
CA SER B 330 -9.98 -51.62 15.23
C SER B 330 -9.26 -51.22 13.97
N GLN B 331 -8.25 -51.99 13.59
CA GLN B 331 -7.54 -51.70 12.36
C GLN B 331 -8.52 -52.14 11.30
N ALA B 332 -8.50 -51.49 10.14
CA ALA B 332 -9.45 -51.80 9.07
C ALA B 332 -9.38 -53.19 8.48
N ALA B 333 -8.22 -53.83 8.56
CA ALA B 333 -8.07 -55.17 8.02
C ALA B 333 -8.71 -56.24 8.90
N HIS B 334 -8.67 -56.01 10.21
CA HIS B 334 -9.22 -56.95 11.16
C HIS B 334 -10.63 -56.54 11.57
N ALA B 335 -11.01 -55.32 11.21
CA ALA B 335 -12.33 -54.77 11.53
C ALA B 335 -13.41 -55.85 11.47
N GLY B 336 -13.37 -56.66 10.41
CA GLY B 336 -14.34 -57.73 10.27
C GLY B 336 -14.33 -58.66 11.47
N GLU B 337 -13.40 -59.60 11.46
CA GLU B 337 -13.31 -60.57 12.53
C GLU B 337 -13.50 -59.98 13.92
N VAL B 338 -13.01 -58.77 14.15
CA VAL B 338 -13.18 -58.14 15.45
C VAL B 338 -14.64 -57.90 15.77
N ILE B 339 -15.46 -57.63 14.75
CA ILE B 339 -16.88 -57.41 14.95
C ILE B 339 -17.59 -58.76 15.08
N ARG B 340 -17.27 -59.69 14.18
CA ARG B 340 -17.87 -61.02 14.20
C ARG B 340 -17.61 -61.67 15.55
N ALA B 341 -16.37 -61.55 16.04
CA ALA B 341 -16.03 -62.11 17.34
C ALA B 341 -16.87 -61.42 18.42
N ALA B 342 -17.17 -60.15 18.20
CA ALA B 342 -17.99 -59.37 19.14
C ALA B 342 -19.39 -59.96 19.25
N MET B 343 -19.86 -60.59 18.17
CA MET B 343 -21.18 -61.20 18.16
C MET B 343 -21.16 -62.59 18.78
N ASN B 344 -20.32 -63.47 18.25
CA ASN B 344 -20.19 -64.84 18.75
C ASN B 344 -19.95 -64.86 20.26
N GLN B 345 -19.37 -63.77 20.77
CA GLN B 345 -19.09 -63.63 22.20
C GLN B 345 -20.36 -63.17 22.92
N LEU B 346 -21.31 -62.68 22.14
CA LEU B 346 -22.57 -62.20 22.68
C LEU B 346 -23.59 -63.33 22.62
N LYS B 347 -23.37 -64.26 21.70
CA LYS B 347 -24.26 -65.42 21.56
C LYS B 347 -23.92 -66.44 22.63
N ALA B 348 -22.65 -66.80 22.70
CA ALA B 348 -22.17 -67.74 23.69
C ALA B 348 -22.42 -67.20 25.09
N ALA B 349 -22.93 -65.97 25.15
CA ALA B 349 -23.25 -65.31 26.40
C ALA B 349 -24.75 -65.32 26.62
N ALA B 350 -25.49 -65.32 25.52
CA ALA B 350 -26.94 -65.35 25.58
C ALA B 350 -27.42 -66.79 25.77
N GLN B 351 -26.47 -67.73 25.76
CA GLN B 351 -26.78 -69.16 25.91
C GLN B 351 -26.16 -69.92 27.09
N GLY B 352 -26.53 -69.55 28.31
CA GLY B 352 -26.04 -70.25 29.51
C GLY B 352 -24.54 -70.27 29.81
N GLY B 353 -23.79 -69.35 29.21
CA GLY B 353 -22.35 -69.27 29.43
C GLY B 353 -22.05 -68.08 30.32
N VAL B 354 -22.86 -67.92 31.35
CA VAL B 354 -22.72 -66.84 32.32
C VAL B 354 -22.69 -67.44 33.72
N THR B 355 -21.52 -67.47 34.33
CA THR B 355 -21.35 -68.02 35.68
C THR B 355 -22.17 -67.22 36.67
N GLU B 356 -22.86 -67.92 37.56
CA GLU B 356 -23.67 -67.28 38.58
C GLU B 356 -22.76 -66.33 39.37
N GLU B 357 -21.45 -66.48 39.17
CA GLU B 357 -20.47 -65.65 39.87
C GLU B 357 -20.08 -64.40 39.07
N ASP B 358 -20.09 -64.51 37.74
CA ASP B 358 -19.77 -63.36 36.89
C ASP B 358 -20.78 -62.30 37.26
N VAL B 359 -22.00 -62.77 37.50
CA VAL B 359 -23.12 -61.94 37.86
C VAL B 359 -22.93 -61.28 39.21
N THR B 360 -22.30 -61.99 40.13
CA THR B 360 -22.06 -61.47 41.45
C THR B 360 -21.04 -60.33 41.41
N LYS B 361 -20.07 -60.44 40.50
CA LYS B 361 -19.02 -59.44 40.33
C LYS B 361 -19.55 -58.17 39.66
N ALA B 362 -20.17 -58.34 38.52
CA ALA B 362 -20.73 -57.22 37.78
C ALA B 362 -21.59 -56.37 38.72
N LYS B 363 -22.17 -57.02 39.73
CA LYS B 363 -23.02 -56.32 40.69
C LYS B 363 -22.24 -55.32 41.53
N ASN B 364 -21.00 -55.65 41.88
CA ASN B 364 -20.19 -54.74 42.68
C ASN B 364 -19.68 -53.61 41.76
N GLN B 365 -19.11 -53.99 40.63
CA GLN B 365 -18.60 -53.03 39.66
C GLN B 365 -19.68 -51.98 39.43
N LEU B 366 -20.92 -52.43 39.32
CA LEU B 366 -22.06 -51.55 39.08
C LEU B 366 -22.39 -50.75 40.35
N LYS B 367 -22.40 -51.41 41.51
CA LYS B 367 -22.67 -50.70 42.76
C LYS B 367 -21.60 -49.62 42.87
N ALA B 368 -20.37 -50.03 42.60
CA ALA B 368 -19.22 -49.13 42.67
C ALA B 368 -19.38 -47.94 41.73
N THR B 369 -19.17 -48.19 40.44
CA THR B 369 -19.28 -47.16 39.40
C THR B 369 -20.29 -46.11 39.79
N TYR B 370 -21.52 -46.55 40.06
CA TYR B 370 -22.59 -45.64 40.46
C TYR B 370 -22.09 -44.74 41.60
N LEU B 371 -21.72 -45.38 42.70
CA LEU B 371 -21.25 -44.70 43.90
C LEU B 371 -20.16 -43.67 43.76
N MET B 372 -19.24 -43.93 42.82
CA MET B 372 -18.14 -43.01 42.58
C MET B 372 -18.63 -41.83 41.75
N SER B 373 -19.77 -42.00 41.08
CA SER B 373 -20.35 -40.95 40.25
C SER B 373 -21.02 -39.90 41.09
N VAL B 374 -21.09 -40.15 42.38
CA VAL B 374 -21.72 -39.19 43.26
C VAL B 374 -20.66 -38.38 44.00
N GLU B 375 -19.39 -38.60 43.63
CA GLU B 375 -18.28 -37.88 44.26
C GLU B 375 -18.14 -36.44 43.76
N THR B 376 -18.11 -36.25 42.43
CA THR B 376 -17.99 -34.91 41.84
C THR B 376 -19.30 -34.13 41.96
N ALA B 377 -19.25 -32.94 42.57
CA ALA B 377 -20.42 -32.11 42.74
C ALA B 377 -21.31 -32.12 41.49
N GLN B 378 -20.70 -32.21 40.32
CA GLN B 378 -21.44 -32.25 39.08
C GLN B 378 -22.15 -33.60 38.96
N GLY B 379 -21.43 -34.68 39.26
CA GLY B 379 -21.99 -36.02 39.21
C GLY B 379 -23.17 -36.23 40.14
N LEU B 380 -23.15 -35.57 41.30
CA LEU B 380 -24.25 -35.67 42.26
C LEU B 380 -25.44 -34.87 41.75
N LEU B 381 -25.24 -33.58 41.47
CA LEU B 381 -26.32 -32.75 40.98
C LEU B 381 -27.01 -33.35 39.77
N ASN B 382 -26.37 -34.30 39.11
CA ASN B 382 -27.01 -34.91 37.97
C ASN B 382 -27.90 -36.03 38.44
N GLU B 383 -27.43 -36.86 39.35
CA GLU B 383 -28.28 -37.95 39.83
C GLU B 383 -29.51 -37.36 40.51
N ILE B 384 -29.31 -36.43 41.45
CA ILE B 384 -30.43 -35.81 42.12
C ILE B 384 -31.41 -35.26 41.10
N GLY B 385 -30.90 -34.51 40.14
CA GLY B 385 -31.75 -33.93 39.12
C GLY B 385 -32.58 -34.91 38.31
N SER B 386 -31.92 -35.74 37.50
CA SER B 386 -32.62 -36.74 36.67
C SER B 386 -33.81 -37.33 37.39
N GLU B 387 -33.53 -37.87 38.56
CA GLU B 387 -34.56 -38.48 39.39
C GLU B 387 -35.61 -37.41 39.74
N ALA B 388 -35.18 -36.34 40.39
CA ALA B 388 -36.08 -35.26 40.81
C ALA B 388 -36.92 -34.64 39.70
N LEU B 389 -36.69 -35.02 38.45
CA LEU B 389 -37.45 -34.47 37.34
C LEU B 389 -38.35 -35.49 36.65
N LEU B 390 -37.90 -36.75 36.64
CA LEU B 390 -38.67 -37.80 35.99
C LEU B 390 -39.72 -38.43 36.92
N SER B 391 -39.69 -38.05 38.20
CA SER B 391 -40.65 -38.58 39.16
C SER B 391 -40.84 -37.72 40.40
N GLY B 392 -39.95 -36.76 40.63
CA GLY B 392 -40.07 -35.91 41.80
C GLY B 392 -39.85 -36.71 43.06
N THR B 393 -39.08 -37.79 42.91
CA THR B 393 -38.78 -38.69 44.01
C THR B 393 -37.27 -38.87 44.12
N HIS B 394 -36.84 -39.55 45.17
CA HIS B 394 -35.42 -39.83 45.34
C HIS B 394 -35.25 -41.15 46.08
N THR B 395 -34.81 -42.15 45.35
CA THR B 395 -34.57 -43.49 45.87
C THR B 395 -33.23 -43.57 46.62
N ALA B 396 -33.30 -43.79 47.93
CA ALA B 396 -32.10 -43.87 48.75
C ALA B 396 -31.04 -44.76 48.10
N PRO B 397 -29.76 -44.56 48.45
CA PRO B 397 -28.65 -45.35 47.90
C PRO B 397 -28.71 -46.85 48.26
N SER B 398 -29.42 -47.17 49.33
CA SER B 398 -29.54 -48.56 49.77
C SER B 398 -30.66 -49.26 49.02
N VAL B 399 -31.60 -48.48 48.50
CA VAL B 399 -32.72 -49.02 47.75
C VAL B 399 -32.25 -49.33 46.33
N VAL B 400 -31.45 -48.43 45.77
CA VAL B 400 -30.94 -48.62 44.42
C VAL B 400 -30.07 -49.86 44.40
N ALA B 401 -29.21 -50.00 45.40
CA ALA B 401 -28.33 -51.15 45.48
C ALA B 401 -29.16 -52.42 45.66
N GLN B 402 -30.40 -52.25 46.11
CA GLN B 402 -31.32 -53.37 46.31
C GLN B 402 -31.93 -53.81 44.98
N LYS B 403 -32.28 -52.83 44.15
CA LYS B 403 -32.87 -53.12 42.85
C LYS B 403 -31.81 -53.65 41.91
N ILE B 404 -30.55 -53.62 42.38
CA ILE B 404 -29.44 -54.11 41.58
C ILE B 404 -29.21 -55.60 41.81
N ASP B 405 -28.98 -56.00 43.07
CA ASP B 405 -28.77 -57.41 43.35
C ASP B 405 -30.06 -58.21 43.14
N SER B 406 -31.19 -57.52 43.00
CA SER B 406 -32.48 -58.20 42.78
C SER B 406 -32.51 -58.74 41.37
N VAL B 407 -31.32 -58.89 40.80
CA VAL B 407 -31.16 -59.40 39.46
C VAL B 407 -30.83 -60.88 39.48
N THR B 408 -31.46 -61.64 38.59
CA THR B 408 -31.23 -63.07 38.51
C THR B 408 -30.37 -63.42 37.31
N SER B 409 -29.67 -64.54 37.41
CA SER B 409 -28.82 -64.99 36.31
C SER B 409 -29.67 -65.12 35.05
N ALA B 410 -30.98 -65.28 35.23
CA ALA B 410 -31.90 -65.42 34.11
C ALA B 410 -32.11 -64.08 33.42
N ASP B 411 -32.48 -63.07 34.19
CA ASP B 411 -32.69 -61.73 33.65
C ASP B 411 -31.52 -61.38 32.70
N VAL B 412 -30.33 -61.79 33.11
CA VAL B 412 -29.11 -61.55 32.35
C VAL B 412 -29.07 -62.40 31.08
N VAL B 413 -29.16 -63.71 31.23
CA VAL B 413 -29.12 -64.59 30.08
C VAL B 413 -30.25 -64.23 29.12
N ASN B 414 -31.28 -63.57 29.65
CA ASN B 414 -32.41 -63.13 28.82
C ASN B 414 -32.05 -61.82 28.13
N ALA B 415 -31.48 -60.88 28.87
CA ALA B 415 -31.07 -59.63 28.29
C ALA B 415 -30.24 -59.99 27.06
N ALA B 416 -29.29 -60.90 27.25
CA ALA B 416 -28.39 -61.36 26.18
C ALA B 416 -29.14 -62.03 25.04
N LYS B 417 -30.34 -62.54 25.30
CA LYS B 417 -31.12 -63.20 24.27
C LYS B 417 -31.97 -62.16 23.55
N LYS B 418 -32.58 -61.25 24.32
CA LYS B 418 -33.42 -60.21 23.75
C LYS B 418 -32.65 -59.51 22.66
N PHE B 419 -31.34 -59.73 22.66
CA PHE B 419 -30.44 -59.13 21.70
C PHE B 419 -30.33 -59.93 20.40
N VAL B 420 -29.87 -61.17 20.49
CA VAL B 420 -29.66 -62.00 19.28
C VAL B 420 -30.88 -62.22 18.38
N SER B 421 -32.07 -61.93 18.89
CA SER B 421 -33.32 -62.13 18.13
C SER B 421 -33.89 -60.90 17.42
N GLY B 422 -34.08 -59.81 18.16
CA GLY B 422 -34.63 -58.57 17.61
C GLY B 422 -33.88 -57.99 16.40
N LYS B 423 -34.45 -56.95 15.80
CA LYS B 423 -33.82 -56.35 14.64
C LYS B 423 -32.67 -55.49 15.14
N LYS B 424 -31.53 -55.65 14.48
CA LYS B 424 -30.32 -54.93 14.85
C LYS B 424 -30.04 -53.70 13.97
N SER B 425 -29.38 -52.70 14.54
CA SER B 425 -29.01 -51.47 13.84
C SER B 425 -27.48 -51.36 13.91
N MET B 426 -26.85 -50.91 12.84
CA MET B 426 -25.39 -50.77 12.82
C MET B 426 -24.92 -49.37 12.38
N ALA B 427 -23.67 -49.06 12.70
CA ALA B 427 -23.08 -47.77 12.34
C ALA B 427 -21.57 -47.93 12.22
N ALA B 428 -20.96 -47.26 11.26
CA ALA B 428 -19.52 -47.36 11.06
C ALA B 428 -18.90 -46.03 10.66
N SER B 429 -17.63 -46.10 10.22
CA SER B 429 -16.86 -44.94 9.76
C SER B 429 -15.40 -45.31 9.68
N GLY B 430 -14.81 -45.13 8.51
CA GLY B 430 -13.42 -45.47 8.32
C GLY B 430 -13.28 -46.33 7.08
N ASP B 431 -12.09 -46.85 6.82
CA ASP B 431 -11.89 -47.69 5.64
C ASP B 431 -12.68 -48.97 5.91
N LEU B 432 -13.94 -48.96 5.51
CA LEU B 432 -14.82 -50.10 5.74
C LEU B 432 -14.67 -51.12 4.63
N GLY B 433 -13.47 -51.20 4.07
CA GLY B 433 -13.21 -52.12 2.97
C GLY B 433 -13.35 -53.59 3.29
N SER B 434 -12.90 -53.99 4.48
CA SER B 434 -12.97 -55.37 4.90
C SER B 434 -13.94 -55.51 6.06
N THR B 435 -14.74 -54.46 6.28
CA THR B 435 -15.73 -54.45 7.35
C THR B 435 -17.00 -55.15 6.85
N PRO B 436 -17.76 -55.78 7.76
CA PRO B 436 -18.99 -56.48 7.39
C PRO B 436 -20.33 -55.69 7.43
N PHE B 437 -21.32 -56.15 6.65
CA PHE B 437 -22.64 -55.54 6.61
C PHE B 437 -23.49 -56.22 7.68
N LEU B 438 -24.57 -55.56 8.11
CA LEU B 438 -25.43 -56.13 9.13
C LEU B 438 -25.95 -57.51 8.73
N ASP B 439 -26.36 -57.66 7.47
CA ASP B 439 -26.90 -58.93 6.97
C ASP B 439 -25.90 -60.10 6.95
N GLU B 440 -24.67 -59.86 7.38
CA GLU B 440 -23.67 -60.93 7.36
C GLU B 440 -23.21 -61.37 8.75
N LEU B 441 -24.08 -61.20 9.73
CA LEU B 441 -23.78 -61.60 11.11
C LEU B 441 -24.70 -62.73 11.58
N MET C 1 -10.57 -3.35 12.81
CA MET C 1 -9.56 -2.46 13.44
C MET C 1 -8.21 -3.21 13.54
N ALA C 2 -7.20 -2.55 14.11
CA ALA C 2 -5.86 -3.13 14.31
C ALA C 2 -5.39 -2.93 15.77
N PRO C 3 -4.75 -3.95 16.37
CA PRO C 3 -4.28 -3.86 17.76
C PRO C 3 -3.32 -2.71 18.10
N ASN C 4 -2.06 -2.86 17.70
CA ASN C 4 -1.06 -1.84 17.99
C ASN C 4 -1.09 -0.65 17.05
N ILE C 5 -0.70 0.51 17.57
CA ILE C 5 -0.71 1.75 16.82
C ILE C 5 0.58 1.98 16.01
N ARG C 6 1.14 0.89 15.48
CA ARG C 6 2.37 0.97 14.70
C ARG C 6 2.14 0.35 13.31
N LYS C 7 0.98 -0.29 13.15
CA LYS C 7 0.61 -0.94 11.88
C LYS C 7 -0.69 -0.41 11.25
N SER C 8 -1.43 0.44 11.98
CA SER C 8 -2.68 1.02 11.47
C SER C 8 -2.67 2.54 11.26
N HIS C 9 -1.62 3.22 11.74
CA HIS C 9 -1.46 4.67 11.62
C HIS C 9 -0.91 4.95 10.21
N PRO C 10 -1.70 5.59 9.33
CA PRO C 10 -1.29 5.91 7.95
C PRO C 10 0.04 6.66 7.76
N LEU C 11 0.75 6.89 8.87
CA LEU C 11 2.06 7.55 8.86
C LEU C 11 3.06 6.67 9.61
N LEU C 12 2.81 6.50 10.90
CA LEU C 12 3.67 5.70 11.76
C LEU C 12 3.88 4.32 11.13
N LYS C 13 2.85 3.83 10.45
CA LYS C 13 2.91 2.53 9.77
C LYS C 13 4.06 2.50 8.79
N MET C 14 4.30 3.63 8.13
CA MET C 14 5.36 3.71 7.16
C MET C 14 6.76 3.58 7.76
N ILE C 15 7.06 4.36 8.80
CA ILE C 15 8.38 4.27 9.41
C ILE C 15 8.56 2.86 9.94
N ASN C 16 7.45 2.18 10.20
CA ASN C 16 7.48 0.82 10.71
C ASN C 16 7.38 -0.23 9.60
N ASN C 17 6.86 0.18 8.46
CA ASN C 17 6.69 -0.73 7.34
C ASN C 17 7.91 -0.70 6.41
N SER C 18 8.80 0.27 6.63
CA SER C 18 10.00 0.41 5.81
C SER C 18 11.31 0.61 6.58
N LEU C 19 11.22 0.64 7.91
CA LEU C 19 12.44 0.82 8.70
C LEU C 19 12.51 -0.01 9.95
N ILE C 20 11.50 -0.83 10.21
CA ILE C 20 11.59 -1.61 11.42
C ILE C 20 11.23 -3.06 11.20
N ASP C 21 10.05 -3.32 10.66
CA ASP C 21 9.61 -4.69 10.43
C ASP C 21 10.09 -5.17 9.09
N LEU C 22 10.77 -4.29 8.39
CA LEU C 22 11.30 -4.61 7.08
C LEU C 22 12.14 -5.86 7.14
N PRO C 23 11.79 -6.87 6.35
CA PRO C 23 12.50 -8.14 6.28
C PRO C 23 13.82 -8.00 5.50
N ALA C 24 14.93 -8.48 6.08
CA ALA C 24 16.23 -8.37 5.42
C ALA C 24 17.01 -9.65 5.48
N PRO C 25 17.77 -9.97 4.41
CA PRO C 25 18.56 -11.21 4.42
C PRO C 25 19.33 -11.20 5.72
N SER C 26 19.32 -12.34 6.38
CA SER C 26 20.01 -12.45 7.63
C SER C 26 21.48 -12.22 7.43
N ASN C 27 21.93 -12.32 6.20
CA ASN C 27 23.35 -12.19 5.94
C ASN C 27 23.94 -11.07 5.08
N ILE C 28 23.28 -9.93 4.93
CA ILE C 28 23.91 -8.90 4.10
C ILE C 28 25.11 -8.35 4.86
N SER C 29 26.20 -8.16 4.11
CA SER C 29 27.48 -7.67 4.64
C SER C 29 27.53 -6.20 5.01
N ALA C 30 28.72 -5.64 4.85
CA ALA C 30 28.97 -4.25 5.12
C ALA C 30 28.82 -3.47 3.83
N TRP C 31 28.87 -4.15 2.70
CA TRP C 31 28.76 -3.42 1.46
C TRP C 31 27.32 -3.01 1.21
N TRP C 32 26.44 -3.37 2.14
CA TRP C 32 25.03 -3.02 2.02
C TRP C 32 24.73 -1.78 2.84
N ASN C 33 25.70 -1.39 3.64
CA ASN C 33 25.57 -0.23 4.51
C ASN C 33 25.54 1.06 3.72
N PHE C 34 26.43 1.17 2.74
CA PHE C 34 26.54 2.37 1.92
C PHE C 34 25.20 2.94 1.50
N GLY C 35 24.19 2.07 1.41
CA GLY C 35 22.87 2.55 1.06
C GLY C 35 22.49 3.64 2.04
N SER C 36 22.35 3.27 3.31
CA SER C 36 22.00 4.25 4.31
C SER C 36 22.97 5.42 4.26
N LEU C 37 24.24 5.17 4.46
CA LEU C 37 25.21 6.26 4.44
C LEU C 37 24.89 7.27 3.36
N LEU C 38 24.64 6.78 2.14
CA LEU C 38 24.31 7.67 1.05
C LEU C 38 23.11 8.52 1.45
N ALA C 39 22.11 7.92 2.06
CA ALA C 39 20.96 8.71 2.49
C ALA C 39 21.38 9.70 3.57
N VAL C 40 22.01 9.25 4.64
CA VAL C 40 22.46 10.16 5.69
C VAL C 40 23.34 11.25 5.08
N CYS C 41 24.08 10.85 4.07
CA CYS C 41 24.96 11.75 3.36
C CYS C 41 24.13 12.87 2.75
N LEU C 42 23.12 12.48 1.98
CA LEU C 42 22.25 13.45 1.33
C LEU C 42 21.63 14.34 2.36
N MET C 43 20.83 13.76 3.23
CA MET C 43 20.19 14.52 4.28
C MET C 43 21.14 15.44 4.99
N THR C 44 22.41 15.08 5.06
CA THR C 44 23.35 15.94 5.75
C THR C 44 23.86 17.09 4.89
N GLN C 45 24.12 16.83 3.60
CA GLN C 45 24.61 17.87 2.68
C GLN C 45 23.63 19.00 2.67
N ILE C 46 22.34 18.64 2.60
CA ILE C 46 21.23 19.59 2.56
C ILE C 46 21.19 20.54 3.74
N LEU C 47 21.54 20.04 4.91
CA LEU C 47 21.55 20.88 6.09
C LEU C 47 22.66 21.93 5.98
N THR C 48 23.89 21.46 5.88
CA THR C 48 25.04 22.33 5.75
C THR C 48 24.77 23.25 4.56
N GLY C 49 24.06 22.71 3.57
CA GLY C 49 23.73 23.45 2.36
C GLY C 49 22.85 24.65 2.60
N LEU C 50 21.74 24.48 3.28
CA LEU C 50 20.88 25.62 3.57
C LEU C 50 21.68 26.61 4.41
N LEU C 51 22.14 26.14 5.56
CA LEU C 51 22.92 26.95 6.46
C LEU C 51 23.89 27.83 5.69
N LEU C 52 24.52 27.24 4.67
CA LEU C 52 25.47 27.95 3.85
C LEU C 52 24.72 28.94 3.01
N ALA C 53 23.82 28.44 2.19
CA ALA C 53 23.04 29.30 1.31
C ALA C 53 22.47 30.53 2.02
N MET C 54 22.39 30.48 3.34
CA MET C 54 21.88 31.62 4.09
C MET C 54 22.89 32.73 4.21
N HIS C 55 24.06 32.57 3.60
CA HIS C 55 25.09 33.60 3.68
C HIS C 55 25.76 33.89 2.34
N TYR C 56 25.56 33.02 1.38
CA TYR C 56 26.13 33.19 0.05
C TYR C 56 25.37 34.29 -0.67
N THR C 57 25.94 34.78 -1.76
CA THR C 57 25.31 35.85 -2.53
C THR C 57 25.66 35.61 -4.00
N ALA C 58 24.84 34.87 -4.72
CA ALA C 58 25.14 34.57 -6.11
C ALA C 58 25.25 35.81 -7.02
N ASP C 59 26.45 36.35 -7.15
CA ASP C 59 26.66 37.46 -8.06
C ASP C 59 28.13 37.76 -8.27
N THR C 60 28.66 37.37 -9.43
CA THR C 60 30.09 37.54 -9.74
C THR C 60 30.87 38.53 -8.90
N SER C 61 30.42 39.77 -8.77
CA SER C 61 31.15 40.75 -7.98
C SER C 61 31.17 40.53 -6.45
N LEU C 62 30.44 39.54 -5.95
CA LEU C 62 30.43 39.26 -4.52
C LEU C 62 30.44 37.78 -4.18
N ALA C 63 30.43 36.93 -5.21
CA ALA C 63 30.38 35.52 -4.96
C ALA C 63 31.54 35.13 -4.09
N PHE C 64 32.75 35.27 -4.62
CA PHE C 64 33.93 34.89 -3.87
C PHE C 64 33.96 35.43 -2.43
N SER C 65 33.89 36.74 -2.31
CA SER C 65 33.93 37.39 -1.02
C SER C 65 32.88 36.89 -0.02
N SER C 66 31.69 36.57 -0.48
CA SER C 66 30.66 36.13 0.45
C SER C 66 31.09 34.85 1.13
N VAL C 67 31.68 33.94 0.36
CA VAL C 67 32.11 32.67 0.93
C VAL C 67 33.17 32.90 2.00
N ALA C 68 34.08 33.84 1.76
CA ALA C 68 35.12 34.10 2.75
C ALA C 68 34.52 34.78 3.96
N HIS C 69 33.60 35.71 3.73
CA HIS C 69 32.97 36.39 4.85
C HIS C 69 32.28 35.26 5.66
N THR C 70 31.63 34.33 4.96
CA THR C 70 30.95 33.23 5.64
C THR C 70 31.91 32.43 6.49
N CYS C 71 33.09 32.18 5.97
CA CYS C 71 34.09 31.44 6.73
C CYS C 71 34.65 32.25 7.89
N ARG C 72 35.09 33.46 7.58
CA ARG C 72 35.69 34.36 8.55
C ARG C 72 34.80 35.04 9.58
N ASN C 73 33.58 35.42 9.20
CA ASN C 73 32.72 36.12 10.13
C ASN C 73 31.53 35.40 10.72
N VAL C 74 31.08 34.35 10.05
CA VAL C 74 29.94 33.61 10.56
C VAL C 74 30.39 32.66 11.66
N GLN C 75 29.66 32.65 12.77
CA GLN C 75 29.95 31.76 13.87
C GLN C 75 30.03 30.29 13.36
N TYR C 76 31.20 29.67 13.45
CA TYR C 76 31.33 28.29 12.99
C TYR C 76 31.09 28.13 11.51
N GLY C 77 30.90 29.25 10.83
CA GLY C 77 30.70 29.18 9.41
C GLY C 77 31.79 28.29 8.81
N TRP C 78 33.04 28.69 8.96
CA TRP C 78 34.16 27.93 8.42
C TRP C 78 33.96 26.42 8.52
N LEU C 79 33.58 25.95 9.71
CA LEU C 79 33.35 24.53 9.91
C LEU C 79 32.24 24.08 9.00
N ILE C 80 31.15 24.81 9.06
CA ILE C 80 30.02 24.46 8.24
C ILE C 80 30.41 24.35 6.77
N ARG C 81 31.28 25.20 6.26
CA ARG C 81 31.64 25.01 4.86
C ARG C 81 32.35 23.66 4.73
N ASN C 82 33.44 23.51 5.48
CA ASN C 82 34.24 22.29 5.45
C ASN C 82 33.39 21.07 5.34
N LEU C 83 32.48 20.90 6.30
CA LEU C 83 31.62 19.74 6.27
C LEU C 83 30.92 19.61 4.91
N HIS C 84 30.38 20.71 4.36
CA HIS C 84 29.67 20.68 3.07
C HIS C 84 30.65 20.32 1.99
N ALA C 85 31.74 21.07 1.93
CA ALA C 85 32.75 20.86 0.91
C ALA C 85 33.20 19.43 0.80
N ASN C 86 33.51 18.81 1.92
CA ASN C 86 33.98 17.43 1.87
C ASN C 86 32.88 16.40 1.81
N GLY C 87 31.76 16.71 2.43
CA GLY C 87 30.64 15.78 2.41
C GLY C 87 30.45 15.35 0.96
N ALA C 88 30.57 16.32 0.06
CA ALA C 88 30.44 16.01 -1.33
C ALA C 88 31.32 14.78 -1.66
N SER C 89 32.61 14.85 -1.34
CA SER C 89 33.52 13.74 -1.61
C SER C 89 32.99 12.47 -0.94
N PHE C 90 32.98 12.46 0.38
CA PHE C 90 32.48 11.31 1.17
C PHE C 90 31.27 10.76 0.43
N PHE C 91 30.48 11.69 -0.10
CA PHE C 91 29.27 11.35 -0.82
C PHE C 91 29.69 10.53 -1.98
N PHE C 92 30.46 11.10 -2.92
CA PHE C 92 30.94 10.33 -4.08
C PHE C 92 31.65 9.03 -3.71
N ILE C 93 32.45 9.05 -2.65
CA ILE C 93 33.08 7.81 -2.24
C ILE C 93 31.96 6.80 -2.02
N CYS C 94 31.20 7.00 -0.96
CA CYS C 94 30.10 6.11 -0.70
C CYS C 94 29.41 5.67 -1.98
N ILE C 95 28.86 6.59 -2.76
CA ILE C 95 28.15 6.19 -3.96
C ILE C 95 28.99 5.22 -4.78
N PHE C 96 30.29 5.46 -4.91
CA PHE C 96 31.13 4.57 -5.69
C PHE C 96 31.13 3.14 -5.20
N LEU C 97 31.33 2.93 -3.91
CA LEU C 97 31.26 1.55 -3.46
C LEU C 97 29.82 1.05 -3.70
N HIS C 98 28.82 1.84 -3.27
CA HIS C 98 27.42 1.46 -3.44
C HIS C 98 27.14 0.93 -4.88
N ILE C 99 27.94 1.36 -5.86
CA ILE C 99 27.79 0.90 -7.23
C ILE C 99 28.55 -0.40 -7.43
N GLY C 100 29.75 -0.45 -6.87
CA GLY C 100 30.59 -1.62 -6.98
C GLY C 100 29.95 -2.81 -6.31
N ARG C 101 29.36 -2.54 -5.16
CA ARG C 101 28.68 -3.55 -4.39
C ARG C 101 27.69 -4.12 -5.34
N GLY C 102 26.99 -3.23 -6.02
CA GLY C 102 25.99 -3.65 -6.99
C GLY C 102 26.51 -4.49 -8.14
N LEU C 103 27.63 -4.05 -8.72
CA LEU C 103 28.22 -4.78 -9.82
C LEU C 103 28.61 -6.20 -9.40
N TYR C 104 29.44 -6.32 -8.36
CA TYR C 104 29.91 -7.63 -7.88
C TYR C 104 28.80 -8.61 -7.59
N TYR C 105 27.86 -8.22 -6.73
CA TYR C 105 26.74 -9.10 -6.36
C TYR C 105 25.52 -9.03 -7.30
N GLY C 106 25.74 -8.50 -8.48
CA GLY C 106 24.68 -8.43 -9.47
C GLY C 106 23.35 -7.88 -9.03
N SER C 107 23.35 -6.99 -8.06
CA SER C 107 22.10 -6.39 -7.64
C SER C 107 21.44 -5.79 -8.90
N TYR C 108 22.25 -5.50 -9.92
CA TYR C 108 21.74 -4.94 -11.15
C TYR C 108 20.67 -5.76 -11.82
N LEU C 109 20.38 -6.92 -11.27
CA LEU C 109 19.30 -7.71 -11.86
C LEU C 109 17.94 -7.18 -11.37
N TYR C 110 17.99 -6.26 -10.41
CA TYR C 110 16.81 -5.60 -9.91
C TYR C 110 16.82 -4.38 -10.79
N LYS C 111 16.47 -4.56 -12.05
CA LYS C 111 16.55 -3.46 -13.01
C LYS C 111 16.08 -2.05 -12.61
N GLU C 112 14.83 -1.94 -12.17
CA GLU C 112 14.29 -0.63 -11.80
C GLU C 112 15.05 0.00 -10.62
N THR C 113 15.26 -0.79 -9.59
CA THR C 113 15.99 -0.28 -8.43
C THR C 113 17.31 0.27 -8.91
N TRP C 114 17.90 -0.39 -9.91
CA TRP C 114 19.19 -0.01 -10.50
C TRP C 114 19.10 1.20 -11.41
N ASN C 115 18.30 1.11 -12.45
CA ASN C 115 18.22 2.25 -13.32
C ASN C 115 18.02 3.55 -12.56
N THR C 116 17.16 3.55 -11.54
CA THR C 116 16.93 4.78 -10.75
C THR C 116 18.28 5.18 -10.20
N GLY C 117 18.99 4.16 -9.70
CA GLY C 117 20.29 4.39 -9.13
C GLY C 117 21.10 5.24 -10.07
N VAL C 118 21.25 4.77 -11.31
CA VAL C 118 22.03 5.49 -12.29
C VAL C 118 21.54 6.93 -12.40
N ILE C 119 20.24 7.13 -12.62
CA ILE C 119 19.72 8.51 -12.68
C ILE C 119 20.21 9.30 -11.48
N LEU C 120 20.09 8.69 -10.30
CA LEU C 120 20.57 9.32 -9.08
C LEU C 120 22.02 9.79 -9.25
N LEU C 121 22.91 8.86 -9.59
CA LEU C 121 24.33 9.19 -9.80
C LEU C 121 24.48 10.41 -10.70
N LEU C 122 23.81 10.32 -11.85
CA LEU C 122 23.83 11.39 -12.83
C LEU C 122 23.48 12.74 -12.21
N THR C 123 22.44 12.73 -11.37
CA THR C 123 22.01 13.95 -10.72
C THR C 123 23.06 14.42 -9.77
N LEU C 124 23.54 13.52 -8.91
CA LEU C 124 24.57 13.92 -7.96
C LEU C 124 25.73 14.56 -8.74
N MET C 125 26.22 13.85 -9.76
CA MET C 125 27.29 14.37 -10.60
C MET C 125 26.98 15.84 -11.03
N ALA C 126 25.80 16.03 -11.62
CA ALA C 126 25.39 17.35 -12.08
C ALA C 126 25.34 18.28 -10.89
N THR C 127 24.72 17.83 -9.80
CA THR C 127 24.62 18.68 -8.62
C THR C 127 25.96 19.26 -8.17
N ALA C 128 26.93 18.40 -7.89
CA ALA C 128 28.27 18.87 -7.45
C ALA C 128 28.85 19.84 -8.45
N PHE C 129 28.69 19.56 -9.73
CA PHE C 129 29.20 20.48 -10.73
C PHE C 129 28.73 21.90 -10.48
N VAL C 130 27.43 22.10 -10.35
CA VAL C 130 26.93 23.45 -10.11
C VAL C 130 27.38 24.03 -8.76
N GLY C 131 27.33 23.19 -7.74
CA GLY C 131 27.75 23.65 -6.43
C GLY C 131 29.15 24.25 -6.50
N TYR C 132 30.06 23.49 -7.12
CA TYR C 132 31.45 23.89 -7.28
C TYR C 132 31.66 25.25 -7.94
N VAL C 133 30.76 25.66 -8.81
CA VAL C 133 30.95 26.95 -9.45
C VAL C 133 30.62 28.15 -8.57
N LEU C 134 29.64 28.01 -7.67
CA LEU C 134 29.21 29.10 -6.76
C LEU C 134 30.29 29.98 -6.13
N PRO C 135 31.32 29.36 -5.54
CA PRO C 135 32.38 30.15 -4.91
C PRO C 135 33.11 31.06 -5.88
N TRP C 136 32.73 30.95 -7.14
CA TRP C 136 33.33 31.78 -8.17
C TRP C 136 34.83 31.96 -8.10
N GLY C 137 35.54 30.83 -8.01
CA GLY C 137 36.97 30.84 -7.98
C GLY C 137 37.46 30.68 -9.39
N GLN C 138 38.77 30.54 -9.58
CA GLN C 138 39.34 30.38 -10.91
C GLN C 138 38.88 29.08 -11.51
N MET C 139 38.90 28.02 -10.74
CA MET C 139 38.43 26.77 -11.29
C MET C 139 36.94 26.93 -11.55
N SER C 140 36.20 27.23 -10.49
CA SER C 140 34.75 27.43 -10.57
C SER C 140 34.39 27.89 -11.97
N PHE C 141 35.07 28.97 -12.35
CA PHE C 141 34.86 29.60 -13.64
C PHE C 141 35.24 28.70 -14.77
N TRP C 142 36.54 28.57 -14.97
CA TRP C 142 37.02 27.72 -16.03
C TRP C 142 36.39 26.33 -16.00
N GLY C 143 35.86 25.92 -14.85
CA GLY C 143 35.19 24.63 -14.78
C GLY C 143 33.84 24.85 -15.44
N ALA C 144 33.11 25.82 -14.90
CA ALA C 144 31.83 26.19 -15.44
C ALA C 144 31.95 26.43 -16.95
N THR C 145 33.07 26.96 -17.40
CA THR C 145 33.26 27.23 -18.83
C THR C 145 33.51 26.03 -19.68
N VAL C 146 34.14 25.01 -19.13
CA VAL C 146 34.45 23.84 -19.93
C VAL C 146 33.38 22.81 -19.93
N ILE C 147 32.75 22.66 -18.78
CA ILE C 147 31.74 21.64 -18.68
C ILE C 147 30.50 21.98 -19.46
N THR C 148 29.96 23.16 -19.28
CA THR C 148 28.76 23.48 -20.05
C THR C 148 29.13 23.36 -21.53
N ASN C 149 30.31 23.89 -21.89
CA ASN C 149 30.76 23.87 -23.28
C ASN C 149 30.69 22.49 -23.90
N LEU C 150 30.58 21.48 -23.05
CA LEU C 150 30.48 20.13 -23.53
C LEU C 150 29.25 19.89 -24.39
N PHE C 151 28.16 20.62 -24.14
CA PHE C 151 26.94 20.42 -24.95
C PHE C 151 27.12 20.99 -26.34
N SER C 152 28.13 21.82 -26.51
CA SER C 152 28.41 22.42 -27.79
C SER C 152 28.93 21.38 -28.74
N ALA C 153 28.93 20.11 -28.35
CA ALA C 153 29.44 19.06 -29.22
C ALA C 153 28.33 18.51 -30.10
N ILE C 154 27.10 18.68 -29.63
CA ILE C 154 25.92 18.24 -30.35
C ILE C 154 25.78 19.18 -31.53
N PRO C 155 25.50 18.66 -32.71
CA PRO C 155 25.36 19.55 -33.87
C PRO C 155 23.97 20.23 -33.97
N TYR C 156 23.93 21.45 -34.53
CA TYR C 156 22.70 22.23 -34.70
C TYR C 156 22.24 22.91 -33.43
N ILE C 157 21.59 22.15 -32.55
CA ILE C 157 21.11 22.67 -31.27
C ILE C 157 22.29 22.84 -30.30
N GLY C 158 23.49 22.61 -30.82
CA GLY C 158 24.69 22.70 -30.02
C GLY C 158 24.96 24.08 -29.48
N HIS C 159 25.78 24.84 -30.19
CA HIS C 159 26.14 26.19 -29.75
C HIS C 159 24.93 26.86 -29.10
N THR C 160 23.78 26.64 -29.70
CA THR C 160 22.59 27.26 -29.17
C THR C 160 22.18 26.76 -27.78
N LEU C 161 22.23 25.46 -27.52
CA LEU C 161 21.84 24.98 -26.19
C LEU C 161 22.65 25.69 -25.09
N VAL C 162 23.96 25.78 -25.31
CA VAL C 162 24.85 26.42 -24.37
C VAL C 162 24.30 27.76 -23.91
N GLU C 163 23.88 28.58 -24.87
CA GLU C 163 23.36 29.89 -24.54
C GLU C 163 22.43 29.88 -23.35
N TRP C 164 21.43 29.00 -23.33
CA TRP C 164 20.53 29.00 -22.17
C TRP C 164 21.42 28.86 -20.94
N ALA C 165 22.19 27.78 -20.93
CA ALA C 165 23.06 27.50 -19.83
C ALA C 165 23.65 28.78 -19.23
N TRP C 166 24.56 29.40 -19.96
CA TRP C 166 25.21 30.61 -19.46
C TRP C 166 24.28 31.79 -19.27
N GLY C 167 23.20 31.79 -20.04
CA GLY C 167 22.27 32.89 -19.96
C GLY C 167 22.97 34.07 -20.62
N GLY C 168 23.88 33.79 -21.54
CA GLY C 168 24.58 34.87 -22.20
C GLY C 168 25.30 34.37 -23.44
N PHE C 169 26.43 35.00 -23.73
CA PHE C 169 27.24 34.64 -24.88
C PHE C 169 28.60 34.19 -24.38
N SER C 170 28.70 34.09 -23.06
CA SER C 170 29.90 33.65 -22.38
C SER C 170 29.52 33.65 -20.92
N VAL C 171 30.22 32.86 -20.10
CA VAL C 171 29.92 32.78 -18.68
C VAL C 171 29.94 34.13 -17.99
N ASP C 172 28.87 34.46 -17.29
CA ASP C 172 28.81 35.72 -16.54
C ASP C 172 27.75 35.57 -15.48
N ASN C 173 27.42 36.68 -14.78
CA ASN C 173 26.45 36.66 -13.70
C ASN C 173 25.23 35.75 -13.91
N PRO C 174 24.45 36.03 -14.94
CA PRO C 174 23.27 35.20 -15.20
C PRO C 174 23.55 33.70 -15.02
N THR C 175 24.75 33.29 -15.34
CA THR C 175 25.12 31.90 -15.20
C THR C 175 25.17 31.60 -13.72
N LEU C 176 25.98 32.35 -13.02
CA LEU C 176 26.14 32.15 -11.60
C LEU C 176 24.81 32.08 -10.86
N THR C 177 23.98 33.12 -10.96
CA THR C 177 22.70 33.08 -10.23
C THR C 177 21.85 31.87 -10.59
N ARG C 178 21.75 31.53 -11.86
CA ARG C 178 20.89 30.40 -12.16
C ARG C 178 21.50 29.11 -11.72
N PHE C 179 22.81 29.09 -11.54
CA PHE C 179 23.47 27.87 -11.07
C PHE C 179 23.11 27.72 -9.61
N PHE C 180 23.11 28.82 -8.88
CA PHE C 180 22.73 28.78 -7.46
C PHE C 180 21.30 28.22 -7.34
N ALA C 181 20.41 28.63 -8.24
CA ALA C 181 19.03 28.15 -8.25
C ALA C 181 19.10 26.65 -8.43
N LEU C 182 19.77 26.23 -9.48
CA LEU C 182 19.94 24.81 -9.79
C LEU C 182 20.41 24.05 -8.57
N HIS C 183 21.58 24.44 -8.07
CA HIS C 183 22.18 23.77 -6.93
C HIS C 183 21.20 23.70 -5.78
N PHE C 184 20.49 24.78 -5.50
CA PHE C 184 19.53 24.78 -4.41
C PHE C 184 18.45 23.72 -4.64
N LEU C 185 18.03 23.58 -5.87
CA LEU C 185 16.96 22.66 -6.19
C LEU C 185 17.26 21.17 -6.31
N LEU C 186 18.23 20.82 -7.17
CA LEU C 186 18.62 19.44 -7.44
C LEU C 186 18.63 18.44 -6.30
N PRO C 187 19.28 18.77 -5.18
CA PRO C 187 19.36 17.90 -3.99
C PRO C 187 18.00 17.32 -3.69
N PHE C 188 17.02 18.21 -3.57
CA PHE C 188 15.65 17.81 -3.28
C PHE C 188 15.21 16.78 -4.30
N ALA C 189 15.54 17.00 -5.56
CA ALA C 189 15.18 16.05 -6.59
C ALA C 189 15.83 14.71 -6.29
N ILE C 190 17.05 14.76 -5.80
CA ILE C 190 17.77 13.54 -5.46
C ILE C 190 17.05 12.81 -4.35
N ALA C 191 16.66 13.56 -3.32
CA ALA C 191 15.92 13.01 -2.19
C ALA C 191 14.61 12.38 -2.70
N GLY C 192 14.01 13.04 -3.69
CA GLY C 192 12.78 12.52 -4.26
C GLY C 192 13.02 11.18 -4.97
N ILE C 193 13.93 11.16 -5.93
CA ILE C 193 14.22 9.94 -6.65
C ILE C 193 14.72 8.85 -5.68
N THR C 194 15.45 9.24 -4.65
CA THR C 194 15.88 8.25 -3.68
C THR C 194 14.66 7.51 -3.16
N ILE C 195 13.54 8.22 -3.03
CA ILE C 195 12.28 7.59 -2.57
C ILE C 195 11.80 6.52 -3.55
N ILE C 196 11.90 6.83 -4.84
CA ILE C 196 11.50 5.89 -5.89
C ILE C 196 12.47 4.70 -5.82
N HIS C 197 13.78 5.00 -5.84
CA HIS C 197 14.87 4.02 -5.75
C HIS C 197 14.53 3.00 -4.66
N LEU C 198 14.46 3.49 -3.42
CA LEU C 198 14.13 2.62 -2.29
C LEU C 198 12.79 1.93 -2.44
N THR C 199 11.79 2.66 -2.90
CA THR C 199 10.47 2.10 -3.07
C THR C 199 10.41 0.93 -4.05
N PHE C 200 11.24 0.97 -5.09
CA PHE C 200 11.27 -0.11 -6.05
C PHE C 200 11.94 -1.30 -5.39
N LEU C 201 13.03 -1.01 -4.68
CA LEU C 201 13.77 -2.06 -3.98
C LEU C 201 12.83 -2.87 -3.09
N HIS C 202 11.95 -2.22 -2.35
CA HIS C 202 11.05 -2.93 -1.46
C HIS C 202 10.04 -3.91 -2.07
N GLU C 203 10.01 -4.04 -3.39
CA GLU C 203 9.08 -4.99 -4.00
C GLU C 203 9.71 -6.38 -3.96
N SER C 204 11.04 -6.36 -4.08
CA SER C 204 11.89 -7.56 -4.15
C SER C 204 12.74 -7.96 -2.92
N GLY C 205 12.96 -7.03 -2.02
CA GLY C 205 13.77 -7.32 -0.85
C GLY C 205 15.21 -7.08 -1.27
N SER C 206 16.14 -7.07 -0.31
CA SER C 206 17.55 -6.85 -0.60
C SER C 206 18.18 -8.10 -1.17
N ASN C 207 19.17 -7.88 -2.02
CA ASN C 207 19.89 -8.98 -2.62
C ASN C 207 20.74 -9.49 -1.49
N ASN C 208 21.68 -10.40 -1.75
CA ASN C 208 22.56 -10.86 -0.70
C ASN C 208 23.82 -11.57 -1.24
N PRO C 209 24.95 -11.44 -0.53
CA PRO C 209 26.25 -12.03 -0.90
C PRO C 209 26.35 -13.41 -1.52
N LEU C 210 25.42 -14.28 -1.22
CA LEU C 210 25.48 -15.62 -1.78
C LEU C 210 24.70 -15.71 -3.09
N GLY C 211 23.89 -14.71 -3.36
CA GLY C 211 23.16 -14.73 -4.61
C GLY C 211 22.10 -15.80 -4.77
N ILE C 212 21.50 -16.23 -3.65
CA ILE C 212 20.43 -17.24 -3.68
C ILE C 212 19.29 -16.85 -2.74
N SER C 213 18.09 -17.35 -3.02
CA SER C 213 16.92 -17.06 -2.20
C SER C 213 17.28 -16.89 -0.73
N SER C 214 16.56 -16.05 -0.03
CA SER C 214 16.86 -15.86 1.38
C SER C 214 15.60 -15.94 2.21
N ASP C 215 14.46 -16.18 1.56
CA ASP C 215 13.18 -16.27 2.25
C ASP C 215 13.31 -17.28 3.39
N SER C 216 14.11 -18.30 3.12
CA SER C 216 14.35 -19.37 4.07
C SER C 216 14.91 -18.86 5.39
N ASP C 217 15.05 -17.54 5.53
CA ASP C 217 15.63 -16.97 6.75
C ASP C 217 15.85 -15.45 6.68
N LYS C 218 14.90 -14.67 7.15
CA LYS C 218 15.08 -13.22 7.11
C LYS C 218 15.01 -12.59 8.48
N ILE C 219 15.53 -11.38 8.64
CA ILE C 219 15.47 -10.74 9.95
C ILE C 219 15.03 -9.30 9.88
N PRO C 220 14.35 -8.80 10.93
CA PRO C 220 13.87 -7.43 10.97
C PRO C 220 15.02 -6.43 10.88
N PHE C 221 14.90 -5.44 10.00
CA PHE C 221 15.92 -4.41 9.84
C PHE C 221 16.34 -3.94 11.23
N HIS C 222 15.34 -3.82 12.09
CA HIS C 222 15.55 -3.42 13.48
C HIS C 222 15.41 -4.64 14.41
N PRO C 223 16.37 -4.82 15.33
CA PRO C 223 17.53 -3.96 15.50
C PRO C 223 18.78 -4.47 14.79
N TYR C 224 18.63 -5.52 14.02
CA TYR C 224 19.78 -6.07 13.37
C TYR C 224 20.57 -5.14 12.45
N TYR C 225 19.88 -4.42 11.58
CA TYR C 225 20.57 -3.54 10.65
C TYR C 225 20.54 -2.07 11.05
N SER C 226 19.60 -1.70 11.90
CA SER C 226 19.58 -0.32 12.33
C SER C 226 20.87 -0.17 13.13
N PHE C 227 21.20 -1.18 13.93
CA PHE C 227 22.42 -1.17 14.73
C PHE C 227 23.66 -1.36 13.90
N LYS C 228 23.59 -2.24 12.90
CA LYS C 228 24.75 -2.47 12.05
C LYS C 228 25.12 -1.16 11.35
N ASP C 229 24.11 -0.41 10.94
CA ASP C 229 24.31 0.86 10.27
C ASP C 229 24.82 2.00 11.16
N ILE C 230 24.25 2.20 12.33
CA ILE C 230 24.71 3.28 13.17
C ILE C 230 26.22 3.16 13.31
N LEU C 231 26.69 1.92 13.45
CA LEU C 231 28.12 1.64 13.57
C LEU C 231 28.83 1.96 12.26
N GLY C 232 28.30 1.42 11.16
CA GLY C 232 28.87 1.70 9.87
C GLY C 232 29.06 3.20 9.73
N LEU C 233 28.00 3.95 9.99
CA LEU C 233 28.06 5.40 9.90
C LEU C 233 29.25 5.96 10.68
N THR C 234 29.41 5.56 11.93
CA THR C 234 30.51 6.09 12.71
C THR C 234 31.88 5.62 12.20
N LEU C 235 31.92 4.47 11.54
CA LEU C 235 33.20 4.00 11.03
C LEU C 235 33.63 4.79 9.82
N MET C 236 32.70 5.37 9.09
CA MET C 236 33.08 6.15 7.92
C MET C 236 33.20 7.62 8.33
N LEU C 237 32.37 8.02 9.28
CA LEU C 237 32.38 9.38 9.73
C LEU C 237 33.71 9.78 10.26
N THR C 238 34.42 8.85 10.88
CA THR C 238 35.73 9.19 11.45
C THR C 238 36.73 9.79 10.44
N PRO C 239 37.05 9.05 9.35
CA PRO C 239 38.00 9.62 8.40
C PRO C 239 37.52 10.93 7.81
N PHE C 240 36.27 10.96 7.35
CA PHE C 240 35.72 12.18 6.77
C PHE C 240 35.81 13.37 7.75
N LEU C 241 35.65 13.15 9.04
CA LEU C 241 35.78 14.27 9.96
C LEU C 241 37.28 14.55 10.10
N THR C 242 38.06 13.48 10.19
CA THR C 242 39.51 13.57 10.30
C THR C 242 40.11 14.43 9.21
N LEU C 243 39.52 14.42 8.02
CA LEU C 243 40.05 15.25 6.96
C LEU C 243 39.54 16.65 7.12
N ALA C 244 38.22 16.77 7.26
CA ALA C 244 37.61 18.08 7.39
C ALA C 244 37.94 18.77 8.69
N LEU C 245 38.80 18.15 9.48
CA LEU C 245 39.20 18.79 10.70
C LEU C 245 40.71 18.90 10.85
N PHE C 246 41.43 17.99 10.21
CA PHE C 246 42.88 18.03 10.32
C PHE C 246 43.63 18.33 9.02
N SER C 247 42.96 18.20 7.88
CA SER C 247 43.60 18.48 6.60
C SER C 247 42.59 18.97 5.55
N PRO C 248 41.71 19.91 5.92
CA PRO C 248 40.66 20.49 5.09
C PRO C 248 40.94 20.61 3.62
N ASN C 249 42.18 20.93 3.26
CA ASN C 249 42.49 21.13 1.85
C ASN C 249 43.20 20.04 1.12
N LEU C 250 43.32 18.88 1.73
CA LEU C 250 43.99 17.79 1.06
C LEU C 250 43.40 17.57 -0.35
N LEU C 251 42.13 17.13 -0.39
CA LEU C 251 41.42 16.82 -1.63
C LEU C 251 41.11 18.03 -2.54
N GLY C 252 41.25 19.24 -1.99
CA GLY C 252 40.93 20.42 -2.78
C GLY C 252 42.05 21.18 -3.45
N ASP C 253 41.80 21.53 -4.72
CA ASP C 253 42.75 22.29 -5.52
C ASP C 253 42.85 23.68 -4.91
N PRO C 254 44.06 24.24 -4.86
CA PRO C 254 44.28 25.58 -4.30
C PRO C 254 44.13 26.67 -5.34
N GLU C 255 44.28 26.31 -6.59
CA GLU C 255 44.13 27.28 -7.65
C GLU C 255 42.82 28.05 -7.48
N ASN C 256 41.84 27.39 -6.87
CA ASN C 256 40.51 27.96 -6.67
C ASN C 256 40.43 28.94 -5.51
N PHE C 257 41.58 29.49 -5.15
CA PHE C 257 41.62 30.46 -4.07
C PHE C 257 41.91 31.79 -4.73
N THR C 258 41.87 31.77 -6.05
CA THR C 258 42.14 32.96 -6.80
C THR C 258 40.88 33.28 -7.59
N PRO C 259 40.26 34.43 -7.31
CA PRO C 259 39.03 34.88 -7.96
C PRO C 259 39.06 34.70 -9.46
N ALA C 260 37.96 34.18 -9.97
CA ALA C 260 37.86 33.92 -11.37
C ALA C 260 38.36 35.11 -12.23
N ASN C 261 39.09 34.76 -13.28
CA ASN C 261 39.63 35.71 -14.22
C ASN C 261 39.35 35.16 -15.61
N PRO C 262 38.30 35.67 -16.28
CA PRO C 262 37.88 35.26 -17.61
C PRO C 262 38.92 35.49 -18.64
N LEU C 263 40.06 36.02 -18.23
CA LEU C 263 41.12 36.32 -19.19
C LEU C 263 42.31 35.39 -19.10
N VAL C 264 42.45 34.69 -17.98
CA VAL C 264 43.57 33.78 -17.81
C VAL C 264 43.15 32.41 -17.33
N THR C 265 43.31 31.39 -18.17
CA THR C 265 42.99 30.04 -17.78
C THR C 265 44.29 29.54 -17.22
N PRO C 266 44.25 29.00 -16.00
CA PRO C 266 45.42 28.48 -15.32
C PRO C 266 46.15 27.39 -16.10
N PRO C 267 47.45 27.27 -15.88
CA PRO C 267 48.33 26.30 -16.54
C PRO C 267 48.12 24.88 -16.08
N HIS C 268 47.95 24.69 -14.77
CA HIS C 268 47.77 23.36 -14.20
C HIS C 268 46.32 23.10 -13.82
N ILE C 269 45.54 22.74 -14.84
CA ILE C 269 44.10 22.52 -14.72
C ILE C 269 43.58 21.08 -14.69
N LYS C 270 43.03 20.67 -13.56
CA LYS C 270 42.48 19.34 -13.38
C LYS C 270 41.26 19.48 -12.48
N PRO C 271 40.16 18.80 -12.80
CA PRO C 271 38.92 18.84 -12.02
C PRO C 271 39.05 18.18 -10.68
N GLU C 272 38.06 18.34 -9.80
CA GLU C 272 38.12 17.70 -8.49
C GLU C 272 38.20 16.18 -8.74
N TRP C 273 38.87 15.43 -7.88
CA TRP C 273 39.04 13.98 -8.08
C TRP C 273 37.91 13.15 -8.62
N TYR C 274 36.70 13.34 -8.14
CA TYR C 274 35.62 12.50 -8.64
C TYR C 274 35.30 12.64 -10.11
N PHE C 275 35.94 13.55 -10.82
CA PHE C 275 35.62 13.64 -12.21
C PHE C 275 36.81 13.27 -13.08
N LEU C 276 37.90 12.87 -12.45
CA LEU C 276 39.07 12.53 -13.22
C LEU C 276 38.90 11.43 -14.27
N PHE C 277 38.40 10.26 -13.88
CA PHE C 277 38.22 9.17 -14.86
C PHE C 277 37.47 9.69 -16.10
N ALA C 278 36.44 10.47 -15.88
CA ALA C 278 35.70 11.00 -16.98
C ALA C 278 36.72 11.79 -17.75
N TYR C 279 37.25 12.79 -17.06
CA TYR C 279 38.23 13.69 -17.63
C TYR C 279 39.22 12.92 -18.48
N ALA C 280 39.81 11.89 -17.89
CA ALA C 280 40.81 11.11 -18.61
C ALA C 280 40.25 10.60 -19.93
N ILE C 281 39.06 10.02 -19.89
CA ILE C 281 38.50 9.50 -21.12
C ILE C 281 38.23 10.62 -22.10
N LEU C 282 37.58 11.69 -21.67
CA LEU C 282 37.32 12.79 -22.60
C LEU C 282 38.65 13.24 -23.27
N ARG C 283 39.74 13.16 -22.50
CA ARG C 283 41.07 13.54 -22.97
C ARG C 283 41.76 12.46 -23.77
N SER C 284 41.26 11.24 -23.68
CA SER C 284 41.84 10.13 -24.39
C SER C 284 41.59 10.21 -25.90
N ILE C 285 40.36 10.52 -26.28
CA ILE C 285 40.05 10.64 -27.69
C ILE C 285 40.35 12.05 -28.15
N PRO C 286 41.24 12.20 -29.16
CA PRO C 286 41.64 13.49 -29.74
C PRO C 286 40.66 13.96 -30.83
N ASN C 287 39.45 14.29 -30.40
CA ASN C 287 38.39 14.78 -31.27
C ASN C 287 37.31 15.31 -30.37
N LYS C 288 36.87 16.53 -30.65
CA LYS C 288 35.81 17.16 -29.86
C LYS C 288 34.73 16.14 -29.53
N LEU C 289 34.04 15.71 -30.58
CA LEU C 289 32.94 14.74 -30.49
C LEU C 289 33.28 13.38 -29.94
N GLY C 290 34.39 12.80 -30.41
CA GLY C 290 34.79 11.50 -29.92
C GLY C 290 34.88 11.56 -28.41
N GLY C 291 35.74 12.46 -27.92
CA GLY C 291 35.91 12.63 -26.49
C GLY C 291 34.57 12.71 -25.78
N VAL C 292 33.72 13.63 -26.24
CA VAL C 292 32.43 13.79 -25.63
C VAL C 292 31.71 12.46 -25.60
N LEU C 293 31.55 11.86 -26.78
CA LEU C 293 30.88 10.57 -26.86
C LEU C 293 31.47 9.53 -25.91
N ALA C 294 32.78 9.30 -26.03
CA ALA C 294 33.43 8.33 -25.17
C ALA C 294 32.99 8.65 -23.74
N LEU C 295 33.07 9.92 -23.41
CA LEU C 295 32.66 10.37 -22.09
C LEU C 295 31.23 9.95 -21.85
N ALA C 296 30.32 10.51 -22.63
CA ALA C 296 28.91 10.18 -22.53
C ALA C 296 28.68 8.70 -22.22
N ALA C 297 29.35 7.84 -22.98
CA ALA C 297 29.19 6.40 -22.79
C ALA C 297 29.97 5.84 -21.61
N SER C 298 31.03 6.53 -21.22
CA SER C 298 31.83 6.07 -20.10
C SER C 298 30.99 5.90 -18.85
N VAL C 299 29.83 6.56 -18.83
CA VAL C 299 28.95 6.49 -17.69
C VAL C 299 27.63 5.90 -18.11
N LEU C 300 27.09 6.43 -19.19
CA LEU C 300 25.85 5.90 -19.70
C LEU C 300 25.90 4.39 -19.89
N ILE C 301 27.09 3.80 -19.86
CA ILE C 301 27.21 2.36 -20.07
C ILE C 301 26.57 1.58 -18.94
N LEU C 302 26.50 2.19 -17.76
CA LEU C 302 25.90 1.53 -16.61
C LEU C 302 24.53 0.99 -16.97
N PHE C 303 23.80 1.70 -17.81
CA PHE C 303 22.48 1.22 -18.14
C PHE C 303 22.52 -0.16 -18.79
N LEU C 304 23.64 -0.47 -19.43
CA LEU C 304 23.77 -1.77 -20.10
C LEU C 304 24.12 -2.96 -19.21
N ILE C 305 24.90 -2.72 -18.17
CA ILE C 305 25.31 -3.79 -17.29
C ILE C 305 24.28 -4.89 -17.09
N PRO C 306 23.00 -4.54 -16.89
CA PRO C 306 21.98 -5.57 -16.68
C PRO C 306 21.79 -6.50 -17.86
N PHE C 307 22.03 -6.02 -19.08
CA PHE C 307 21.85 -6.86 -20.27
C PHE C 307 23.14 -7.55 -20.68
N LEU C 308 24.20 -7.27 -19.96
CA LEU C 308 25.49 -7.88 -20.23
C LEU C 308 25.82 -8.96 -19.20
N HIS C 309 24.78 -9.45 -18.55
CA HIS C 309 24.92 -10.50 -17.54
C HIS C 309 24.69 -11.82 -18.25
N LYS C 310 25.70 -12.68 -18.26
CA LYS C 310 25.54 -13.96 -18.90
C LYS C 310 25.70 -15.09 -17.94
N SER C 311 26.23 -14.86 -16.75
CA SER C 311 26.42 -15.97 -15.82
C SER C 311 25.14 -16.56 -15.25
N LYS C 312 25.11 -17.88 -15.10
CA LYS C 312 23.93 -18.57 -14.60
C LYS C 312 23.71 -18.31 -13.13
N GLN C 313 24.75 -17.76 -12.49
CA GLN C 313 24.73 -17.44 -11.07
C GLN C 313 24.58 -15.92 -10.92
N ARG C 314 24.11 -15.45 -9.77
CA ARG C 314 23.95 -14.01 -9.64
C ARG C 314 25.13 -13.18 -9.14
N THR C 315 25.90 -13.69 -8.19
CA THR C 315 27.03 -12.95 -7.66
C THR C 315 28.31 -13.57 -8.12
N MET C 316 29.38 -12.81 -7.96
CA MET C 316 30.71 -13.27 -8.34
C MET C 316 31.33 -14.18 -7.26
N THR C 317 30.85 -14.07 -6.02
CA THR C 317 31.38 -14.88 -4.92
C THR C 317 31.88 -16.22 -5.41
N PHE C 318 31.12 -16.85 -6.30
CA PHE C 318 31.46 -18.17 -6.81
C PHE C 318 32.03 -18.23 -8.23
N ARG C 319 32.60 -17.11 -8.65
CA ARG C 319 33.16 -17.05 -9.99
C ARG C 319 34.48 -16.33 -9.92
N PRO C 320 35.52 -17.06 -9.54
CA PRO C 320 36.87 -16.50 -9.41
C PRO C 320 37.28 -15.76 -10.68
N LEU C 321 37.05 -16.40 -11.83
CA LEU C 321 37.42 -15.74 -13.05
C LEU C 321 36.86 -14.33 -13.10
N SER C 322 35.54 -14.23 -13.09
CA SER C 322 34.85 -12.94 -13.11
C SER C 322 35.45 -12.01 -12.07
N GLN C 323 35.66 -12.55 -10.87
CA GLN C 323 36.23 -11.78 -9.79
C GLN C 323 37.52 -11.10 -10.18
N THR C 324 38.47 -11.86 -10.71
CA THR C 324 39.74 -11.27 -11.10
C THR C 324 39.51 -10.18 -12.12
N LEU C 325 38.63 -10.48 -13.05
CA LEU C 325 38.31 -9.52 -14.07
C LEU C 325 37.70 -8.28 -13.40
N PHE C 326 36.84 -8.49 -12.41
CA PHE C 326 36.22 -7.37 -11.67
C PHE C 326 37.25 -6.43 -11.04
N TRP C 327 38.19 -7.01 -10.28
CA TRP C 327 39.22 -6.23 -9.63
C TRP C 327 40.14 -5.60 -10.64
N LEU C 328 40.22 -6.22 -11.80
CA LEU C 328 41.07 -5.67 -12.83
C LEU C 328 40.42 -4.36 -13.26
N LEU C 329 39.10 -4.38 -13.37
CA LEU C 329 38.34 -3.21 -13.76
C LEU C 329 38.50 -2.09 -12.74
N VAL C 330 38.35 -2.43 -11.47
CA VAL C 330 38.49 -1.45 -10.38
C VAL C 330 39.80 -0.76 -10.58
N ALA C 331 40.88 -1.51 -10.42
CA ALA C 331 42.24 -0.99 -10.60
C ALA C 331 42.32 -0.18 -11.92
N ASN C 332 41.75 -0.72 -12.99
CA ASN C 332 41.74 -0.03 -14.28
C ASN C 332 41.23 1.39 -14.01
N LEU C 333 40.12 1.50 -13.26
CA LEU C 333 39.55 2.80 -12.91
C LEU C 333 40.50 3.72 -12.14
N LEU C 334 41.16 3.13 -11.16
CA LEU C 334 42.10 3.84 -10.34
C LEU C 334 43.10 4.55 -11.26
N ILE C 335 43.66 3.80 -12.21
CA ILE C 335 44.63 4.37 -13.13
C ILE C 335 44.02 5.55 -13.86
N LEU C 336 42.96 5.29 -14.62
CA LEU C 336 42.29 6.36 -15.35
C LEU C 336 42.22 7.62 -14.50
N THR C 337 41.87 7.47 -13.23
CA THR C 337 41.80 8.63 -12.35
C THR C 337 43.16 9.29 -12.30
N TRP C 338 44.15 8.53 -11.88
CA TRP C 338 45.52 9.06 -11.83
C TRP C 338 45.88 9.76 -13.15
N ILE C 339 45.64 9.08 -14.26
CA ILE C 339 45.94 9.67 -15.53
C ILE C 339 45.31 11.04 -15.69
N GLY C 340 44.10 11.21 -15.17
CA GLY C 340 43.45 12.51 -15.26
C GLY C 340 44.20 13.59 -14.48
N SER C 341 44.89 13.12 -13.44
CA SER C 341 45.68 13.96 -12.56
C SER C 341 46.95 14.47 -13.25
N GLN C 342 47.30 13.81 -14.34
CA GLN C 342 48.49 14.15 -15.07
C GLN C 342 48.22 14.88 -16.37
N PRO C 343 49.20 15.69 -16.81
CA PRO C 343 49.13 16.47 -18.04
C PRO C 343 49.20 15.66 -19.31
N VAL C 344 48.76 16.27 -20.39
CA VAL C 344 48.77 15.62 -21.68
C VAL C 344 50.16 15.61 -22.24
N GLU C 345 50.85 14.50 -22.00
CA GLU C 345 52.20 14.26 -22.46
C GLU C 345 52.53 12.80 -22.39
N HIS C 346 53.60 12.40 -23.04
CA HIS C 346 54.03 11.02 -23.00
C HIS C 346 54.62 10.77 -21.61
N PRO C 347 54.43 9.58 -21.04
CA PRO C 347 53.71 8.45 -21.59
C PRO C 347 52.21 8.60 -21.44
N PHE C 348 51.81 9.27 -20.36
CA PHE C 348 50.40 9.53 -19.99
C PHE C 348 49.34 9.43 -21.07
N ILE C 349 49.57 10.09 -22.20
CA ILE C 349 48.62 10.09 -23.30
C ILE C 349 48.32 8.66 -23.69
N ILE C 350 49.38 7.92 -23.99
CA ILE C 350 49.20 6.55 -24.40
C ILE C 350 48.62 5.70 -23.29
N ILE C 351 49.09 5.90 -22.07
CA ILE C 351 48.59 5.14 -20.95
C ILE C 351 47.10 5.40 -20.82
N GLY C 352 46.71 6.67 -20.84
CA GLY C 352 45.29 7.01 -20.74
C GLY C 352 44.53 6.22 -21.79
N GLN C 353 44.84 6.52 -23.04
CA GLN C 353 44.23 5.82 -24.18
C GLN C 353 44.01 4.32 -23.88
N MET C 354 45.07 3.60 -23.53
CA MET C 354 44.92 2.19 -23.25
C MET C 354 43.85 1.95 -22.22
N ALA C 355 44.08 2.44 -21.01
CA ALA C 355 43.16 2.24 -19.88
C ALA C 355 41.69 2.42 -20.21
N SER C 356 41.42 3.36 -21.11
CA SER C 356 40.06 3.59 -21.52
C SER C 356 39.61 2.37 -22.31
N LEU C 357 40.31 2.08 -23.38
CA LEU C 357 39.98 0.93 -24.20
C LEU C 357 39.67 -0.26 -23.31
N SER C 358 40.59 -0.51 -22.37
CA SER C 358 40.49 -1.61 -21.43
C SER C 358 39.29 -1.49 -20.49
N TYR C 359 38.93 -0.28 -20.13
CA TYR C 359 37.77 -0.11 -19.30
C TYR C 359 36.59 -0.64 -20.11
N PHE C 360 36.22 0.08 -21.16
CA PHE C 360 35.12 -0.30 -22.04
C PHE C 360 35.13 -1.77 -22.46
N THR C 361 36.30 -2.30 -22.73
CA THR C 361 36.38 -3.67 -23.17
C THR C 361 36.05 -4.71 -22.11
N ILE C 362 36.49 -4.45 -20.88
CA ILE C 362 36.22 -5.39 -19.80
C ILE C 362 34.73 -5.44 -19.58
N LEU C 363 34.08 -4.31 -19.68
CA LEU C 363 32.65 -4.25 -19.49
C LEU C 363 31.82 -4.82 -20.64
N LEU C 364 32.19 -4.45 -21.86
CA LEU C 364 31.46 -4.88 -23.05
C LEU C 364 31.76 -6.26 -23.59
N ILE C 365 32.96 -6.76 -23.33
CA ILE C 365 33.33 -8.05 -23.89
C ILE C 365 33.94 -9.06 -22.96
N LEU C 366 34.85 -8.64 -22.10
CA LEU C 366 35.44 -9.63 -21.23
C LEU C 366 34.49 -10.18 -20.16
N PHE C 367 33.60 -9.37 -19.63
CA PHE C 367 32.66 -9.88 -18.62
C PHE C 367 31.67 -10.88 -19.22
N PRO C 368 31.01 -10.49 -20.31
CA PRO C 368 30.07 -11.42 -20.91
C PRO C 368 30.77 -12.69 -21.40
N THR C 369 31.95 -12.53 -21.94
CA THR C 369 32.65 -13.69 -22.43
C THR C 369 33.13 -14.59 -21.31
N ILE C 370 33.80 -14.04 -20.30
CA ILE C 370 34.22 -14.89 -19.20
C ILE C 370 32.95 -15.51 -18.60
N GLY C 371 31.91 -14.69 -18.44
CA GLY C 371 30.65 -15.14 -17.86
C GLY C 371 30.10 -16.43 -18.41
N THR C 372 30.09 -16.52 -19.74
CA THR C 372 29.63 -17.71 -20.45
C THR C 372 30.59 -18.85 -20.17
N LEU C 373 31.82 -18.69 -20.65
CA LEU C 373 32.84 -19.70 -20.44
C LEU C 373 32.63 -20.34 -19.09
N GLU C 374 32.54 -19.51 -18.06
CA GLU C 374 32.32 -20.01 -16.71
C GLU C 374 31.21 -21.04 -16.66
N ASN C 375 30.01 -20.69 -17.11
CA ASN C 375 28.94 -21.66 -17.08
C ASN C 375 29.38 -23.01 -17.63
N LYS C 376 29.92 -23.03 -18.85
CA LYS C 376 30.34 -24.28 -19.47
C LYS C 376 31.32 -25.06 -18.62
N MET C 377 32.01 -24.38 -17.72
CA MET C 377 32.94 -25.08 -16.86
C MET C 377 32.25 -25.70 -15.64
N LEU C 378 30.97 -25.44 -15.47
CA LEU C 378 30.25 -26.02 -14.35
C LEU C 378 29.40 -27.12 -14.96
N ASN C 379 29.37 -27.14 -16.29
CA ASN C 379 28.62 -28.11 -17.09
C ASN C 379 27.13 -27.77 -17.24
N TYR C 380 26.85 -26.50 -17.51
CA TYR C 380 25.47 -26.00 -17.69
C TYR C 380 25.16 -25.63 -19.16
N GLY D 1 62.71 24.29 -20.23
CA GLY D 1 61.42 23.54 -20.38
C GLY D 1 60.48 23.61 -19.18
N GLU D 2 59.63 22.58 -19.07
CA GLU D 2 58.64 22.43 -17.99
C GLU D 2 59.24 21.84 -16.71
N LEU D 3 60.51 22.19 -16.45
CA LEU D 3 61.27 21.73 -15.29
C LEU D 3 61.13 22.75 -14.18
N GLU D 4 60.97 22.27 -12.96
CA GLU D 4 60.81 23.16 -11.82
C GLU D 4 61.40 22.56 -10.57
N LEU D 5 61.87 23.44 -9.70
CA LEU D 5 62.47 23.03 -8.44
C LEU D 5 61.40 23.19 -7.35
N HIS D 6 61.13 22.12 -6.62
CA HIS D 6 60.12 22.16 -5.57
C HIS D 6 60.78 22.50 -4.22
N PRO D 7 60.03 23.08 -3.25
CA PRO D 7 60.60 23.43 -1.94
C PRO D 7 60.62 22.26 -0.97
N PRO D 8 61.43 22.35 0.10
CA PRO D 8 61.62 21.36 1.17
C PRO D 8 60.52 21.47 2.23
N ALA D 9 60.66 20.78 3.35
CA ALA D 9 59.60 20.83 4.37
C ALA D 9 60.01 21.30 5.75
N PHE D 10 60.06 22.59 5.95
CA PHE D 10 60.47 23.11 7.25
C PHE D 10 59.49 22.64 8.32
N PRO D 11 60.00 22.39 9.53
CA PRO D 11 59.17 21.93 10.64
C PRO D 11 58.50 23.05 11.41
N TRP D 12 57.55 23.72 10.76
CA TRP D 12 56.86 24.83 11.40
C TRP D 12 56.33 24.39 12.76
N SER D 13 56.52 25.29 13.73
CA SER D 13 56.09 25.09 15.11
C SER D 13 54.62 24.72 15.24
N HIS D 14 53.85 24.90 14.16
CA HIS D 14 52.42 24.59 14.16
C HIS D 14 52.02 23.58 13.11
N GLY D 15 53.00 22.81 12.62
CA GLY D 15 52.73 21.83 11.59
C GLY D 15 51.90 20.66 12.05
N GLY D 16 52.21 20.15 13.23
CA GLY D 16 51.52 19.00 13.81
C GLY D 16 50.01 19.09 13.98
N PRO D 17 49.30 17.96 13.77
CA PRO D 17 47.84 17.91 13.91
C PRO D 17 47.31 18.39 15.23
N LEU D 18 48.21 18.83 16.12
CA LEU D 18 47.76 19.31 17.41
C LEU D 18 48.49 20.61 17.77
N SER D 19 49.29 21.10 16.82
CA SER D 19 50.10 22.31 17.00
C SER D 19 49.46 23.65 16.63
N ALA D 20 49.29 24.50 17.64
CA ALA D 20 48.70 25.81 17.42
C ALA D 20 49.73 26.69 16.76
N LEU D 21 49.27 27.78 16.16
CA LEU D 21 50.20 28.71 15.54
C LEU D 21 51.05 29.22 16.68
N ASP D 22 52.21 29.81 16.37
CA ASP D 22 53.08 30.40 17.40
C ASP D 22 52.62 31.87 17.52
N HIS D 23 51.61 32.10 18.32
CA HIS D 23 51.07 33.44 18.43
C HIS D 23 52.07 34.58 18.62
N SER D 24 53.35 34.27 18.74
CA SER D 24 54.32 35.33 18.87
C SER D 24 54.95 35.61 17.51
N SER D 25 55.28 34.53 16.81
CA SER D 25 55.88 34.61 15.49
C SER D 25 54.85 35.23 14.57
N VAL D 26 53.58 35.13 14.96
CA VAL D 26 52.47 35.70 14.17
C VAL D 26 52.39 37.19 14.38
N ARG D 27 52.49 37.62 15.63
CA ARG D 27 52.49 39.04 15.95
C ARG D 27 53.63 39.69 15.18
N ARG D 28 54.79 39.03 15.17
CA ARG D 28 55.94 39.57 14.45
C ARG D 28 55.61 39.61 12.95
N GLY D 29 55.33 38.42 12.40
CA GLY D 29 55.00 38.33 10.99
C GLY D 29 54.19 39.53 10.54
N PHE D 30 53.17 39.83 11.33
CA PHE D 30 52.30 40.95 11.07
C PHE D 30 53.09 42.20 10.84
N GLN D 31 53.91 42.51 11.83
CA GLN D 31 54.75 43.67 11.78
C GLN D 31 55.48 43.70 10.45
N VAL D 32 55.97 42.53 10.05
CA VAL D 32 56.68 42.40 8.80
C VAL D 32 55.78 42.74 7.64
N TYR D 33 54.51 42.37 7.75
CA TYR D 33 53.55 42.67 6.70
C TYR D 33 53.24 44.15 6.70
N LYS D 34 52.95 44.65 7.89
CA LYS D 34 52.62 46.05 8.06
C LYS D 34 53.75 46.99 7.69
N GLN D 35 54.98 46.61 8.01
CA GLN D 35 56.08 47.51 7.71
C GLN D 35 56.83 47.23 6.39
N VAL D 36 56.47 46.16 5.67
CA VAL D 36 57.16 45.89 4.41
C VAL D 36 56.26 45.58 3.23
N CYS D 37 55.48 44.51 3.37
CA CYS D 37 54.61 44.05 2.30
C CYS D 37 53.44 44.99 1.99
N SER D 38 52.83 45.52 3.04
CA SER D 38 51.67 46.40 2.91
C SER D 38 51.94 47.65 2.07
N ALA D 39 52.98 47.58 1.26
CA ALA D 39 53.34 48.69 0.41
C ALA D 39 53.12 48.29 -1.05
N CYS D 40 52.82 47.01 -1.25
CA CYS D 40 52.58 46.50 -2.58
C CYS D 40 51.52 45.41 -2.47
N HIS D 41 51.43 44.75 -1.32
CA HIS D 41 50.44 43.69 -1.18
C HIS D 41 49.18 44.01 -0.37
N SER D 42 48.01 43.77 -0.96
CA SER D 42 46.72 44.01 -0.29
C SER D 42 46.33 42.88 0.66
N MET D 43 45.44 43.13 1.60
CA MET D 43 45.07 42.06 2.53
C MET D 43 43.60 42.14 2.79
N ASP D 44 42.89 42.49 1.74
CA ASP D 44 41.45 42.69 1.81
C ASP D 44 40.55 41.87 2.75
N TYR D 45 40.86 40.61 3.05
CA TYR D 45 39.96 39.89 3.93
C TYR D 45 40.32 39.88 5.41
N VAL D 46 41.34 40.65 5.78
CA VAL D 46 41.74 40.73 7.18
C VAL D 46 41.49 42.13 7.66
N ALA D 47 41.15 42.26 8.94
CA ALA D 47 40.90 43.58 9.53
C ALA D 47 41.42 43.63 10.96
N PHE D 48 41.79 44.83 11.38
CA PHE D 48 42.35 45.08 12.69
C PHE D 48 41.68 44.38 13.87
N ARG D 49 40.35 44.29 13.83
CA ARG D 49 39.66 43.62 14.92
C ARG D 49 40.05 42.15 15.03
N ASN D 50 40.45 41.56 13.90
CA ASN D 50 40.85 40.15 13.87
C ASN D 50 42.07 39.92 14.74
N LEU D 51 42.92 40.95 14.86
CA LEU D 51 44.14 40.86 15.65
C LEU D 51 43.84 40.67 17.14
N ILE D 52 42.90 41.46 17.64
CA ILE D 52 42.48 41.38 19.04
C ILE D 52 42.36 39.94 19.52
N GLY D 53 42.69 39.72 20.78
CA GLY D 53 42.60 38.39 21.34
C GLY D 53 43.50 37.35 20.71
N VAL D 54 44.24 37.71 19.64
CA VAL D 54 45.14 36.77 18.98
C VAL D 54 46.60 37.15 18.98
N THR D 55 46.88 38.41 18.64
CA THR D 55 48.25 38.93 18.63
C THR D 55 48.34 40.27 19.33
N HIS D 56 47.24 41.01 19.39
CA HIS D 56 47.28 42.31 20.05
C HIS D 56 46.13 42.52 20.99
N THR D 57 46.30 43.48 21.89
CA THR D 57 45.30 43.83 22.89
C THR D 57 44.31 44.77 22.23
N GLU D 58 43.12 44.90 22.82
CA GLU D 58 42.10 45.78 22.26
C GLU D 58 42.68 47.17 22.05
N ALA D 59 43.32 47.70 23.09
CA ALA D 59 43.93 49.02 23.06
C ALA D 59 44.88 49.20 21.87
N GLU D 60 45.83 48.28 21.75
CA GLU D 60 46.81 48.33 20.68
C GLU D 60 46.16 48.43 19.31
N ALA D 61 45.20 47.56 19.05
CA ALA D 61 44.52 47.56 17.77
C ALA D 61 43.86 48.88 17.46
N LYS D 62 43.23 49.48 18.45
CA LYS D 62 42.56 50.75 18.21
C LYS D 62 43.61 51.66 17.63
N ALA D 63 44.70 51.82 18.36
CA ALA D 63 45.80 52.67 17.93
C ALA D 63 46.33 52.23 16.56
N LEU D 64 46.61 50.95 16.43
CA LEU D 64 47.10 50.42 15.17
C LEU D 64 46.23 50.92 14.03
N ALA D 65 44.93 50.69 14.15
CA ALA D 65 43.99 51.09 13.11
C ALA D 65 43.86 52.60 12.93
N GLU D 66 44.29 53.37 13.93
CA GLU D 66 44.19 54.81 13.84
C GLU D 66 45.39 55.39 13.13
N GLU D 67 46.36 54.54 12.82
CA GLU D 67 47.54 54.99 12.12
C GLU D 67 47.25 55.15 10.66
N VAL D 68 46.00 54.91 10.27
CA VAL D 68 45.63 55.04 8.87
C VAL D 68 44.41 55.92 8.68
N GLU D 69 44.40 56.62 7.55
CA GLU D 69 43.29 57.50 7.20
C GLU D 69 42.50 56.74 6.14
N VAL D 70 41.20 56.56 6.40
CA VAL D 70 40.35 55.84 5.46
C VAL D 70 39.35 56.77 4.77
N GLN D 71 38.75 56.29 3.69
CA GLN D 71 37.80 57.08 2.93
C GLN D 71 36.36 56.71 3.23
N ASP D 72 35.71 57.54 4.05
CA ASP D 72 34.32 57.33 4.41
C ASP D 72 33.51 58.38 3.66
N GLY D 73 32.21 58.44 3.92
CA GLY D 73 31.34 59.42 3.27
C GLY D 73 30.32 58.80 2.32
N PRO D 74 29.54 59.63 1.61
CA PRO D 74 29.57 61.09 1.64
C PRO D 74 29.02 61.69 2.92
N ASP D 75 29.35 62.96 3.12
CA ASP D 75 28.94 63.72 4.30
C ASP D 75 27.54 64.32 4.13
N GLU D 76 27.44 65.60 4.52
CA GLU D 76 26.21 66.37 4.44
C GLU D 76 26.06 67.04 3.09
N ASN D 77 27.20 67.38 2.48
CA ASN D 77 27.19 68.05 1.18
C ASN D 77 27.40 67.06 0.06
N GLY D 78 27.79 65.84 0.44
CA GLY D 78 28.01 64.81 -0.54
C GLY D 78 29.46 64.68 -0.96
N GLU D 79 30.37 65.08 -0.09
CA GLU D 79 31.79 64.97 -0.40
C GLU D 79 32.41 63.83 0.38
N LEU D 80 33.34 63.12 -0.26
CA LEU D 80 34.02 62.01 0.40
C LEU D 80 35.08 62.68 1.27
N PHE D 81 35.19 62.25 2.52
CA PHE D 81 36.18 62.85 3.42
C PHE D 81 36.99 61.80 4.11
N MET D 82 38.24 62.12 4.42
CA MET D 82 39.15 61.19 5.11
C MET D 82 38.87 61.22 6.59
N ARG D 83 39.12 60.11 7.27
CA ARG D 83 38.89 60.05 8.71
C ARG D 83 39.79 58.96 9.25
N PRO D 84 40.09 59.02 10.54
CA PRO D 84 40.96 58.04 11.22
C PRO D 84 40.32 56.65 11.19
N GLY D 85 41.16 55.61 11.26
CA GLY D 85 40.68 54.24 11.20
C GLY D 85 40.12 53.66 12.49
N LYS D 86 39.10 52.82 12.36
CA LYS D 86 38.48 52.18 13.50
C LYS D 86 38.77 50.70 13.38
N ILE D 87 38.66 49.98 14.49
CA ILE D 87 38.97 48.56 14.46
C ILE D 87 38.21 47.79 13.40
N SER D 88 37.09 48.34 12.99
CA SER D 88 36.23 47.71 12.00
C SER D 88 36.65 47.84 10.55
N ASP D 89 37.76 48.50 10.28
CA ASP D 89 38.19 48.63 8.89
C ASP D 89 39.09 47.46 8.53
N TYR D 90 39.20 47.19 7.24
CA TYR D 90 40.06 46.10 6.78
C TYR D 90 41.40 46.74 6.46
N PHE D 91 42.46 45.94 6.32
CA PHE D 91 43.77 46.51 6.00
C PHE D 91 43.66 47.21 4.65
N PRO D 92 44.23 48.40 4.56
CA PRO D 92 44.27 49.27 3.39
C PRO D 92 45.01 48.78 2.17
N LYS D 93 44.39 48.98 1.03
CA LYS D 93 44.94 48.61 -0.25
C LYS D 93 46.02 49.62 -0.55
N PRO D 94 47.13 49.18 -1.14
CA PRO D 94 48.22 50.11 -1.44
C PRO D 94 47.95 50.76 -2.78
N TYR D 95 46.97 50.24 -3.47
CA TYR D 95 46.60 50.81 -4.75
C TYR D 95 45.09 50.87 -4.82
N PRO D 96 44.56 51.72 -5.70
CA PRO D 96 43.11 51.88 -5.87
C PRO D 96 42.46 50.86 -6.78
N ASN D 97 43.29 50.07 -7.45
CA ASN D 97 42.82 49.05 -8.38
C ASN D 97 44.02 48.37 -9.06
N PRO D 98 43.87 47.11 -9.51
CA PRO D 98 44.98 46.40 -10.15
C PRO D 98 45.65 47.21 -11.26
N GLU D 99 44.86 47.92 -12.04
CA GLU D 99 45.45 48.70 -13.09
C GLU D 99 46.59 49.55 -12.57
N ALA D 100 46.37 50.23 -11.45
CA ALA D 100 47.40 51.11 -10.86
C ALA D 100 48.63 50.35 -10.40
N ALA D 101 48.40 49.40 -9.52
CA ALA D 101 49.47 48.60 -8.98
C ALA D 101 50.40 48.17 -10.09
N ARG D 102 49.87 47.46 -11.08
CA ARG D 102 50.69 47.00 -12.19
C ARG D 102 51.62 48.11 -12.64
N ALA D 103 51.04 49.25 -12.95
CA ALA D 103 51.80 50.41 -13.42
C ALA D 103 52.95 50.80 -12.50
N ALA D 104 52.79 50.56 -11.20
CA ALA D 104 53.83 50.92 -10.25
C ALA D 104 54.74 49.76 -9.85
N ASN D 105 54.71 48.67 -10.61
CA ASN D 105 55.56 47.52 -10.33
C ASN D 105 56.00 46.84 -11.62
N ASN D 106 56.06 47.62 -12.69
CA ASN D 106 56.49 47.17 -14.01
C ASN D 106 55.57 46.21 -14.70
N GLY D 107 54.28 46.52 -14.66
CA GLY D 107 53.27 45.70 -15.29
C GLY D 107 52.92 44.45 -14.53
N ALA D 108 53.66 44.21 -13.45
CA ALA D 108 53.45 43.04 -12.62
C ALA D 108 52.48 43.35 -11.50
N LEU D 109 51.64 42.36 -11.18
CA LEU D 109 50.63 42.51 -10.16
C LEU D 109 50.89 41.76 -8.87
N PRO D 110 51.37 42.43 -7.83
CA PRO D 110 51.65 41.82 -6.53
C PRO D 110 50.33 41.47 -5.86
N PRO D 111 49.85 40.22 -6.04
CA PRO D 111 48.61 39.62 -5.53
C PRO D 111 48.29 39.75 -4.06
N ASP D 112 47.03 39.98 -3.74
CA ASP D 112 46.63 40.15 -2.35
C ASP D 112 47.10 38.93 -1.60
N LEU D 113 47.63 39.15 -0.40
CA LEU D 113 48.16 38.06 0.41
C LEU D 113 47.25 37.70 1.56
N SER D 114 46.01 37.35 1.28
CA SER D 114 45.12 36.97 2.37
C SER D 114 45.11 35.48 2.38
N TYR D 115 44.82 34.95 1.21
CA TYR D 115 44.74 33.51 1.03
C TYR D 115 46.00 32.96 0.31
N ILE D 116 46.99 33.81 0.09
CA ILE D 116 48.19 33.37 -0.61
C ILE D 116 48.77 32.04 -0.10
N VAL D 117 48.93 31.92 1.21
CA VAL D 117 49.48 30.70 1.81
C VAL D 117 48.75 29.44 1.31
N ASN D 118 47.46 29.55 1.00
CA ASN D 118 46.68 28.39 0.52
C ASN D 118 46.50 28.40 -0.98
N ALA D 119 47.01 29.41 -1.68
CA ALA D 119 46.82 29.44 -3.13
C ALA D 119 48.00 29.02 -3.99
N ARG D 120 49.10 28.63 -3.35
CA ARG D 120 50.28 28.23 -4.08
C ARG D 120 50.69 26.87 -3.61
N HIS D 121 50.92 25.97 -4.56
CA HIS D 121 51.33 24.64 -4.19
C HIS D 121 52.56 24.72 -3.31
N GLY D 122 52.42 24.34 -2.04
CA GLY D 122 53.55 24.37 -1.14
C GLY D 122 53.24 25.15 0.11
N GLY D 123 52.32 26.07 0.00
CA GLY D 123 51.98 26.83 1.18
C GLY D 123 53.16 27.53 1.82
N GLU D 124 53.06 27.75 3.11
CA GLU D 124 54.11 28.45 3.81
C GLU D 124 55.49 27.91 3.49
N ASP D 125 55.57 26.66 3.04
CA ASP D 125 56.86 26.07 2.70
C ASP D 125 57.40 26.77 1.47
N TYR D 126 56.52 27.03 0.51
CA TYR D 126 56.92 27.69 -0.70
C TYR D 126 57.25 29.13 -0.44
N VAL D 127 56.27 29.87 0.05
CA VAL D 127 56.44 31.29 0.34
C VAL D 127 57.77 31.57 1.03
N PHE D 128 58.21 30.63 1.87
CA PHE D 128 59.44 30.84 2.57
C PHE D 128 60.55 30.80 1.59
N SER D 129 60.68 29.67 0.93
CA SER D 129 61.73 29.51 -0.07
C SER D 129 61.78 30.64 -1.12
N LEU D 130 60.63 31.14 -1.54
CA LEU D 130 60.66 32.19 -2.53
C LEU D 130 61.35 33.37 -1.90
N LEU D 131 60.92 33.76 -0.71
CA LEU D 131 61.54 34.91 -0.07
C LEU D 131 63.03 34.78 0.10
N THR D 132 63.48 33.64 0.61
CA THR D 132 64.89 33.42 0.84
C THR D 132 65.70 33.05 -0.40
N GLY D 133 65.25 32.04 -1.11
CA GLY D 133 65.94 31.57 -2.29
C GLY D 133 66.40 32.46 -3.47
N TYR D 134 66.12 33.76 -3.48
CA TYR D 134 66.58 34.61 -4.59
C TYR D 134 68.08 34.45 -4.88
N CYS D 135 68.45 34.30 -6.15
CA CYS D 135 69.87 34.15 -6.48
C CYS D 135 70.20 34.41 -7.95
N ASP D 136 71.45 34.13 -8.31
CA ASP D 136 71.90 34.37 -9.67
C ASP D 136 71.55 33.30 -10.69
N PRO D 137 71.16 33.73 -11.90
CA PRO D 137 70.81 32.81 -12.96
C PRO D 137 72.01 31.97 -13.34
N PRO D 138 71.81 30.66 -13.52
CA PRO D 138 72.92 29.78 -13.89
C PRO D 138 73.35 30.01 -15.34
N ALA D 139 74.34 29.25 -15.79
CA ALA D 139 74.85 29.37 -17.13
C ALA D 139 73.81 29.25 -18.25
N GLY D 140 73.75 30.25 -19.13
CA GLY D 140 72.81 30.19 -20.25
C GLY D 140 71.43 30.78 -20.07
N VAL D 141 71.18 31.42 -18.94
CA VAL D 141 69.88 32.01 -18.65
C VAL D 141 69.94 33.53 -18.56
N VAL D 142 69.17 34.21 -19.41
CA VAL D 142 69.13 35.68 -19.40
C VAL D 142 67.80 36.16 -18.86
N VAL D 143 67.83 36.88 -17.75
CA VAL D 143 66.59 37.36 -17.19
C VAL D 143 66.22 38.76 -17.68
N ARG D 144 65.05 38.88 -18.30
CA ARG D 144 64.57 40.15 -18.83
C ARG D 144 64.78 41.28 -17.85
N GLU D 145 65.19 42.44 -18.38
CA GLU D 145 65.42 43.64 -17.59
C GLU D 145 64.19 43.99 -16.76
N GLY D 146 64.37 44.04 -15.45
CA GLY D 146 63.25 44.38 -14.59
C GLY D 146 62.77 43.18 -13.81
N LEU D 147 63.21 42.00 -14.24
CA LEU D 147 62.85 40.76 -13.57
C LEU D 147 64.08 40.24 -12.86
N HIS D 148 63.90 39.59 -11.73
CA HIS D 148 65.04 39.06 -10.99
C HIS D 148 64.99 37.57 -11.08
N TYR D 149 66.13 36.92 -10.87
CA TYR D 149 66.14 35.47 -10.92
C TYR D 149 65.66 34.92 -9.60
N ASN D 150 65.09 33.74 -9.67
CA ASN D 150 64.64 33.02 -8.51
C ASN D 150 64.34 31.64 -9.00
N PRO D 151 65.11 30.67 -8.52
CA PRO D 151 64.94 29.29 -8.90
C PRO D 151 63.64 28.70 -8.37
N TYR D 152 63.16 29.19 -7.25
CA TYR D 152 61.93 28.66 -6.69
C TYR D 152 60.66 29.06 -7.44
N PHE D 153 60.67 30.25 -8.02
CA PHE D 153 59.53 30.75 -8.75
C PHE D 153 59.41 30.16 -10.16
N PRO D 154 58.21 29.72 -10.52
CA PRO D 154 57.94 29.13 -11.83
C PRO D 154 58.33 30.05 -12.99
N GLY D 155 59.28 29.60 -13.79
CA GLY D 155 59.72 30.42 -14.91
C GLY D 155 61.02 31.07 -14.53
N GLN D 156 61.23 31.09 -13.21
CA GLN D 156 62.42 31.65 -12.57
C GLN D 156 62.63 33.15 -12.76
N ALA D 157 61.69 33.79 -13.45
CA ALA D 157 61.75 35.22 -13.67
C ALA D 157 60.60 35.80 -12.90
N ILE D 158 60.88 36.29 -11.69
CA ILE D 158 59.87 36.87 -10.82
C ILE D 158 59.92 38.38 -10.81
N GLY D 159 58.76 39.00 -10.92
CA GLY D 159 58.68 40.44 -10.96
C GLY D 159 58.80 41.12 -9.62
N MET D 160 59.00 40.34 -8.56
CA MET D 160 59.16 40.90 -7.21
C MET D 160 60.61 41.07 -6.75
N ALA D 161 61.00 42.30 -6.49
CA ALA D 161 62.35 42.57 -6.02
C ALA D 161 62.48 41.93 -4.64
N PRO D 162 63.60 41.28 -4.38
CA PRO D 162 63.84 40.63 -3.09
C PRO D 162 63.46 41.61 -1.99
N PRO D 163 62.35 41.37 -1.30
CA PRO D 163 61.79 42.18 -0.22
C PRO D 163 62.47 42.20 1.12
N ILE D 164 63.26 41.20 1.45
CA ILE D 164 63.91 41.29 2.76
C ILE D 164 65.43 41.13 2.87
N TYR D 165 65.99 41.86 3.84
CA TYR D 165 67.41 41.86 4.15
C TYR D 165 67.67 42.21 5.61
N ASN D 166 68.49 41.43 6.29
CA ASN D 166 68.82 41.66 7.70
C ASN D 166 68.58 43.10 8.19
N GLU D 167 67.93 43.21 9.34
CA GLU D 167 67.66 44.51 9.97
C GLU D 167 66.74 45.43 9.18
N ILE D 168 66.14 44.95 8.11
CA ILE D 168 65.26 45.78 7.28
C ILE D 168 64.18 46.44 8.09
N LEU D 169 64.03 45.97 9.33
CA LEU D 169 63.06 46.50 10.28
C LEU D 169 63.54 46.02 11.63
N GLU D 170 62.82 46.30 12.70
CA GLU D 170 63.29 45.87 14.01
C GLU D 170 62.14 45.48 14.93
N TYR D 171 62.03 44.19 15.23
CA TYR D 171 60.97 43.73 16.11
C TYR D 171 61.08 44.40 17.47
N ASP D 172 59.92 44.78 18.01
CA ASP D 172 59.87 45.45 19.29
C ASP D 172 60.02 44.47 20.44
N ASP D 173 60.10 43.19 20.15
CA ASP D 173 60.23 42.21 21.21
C ASP D 173 61.69 41.85 21.41
N GLY D 174 62.55 42.50 20.64
CA GLY D 174 63.98 42.26 20.77
C GLY D 174 64.44 40.94 20.16
N THR D 175 64.05 40.73 18.91
CA THR D 175 64.42 39.52 18.23
C THR D 175 65.28 39.79 17.03
N PRO D 176 66.38 39.04 16.93
CA PRO D 176 67.35 39.13 15.83
C PRO D 176 66.66 39.15 14.44
N ALA D 177 66.61 40.33 13.83
CA ALA D 177 65.99 40.51 12.53
C ALA D 177 66.74 39.96 11.31
N THR D 178 67.21 38.72 11.39
CA THR D 178 67.91 38.10 10.27
C THR D 178 66.91 37.83 9.16
N MET D 179 67.39 37.74 7.93
CA MET D 179 66.51 37.53 6.78
C MET D 179 65.50 36.45 7.01
N SER D 180 65.99 35.26 7.34
CA SER D 180 65.09 34.16 7.56
C SER D 180 64.16 34.38 8.75
N GLN D 181 64.72 34.78 9.90
CA GLN D 181 63.91 35.00 11.09
C GLN D 181 62.67 35.78 10.73
N ILE D 182 62.78 36.75 9.83
CA ILE D 182 61.63 37.54 9.35
C ILE D 182 60.75 36.61 8.46
N ALA D 183 61.34 36.12 7.39
CA ALA D 183 60.67 35.22 6.46
C ALA D 183 59.94 34.09 7.22
N LYS D 184 60.48 33.68 8.36
CA LYS D 184 59.86 32.63 9.11
C LYS D 184 58.60 33.23 9.69
N ASP D 185 58.77 34.33 10.41
CA ASP D 185 57.63 35.00 11.01
C ASP D 185 56.55 35.41 10.02
N VAL D 186 56.91 36.07 8.93
CA VAL D 186 55.91 36.53 7.96
C VAL D 186 55.17 35.38 7.34
N CYS D 187 55.87 34.29 7.08
CA CYS D 187 55.22 33.13 6.50
C CYS D 187 54.26 32.62 7.55
N THR D 188 54.69 32.59 8.80
CA THR D 188 53.83 32.15 9.92
C THR D 188 52.55 32.99 9.99
N PHE D 189 52.73 34.30 9.89
CA PHE D 189 51.60 35.22 9.90
C PHE D 189 50.63 34.81 8.79
N LEU D 190 51.07 34.86 7.54
CA LEU D 190 50.26 34.49 6.38
C LEU D 190 49.30 33.34 6.66
N ARG D 191 49.81 32.33 7.36
CA ARG D 191 49.03 31.15 7.69
C ARG D 191 47.87 31.66 8.50
N TRP D 192 48.15 32.24 9.66
CA TRP D 192 47.09 32.78 10.51
C TRP D 192 46.14 33.56 9.66
N ALA D 193 46.67 34.53 8.94
CA ALA D 193 45.83 35.36 8.09
C ALA D 193 44.97 34.56 7.13
N ALA D 194 45.50 33.44 6.67
CA ALA D 194 44.78 32.63 5.71
C ALA D 194 43.71 31.75 6.31
N GLU D 195 43.85 31.39 7.58
CA GLU D 195 42.86 30.54 8.18
C GLU D 195 42.86 30.66 9.69
N PRO D 196 42.47 31.84 10.16
CA PRO D 196 42.38 32.24 11.56
C PRO D 196 41.83 31.15 12.47
N GLU D 197 40.84 30.39 12.00
CA GLU D 197 40.29 29.33 12.82
C GLU D 197 41.37 28.32 13.24
N HIS D 198 42.31 28.03 12.34
CA HIS D 198 43.41 27.08 12.54
C HIS D 198 43.45 26.44 13.91
N ASP D 199 43.68 27.26 14.93
CA ASP D 199 43.73 26.79 16.30
C ASP D 199 42.46 26.09 16.78
N GLN D 200 41.35 26.80 16.82
CA GLN D 200 40.11 26.18 17.26
C GLN D 200 39.77 24.95 16.42
N ARG D 201 40.29 24.93 15.19
CA ARG D 201 40.03 23.82 14.30
C ARG D 201 40.72 22.54 14.80
N LYS D 202 41.98 22.65 15.15
CA LYS D 202 42.70 21.50 15.63
C LYS D 202 42.22 21.11 17.01
N ARG D 203 41.83 22.08 17.83
CA ARG D 203 41.36 21.77 19.18
C ARG D 203 40.15 20.88 19.08
N MET D 204 39.22 21.25 18.22
CA MET D 204 38.05 20.43 18.04
C MET D 204 38.46 19.03 17.54
N GLY D 205 39.33 19.02 16.52
CA GLY D 205 39.82 17.78 15.93
C GLY D 205 40.13 16.81 17.04
N LEU D 206 40.98 17.24 17.96
CA LEU D 206 41.33 16.41 19.10
C LEU D 206 40.04 15.87 19.70
N LYS D 207 39.24 16.77 20.26
CA LYS D 207 37.95 16.40 20.86
C LYS D 207 37.17 15.39 20.04
N MET D 208 37.12 15.61 18.73
CA MET D 208 36.43 14.70 17.83
C MET D 208 37.09 13.33 17.91
N LEU D 209 38.40 13.26 17.71
CA LEU D 209 39.07 11.98 17.78
C LEU D 209 38.82 11.22 19.05
N LEU D 210 38.65 11.94 20.16
CA LEU D 210 38.39 11.30 21.45
C LEU D 210 36.98 10.78 21.61
N ILE D 211 36.00 11.59 21.24
CA ILE D 211 34.65 11.08 21.34
C ILE D 211 34.58 9.91 20.35
N SER D 212 34.91 10.20 19.10
CA SER D 212 34.89 9.21 18.03
C SER D 212 35.55 7.87 18.36
N ALA D 213 36.60 7.90 19.17
CA ALA D 213 37.27 6.66 19.55
C ALA D 213 36.34 5.90 20.47
N LEU D 214 35.96 6.59 21.56
CA LEU D 214 35.08 6.07 22.59
C LEU D 214 33.75 5.54 22.04
N LEU D 215 33.02 6.43 21.38
CA LEU D 215 31.70 6.14 20.79
C LEU D 215 31.68 5.01 19.76
N THR D 216 32.72 4.93 18.95
CA THR D 216 32.81 3.87 17.95
C THR D 216 32.97 2.54 18.65
N SER D 217 33.80 2.52 19.70
CA SER D 217 33.98 1.28 20.41
C SER D 217 32.71 0.90 21.15
N LEU D 218 32.19 1.83 21.95
CA LEU D 218 30.96 1.58 22.67
C LEU D 218 29.89 0.98 21.78
N LEU D 219 29.89 1.34 20.50
CA LEU D 219 28.90 0.81 19.56
C LEU D 219 29.28 -0.53 18.96
N TYR D 220 30.57 -0.85 18.99
CA TYR D 220 30.98 -2.11 18.42
C TYR D 220 30.38 -3.18 19.28
N TYR D 221 30.20 -2.80 20.54
CA TYR D 221 29.62 -3.70 21.51
C TYR D 221 28.15 -3.94 21.19
N MET D 222 27.39 -2.87 21.31
CA MET D 222 25.97 -2.91 21.05
C MET D 222 25.60 -3.50 19.68
N LYS D 223 26.54 -3.55 18.75
CA LYS D 223 26.21 -4.14 17.45
C LYS D 223 26.36 -5.64 17.60
N ARG D 224 27.46 -6.04 18.23
CA ARG D 224 27.74 -7.45 18.46
C ARG D 224 26.73 -8.07 19.41
N HIS D 225 26.57 -7.40 20.55
CA HIS D 225 25.66 -7.83 21.57
C HIS D 225 24.40 -8.34 20.93
N LYS D 226 23.71 -7.46 20.21
CA LYS D 226 22.47 -7.83 19.55
C LYS D 226 22.68 -8.94 18.54
N TRP D 227 23.71 -8.82 17.71
CA TRP D 227 23.97 -9.84 16.71
C TRP D 227 24.34 -11.22 17.27
N SER D 228 25.02 -11.24 18.40
CA SER D 228 25.37 -12.52 19.03
C SER D 228 24.33 -13.63 18.75
N VAL D 229 23.09 -13.31 19.08
CA VAL D 229 21.96 -14.21 18.92
C VAL D 229 22.05 -14.97 17.63
N LEU D 230 22.34 -14.28 16.54
CA LEU D 230 22.44 -14.93 15.23
C LEU D 230 23.77 -15.61 14.98
N LYS D 231 24.83 -15.07 15.58
CA LYS D 231 26.10 -15.69 15.37
C LYS D 231 26.20 -16.98 16.13
N SER D 232 25.77 -17.01 17.39
CA SER D 232 25.86 -18.25 18.19
C SER D 232 24.91 -19.34 17.71
N ARG D 233 23.79 -18.90 17.16
CA ARG D 233 22.72 -19.76 16.65
C ARG D 233 23.22 -21.01 16.00
N LYS D 234 22.48 -22.10 16.22
CA LYS D 234 22.81 -23.38 15.62
C LYS D 234 21.54 -23.99 15.06
N MET D 235 21.66 -24.65 13.93
CA MET D 235 20.47 -25.26 13.36
C MET D 235 20.75 -26.71 12.98
N ALA D 236 19.69 -27.49 12.83
CA ALA D 236 19.77 -28.90 12.49
C ALA D 236 18.58 -29.30 11.62
N TYR D 237 18.80 -30.21 10.68
CA TYR D 237 17.73 -30.70 9.80
C TYR D 237 17.24 -32.07 10.25
N ARG D 238 16.10 -32.11 10.95
CA ARG D 238 15.57 -33.37 11.45
C ARG D 238 14.33 -33.85 10.71
N PRO D 239 14.52 -34.52 9.57
CA PRO D 239 13.40 -35.03 8.77
C PRO D 239 12.55 -35.97 9.61
N PRO D 240 11.40 -36.39 9.07
CA PRO D 240 10.58 -37.29 9.88
C PRO D 240 11.14 -38.72 9.71
N LYS D 241 10.72 -39.62 10.60
CA LYS D 241 11.12 -41.04 10.64
C LYS D 241 11.40 -41.78 9.30
N VAL E 1 10.91 -38.34 16.75
CA VAL E 1 10.07 -37.99 17.94
C VAL E 1 10.64 -36.77 18.64
N HIS E 2 9.79 -36.01 19.30
CA HIS E 2 10.23 -34.82 19.97
C HIS E 2 11.05 -35.13 21.20
N ASN E 3 11.42 -36.39 21.38
CA ASN E 3 12.18 -36.74 22.56
C ASN E 3 13.66 -36.80 22.27
N ASP E 4 14.01 -37.33 21.11
CA ASP E 4 15.42 -37.43 20.75
C ASP E 4 16.03 -36.05 20.45
N VAL E 5 15.44 -35.02 21.02
CA VAL E 5 15.91 -33.66 20.76
C VAL E 5 16.38 -32.93 22.00
N THR E 6 17.61 -32.40 21.92
CA THR E 6 18.23 -31.64 23.03
C THR E 6 19.07 -30.46 22.55
N VAL E 7 19.01 -29.37 23.32
CA VAL E 7 19.75 -28.16 23.01
C VAL E 7 21.24 -28.48 23.06
N PRO E 8 21.97 -28.18 21.99
CA PRO E 8 23.42 -28.43 21.92
C PRO E 8 24.23 -27.68 22.96
N ASP E 9 25.55 -27.75 22.85
CA ASP E 9 26.40 -27.11 23.82
C ASP E 9 26.76 -25.66 23.50
N PHE E 10 26.21 -24.74 24.29
CA PHE E 10 26.49 -23.31 24.09
C PHE E 10 27.50 -22.84 25.10
N SER E 11 28.41 -23.73 25.43
CA SER E 11 29.40 -23.36 26.39
C SER E 11 30.47 -22.49 25.77
N ALA E 12 30.84 -22.81 24.54
CA ALA E 12 31.87 -22.02 23.87
C ALA E 12 31.52 -20.52 23.93
N TYR E 13 30.22 -20.22 23.81
CA TYR E 13 29.70 -18.85 23.81
C TYR E 13 29.05 -18.37 25.11
N ARG E 14 28.93 -19.23 26.12
CA ARG E 14 28.30 -18.78 27.35
C ARG E 14 29.16 -17.80 28.14
N ARG E 15 28.51 -16.93 28.89
CA ARG E 15 29.23 -15.96 29.72
C ARG E 15 29.69 -16.77 30.92
N GLU E 16 30.91 -16.55 31.39
CA GLU E 16 31.46 -17.33 32.48
C GLU E 16 30.57 -17.55 33.71
N ASP E 17 29.80 -16.54 34.10
CA ASP E 17 28.94 -16.64 35.27
C ASP E 17 27.77 -17.63 35.19
N VAL E 18 27.50 -18.12 34.00
CA VAL E 18 26.42 -19.09 33.83
C VAL E 18 26.90 -20.21 32.93
N MET E 19 28.04 -20.79 33.27
CA MET E 19 28.59 -21.86 32.47
C MET E 19 28.37 -23.17 33.18
N ASP E 20 28.16 -23.09 34.50
CA ASP E 20 27.94 -24.28 35.32
C ASP E 20 26.45 -24.55 35.50
N ALA E 21 26.03 -25.66 34.91
CA ALA E 21 24.65 -26.12 34.94
C ALA E 21 24.12 -26.50 36.32
N THR E 22 24.63 -25.86 37.36
CA THR E 22 24.16 -26.19 38.69
C THR E 22 24.04 -24.94 39.56
N THR E 23 24.28 -23.78 38.97
CA THR E 23 24.19 -22.54 39.71
C THR E 23 23.13 -21.66 39.10
N SER E 24 22.22 -21.16 39.93
CA SER E 24 21.15 -20.30 39.43
C SER E 24 21.71 -19.18 38.58
N SER E 25 21.09 -18.93 37.44
CA SER E 25 21.54 -17.87 36.54
C SER E 25 20.95 -16.55 37.01
N GLN E 26 20.08 -16.62 38.00
CA GLN E 26 19.42 -15.43 38.49
C GLN E 26 20.22 -14.55 39.43
N THR E 27 21.32 -15.06 39.96
CA THR E 27 22.12 -14.24 40.85
C THR E 27 23.02 -13.32 40.01
N SER E 28 23.63 -13.93 38.99
CA SER E 28 24.54 -13.22 38.12
C SER E 28 23.85 -12.50 36.98
N SER E 29 22.56 -12.18 37.11
CA SER E 29 21.91 -11.50 36.01
C SER E 29 22.09 -10.01 36.20
N GLU E 30 21.74 -9.53 37.38
CA GLU E 30 21.83 -8.12 37.72
C GLU E 30 23.06 -7.52 37.10
N ASP E 31 24.14 -8.30 37.08
CA ASP E 31 25.40 -7.83 36.51
C ASP E 31 25.40 -7.92 35.00
N ARG E 32 25.29 -9.14 34.49
CA ARG E 32 25.29 -9.35 33.05
C ARG E 32 24.59 -8.23 32.30
N LYS E 33 23.45 -7.77 32.82
CA LYS E 33 22.69 -6.68 32.21
C LYS E 33 23.20 -5.28 32.57
N GLY E 34 23.38 -5.06 33.86
CA GLY E 34 23.87 -3.77 34.29
C GLY E 34 25.02 -3.41 33.41
N PHE E 35 25.87 -4.37 33.08
CA PHE E 35 27.01 -4.07 32.25
C PHE E 35 26.62 -3.67 30.86
N SER E 36 26.10 -4.63 30.10
CA SER E 36 25.66 -4.34 28.73
C SER E 36 24.85 -3.04 28.73
N TYR E 37 24.09 -2.80 29.79
CA TYR E 37 23.31 -1.60 29.83
C TYR E 37 24.19 -0.39 30.07
N LEU E 38 25.30 -0.61 30.76
CA LEU E 38 26.24 0.48 31.03
C LEU E 38 26.89 0.93 29.74
N VAL E 39 27.34 -0.03 28.93
CA VAL E 39 27.93 0.31 27.65
C VAL E 39 26.88 1.16 26.96
N THR E 40 25.70 0.58 26.79
CA THR E 40 24.59 1.28 26.16
C THR E 40 24.38 2.68 26.76
N ALA E 41 24.19 2.75 28.07
CA ALA E 41 23.96 4.02 28.75
C ALA E 41 25.05 5.03 28.45
N THR E 42 26.29 4.55 28.39
CA THR E 42 27.43 5.42 28.11
C THR E 42 27.35 5.94 26.68
N ALA E 43 27.26 5.01 25.74
CA ALA E 43 27.15 5.36 24.34
C ALA E 43 26.15 6.50 24.20
N CYS E 44 25.02 6.39 24.88
CA CYS E 44 24.00 7.45 24.85
C CYS E 44 24.53 8.81 25.32
N VAL E 45 25.39 8.77 26.33
CA VAL E 45 25.97 10.00 26.84
C VAL E 45 26.84 10.60 25.74
N ALA E 46 27.78 9.79 25.25
CA ALA E 46 28.71 10.16 24.17
C ALA E 46 27.96 10.82 23.03
N THR E 47 26.83 10.22 22.65
CA THR E 47 26.00 10.77 21.60
C THR E 47 25.53 12.14 22.02
N ALA E 48 24.83 12.17 23.16
CA ALA E 48 24.29 13.39 23.71
C ALA E 48 25.27 14.56 23.59
N TYR E 49 26.43 14.41 24.21
CA TYR E 49 27.45 15.46 24.16
C TYR E 49 27.66 15.90 22.72
N ALA E 50 28.11 14.95 21.90
CA ALA E 50 28.37 15.22 20.51
C ALA E 50 27.22 15.96 19.89
N ALA E 51 26.04 15.40 20.00
CA ALA E 51 24.86 16.02 19.41
C ALA E 51 24.61 17.42 19.93
N LYS E 52 24.65 17.57 21.25
CA LYS E 52 24.43 18.86 21.87
C LYS E 52 25.39 19.93 21.35
N ASN E 53 26.64 19.56 21.12
CA ASN E 53 27.60 20.53 20.64
C ASN E 53 27.46 20.89 19.17
N VAL E 54 27.09 19.92 18.33
CA VAL E 54 26.90 20.21 16.91
C VAL E 54 25.65 21.07 16.65
N VAL E 55 24.65 20.93 17.50
CA VAL E 55 23.46 21.75 17.37
C VAL E 55 23.81 23.16 17.83
N THR E 56 24.50 23.28 18.95
CA THR E 56 24.93 24.57 19.44
C THR E 56 25.66 25.22 18.29
N GLN E 57 26.74 24.57 17.85
CA GLN E 57 27.55 25.08 16.75
C GLN E 57 26.68 25.64 15.62
N PHE E 58 25.93 24.76 14.96
CA PHE E 58 25.08 25.19 13.87
C PHE E 58 24.14 26.32 14.24
N ILE E 59 23.50 26.23 15.40
CA ILE E 59 22.58 27.27 15.80
C ILE E 59 23.15 28.66 15.97
N SER E 60 24.39 28.80 16.44
CA SER E 60 24.89 30.15 16.57
C SER E 60 25.35 30.65 15.21
N SER E 61 25.26 29.80 14.21
CA SER E 61 25.65 30.20 12.86
C SER E 61 24.63 31.23 12.38
N LEU E 62 23.44 31.17 12.97
CA LEU E 62 22.38 32.09 12.60
C LEU E 62 22.45 33.42 13.27
N SER E 63 22.80 33.43 14.56
CA SER E 63 22.90 34.68 15.33
C SER E 63 23.87 35.66 14.69
N ALA E 64 23.91 36.86 15.24
CA ALA E 64 24.75 37.91 14.71
C ALA E 64 26.13 37.45 14.27
N SER E 65 26.64 38.06 13.21
CA SER E 65 27.97 37.76 12.67
C SER E 65 29.07 38.39 13.54
N ALA E 66 30.29 38.48 12.99
CA ALA E 66 31.44 39.07 13.68
C ALA E 66 31.70 40.47 13.10
N ASP E 67 31.23 40.68 11.88
CA ASP E 67 31.40 41.97 11.21
C ASP E 67 30.36 42.97 11.71
N VAL E 68 29.78 42.68 12.87
CA VAL E 68 28.80 43.57 13.49
C VAL E 68 29.62 44.62 14.25
N LEU E 69 29.74 45.78 13.62
CA LEU E 69 30.50 46.96 14.07
C LEU E 69 30.72 47.25 15.55
N ALA E 70 31.50 48.30 15.81
CA ALA E 70 31.88 48.74 17.16
C ALA E 70 30.89 49.71 17.81
N LEU E 71 30.39 50.67 17.03
CA LEU E 71 29.42 51.65 17.52
C LEU E 71 30.01 52.93 18.13
N SER E 72 29.12 53.80 18.60
CA SER E 72 29.47 55.08 19.21
C SER E 72 30.29 55.97 18.29
N LYS E 73 29.65 57.05 17.84
CA LYS E 73 30.23 58.04 16.95
C LYS E 73 29.06 58.98 16.80
N ILE E 74 29.29 60.29 16.76
CA ILE E 74 28.24 61.28 16.57
C ILE E 74 28.78 62.70 16.59
N GLU E 75 28.39 63.47 15.59
CA GLU E 75 28.77 64.86 15.46
C GLU E 75 27.44 65.58 15.34
N ILE E 76 27.23 66.63 16.13
CA ILE E 76 25.97 67.35 16.07
C ILE E 76 26.09 68.82 16.48
N LYS E 77 25.56 69.72 15.66
CA LYS E 77 25.56 71.15 15.97
C LYS E 77 24.16 71.54 16.42
N LEU E 78 23.96 71.69 17.72
CA LEU E 78 22.65 72.05 18.24
C LEU E 78 22.09 73.28 17.55
N SER E 79 22.97 74.05 16.91
CA SER E 79 22.57 75.28 16.22
C SER E 79 21.78 75.10 14.91
N ASP E 80 22.05 74.01 14.19
CA ASP E 80 21.37 73.77 12.93
C ASP E 80 19.89 73.44 13.12
N ILE E 81 19.52 73.12 14.36
CA ILE E 81 18.15 72.77 14.69
C ILE E 81 17.38 73.92 15.36
N PRO E 82 16.60 74.68 14.59
CA PRO E 82 15.85 75.79 15.17
C PRO E 82 14.88 75.26 16.24
N GLU E 83 14.28 76.14 17.03
CA GLU E 83 13.36 75.70 18.08
C GLU E 83 12.03 75.15 17.58
N GLY E 84 11.63 74.00 18.12
CA GLY E 84 10.36 73.39 17.74
C GLY E 84 10.37 72.33 16.65
N LYS E 85 11.54 71.99 16.12
CA LYS E 85 11.65 70.99 15.07
C LYS E 85 12.41 69.72 15.42
N ASN E 86 12.23 68.69 14.60
CA ASN E 86 12.85 67.37 14.79
C ASN E 86 13.65 66.95 13.57
N VAL E 87 14.70 66.15 13.79
CA VAL E 87 15.57 65.67 12.70
C VAL E 87 16.08 64.24 12.89
N ALA E 88 16.21 63.51 11.79
CA ALA E 88 16.67 62.12 11.82
C ALA E 88 18.14 61.98 11.45
N PHE E 89 18.86 61.19 12.25
CA PHE E 89 20.28 60.96 12.03
C PHE E 89 20.56 59.46 11.89
N LYS E 90 21.29 59.08 10.85
CA LYS E 90 21.62 57.67 10.64
C LYS E 90 22.56 57.21 11.73
N TRP E 91 21.99 56.77 12.84
CA TRP E 91 22.81 56.31 13.94
C TRP E 91 22.78 54.81 14.06
N ARG E 92 23.78 54.30 14.78
CA ARG E 92 23.96 52.88 15.03
C ARG E 92 22.83 51.97 14.56
N GLY E 93 22.69 51.86 13.25
CA GLY E 93 21.65 51.02 12.68
C GLY E 93 20.30 51.67 12.57
N LYS E 94 19.73 52.05 13.71
CA LYS E 94 18.40 52.66 13.71
C LYS E 94 18.42 54.18 13.96
N PRO E 95 17.37 54.89 13.50
CA PRO E 95 17.23 56.33 13.65
C PRO E 95 17.53 56.87 15.05
N LEU E 96 17.76 58.18 15.11
CA LEU E 96 18.03 58.87 16.37
C LEU E 96 17.40 60.25 16.28
N PHE E 97 16.46 60.51 17.18
CA PHE E 97 15.78 61.79 17.21
C PHE E 97 16.47 62.80 18.12
N VAL E 98 16.56 64.03 17.63
CA VAL E 98 17.16 65.15 18.36
C VAL E 98 16.12 66.25 18.16
N ARG E 99 15.47 66.68 19.23
CA ARG E 99 14.43 67.69 19.08
C ARG E 99 14.50 68.90 19.98
N HIS E 100 14.33 70.07 19.35
CA HIS E 100 14.36 71.35 20.05
C HIS E 100 12.94 71.64 20.51
N ARG E 101 12.71 71.59 21.82
CA ARG E 101 11.40 71.85 22.37
C ARG E 101 11.31 73.28 22.89
N THR E 102 10.20 73.94 22.59
CA THR E 102 9.98 75.31 23.04
C THR E 102 9.36 75.23 24.43
N GLN E 103 9.26 76.36 25.12
CA GLN E 103 8.65 76.36 26.44
C GLN E 103 7.16 76.11 26.21
N ALA E 104 6.68 76.47 25.01
CA ALA E 104 5.29 76.26 24.63
C ALA E 104 4.92 74.79 24.74
N GLU E 105 5.95 73.98 24.99
CA GLU E 105 5.81 72.54 25.12
C GLU E 105 6.53 71.96 26.36
N ILE E 106 7.75 72.42 26.63
CA ILE E 106 8.54 71.95 27.77
C ILE E 106 7.81 71.86 29.12
N ASN E 107 6.98 72.85 29.42
CA ASN E 107 6.24 72.83 30.68
C ASN E 107 5.05 71.88 30.56
N GLN E 108 4.34 71.96 29.44
CA GLN E 108 3.19 71.12 29.17
C GLN E 108 3.49 69.65 29.45
N GLU E 109 4.70 69.22 29.11
CA GLU E 109 5.14 67.84 29.31
C GLU E 109 5.65 67.55 30.72
N ALA E 110 5.72 68.59 31.55
CA ALA E 110 6.19 68.41 32.93
C ALA E 110 5.01 68.16 33.85
N GLU E 111 3.88 68.78 33.54
CA GLU E 111 2.67 68.63 34.35
C GLU E 111 1.68 67.63 33.79
N VAL E 112 1.94 66.35 34.04
CA VAL E 112 1.06 65.29 33.58
C VAL E 112 1.22 64.14 34.57
N ASP E 113 0.10 63.67 35.12
CA ASP E 113 0.11 62.57 36.09
C ASP E 113 1.22 61.57 35.82
N VAL E 114 2.36 61.77 36.48
CA VAL E 114 3.54 60.92 36.32
C VAL E 114 3.38 59.50 36.89
N SER E 115 2.27 59.24 37.58
CA SER E 115 2.05 57.91 38.16
C SER E 115 1.02 57.08 37.38
N LYS E 116 0.60 57.57 36.23
CA LYS E 116 -0.35 56.81 35.41
C LYS E 116 0.06 56.63 33.94
N LEU E 117 1.34 56.32 33.74
CA LEU E 117 1.91 56.04 32.44
C LEU E 117 1.83 54.54 32.37
N ARG E 118 2.76 53.93 31.69
CA ARG E 118 2.81 52.47 31.63
C ARG E 118 4.23 52.20 32.09
N ASP E 119 5.05 53.23 31.89
CA ASP E 119 6.46 53.26 32.28
C ASP E 119 6.54 54.55 33.09
N PRO E 120 6.35 54.46 34.43
CA PRO E 120 6.39 55.59 35.36
C PRO E 120 7.66 56.44 35.38
N GLN E 121 7.61 57.63 34.76
CA GLN E 121 8.76 58.52 34.71
C GLN E 121 8.42 60.00 34.51
N HIS E 122 9.27 60.85 35.07
CA HIS E 122 9.14 62.30 35.01
C HIS E 122 9.94 62.84 33.83
N ASP E 123 9.46 63.89 33.18
CA ASP E 123 10.17 64.46 32.04
C ASP E 123 11.58 64.96 32.35
N LEU E 124 11.93 64.98 33.64
CA LEU E 124 13.26 65.45 34.08
C LEU E 124 14.35 64.38 34.13
N ASP E 125 13.98 63.12 34.34
CA ASP E 125 14.95 62.03 34.41
C ASP E 125 15.40 61.55 33.03
N ARG E 126 14.80 62.08 31.98
CA ARG E 126 15.12 61.69 30.61
C ARG E 126 15.98 62.70 29.87
N VAL E 127 15.92 63.96 30.32
CA VAL E 127 16.68 65.01 29.66
C VAL E 127 17.66 65.74 30.58
N LYS E 128 18.67 66.37 29.98
CA LYS E 128 19.68 67.13 30.71
C LYS E 128 19.24 68.59 30.66
N LYS E 129 18.92 69.08 29.46
CA LYS E 129 18.42 70.44 29.30
C LYS E 129 17.19 70.34 28.42
N PRO E 130 15.99 70.53 29.01
CA PRO E 130 14.66 70.49 28.42
C PRO E 130 14.45 70.88 26.95
N GLU E 131 15.02 71.99 26.49
CA GLU E 131 14.81 72.39 25.10
C GLU E 131 15.36 71.37 24.10
N TRP E 132 16.01 70.32 24.59
CA TRP E 132 16.56 69.28 23.73
C TRP E 132 16.19 67.86 24.18
N VAL E 133 15.15 67.30 23.57
CA VAL E 133 14.75 65.94 23.89
C VAL E 133 15.41 65.06 22.83
N ILE E 134 16.03 63.97 23.27
CA ILE E 134 16.70 63.06 22.35
C ILE E 134 16.41 61.59 22.65
N LEU E 135 16.09 60.84 21.60
CA LEU E 135 15.75 59.43 21.75
C LEU E 135 15.94 58.60 20.46
N VAL E 136 15.88 57.28 20.60
CA VAL E 136 16.05 56.35 19.47
C VAL E 136 14.69 56.05 18.85
N GLY E 137 14.43 56.68 17.71
CA GLY E 137 13.17 56.51 17.01
C GLY E 137 12.69 55.14 16.63
N VAL E 138 12.35 54.32 17.63
CA VAL E 138 11.87 52.98 17.36
C VAL E 138 10.69 52.66 18.23
N CYS E 139 9.51 52.69 17.64
CA CYS E 139 8.30 52.37 18.38
C CYS E 139 8.59 51.05 19.08
N THR E 140 8.38 51.01 20.38
CA THR E 140 8.63 49.81 21.15
C THR E 140 7.67 48.68 20.79
N HIS E 141 6.55 49.02 20.16
CA HIS E 141 5.56 48.02 19.79
C HIS E 141 6.20 46.98 18.90
N LEU E 142 6.31 47.29 17.62
CA LEU E 142 6.90 46.35 16.68
C LEU E 142 7.94 46.93 15.71
N GLY E 143 8.58 48.03 16.10
CA GLY E 143 9.66 48.60 15.30
C GLY E 143 9.58 49.68 14.24
N CYS E 144 8.41 50.17 13.86
CA CYS E 144 8.35 51.22 12.82
C CYS E 144 8.88 52.54 13.37
N VAL E 145 9.35 53.42 12.48
CA VAL E 145 9.87 54.72 12.92
C VAL E 145 8.70 55.64 13.18
N PRO E 146 8.46 55.96 14.46
CA PRO E 146 7.37 56.86 14.83
C PRO E 146 7.52 58.18 14.07
N ILE E 147 6.42 58.83 13.75
CA ILE E 147 6.48 60.12 13.05
C ILE E 147 6.40 61.27 14.04
N ALA E 148 7.21 62.30 13.80
CA ALA E 148 7.21 63.48 14.66
C ALA E 148 6.29 64.50 14.00
N ASN E 149 5.69 65.36 14.82
CA ASN E 149 4.78 66.39 14.32
C ASN E 149 3.43 65.80 13.89
N SER E 150 2.90 64.92 14.73
CA SER E 150 1.61 64.27 14.51
C SER E 150 1.18 63.57 15.80
N GLY E 151 -0.13 63.34 15.93
CA GLY E 151 -0.64 62.68 17.11
C GLY E 151 -1.50 63.58 17.99
N ASP E 152 -1.88 63.08 19.16
CA ASP E 152 -2.70 63.81 20.11
C ASP E 152 -1.89 64.30 21.30
N PHE E 153 -0.58 64.09 21.28
CA PHE E 153 0.24 64.53 22.39
C PHE E 153 1.45 65.34 21.95
N GLY E 154 1.25 66.10 20.87
CA GLY E 154 2.28 66.97 20.33
C GLY E 154 3.68 66.41 20.17
N GLY E 155 3.82 65.09 20.26
CA GLY E 155 5.13 64.49 20.11
C GLY E 155 5.27 63.59 18.89
N TYR E 156 4.96 62.32 19.08
CA TYR E 156 5.08 61.36 18.00
C TYR E 156 3.85 60.51 17.78
N TYR E 157 3.94 59.68 16.75
CA TYR E 157 2.87 58.77 16.35
C TYR E 157 3.44 57.68 15.44
N CYS E 158 3.10 56.43 15.72
CA CYS E 158 3.58 55.33 14.89
C CYS E 158 2.41 54.78 14.10
N PRO E 159 2.33 55.11 12.80
CA PRO E 159 1.26 54.68 11.90
C PRO E 159 1.01 53.18 11.75
N CYS E 160 1.94 52.35 12.22
CA CYS E 160 1.81 50.90 12.10
C CYS E 160 0.65 50.30 12.90
N HIS E 161 0.47 50.77 14.13
CA HIS E 161 -0.63 50.28 14.95
C HIS E 161 -1.14 51.35 15.90
N GLY E 162 -0.89 52.60 15.52
CA GLY E 162 -1.36 53.74 16.28
C GLY E 162 -0.92 54.00 17.72
N SER E 163 0.39 54.12 17.95
CA SER E 163 0.86 54.42 19.29
C SER E 163 1.20 55.90 19.35
N HIS E 164 0.67 56.58 20.37
CA HIS E 164 0.90 58.01 20.54
C HIS E 164 2.01 58.29 21.56
N TYR E 165 3.02 59.06 21.14
CA TYR E 165 4.13 59.41 22.02
C TYR E 165 4.11 60.91 22.19
N ASP E 166 4.50 61.39 23.37
CA ASP E 166 4.53 62.83 23.63
C ASP E 166 5.88 63.42 23.24
N ALA E 167 6.16 64.64 23.68
CA ALA E 167 7.41 65.32 23.38
C ALA E 167 8.57 64.79 24.21
N SER E 168 8.25 63.91 25.14
CA SER E 168 9.27 63.30 25.99
C SER E 168 9.53 61.91 25.43
N GLY E 169 8.80 61.55 24.38
CA GLY E 169 8.96 60.24 23.77
C GLY E 169 8.31 59.16 24.62
N ARG E 170 7.62 59.58 25.65
CA ARG E 170 6.96 58.67 26.56
C ARG E 170 5.69 58.15 25.86
N ILE E 171 5.39 56.88 26.06
CA ILE E 171 4.21 56.28 25.45
C ILE E 171 2.96 56.69 26.23
N ARG E 172 1.98 57.25 25.52
CA ARG E 172 0.76 57.72 26.15
C ARG E 172 -0.51 56.98 25.74
N LYS E 173 -0.62 56.60 24.47
CA LYS E 173 -1.80 55.90 23.99
C LYS E 173 -1.45 54.91 22.87
N GLY E 174 -2.25 53.85 22.75
CA GLY E 174 -2.02 52.84 21.72
C GLY E 174 -1.60 51.47 22.26
N PRO E 175 -1.24 50.53 21.36
CA PRO E 175 -0.81 49.21 21.81
C PRO E 175 0.58 49.24 22.43
N ALA E 176 1.41 50.19 22.00
CA ALA E 176 2.79 50.31 22.51
C ALA E 176 2.79 50.09 24.02
N PRO E 177 3.85 49.49 24.56
CA PRO E 177 3.86 49.29 26.01
C PRO E 177 4.91 50.03 26.82
N TYR E 178 6.08 50.31 26.24
CA TYR E 178 7.13 51.01 26.98
C TYR E 178 7.54 52.31 26.32
N ASN E 179 8.13 53.22 27.09
CA ASN E 179 8.55 54.51 26.57
C ASN E 179 9.79 54.39 25.71
N LEU E 180 9.89 55.26 24.69
CA LEU E 180 11.03 55.26 23.77
C LEU E 180 12.36 55.18 24.52
N GLU E 181 13.25 54.31 24.05
CA GLU E 181 14.56 54.14 24.67
C GLU E 181 15.27 55.47 24.56
N VAL E 182 16.16 55.75 25.50
CA VAL E 182 16.88 57.01 25.46
C VAL E 182 18.35 56.67 25.50
N PRO E 183 19.13 57.30 24.61
CA PRO E 183 20.57 57.04 24.58
C PRO E 183 21.29 57.77 25.72
N THR E 184 22.39 57.18 26.23
CA THR E 184 23.16 57.85 27.26
C THR E 184 24.05 58.85 26.50
N TYR E 185 23.73 60.14 26.61
CA TYR E 185 24.47 61.19 25.91
C TYR E 185 24.92 62.37 26.79
N GLN E 186 25.60 63.33 26.17
CA GLN E 186 26.11 64.52 26.88
C GLN E 186 26.31 65.76 26.01
N PHE E 187 26.25 66.94 26.63
CA PHE E 187 26.45 68.21 25.94
C PHE E 187 27.94 68.62 26.05
N VAL E 188 28.42 69.43 25.11
CA VAL E 188 29.83 69.89 25.11
C VAL E 188 30.02 71.41 25.08
N GLY E 189 29.39 72.09 24.12
CA GLY E 189 29.55 73.53 24.02
C GLY E 189 28.25 74.32 23.87
N ASP E 190 28.36 75.54 23.34
CA ASP E 190 27.20 76.40 23.14
C ASP E 190 26.15 75.73 22.28
N ASP E 191 26.53 75.40 21.06
CA ASP E 191 25.63 74.77 20.09
C ASP E 191 26.17 73.45 19.53
N LEU E 192 26.62 72.57 20.43
CA LEU E 192 27.17 71.27 20.03
C LEU E 192 26.70 70.18 21.00
N VAL E 193 26.95 68.92 20.67
CA VAL E 193 26.57 67.79 21.52
C VAL E 193 26.97 66.45 20.86
N VAL E 194 27.33 65.47 21.69
CA VAL E 194 27.76 64.18 21.17
C VAL E 194 27.45 62.97 22.06
N VAL E 195 27.20 61.84 21.44
CA VAL E 195 26.89 60.60 22.15
C VAL E 195 27.92 59.53 21.78
N GLY E 196 28.04 58.52 22.63
CA GLY E 196 29.00 57.46 22.36
C GLY E 196 28.83 56.23 23.24
N GLY F 10 41.86 -36.20 -24.39
CA GLY F 10 42.32 -36.78 -23.07
C GLY F 10 41.48 -36.32 -21.89
N ARG F 11 41.90 -36.63 -20.66
CA ARG F 11 41.09 -36.20 -19.52
C ARG F 11 41.12 -34.71 -19.25
N LEU F 12 41.32 -33.89 -20.28
CA LEU F 12 41.41 -32.45 -20.08
C LEU F 12 40.16 -31.78 -19.58
N MET F 13 39.09 -31.84 -20.36
CA MET F 13 37.87 -31.20 -19.89
C MET F 13 37.67 -31.59 -18.46
N ASP F 14 37.56 -32.88 -18.20
CA ASP F 14 37.35 -33.33 -16.83
C ASP F 14 38.34 -32.72 -15.86
N ARG F 15 39.63 -32.75 -16.20
CA ARG F 15 40.61 -32.16 -15.32
C ARG F 15 40.16 -30.72 -15.01
N ILE F 16 39.85 -29.96 -16.06
CA ILE F 16 39.42 -28.56 -15.93
C ILE F 16 38.19 -28.37 -15.07
N ARG F 17 37.06 -28.87 -15.55
CA ARG F 17 35.82 -28.76 -14.80
C ARG F 17 36.03 -28.96 -13.32
N LYS F 18 36.65 -30.08 -12.95
CA LYS F 18 36.88 -30.39 -11.54
C LYS F 18 37.57 -29.23 -10.86
N TRP F 19 38.63 -28.73 -11.48
CA TRP F 19 39.33 -27.60 -10.89
C TRP F 19 38.34 -26.46 -10.63
N TYR F 20 37.83 -25.87 -11.70
CA TYR F 20 36.90 -24.76 -11.58
C TYR F 20 35.92 -25.02 -10.46
N TYR F 21 35.42 -26.24 -10.39
CA TYR F 21 34.47 -26.58 -9.36
C TYR F 21 35.00 -26.26 -7.96
N ASN F 22 36.22 -26.72 -7.68
CA ASN F 22 36.84 -26.48 -6.38
C ASN F 22 37.18 -25.01 -6.30
N ALA F 23 37.33 -24.40 -7.46
CA ALA F 23 37.66 -23.00 -7.55
C ALA F 23 36.50 -22.12 -7.07
N ALA F 24 35.33 -22.31 -7.68
CA ALA F 24 34.15 -21.52 -7.31
C ALA F 24 33.93 -21.66 -5.81
N GLY F 25 34.16 -22.87 -5.32
CA GLY F 25 34.05 -23.15 -3.90
C GLY F 25 32.70 -23.05 -3.19
N PHE F 26 31.61 -23.25 -3.91
CA PHE F 26 30.33 -23.18 -3.25
C PHE F 26 30.16 -24.42 -2.39
N ASN F 27 31.07 -25.37 -2.57
CA ASN F 27 31.05 -26.58 -1.81
C ASN F 27 31.41 -26.22 -0.38
N LYS F 28 32.35 -25.31 -0.22
CA LYS F 28 32.74 -24.95 1.12
C LYS F 28 31.54 -24.62 1.98
N TYR F 29 30.42 -24.25 1.35
CA TYR F 29 29.22 -23.92 2.10
C TYR F 29 28.23 -25.05 2.17
N GLY F 30 28.56 -26.18 1.56
CA GLY F 30 27.66 -27.33 1.60
C GLY F 30 26.65 -27.31 0.49
N LEU F 31 26.76 -26.29 -0.35
CA LEU F 31 25.84 -26.10 -1.47
C LEU F 31 26.18 -26.92 -2.72
N MET F 32 25.20 -27.64 -3.25
CA MET F 32 25.38 -28.41 -4.47
C MET F 32 25.40 -27.44 -5.62
N ARG F 33 26.01 -27.85 -6.72
CA ARG F 33 26.08 -27.02 -7.90
C ARG F 33 24.76 -26.29 -8.11
N ASP F 34 23.66 -27.01 -8.16
CA ASP F 34 22.36 -26.39 -8.42
C ASP F 34 21.71 -25.66 -7.28
N ASP F 35 22.43 -25.47 -6.19
CA ASP F 35 21.81 -24.75 -5.11
C ASP F 35 22.07 -23.28 -5.40
N THR F 36 23.22 -23.03 -5.98
CA THR F 36 23.62 -21.67 -6.28
C THR F 36 23.04 -21.07 -7.55
N LEU F 37 22.12 -21.77 -8.19
CA LEU F 37 21.52 -21.27 -9.42
C LEU F 37 20.68 -20.02 -9.18
N TYR F 38 20.81 -19.02 -10.04
CA TYR F 38 20.02 -17.81 -9.85
C TYR F 38 18.61 -18.19 -10.23
N GLU F 39 17.62 -17.77 -9.45
CA GLU F 39 16.22 -18.12 -9.72
C GLU F 39 15.39 -17.30 -10.73
N ASP F 40 15.58 -17.52 -12.03
CA ASP F 40 14.79 -16.79 -13.01
C ASP F 40 13.45 -17.51 -13.06
N ASP F 41 12.65 -17.25 -14.10
CA ASP F 41 11.30 -17.85 -14.24
C ASP F 41 11.29 -19.38 -14.42
N ASP F 42 12.23 -19.87 -15.23
CA ASP F 42 12.35 -21.30 -15.51
C ASP F 42 12.74 -22.06 -14.26
N VAL F 43 13.78 -21.58 -13.61
CA VAL F 43 14.19 -22.23 -12.42
C VAL F 43 13.01 -22.22 -11.47
N LYS F 44 12.45 -21.05 -11.16
CA LYS F 44 11.29 -20.99 -10.25
C LYS F 44 10.39 -22.15 -10.54
N GLU F 45 9.93 -22.22 -11.80
CA GLU F 45 9.04 -23.30 -12.24
C GLU F 45 9.58 -24.67 -11.87
N ALA F 46 10.82 -24.93 -12.25
CA ALA F 46 11.41 -26.24 -11.94
C ALA F 46 11.34 -26.55 -10.44
N LEU F 47 11.89 -25.67 -9.62
CA LEU F 47 11.87 -25.88 -8.18
C LEU F 47 10.52 -26.33 -7.65
N LYS F 48 9.43 -25.83 -8.25
CA LYS F 48 8.06 -26.19 -7.82
C LYS F 48 7.75 -27.64 -8.17
N ARG F 49 8.41 -28.15 -9.20
CA ARG F 49 8.18 -29.51 -9.63
C ARG F 49 9.00 -30.51 -8.82
N LEU F 50 9.86 -30.01 -7.95
CA LEU F 50 10.70 -30.89 -7.12
C LEU F 50 9.89 -31.72 -6.16
N PRO F 51 10.27 -32.99 -6.01
CA PRO F 51 9.61 -33.92 -5.11
C PRO F 51 9.70 -33.42 -3.67
N LYS F 52 8.57 -33.42 -2.96
CA LYS F 52 8.51 -32.94 -1.60
C LYS F 52 9.87 -32.88 -0.90
N ASP F 53 10.47 -34.03 -0.63
CA ASP F 53 11.74 -34.03 0.05
C ASP F 53 12.90 -33.31 -0.64
N LEU F 54 13.27 -33.69 -1.85
CA LEU F 54 14.39 -33.01 -2.50
C LEU F 54 14.36 -31.50 -2.30
N TYR F 55 13.16 -30.93 -2.17
CA TYR F 55 13.00 -29.51 -1.97
C TYR F 55 13.30 -29.15 -0.53
N ASN F 56 12.69 -29.87 0.40
CA ASN F 56 12.93 -29.59 1.81
C ASN F 56 14.39 -29.68 2.19
N GLU F 57 15.11 -30.50 1.45
CA GLU F 57 16.53 -30.71 1.64
C GLU F 57 17.32 -29.51 1.05
N ARG F 58 16.99 -29.14 -0.19
CA ARG F 58 17.64 -28.00 -0.82
C ARG F 58 17.46 -26.85 0.13
N MET F 59 16.24 -26.67 0.62
CA MET F 59 15.94 -25.62 1.56
C MET F 59 16.98 -25.55 2.68
N PHE F 60 16.99 -26.55 3.55
CA PHE F 60 17.95 -26.59 4.66
C PHE F 60 19.32 -26.11 4.24
N ARG F 61 19.93 -26.83 3.29
CA ARG F 61 21.26 -26.49 2.76
C ARG F 61 21.56 -24.99 2.58
N ILE F 62 20.55 -24.28 2.09
CA ILE F 62 20.64 -22.86 1.84
C ILE F 62 20.47 -22.09 3.13
N LYS F 63 19.40 -22.39 3.85
CA LYS F 63 19.18 -21.68 5.10
C LYS F 63 20.38 -21.94 5.97
N ARG F 64 21.16 -22.97 5.67
CA ARG F 64 22.35 -23.27 6.46
C ARG F 64 23.56 -22.52 5.93
N ALA F 65 23.62 -22.40 4.61
CA ALA F 65 24.71 -21.66 3.99
C ALA F 65 24.55 -20.18 4.37
N LEU F 66 23.30 -19.70 4.38
CA LEU F 66 23.01 -18.31 4.73
C LEU F 66 23.46 -18.03 6.14
N ASP F 67 23.18 -18.98 7.02
CA ASP F 67 23.56 -18.83 8.40
C ASP F 67 25.06 -18.71 8.46
N LEU F 68 25.78 -19.45 7.61
CA LEU F 68 27.24 -19.37 7.58
C LEU F 68 27.67 -17.98 7.14
N SER F 69 27.37 -17.61 5.91
CA SER F 69 27.71 -16.29 5.38
C SER F 69 27.49 -15.15 6.38
N LEU F 70 26.53 -15.34 7.28
CA LEU F 70 26.19 -14.35 8.29
C LEU F 70 27.18 -14.41 9.43
N LYS F 71 27.66 -15.61 9.72
CA LYS F 71 28.62 -15.80 10.77
C LYS F 71 30.04 -15.57 10.22
N HIS F 72 30.16 -15.61 8.89
CA HIS F 72 31.43 -15.42 8.21
C HIS F 72 32.28 -16.68 8.17
N ARG F 73 31.70 -17.81 8.54
CA ARG F 73 32.44 -19.06 8.54
C ARG F 73 32.00 -20.04 7.46
N ILE F 74 32.76 -21.10 7.29
CA ILE F 74 32.45 -22.14 6.30
C ILE F 74 32.33 -23.50 7.00
N LEU F 75 32.25 -24.57 6.24
CA LEU F 75 32.15 -25.89 6.83
C LEU F 75 33.54 -26.50 7.06
N PRO F 76 33.70 -27.36 8.08
CA PRO F 76 35.00 -27.96 8.32
C PRO F 76 35.31 -28.78 7.08
N LYS F 77 36.57 -28.85 6.68
CA LYS F 77 36.99 -29.59 5.46
C LYS F 77 36.25 -30.88 5.09
N GLU F 78 36.00 -31.69 6.11
CA GLU F 78 35.35 -33.01 5.97
C GLU F 78 33.85 -33.02 5.61
N GLN F 79 33.20 -31.86 5.56
CA GLN F 79 31.78 -31.82 5.22
C GLN F 79 31.53 -31.15 3.90
N TRP F 80 32.59 -30.75 3.21
CA TRP F 80 32.44 -30.10 1.92
C TRP F 80 31.97 -31.07 0.86
N VAL F 81 31.29 -30.54 -0.16
CA VAL F 81 30.82 -31.37 -1.27
C VAL F 81 32.01 -31.69 -2.14
N LYS F 82 32.05 -32.89 -2.68
CA LYS F 82 33.15 -33.26 -3.54
C LYS F 82 32.68 -33.35 -5.00
N TYR F 83 33.41 -32.69 -5.90
CA TYR F 83 33.06 -32.67 -7.31
C TYR F 83 32.29 -33.86 -7.86
N GLU F 84 32.69 -35.07 -7.49
CA GLU F 84 32.01 -36.23 -8.04
C GLU F 84 30.78 -36.68 -7.27
N GLU F 85 30.62 -36.20 -6.05
CA GLU F 85 29.48 -36.59 -5.25
C GLU F 85 28.41 -35.51 -5.33
N ASP F 86 28.59 -34.55 -6.24
CA ASP F 86 27.61 -33.47 -6.38
C ASP F 86 26.41 -33.93 -7.18
N LYS F 87 25.23 -33.93 -6.55
CA LYS F 87 24.04 -34.38 -7.24
C LYS F 87 23.28 -33.27 -7.95
N PRO F 88 23.20 -33.33 -9.31
CA PRO F 88 22.47 -32.32 -10.08
C PRO F 88 21.00 -32.69 -9.99
N TYR F 89 20.40 -32.38 -8.85
CA TYR F 89 19.03 -32.71 -8.61
C TYR F 89 18.06 -31.90 -9.43
N LEU F 90 18.50 -30.81 -10.04
CA LEU F 90 17.56 -29.98 -10.78
C LEU F 90 17.74 -29.95 -12.28
N GLU F 91 18.99 -30.03 -12.73
CA GLU F 91 19.31 -29.96 -14.14
C GLU F 91 18.28 -30.67 -15.04
N PRO F 92 17.80 -31.87 -14.64
CA PRO F 92 16.83 -32.52 -15.53
C PRO F 92 15.47 -31.80 -15.59
N TYR F 93 14.92 -31.43 -14.42
CA TYR F 93 13.62 -30.75 -14.34
C TYR F 93 13.68 -29.44 -15.09
N LEU F 94 14.80 -28.74 -14.96
CA LEU F 94 14.97 -27.48 -15.66
C LEU F 94 14.95 -27.65 -17.18
N LYS F 95 15.84 -28.48 -17.72
CA LYS F 95 15.91 -28.69 -19.18
C LYS F 95 14.55 -28.99 -19.80
N GLU F 96 13.66 -29.57 -18.98
CA GLU F 96 12.31 -29.90 -19.40
C GLU F 96 11.47 -28.64 -19.42
N VAL F 97 11.57 -27.85 -18.37
CA VAL F 97 10.83 -26.61 -18.32
C VAL F 97 11.26 -25.85 -19.57
N ILE F 98 12.56 -25.65 -19.72
CA ILE F 98 13.07 -24.94 -20.88
C ILE F 98 12.66 -25.59 -22.21
N ARG F 99 12.75 -26.91 -22.32
CA ARG F 99 12.36 -27.55 -23.57
C ARG F 99 10.87 -27.30 -23.80
N GLU F 100 10.09 -27.28 -22.73
CA GLU F 100 8.66 -27.05 -22.82
C GLU F 100 8.39 -25.65 -23.29
N ARG F 101 9.03 -24.68 -22.66
CA ARG F 101 8.84 -23.28 -23.02
C ARG F 101 9.25 -23.06 -24.48
N LEU F 102 10.46 -23.47 -24.86
CA LEU F 102 10.93 -23.31 -26.23
C LEU F 102 9.87 -23.62 -27.28
N GLU F 103 9.01 -24.60 -26.95
CA GLU F 103 7.93 -25.02 -27.83
C GLU F 103 6.87 -23.93 -27.89
N ARG F 104 6.17 -23.71 -26.78
CA ARG F 104 5.14 -22.67 -26.75
C ARG F 104 5.55 -21.46 -27.57
N GLU F 105 6.80 -21.04 -27.40
CA GLU F 105 7.33 -19.88 -28.11
C GLU F 105 7.42 -20.00 -29.63
N ALA F 106 7.96 -21.09 -30.14
CA ALA F 106 8.09 -21.26 -31.59
C ALA F 106 6.75 -21.60 -32.22
N TRP F 107 5.84 -22.12 -31.41
CA TRP F 107 4.52 -22.51 -31.89
C TRP F 107 3.62 -21.28 -32.10
N ASN F 108 3.91 -20.19 -31.43
CA ASN F 108 3.10 -18.96 -31.58
C ASN F 108 3.47 -18.09 -32.79
N LYS F 109 3.60 -18.74 -33.94
CA LYS F 109 3.93 -18.11 -35.22
C LYS F 109 3.16 -18.76 -36.39
N GLY G 1 1.98 -4.12 3.06
CA GLY G 1 3.41 -3.89 3.41
C GLY G 1 4.04 -5.02 4.22
N ILE G 2 3.22 -6.00 4.62
CA ILE G 2 3.68 -7.16 5.40
C ILE G 2 4.34 -8.26 4.56
N HIS G 3 5.59 -8.58 4.92
CA HIS G 3 6.34 -9.61 4.22
C HIS G 3 6.59 -10.83 5.11
N PHE G 4 6.51 -10.64 6.44
CA PHE G 4 6.75 -11.75 7.36
C PHE G 4 5.57 -12.70 7.57
N GLY G 5 5.69 -13.88 6.94
CA GLY G 5 4.67 -14.91 6.99
C GLY G 5 4.39 -15.48 5.62
N ASN G 6 4.48 -14.63 4.59
CA ASN G 6 4.24 -15.01 3.19
C ASN G 6 5.50 -15.37 2.40
N LEU G 7 6.66 -15.29 3.07
CA LEU G 7 7.96 -15.57 2.45
C LEU G 7 8.09 -16.90 1.72
N ALA G 8 8.53 -17.97 2.39
CA ALA G 8 8.64 -19.27 1.72
C ALA G 8 8.19 -20.41 2.62
N ARG G 9 8.07 -21.60 2.05
CA ARG G 9 7.62 -22.78 2.79
C ARG G 9 8.81 -23.62 3.23
N VAL G 10 9.00 -23.70 4.53
CA VAL G 10 10.12 -24.43 5.11
C VAL G 10 9.67 -25.58 5.97
N ARG G 11 10.32 -26.73 5.87
CA ARG G 11 9.89 -27.84 6.71
C ARG G 11 11.02 -28.59 7.39
N HIS G 12 10.80 -28.88 8.67
CA HIS G 12 11.73 -29.65 9.51
C HIS G 12 13.04 -29.00 9.88
N ILE G 13 13.01 -27.79 10.37
CA ILE G 13 14.27 -27.18 10.71
C ILE G 13 14.15 -26.64 12.13
N ILE G 14 15.08 -27.08 12.97
CA ILE G 14 15.11 -26.68 14.36
C ILE G 14 16.24 -25.72 14.56
N THR G 15 16.01 -24.66 15.30
CA THR G 15 17.09 -23.71 15.56
C THR G 15 17.06 -23.35 17.02
N TYR G 16 18.24 -23.27 17.62
CA TYR G 16 18.34 -22.92 19.02
C TYR G 16 19.35 -21.79 19.12
N SER G 17 19.03 -20.79 19.94
CA SER G 17 19.91 -19.63 20.11
C SER G 17 19.72 -19.14 21.52
N LEU G 18 20.68 -18.36 22.04
CA LEU G 18 20.57 -17.87 23.43
C LEU G 18 20.52 -16.37 23.58
N SER G 19 19.80 -15.94 24.61
CA SER G 19 19.66 -14.52 24.91
C SER G 19 21.04 -13.89 24.87
N PRO G 20 21.10 -12.61 24.48
CA PRO G 20 22.37 -11.89 24.39
C PRO G 20 23.03 -11.83 25.75
N PHE G 21 22.20 -11.62 26.75
CA PHE G 21 22.65 -11.51 28.10
C PHE G 21 23.25 -12.82 28.62
N GLU G 22 22.95 -13.95 27.97
CA GLU G 22 23.48 -15.24 28.42
C GLU G 22 24.81 -15.58 27.75
N GLN G 23 25.10 -14.94 26.61
CA GLN G 23 26.34 -15.23 25.92
C GLN G 23 27.29 -14.05 25.83
N ARG G 24 28.54 -14.37 25.49
CA ARG G 24 29.67 -13.43 25.41
C ARG G 24 29.71 -12.42 24.28
N ALA G 25 29.98 -11.17 24.66
CA ALA G 25 30.12 -10.03 23.74
C ALA G 25 30.74 -10.48 22.41
N ILE G 26 32.03 -10.78 22.46
CA ILE G 26 32.81 -11.28 21.32
C ILE G 26 33.63 -12.43 21.90
N PRO G 27 33.38 -13.65 21.48
CA PRO G 27 34.12 -14.80 21.98
C PRO G 27 35.16 -15.47 21.10
N ASN G 28 36.13 -16.12 21.76
CA ASN G 28 37.20 -16.86 21.10
C ASN G 28 37.99 -15.99 20.13
N ILE G 29 38.32 -14.78 20.56
CA ILE G 29 39.06 -13.89 19.71
C ILE G 29 40.30 -14.56 19.15
N PHE G 30 40.79 -15.58 19.83
CA PHE G 30 42.00 -16.23 19.35
C PHE G 30 41.83 -17.66 18.87
N SER G 31 40.96 -18.40 19.53
CA SER G 31 40.76 -19.79 19.15
C SER G 31 39.85 -19.95 17.95
N ASP G 32 39.19 -18.85 17.57
CA ASP G 32 38.22 -18.86 16.45
C ASP G 32 38.17 -17.57 15.60
N ALA G 33 38.12 -16.42 16.26
CA ALA G 33 38.04 -15.15 15.54
C ALA G 33 39.18 -14.95 14.55
N LEU G 34 40.34 -14.57 15.07
CA LEU G 34 41.51 -14.33 14.24
C LEU G 34 41.80 -15.40 13.20
N PRO G 35 42.04 -16.64 13.63
CA PRO G 35 42.32 -17.72 12.69
C PRO G 35 41.41 -17.78 11.44
N ASN G 36 40.25 -17.10 11.51
CA ASN G 36 39.31 -17.06 10.38
C ASN G 36 39.51 -15.75 9.65
N VAL G 37 39.78 -14.71 10.39
CA VAL G 37 40.04 -13.44 9.76
C VAL G 37 41.18 -13.70 8.79
N TRP G 38 42.11 -14.55 9.20
CA TRP G 38 43.23 -14.86 8.32
C TRP G 38 42.74 -15.65 7.10
N ARG G 39 42.18 -16.83 7.31
CA ARG G 39 41.70 -17.64 6.20
C ARG G 39 41.21 -16.77 5.07
N ARG G 40 40.28 -15.89 5.42
CA ARG G 40 39.67 -14.99 4.47
C ARG G 40 40.72 -14.21 3.70
N PHE G 41 41.56 -13.49 4.43
CA PHE G 41 42.62 -12.73 3.82
C PHE G 41 43.37 -13.63 2.87
N SER G 42 43.78 -14.81 3.35
CA SER G 42 44.53 -15.76 2.51
C SER G 42 43.89 -16.09 1.17
N SER G 43 42.68 -16.61 1.23
CA SER G 43 41.96 -16.98 0.02
C SER G 43 41.70 -15.86 -0.98
N GLN G 44 41.58 -14.62 -0.50
CA GLN G 44 41.28 -13.49 -1.38
C GLN G 44 42.44 -12.65 -1.93
N VAL G 45 43.55 -12.60 -1.21
CA VAL G 45 44.68 -11.80 -1.67
C VAL G 45 45.19 -12.20 -3.07
N PHE G 46 44.95 -13.43 -3.49
CA PHE G 46 45.45 -13.83 -4.78
C PHE G 46 44.60 -13.44 -5.96
N LYS G 47 43.45 -12.83 -5.69
CA LYS G 47 42.55 -12.40 -6.76
C LYS G 47 42.61 -10.90 -6.84
N VAL G 48 42.70 -10.29 -5.66
CA VAL G 48 42.75 -8.84 -5.51
C VAL G 48 44.11 -8.18 -5.81
N ALA G 49 45.10 -8.45 -4.95
CA ALA G 49 46.44 -7.89 -5.10
C ALA G 49 46.98 -7.87 -6.55
N PRO G 50 47.14 -9.04 -7.17
CA PRO G 50 47.66 -9.06 -8.54
C PRO G 50 47.40 -7.79 -9.32
N PRO G 51 46.17 -7.59 -9.81
CA PRO G 51 45.95 -6.35 -10.57
C PRO G 51 46.33 -5.03 -9.85
N PHE G 52 46.16 -4.95 -8.54
CA PHE G 52 46.54 -3.71 -7.91
C PHE G 52 48.02 -3.55 -8.08
N LEU G 53 48.75 -4.59 -7.73
CA LEU G 53 50.21 -4.55 -7.84
C LEU G 53 50.50 -4.16 -9.28
N GLY G 54 49.81 -4.80 -10.21
CA GLY G 54 49.96 -4.50 -11.62
C GLY G 54 49.86 -3.01 -11.87
N ALA G 55 48.94 -2.34 -11.18
CA ALA G 55 48.76 -0.89 -11.35
C ALA G 55 49.96 -0.15 -10.82
N TYR G 56 50.26 -0.40 -9.55
CA TYR G 56 51.40 0.22 -8.89
C TYR G 56 52.60 0.29 -9.83
N LEU G 57 52.97 -0.85 -10.39
CA LEU G 57 54.10 -0.91 -11.30
C LEU G 57 53.88 0.15 -12.35
N LEU G 58 52.90 -0.07 -13.21
CA LEU G 58 52.60 0.89 -14.26
C LEU G 58 52.66 2.36 -13.81
N TYR G 59 52.15 2.66 -12.62
CA TYR G 59 52.17 4.05 -12.13
C TYR G 59 53.61 4.54 -12.04
N SER G 60 54.44 3.78 -11.35
CA SER G 60 55.85 4.12 -11.18
C SER G 60 56.55 4.24 -12.52
N TRP G 61 56.39 3.23 -13.36
CA TRP G 61 57.05 3.32 -14.64
C TRP G 61 56.66 4.63 -15.26
N GLY G 62 55.39 4.77 -15.57
CA GLY G 62 54.91 5.99 -16.19
C GLY G 62 55.49 7.23 -15.55
N THR G 63 55.52 7.26 -14.23
CA THR G 63 56.05 8.40 -13.53
C THR G 63 57.56 8.50 -13.74
N GLN G 64 58.29 7.44 -13.41
CA GLN G 64 59.74 7.42 -13.56
C GLN G 64 60.21 7.76 -14.97
N GLU G 65 59.50 7.26 -15.97
CA GLU G 65 59.85 7.51 -17.36
C GLU G 65 59.59 8.96 -17.72
N PHE G 66 58.64 9.57 -17.05
CA PHE G 66 58.31 10.96 -17.34
C PHE G 66 59.39 11.87 -16.78
N GLU G 67 59.77 11.62 -15.52
CA GLU G 67 60.79 12.43 -14.85
C GLU G 67 62.13 12.28 -15.52
N ARG G 68 62.31 11.14 -16.17
CA ARG G 68 63.53 10.82 -16.89
C ARG G 68 63.59 11.65 -18.17
N LEU G 69 62.47 11.73 -18.87
CA LEU G 69 62.41 12.49 -20.11
C LEU G 69 62.55 13.99 -19.90
N LYS G 70 62.60 14.40 -18.64
CA LYS G 70 62.75 15.82 -18.32
C LYS G 70 64.23 16.19 -18.23
N ARG G 71 65.07 15.24 -17.85
CA ARG G 71 66.50 15.47 -17.73
C ARG G 71 67.10 15.71 -19.11
N LYS G 72 68.33 16.22 -19.16
CA LYS G 72 68.96 16.47 -20.45
C LYS G 72 70.00 15.44 -20.87
N ASN G 73 69.99 15.14 -22.17
CA ASN G 73 70.88 14.16 -22.79
C ASN G 73 72.09 14.84 -23.41
N PRO G 74 73.26 14.67 -22.78
CA PRO G 74 74.51 15.28 -23.27
C PRO G 74 74.79 15.18 -24.76
N ALA G 75 74.44 14.06 -25.36
CA ALA G 75 74.70 13.83 -26.78
C ALA G 75 74.15 14.90 -27.73
N ASP G 76 73.43 15.87 -27.19
CA ASP G 76 72.89 16.94 -28.04
C ASP G 76 73.78 18.17 -27.90
N TYR G 77 74.59 18.20 -26.85
CA TYR G 77 75.48 19.32 -26.54
C TYR G 77 76.97 19.00 -26.64
N GLU G 78 77.34 17.78 -26.99
CA GLU G 78 78.76 17.44 -27.11
C GLU G 78 79.25 17.82 -28.50
N ASN G 79 78.38 18.52 -29.23
CA ASN G 79 78.69 18.99 -30.56
C ASN G 79 78.86 20.49 -30.49
N ASP G 80 78.17 21.09 -29.53
CA ASP G 80 78.20 22.54 -29.31
C ASP G 80 79.60 23.15 -29.05
N GLN G 81 79.73 24.45 -29.33
CA GLN G 81 80.96 25.20 -29.15
C GLN G 81 80.73 26.72 -29.09
CA GLU H 8 83.95 42.54 19.28
C GLU H 8 83.43 41.22 19.86
N GLU H 9 82.13 41.17 20.15
CA GLU H 9 81.45 39.99 20.71
C GLU H 9 80.08 39.73 20.00
N GLU H 10 79.28 40.79 19.89
CA GLU H 10 77.96 40.74 19.25
C GLU H 10 78.02 41.17 17.78
N GLU H 11 77.90 40.20 16.87
CA GLU H 11 77.90 40.48 15.44
C GLU H 11 76.72 39.70 14.85
N LEU H 12 75.81 40.39 14.18
CA LEU H 12 74.61 39.77 13.62
C LEU H 12 74.81 38.95 12.36
N VAL H 13 74.61 37.65 12.47
CA VAL H 13 74.73 36.76 11.33
C VAL H 13 73.43 35.95 11.23
N ASP H 14 72.87 35.92 10.03
CA ASP H 14 71.63 35.21 9.74
C ASP H 14 71.86 33.70 9.76
N PRO H 15 71.47 33.01 10.85
CA PRO H 15 71.68 31.57 10.93
C PRO H 15 71.54 30.84 9.61
N LEU H 16 70.81 31.44 8.68
CA LEU H 16 70.64 30.84 7.38
C LEU H 16 71.97 30.67 6.65
N THR H 17 72.63 31.78 6.36
CA THR H 17 73.91 31.76 5.65
C THR H 17 75.02 30.97 6.35
N THR H 18 74.85 30.76 7.64
CA THR H 18 75.80 30.01 8.44
C THR H 18 75.60 28.52 8.18
N ILE H 19 74.36 28.09 8.10
CA ILE H 19 74.05 26.69 7.86
C ILE H 19 74.06 26.35 6.39
N ARG H 20 73.88 27.36 5.55
CA ARG H 20 73.91 27.16 4.12
C ARG H 20 75.33 26.80 3.80
N GLU H 21 76.24 27.28 4.64
CA GLU H 21 77.66 26.98 4.49
C GLU H 21 77.84 25.52 4.86
N HIS H 22 77.69 25.23 6.15
CA HIS H 22 77.81 23.90 6.71
C HIS H 22 77.30 22.79 5.79
N CYS H 23 76.06 22.92 5.30
CA CYS H 23 75.48 21.90 4.43
C CYS H 23 76.24 21.69 3.14
N GLU H 24 76.69 22.77 2.53
CA GLU H 24 77.41 22.66 1.27
C GLU H 24 78.60 21.74 1.38
N GLN H 25 78.81 21.17 2.57
CA GLN H 25 79.90 20.26 2.80
C GLN H 25 79.45 18.82 2.71
N THR H 26 78.17 18.57 2.98
CA THR H 26 77.65 17.21 2.90
C THR H 26 78.03 16.67 1.54
N GLU H 27 78.33 15.37 1.49
CA GLU H 27 78.71 14.78 0.22
C GLU H 27 77.71 15.12 -0.89
N LYS H 28 76.45 14.72 -0.68
CA LYS H 28 75.41 14.99 -1.67
C LYS H 28 75.61 16.33 -2.34
N CYS H 29 75.78 17.36 -1.52
CA CYS H 29 75.96 18.72 -2.01
C CYS H 29 77.17 18.85 -2.92
N VAL H 30 78.34 18.53 -2.40
CA VAL H 30 79.55 18.65 -3.18
C VAL H 30 79.44 17.89 -4.48
N LYS H 31 78.99 16.64 -4.38
CA LYS H 31 78.85 15.83 -5.57
C LYS H 31 78.10 16.59 -6.64
N ALA H 32 77.01 17.23 -6.24
CA ALA H 32 76.20 17.99 -7.19
C ALA H 32 76.84 19.32 -7.48
N ARG H 33 77.42 19.91 -6.45
CA ARG H 33 78.09 21.20 -6.58
C ARG H 33 79.15 21.08 -7.67
N GLU H 34 79.87 19.96 -7.68
CA GLU H 34 80.91 19.75 -8.68
C GLU H 34 80.32 19.59 -10.07
N ARG H 35 79.28 18.77 -10.20
CA ARG H 35 78.63 18.55 -11.49
C ARG H 35 78.12 19.83 -12.14
N LEU H 36 77.93 20.86 -11.31
CA LEU H 36 77.50 22.16 -11.80
C LEU H 36 78.75 22.93 -12.24
N GLU H 37 79.67 23.08 -11.30
CA GLU H 37 80.91 23.79 -11.54
C GLU H 37 81.33 23.46 -12.95
N LEU H 38 81.28 22.17 -13.28
CA LEU H 38 81.67 21.67 -14.58
C LEU H 38 80.72 22.10 -15.71
N CYS H 39 79.43 22.00 -15.47
CA CYS H 39 78.47 22.41 -16.48
C CYS H 39 78.74 23.88 -16.79
N ASP H 40 78.69 24.68 -15.73
CA ASP H 40 78.91 26.12 -15.82
C ASP H 40 80.06 26.42 -16.75
N ALA H 41 81.17 25.73 -16.53
CA ALA H 41 82.38 25.91 -17.32
C ALA H 41 82.17 25.66 -18.80
N ARG H 42 81.89 24.42 -19.16
CA ARG H 42 81.71 24.12 -20.56
C ARG H 42 80.73 25.07 -21.24
N VAL H 43 79.68 25.46 -20.55
CA VAL H 43 78.69 26.35 -21.16
C VAL H 43 79.14 27.80 -21.32
N SER H 44 79.70 28.36 -20.25
CA SER H 44 80.16 29.74 -20.23
C SER H 44 81.23 29.98 -21.29
N SER H 45 82.05 28.94 -21.53
CA SER H 45 83.13 29.01 -22.50
C SER H 45 82.70 28.42 -23.83
N ARG H 46 81.45 28.69 -24.20
CA ARG H 46 80.91 28.23 -25.46
C ARG H 46 80.08 29.37 -26.00
N SER H 47 80.46 29.82 -27.19
CA SER H 47 79.79 30.93 -27.81
C SER H 47 78.44 30.57 -28.40
N HIS H 48 78.29 29.33 -28.85
CA HIS H 48 77.04 28.89 -29.47
C HIS H 48 76.56 27.52 -29.03
N THR H 49 75.92 27.47 -27.86
CA THR H 49 75.40 26.21 -27.31
C THR H 49 74.00 26.52 -26.81
N GLU H 50 73.16 25.49 -26.74
CA GLU H 50 71.80 25.69 -26.28
C GLU H 50 71.62 25.14 -24.86
N GLU H 51 72.71 24.61 -24.31
CA GLU H 51 72.68 24.06 -22.97
C GLU H 51 72.23 25.11 -21.98
N GLN H 52 72.05 24.69 -20.75
CA GLN H 52 71.63 25.57 -19.66
C GLN H 52 71.98 24.72 -18.45
N CYS H 53 72.47 25.34 -17.39
CA CYS H 53 72.84 24.54 -16.22
C CYS H 53 71.80 24.63 -15.12
N THR H 54 70.54 24.80 -15.53
CA THR H 54 69.44 24.88 -14.59
C THR H 54 69.42 23.56 -13.84
N GLU H 55 69.11 22.50 -14.58
CA GLU H 55 69.04 21.16 -14.02
C GLU H 55 70.09 20.99 -12.93
N GLU H 56 71.34 20.97 -13.35
CA GLU H 56 72.48 20.81 -12.45
C GLU H 56 72.32 21.67 -11.21
N LEU H 57 71.90 22.93 -11.42
CA LEU H 57 71.70 23.86 -10.31
C LEU H 57 70.63 23.43 -9.32
N PHE H 58 69.48 23.06 -9.88
CA PHE H 58 68.38 22.60 -9.08
C PHE H 58 68.85 21.45 -8.23
N ASP H 59 69.35 20.42 -8.89
CA ASP H 59 69.87 19.24 -8.20
C ASP H 59 70.67 19.70 -7.03
N PHE H 60 71.41 20.79 -7.21
CA PHE H 60 72.20 21.31 -6.12
C PHE H 60 71.38 21.97 -5.05
N LEU H 61 70.72 23.05 -5.44
CA LEU H 61 69.88 23.80 -4.52
C LEU H 61 68.96 22.85 -3.79
N HIS H 62 68.47 21.85 -4.50
CA HIS H 62 67.57 20.86 -3.93
C HIS H 62 68.24 20.18 -2.75
N ALA H 63 69.37 19.52 -3.00
CA ALA H 63 70.08 18.83 -1.93
C ALA H 63 70.47 19.79 -0.82
N ARG H 64 71.07 20.92 -1.21
CA ARG H 64 71.47 21.91 -0.23
C ARG H 64 70.31 22.28 0.71
N ASP H 65 69.41 23.09 0.19
CA ASP H 65 68.27 23.54 0.95
C ASP H 65 67.57 22.45 1.72
N HIS H 66 67.34 21.30 1.08
CA HIS H 66 66.68 20.23 1.82
C HIS H 66 67.37 20.12 3.17
N CYS H 67 68.70 20.10 3.12
CA CYS H 67 69.52 20.01 4.32
C CYS H 67 69.23 21.22 5.24
N VAL H 68 69.31 22.41 4.68
CA VAL H 68 69.05 23.62 5.45
C VAL H 68 67.76 23.51 6.22
N ALA H 69 66.78 22.88 5.58
CA ALA H 69 65.46 22.71 6.17
C ALA H 69 65.44 21.93 7.46
N HIS H 70 66.38 21.00 7.62
CA HIS H 70 66.39 20.19 8.84
C HIS H 70 66.96 20.83 10.09
N LYS H 71 67.74 21.88 9.93
CA LYS H 71 68.36 22.53 11.08
C LYS H 71 67.94 23.99 11.27
N LEU H 72 67.94 24.74 10.17
CA LEU H 72 67.60 26.14 10.19
C LEU H 72 66.65 26.57 11.28
N PHE H 73 65.47 25.98 11.31
CA PHE H 73 64.47 26.34 12.32
C PHE H 73 64.82 26.15 13.81
N ASN H 74 65.86 25.37 14.09
CA ASN H 74 66.27 25.15 15.46
C ASN H 74 66.84 26.45 15.96
N LYS H 75 67.60 27.10 15.08
CA LYS H 75 68.25 28.35 15.42
C LYS H 75 67.38 29.61 15.30
N LEU H 76 66.33 29.56 14.51
CA LEU H 76 65.45 30.72 14.41
C LEU H 76 64.55 30.68 15.63
N LYS H 77 63.90 31.78 15.96
CA LYS H 77 63.02 31.77 17.12
C LYS H 77 61.57 31.91 16.66
N UNK I 1 -1.38 -25.27 43.40
CA UNK I 1 -0.28 -26.25 43.14
C UNK I 1 -0.37 -26.81 41.72
N UNK I 2 -0.97 -26.06 40.80
CA UNK I 2 -1.12 -26.47 39.40
C UNK I 2 -1.96 -25.45 38.63
N UNK I 3 -2.86 -24.77 39.34
CA UNK I 3 -3.73 -23.77 38.72
CA UNK I 4 -4.50 -19.86 38.29
CA UNK I 5 -7.19 -19.70 35.09
N UNK I 6 -14.39 -23.32 34.01
CA UNK I 6 -14.02 -22.16 34.80
C UNK I 6 -13.01 -22.57 35.85
N UNK I 7 -12.29 -23.65 35.57
CA UNK I 7 -11.29 -24.17 36.49
C UNK I 7 -10.72 -25.50 35.98
N UNK I 8 -11.31 -26.01 34.90
CA UNK I 8 -10.89 -27.27 34.28
C UNK I 8 -11.40 -27.30 32.83
N UNK I 9 -10.70 -28.03 31.97
CA UNK I 9 -11.13 -28.11 30.59
C UNK I 9 -10.01 -28.22 29.56
N UNK I 10 -9.52 -27.06 29.10
CA UNK I 10 -8.45 -27.03 28.10
C UNK I 10 -8.94 -26.67 26.70
N UNK I 11 -9.50 -27.69 26.03
CA UNK I 11 -10.07 -27.58 24.69
C UNK I 11 -9.19 -26.99 23.57
N UNK I 12 -9.14 -27.71 22.46
CA UNK I 12 -8.36 -27.32 21.30
C UNK I 12 -9.17 -26.42 20.38
N UNK I 13 -9.12 -26.69 19.06
CA UNK I 13 -9.74 -26.08 17.88
C UNK I 13 -9.02 -26.49 16.60
N UNK I 14 -9.71 -26.33 15.48
CA UNK I 14 -9.13 -26.67 14.20
C UNK I 14 -9.76 -25.80 13.14
N UNK I 15 -9.40 -26.03 11.87
CA UNK I 15 -9.96 -25.25 10.79
C UNK I 15 -11.17 -25.98 10.17
N UNK I 16 -12.26 -25.25 10.01
CA UNK I 16 -13.46 -25.82 9.43
C UNK I 16 -13.44 -25.56 7.95
N UNK I 17 -14.29 -24.65 7.50
CA UNK I 17 -14.36 -24.30 6.07
C UNK I 17 -14.59 -25.56 5.25
N UNK I 18 -14.93 -26.65 5.95
CA UNK I 18 -15.17 -27.93 5.30
C UNK I 18 -14.26 -29.04 5.82
N UNK I 19 -13.33 -29.47 4.97
CA UNK I 19 -12.38 -30.51 5.35
C UNK I 19 -10.99 -30.21 4.79
N UNK I 20 -10.02 -30.04 5.68
CA UNK I 20 -8.66 -29.71 5.26
C UNK I 20 -8.12 -30.58 4.13
CA ARG I 21 -2.12 -38.42 20.58
C ARG I 21 -3.10 -39.40 19.93
N PRO I 22 -3.02 -39.56 18.59
CA PRO I 22 -3.88 -40.46 17.81
C PRO I 22 -3.78 -41.95 18.14
N LEU I 23 -4.93 -42.63 18.10
CA LEU I 23 -5.04 -44.06 18.39
C LEU I 23 -4.13 -44.95 17.52
N LEU I 24 -3.30 -45.79 18.14
CA LEU I 24 -2.41 -46.71 17.43
C LEU I 24 -1.97 -47.94 18.25
N CYS I 25 -2.78 -48.35 19.22
CA CYS I 25 -2.50 -49.53 20.05
C CYS I 25 -3.68 -49.80 21.01
N ARG I 26 -3.57 -50.81 21.87
CA ARG I 26 -4.64 -51.13 22.80
C ARG I 26 -4.57 -50.24 24.04
N GLU I 27 -3.34 -49.92 24.45
CA GLU I 27 -3.05 -49.10 25.63
C GLU I 27 -3.65 -47.68 25.66
N SER I 28 -3.00 -46.74 24.97
CA SER I 28 -3.49 -45.36 24.94
C SER I 28 -4.87 -45.26 24.29
N MET I 29 -5.57 -46.39 24.28
CA MET I 29 -6.91 -46.51 23.73
C MET I 29 -7.81 -47.03 24.86
N SER I 30 -8.10 -48.33 24.81
CA SER I 30 -8.96 -49.04 25.76
C SER I 30 -9.97 -48.19 26.54
N GLY I 31 -11.25 -48.38 26.21
CA GLY I 31 -12.34 -47.65 26.86
C GLY I 31 -13.17 -46.77 25.95
N ARG I 32 -12.54 -46.26 24.89
CA ARG I 32 -13.18 -45.37 23.94
C ARG I 32 -14.26 -46.02 23.06
N SER I 33 -15.21 -46.74 23.68
CA SER I 33 -16.30 -47.36 22.90
C SER I 33 -17.69 -47.10 23.46
N ALA I 34 -18.09 -45.84 23.43
CA ALA I 34 -19.39 -45.43 23.92
C ALA I 34 -19.46 -45.46 25.45
N ARG I 35 -19.42 -44.29 26.08
CA ARG I 35 -19.49 -44.16 27.55
C ARG I 35 -20.95 -44.38 27.94
N ARG I 36 -21.77 -43.37 27.67
CA ARG I 36 -23.21 -43.45 27.92
C ARG I 36 -23.85 -43.32 26.53
N ASP I 37 -24.44 -42.16 26.21
CA ASP I 37 -25.05 -41.99 24.89
C ASP I 37 -24.29 -40.97 24.05
N LEU I 38 -24.14 -39.78 24.59
CA LEU I 38 -23.46 -38.68 23.93
C LEU I 38 -24.02 -37.40 24.53
N VAL I 39 -23.40 -36.91 25.58
CA VAL I 39 -23.85 -35.70 26.25
C VAL I 39 -23.13 -34.48 25.75
N ALA I 40 -23.86 -33.53 25.17
CA ALA I 40 -23.24 -32.31 24.69
C ALA I 40 -23.26 -31.26 25.77
N GLY I 41 -22.11 -30.69 26.05
CA GLY I 41 -22.05 -29.66 27.07
C GLY I 41 -21.43 -28.44 26.44
N ILE I 42 -21.71 -27.27 27.01
CA ILE I 42 -21.17 -26.02 26.52
C ILE I 42 -21.09 -25.09 27.69
N SER I 43 -20.02 -24.34 27.77
CA SER I 43 -19.89 -23.46 28.89
C SER I 43 -19.65 -22.04 28.42
N LEU I 44 -19.97 -21.10 29.29
CA LEU I 44 -19.78 -19.70 28.99
C LEU I 44 -18.43 -19.29 29.50
N ASN I 45 -17.90 -20.03 30.47
CA ASN I 45 -16.60 -19.69 30.98
C ASN I 45 -15.59 -20.82 30.88
N ALA I 46 -16.03 -22.01 30.48
CA ALA I 46 -15.14 -23.16 30.34
C ALA I 46 -15.10 -23.65 28.89
N PRO I 47 -14.40 -24.77 28.62
CA PRO I 47 -14.27 -25.37 27.28
C PRO I 47 -15.58 -25.80 26.60
N ALA I 48 -15.62 -27.07 26.19
CA ALA I 48 -16.78 -27.68 25.54
C ALA I 48 -16.56 -29.19 25.66
N SER I 49 -17.53 -29.88 26.25
CA SER I 49 -17.45 -31.33 26.47
C SER I 49 -18.42 -32.17 25.62
N VAL I 50 -18.18 -33.49 25.61
CA VAL I 50 -19.01 -34.45 24.84
C VAL I 50 -18.70 -35.89 25.28
N ARG I 51 -19.74 -36.76 25.36
CA ARG I 51 -19.56 -38.16 25.78
C ARG I 51 -19.96 -39.19 24.73
N ALA J 1 27.74 -4.86 45.09
CA ALA J 1 28.28 -4.90 43.70
C ALA J 1 27.83 -3.66 42.97
N LEU J 2 28.76 -2.93 42.35
CA LEU J 2 28.39 -1.70 41.63
C LEU J 2 27.48 -1.94 40.44
N LEU J 3 27.77 -2.98 39.68
CA LEU J 3 26.98 -3.28 38.52
C LEU J 3 25.57 -3.54 38.99
N ARG J 4 25.42 -4.44 39.95
CA ARG J 4 24.10 -4.73 40.44
C ARG J 4 23.42 -3.45 40.89
N GLN J 5 24.02 -2.74 41.86
CA GLN J 5 23.43 -1.49 42.34
C GLN J 5 23.10 -0.63 41.13
N ALA J 6 24.00 -0.64 40.15
CA ALA J 6 23.83 0.14 38.93
C ALA J 6 22.56 -0.27 38.21
N TYR J 7 22.47 -1.56 37.90
CA TYR J 7 21.34 -2.11 37.19
C TYR J 7 20.05 -1.91 37.94
N SER J 8 20.10 -1.93 39.26
CA SER J 8 18.88 -1.77 40.05
C SER J 8 18.37 -0.33 40.05
N ALA J 9 19.20 0.58 40.52
CA ALA J 9 18.79 1.97 40.62
C ALA J 9 18.83 2.81 39.33
N LEU J 10 19.51 2.33 38.30
CA LEU J 10 19.63 3.11 37.07
C LEU J 10 19.13 2.48 35.80
N PHE J 11 19.92 1.59 35.24
CA PHE J 11 19.59 0.92 34.01
C PHE J 11 18.28 0.10 33.98
N ARG J 12 17.53 0.02 35.07
CA ARG J 12 16.29 -0.79 35.04
C ARG J 12 15.03 -0.01 34.63
N ARG J 13 14.58 0.89 35.51
CA ARG J 13 13.42 1.71 35.21
C ARG J 13 13.75 2.65 34.02
N THR J 14 13.14 2.37 32.87
CA THR J 14 13.37 3.17 31.67
C THR J 14 13.29 4.66 31.98
N SER J 15 12.54 5.02 33.03
CA SER J 15 12.40 6.41 33.45
C SER J 15 13.67 6.93 34.09
N THR J 16 14.34 6.12 34.91
CA THR J 16 15.57 6.57 35.54
C THR J 16 16.79 6.36 34.65
N PHE J 17 16.68 5.45 33.68
CA PHE J 17 17.78 5.22 32.77
C PHE J 17 17.99 6.57 32.12
N ALA J 18 16.95 7.08 31.49
CA ALA J 18 17.04 8.38 30.84
C ALA J 18 17.58 9.45 31.79
N LEU J 19 16.88 9.65 32.90
CA LEU J 19 17.31 10.62 33.89
C LEU J 19 18.81 10.53 34.18
N THR J 20 19.41 9.38 33.92
CA THR J 20 20.83 9.21 34.16
C THR J 20 21.64 9.77 33.01
N VAL J 21 21.32 9.36 31.78
CA VAL J 21 22.05 9.85 30.60
C VAL J 21 22.14 11.38 30.61
N VAL J 22 21.08 12.01 31.11
CA VAL J 22 20.99 13.47 31.21
C VAL J 22 21.96 14.02 32.24
N LEU J 23 21.69 13.76 33.51
CA LEU J 23 22.57 14.23 34.56
C LEU J 23 23.99 13.65 34.29
N GLY J 24 24.04 12.49 33.65
CA GLY J 24 25.31 11.86 33.35
C GLY J 24 26.06 12.71 32.36
N ALA J 25 25.58 12.75 31.11
CA ALA J 25 26.19 13.55 30.05
C ALA J 25 26.74 14.87 30.62
N VAL J 26 25.87 15.59 31.33
CA VAL J 26 26.22 16.86 31.96
C VAL J 26 27.62 16.80 32.57
N LEU J 27 27.81 15.87 33.49
CA LEU J 27 29.10 15.72 34.12
C LEU J 27 30.13 15.49 33.04
N PHE J 28 29.85 14.53 32.16
CA PHE J 28 30.76 14.20 31.07
C PHE J 28 31.27 15.40 30.29
N GLU J 29 30.33 16.22 29.83
CA GLU J 29 30.72 17.41 29.10
C GLU J 29 31.72 18.17 29.99
N ARG J 30 31.18 18.85 31.00
CA ARG J 30 31.93 19.62 31.96
C ARG J 30 33.35 19.07 32.11
N ALA J 31 33.46 17.78 32.42
CA ALA J 31 34.76 17.15 32.59
C ALA J 31 35.55 17.03 31.30
N PHE J 32 34.96 16.39 30.30
CA PHE J 32 35.65 16.23 29.02
C PHE J 32 36.26 17.54 28.54
N ASP J 33 35.44 18.57 28.37
CA ASP J 33 35.93 19.88 27.90
C ASP J 33 37.21 20.28 28.61
N GLN J 34 37.18 20.24 29.95
CA GLN J 34 38.35 20.61 30.74
C GLN J 34 39.60 19.87 30.26
N GLY J 35 39.52 18.55 30.27
CA GLY J 35 40.64 17.73 29.85
C GLY J 35 41.20 18.14 28.50
N ALA J 36 40.42 17.98 27.44
CA ALA J 36 40.85 18.33 26.10
C ALA J 36 41.46 19.72 26.11
N ASP J 37 40.76 20.69 26.69
CA ASP J 37 41.29 22.04 26.73
C ASP J 37 42.68 21.95 27.34
N ALA J 38 42.77 21.30 28.47
CA ALA J 38 44.06 21.18 29.12
C ALA J 38 45.07 20.38 28.28
N ILE J 39 44.68 19.24 27.74
CA ILE J 39 45.62 18.46 26.94
C ILE J 39 46.12 19.29 25.78
N PHE J 40 45.29 20.24 25.35
CA PHE J 40 45.65 21.09 24.23
C PHE J 40 46.52 22.26 24.64
N GLU J 41 46.01 23.08 25.55
CA GLU J 41 46.75 24.23 26.00
C GLU J 41 48.12 23.78 26.52
N HIS J 42 48.24 22.51 26.86
CA HIS J 42 49.50 21.97 27.38
C HIS J 42 50.43 21.64 26.22
N LEU J 43 49.89 21.02 25.19
CA LEU J 43 50.71 20.67 24.05
C LEU J 43 51.19 21.89 23.28
N ASN J 44 50.58 23.02 23.55
CA ASN J 44 50.94 24.26 22.90
C ASN J 44 51.34 25.33 23.93
N GLU J 45 52.21 24.97 24.86
CA GLU J 45 52.62 25.93 25.88
C GLU J 45 53.34 27.13 25.33
N GLY J 46 53.05 28.28 25.90
CA GLY J 46 53.68 29.52 25.49
C GLY J 46 53.45 30.01 24.08
N LYS J 47 52.46 29.43 23.40
CA LYS J 47 52.17 29.83 22.03
C LYS J 47 50.78 30.43 21.91
N LEU J 48 49.96 30.26 22.93
CA LEU J 48 48.61 30.77 22.89
C LEU J 48 48.50 32.16 23.43
N TRP J 49 47.61 32.96 22.87
CA TRP J 49 47.43 34.32 23.32
C TRP J 49 47.17 34.33 24.82
N LYS J 50 46.55 33.27 25.32
CA LYS J 50 46.27 33.19 26.74
C LYS J 50 47.59 33.19 27.56
N HIS J 51 48.70 32.81 26.91
CA HIS J 51 50.03 32.74 27.53
C HIS J 51 50.85 34.00 27.35
N ILE J 52 50.73 34.60 26.17
CA ILE J 52 51.43 35.82 25.81
C ILE J 52 50.72 37.03 26.46
N LYS J 53 49.41 36.92 26.59
CA LYS J 53 48.57 37.99 27.14
C LYS J 53 49.20 38.99 28.11
N HIS J 54 49.94 38.53 29.12
CA HIS J 54 50.52 39.45 30.10
C HIS J 54 51.64 40.41 29.66
N LYS J 55 52.21 40.20 28.47
CA LYS J 55 53.28 41.08 28.01
C LYS J 55 52.79 42.42 27.47
N TYR J 56 51.49 42.60 27.42
CA TYR J 56 50.93 43.84 26.91
C TYR J 56 49.73 44.29 27.72
N GLU J 57 49.09 43.35 28.40
CA GLU J 57 47.89 43.60 29.20
C GLU J 57 48.08 44.46 30.46
N ALA J 58 48.23 45.77 30.28
CA ALA J 58 48.41 46.71 31.38
C ALA J 58 49.84 46.81 31.98
N SER J 59 50.84 46.25 31.27
CA SER J 59 52.25 46.28 31.72
C SER J 59 52.99 47.51 31.18
N GLU J 60 53.02 47.63 29.86
CA GLU J 60 53.69 48.72 29.16
C GLU J 60 52.74 49.90 28.88
N GLU J 61 53.29 51.12 28.96
CA GLU J 61 52.54 52.37 28.73
C GLU J 61 51.22 52.43 29.50
N THR K 3 -13.15 -37.28 -49.46
CA THR K 3 -12.63 -35.96 -48.97
C THR K 3 -13.73 -35.06 -48.44
N TYR K 4 -13.34 -34.04 -47.70
CA TYR K 4 -14.28 -33.08 -47.12
C TYR K 4 -14.99 -32.36 -48.23
N ALA K 5 -14.21 -31.78 -49.14
CA ALA K 5 -14.74 -31.04 -50.27
C ALA K 5 -15.85 -31.80 -51.00
N GLN K 6 -15.66 -33.11 -51.17
CA GLN K 6 -16.62 -33.95 -51.87
C GLN K 6 -17.81 -34.40 -51.03
N THR K 7 -17.56 -34.94 -49.85
CA THR K 7 -18.65 -35.37 -48.99
C THR K 7 -19.62 -34.21 -48.90
N LEU K 8 -19.10 -33.02 -49.15
CA LEU K 8 -19.90 -31.81 -49.11
C LEU K 8 -20.92 -31.70 -50.24
N GLN K 9 -20.53 -32.09 -51.46
CA GLN K 9 -21.42 -31.99 -52.60
C GLN K 9 -22.35 -33.19 -52.84
N ASN K 10 -22.19 -34.24 -52.05
CA ASN K 10 -23.04 -35.41 -52.17
C ASN K 10 -24.32 -35.23 -51.40
N ILE K 11 -24.26 -34.39 -50.37
CA ILE K 11 -25.42 -34.11 -49.56
C ILE K 11 -26.51 -33.73 -50.55
N PRO K 12 -27.64 -34.46 -50.51
CA PRO K 12 -28.79 -34.25 -51.40
C PRO K 12 -29.38 -32.85 -51.42
N GLU K 13 -29.41 -32.26 -52.60
CA GLU K 13 -29.96 -30.93 -52.81
C GLU K 13 -31.32 -30.91 -52.10
N THR K 14 -31.58 -29.86 -51.32
CA THR K 14 -32.86 -29.76 -50.61
C THR K 14 -33.95 -29.26 -51.55
N ASN K 15 -35.04 -30.02 -51.66
CA ASN K 15 -36.14 -29.68 -52.56
C ASN K 15 -37.17 -28.70 -52.00
N VAL K 16 -37.74 -27.88 -52.89
CA VAL K 16 -38.75 -26.90 -52.49
C VAL K 16 -39.81 -26.64 -53.56
N THR K 17 -41.05 -26.44 -53.10
CA THR K 17 -42.20 -26.14 -53.97
C THR K 17 -43.21 -25.35 -53.12
N THR K 18 -43.97 -24.49 -53.78
CA THR K 18 -44.94 -23.67 -53.08
C THR K 18 -46.36 -24.01 -53.50
N LEU K 19 -47.30 -23.78 -52.58
CA LEU K 19 -48.71 -24.00 -52.87
C LEU K 19 -49.27 -22.62 -53.19
N ASP K 20 -50.21 -22.57 -54.12
CA ASP K 20 -50.78 -21.30 -54.53
C ASP K 20 -51.50 -20.52 -53.42
N ASN K 21 -51.30 -20.95 -52.18
CA ASN K 21 -51.93 -20.28 -51.04
C ASN K 21 -50.89 -19.62 -50.14
N GLY K 22 -49.61 -19.86 -50.44
CA GLY K 22 -48.56 -19.25 -49.64
C GLY K 22 -47.58 -20.17 -48.93
N LEU K 23 -48.06 -21.34 -48.50
CA LEU K 23 -47.21 -22.30 -47.83
C LEU K 23 -46.09 -22.74 -48.76
N ARG K 24 -44.96 -23.09 -48.16
CA ARG K 24 -43.80 -23.52 -48.91
C ARG K 24 -43.36 -24.84 -48.30
N VAL K 25 -43.05 -25.83 -49.14
CA VAL K 25 -42.64 -27.10 -48.59
C VAL K 25 -41.27 -27.56 -49.03
N ALA K 26 -40.45 -27.94 -48.05
CA ALA K 26 -39.09 -28.39 -48.28
C ALA K 26 -38.70 -29.51 -47.36
N SER K 27 -37.70 -30.28 -47.80
CA SER K 27 -37.23 -31.41 -47.02
C SER K 27 -36.05 -32.11 -47.68
N GLU K 28 -35.16 -32.63 -46.84
CA GLU K 28 -33.97 -33.34 -47.30
C GLU K 28 -34.15 -34.82 -47.06
N GLU K 29 -34.06 -35.57 -48.16
CA GLU K 29 -34.24 -37.02 -48.17
C GLU K 29 -32.96 -37.78 -47.77
N SER K 30 -33.14 -38.81 -46.96
CA SER K 30 -32.03 -39.63 -46.50
C SER K 30 -32.42 -41.11 -46.64
N SER K 31 -31.96 -41.93 -45.70
CA SER K 31 -32.26 -43.35 -45.71
C SER K 31 -32.86 -43.74 -44.36
N GLN K 32 -32.61 -42.91 -43.34
CA GLN K 32 -33.11 -43.17 -42.01
C GLN K 32 -34.58 -43.54 -42.03
N PRO K 33 -34.97 -44.52 -41.21
CA PRO K 33 -36.33 -45.03 -41.07
C PRO K 33 -37.16 -44.09 -40.22
N THR K 34 -36.46 -43.24 -39.48
CA THR K 34 -37.10 -42.27 -38.62
C THR K 34 -36.92 -40.91 -39.29
N CYS K 35 -37.58 -39.89 -38.76
CA CYS K 35 -37.47 -38.54 -39.32
C CYS K 35 -38.17 -37.51 -38.45
N THR K 36 -38.18 -36.27 -38.93
CA THR K 36 -38.80 -35.16 -38.21
C THR K 36 -39.45 -34.20 -39.20
N VAL K 37 -40.62 -33.68 -38.83
CA VAL K 37 -41.35 -32.74 -39.66
C VAL K 37 -41.94 -31.63 -38.80
N GLY K 38 -42.04 -30.44 -39.37
CA GLY K 38 -42.59 -29.34 -38.61
C GLY K 38 -42.99 -28.13 -39.44
N VAL K 39 -43.80 -27.31 -38.81
CA VAL K 39 -44.27 -26.08 -39.42
C VAL K 39 -43.40 -24.97 -38.78
N TRP K 40 -42.83 -24.13 -39.63
CA TRP K 40 -41.98 -23.03 -39.15
C TRP K 40 -42.56 -21.68 -39.45
N ILE K 41 -43.39 -21.24 -38.52
CA ILE K 41 -44.08 -19.96 -38.59
C ILE K 41 -43.18 -18.78 -38.28
N GLY K 42 -43.30 -17.73 -39.09
CA GLY K 42 -42.51 -16.54 -38.87
C GLY K 42 -43.27 -15.63 -37.93
N ALA K 43 -43.60 -16.14 -36.75
CA ALA K 43 -44.34 -15.38 -35.76
C ALA K 43 -43.58 -15.24 -34.46
N GLY K 44 -44.07 -14.40 -33.57
CA GLY K 44 -43.40 -14.21 -32.29
C GLY K 44 -43.78 -12.92 -31.62
N SER K 45 -43.25 -12.69 -30.42
CA SER K 45 -43.55 -11.48 -29.70
C SER K 45 -43.13 -10.23 -30.49
N ARG K 46 -42.14 -10.36 -31.38
CA ARG K 46 -41.69 -9.21 -32.15
C ARG K 46 -42.88 -8.64 -32.90
N TYR K 47 -43.84 -9.50 -33.20
CA TYR K 47 -45.04 -9.09 -33.91
C TYR K 47 -46.16 -8.76 -32.91
N GLU K 48 -45.87 -8.84 -31.63
CA GLU K 48 -46.88 -8.53 -30.63
C GLU K 48 -46.86 -7.03 -30.31
N ASN K 49 -47.86 -6.57 -29.56
CA ASN K 49 -47.94 -5.16 -29.19
C ASN K 49 -48.15 -5.08 -27.69
N GLU K 50 -48.22 -3.87 -27.16
CA GLU K 50 -48.40 -3.63 -25.72
C GLU K 50 -49.59 -4.30 -25.02
N LYS K 51 -50.61 -4.66 -25.79
CA LYS K 51 -51.82 -5.27 -25.23
C LYS K 51 -51.80 -6.79 -25.25
N ASN K 52 -51.15 -7.35 -26.27
CA ASN K 52 -51.05 -8.80 -26.48
C ASN K 52 -49.66 -9.43 -26.26
N ASN K 53 -48.81 -8.81 -25.43
CA ASN K 53 -47.49 -9.37 -25.19
C ASN K 53 -47.72 -10.66 -24.43
N GLY K 54 -47.47 -11.78 -25.09
CA GLY K 54 -47.63 -13.06 -24.44
C GLY K 54 -48.51 -14.02 -25.19
N ALA K 55 -48.87 -13.68 -26.42
CA ALA K 55 -49.71 -14.56 -27.19
C ALA K 55 -48.94 -15.72 -27.73
N GLY K 56 -47.91 -15.43 -28.53
CA GLY K 56 -47.10 -16.49 -29.10
C GLY K 56 -46.72 -17.59 -28.11
N TYR K 57 -46.69 -17.19 -26.84
CA TYR K 57 -46.36 -18.10 -25.76
C TYR K 57 -47.61 -18.83 -25.28
N PHE K 58 -48.61 -18.06 -24.83
CA PHE K 58 -49.85 -18.63 -24.34
C PHE K 58 -50.39 -19.64 -25.34
N VAL K 59 -50.09 -19.40 -26.61
CA VAL K 59 -50.50 -20.29 -27.69
C VAL K 59 -49.60 -21.52 -27.67
N GLU K 60 -48.30 -21.29 -27.77
CA GLU K 60 -47.34 -22.38 -27.77
C GLU K 60 -47.70 -23.34 -26.63
N HIS K 61 -48.37 -22.80 -25.60
CA HIS K 61 -48.78 -23.59 -24.43
C HIS K 61 -50.01 -24.44 -24.62
N LEU K 62 -50.94 -23.97 -25.44
CA LEU K 62 -52.18 -24.69 -25.71
C LEU K 62 -52.13 -25.48 -27.01
N ALA K 63 -51.10 -25.26 -27.81
CA ALA K 63 -50.96 -25.95 -29.09
C ALA K 63 -50.79 -27.45 -28.90
N PHE K 64 -50.69 -27.87 -27.65
CA PHE K 64 -50.48 -29.28 -27.35
C PHE K 64 -51.54 -29.87 -26.42
N LYS K 65 -52.60 -29.11 -26.18
CA LYS K 65 -53.68 -29.57 -25.32
C LYS K 65 -54.94 -29.92 -26.10
N GLY K 66 -54.77 -30.18 -27.39
CA GLY K 66 -55.90 -30.56 -28.22
C GLY K 66 -56.46 -29.60 -29.26
N THR K 67 -57.28 -30.17 -30.14
CA THR K 67 -57.93 -29.43 -31.21
C THR K 67 -59.45 -29.70 -31.10
N LYS K 68 -60.21 -29.24 -32.09
CA LYS K 68 -61.65 -29.43 -32.09
C LYS K 68 -62.02 -30.82 -32.58
N LYS K 69 -61.23 -31.36 -33.50
CA LYS K 69 -61.46 -32.70 -34.02
C LYS K 69 -61.22 -33.77 -32.96
N ARG K 70 -60.12 -33.59 -32.21
CA ARG K 70 -59.75 -34.53 -31.17
C ARG K 70 -59.21 -33.82 -29.92
N PRO K 71 -60.05 -33.66 -28.86
CA PRO K 71 -59.66 -32.99 -27.62
C PRO K 71 -58.40 -33.51 -26.91
N CYS K 72 -58.12 -32.95 -25.74
CA CYS K 72 -56.94 -33.29 -24.93
C CYS K 72 -56.41 -34.71 -25.09
N ALA K 73 -56.92 -35.63 -24.29
CA ALA K 73 -56.49 -37.03 -24.33
C ALA K 73 -56.24 -37.54 -25.74
N ALA K 74 -57.30 -37.60 -26.55
CA ALA K 74 -57.21 -38.09 -27.92
C ALA K 74 -55.96 -37.67 -28.68
N PHE K 75 -55.64 -36.38 -28.61
CA PHE K 75 -54.46 -35.83 -29.28
C PHE K 75 -53.24 -36.55 -28.75
N GLU K 76 -52.91 -36.28 -27.49
CA GLU K 76 -51.76 -36.91 -26.85
C GLU K 76 -51.75 -38.41 -27.08
N LYS K 77 -52.84 -39.06 -26.70
CA LYS K 77 -52.97 -40.51 -26.86
C LYS K 77 -52.54 -40.94 -28.25
N GLU K 78 -53.24 -40.48 -29.28
CA GLU K 78 -52.89 -40.85 -30.65
C GLU K 78 -51.42 -40.63 -31.01
N VAL K 79 -50.81 -39.59 -30.45
CA VAL K 79 -49.41 -39.27 -30.74
C VAL K 79 -48.47 -40.21 -30.00
N GLU K 80 -48.65 -40.31 -28.68
CA GLU K 80 -47.82 -41.18 -27.87
C GLU K 80 -47.86 -42.58 -28.45
N SER K 81 -49.06 -43.10 -28.66
CA SER K 81 -49.26 -44.44 -29.18
C SER K 81 -48.55 -44.81 -30.49
N MET K 82 -47.89 -43.85 -31.13
CA MET K 82 -47.15 -44.17 -32.36
C MET K 82 -45.69 -43.79 -32.21
N GLY K 83 -45.33 -43.45 -30.97
CA GLY K 83 -43.97 -43.11 -30.61
C GLY K 83 -43.38 -41.76 -30.99
N ALA K 84 -44.10 -40.98 -31.79
CA ALA K 84 -43.60 -39.68 -32.23
C ALA K 84 -43.34 -38.72 -31.07
N HIS K 85 -42.64 -37.63 -31.36
CA HIS K 85 -42.31 -36.62 -30.36
C HIS K 85 -42.76 -35.26 -30.82
N PHE K 86 -43.62 -34.63 -30.04
CA PHE K 86 -44.08 -33.31 -30.43
C PHE K 86 -43.61 -32.24 -29.48
N ASN K 87 -42.73 -31.39 -30.00
CA ASN K 87 -42.17 -30.28 -29.25
C ASN K 87 -42.27 -28.99 -30.04
N GLY K 88 -42.10 -27.88 -29.35
CA GLY K 88 -42.17 -26.59 -30.01
C GLY K 88 -41.59 -25.45 -29.18
N TYR K 89 -41.48 -24.28 -29.80
CA TYR K 89 -40.94 -23.12 -29.15
C TYR K 89 -41.44 -21.87 -29.80
N THR K 90 -40.96 -20.73 -29.32
CA THR K 90 -41.39 -19.45 -29.84
C THR K 90 -40.46 -18.29 -29.42
N SER K 91 -39.57 -17.87 -30.31
CA SER K 91 -38.63 -16.78 -29.98
C SER K 91 -39.33 -15.43 -30.09
N ARG K 92 -38.61 -14.37 -30.45
CA ARG K 92 -39.23 -13.06 -30.59
C ARG K 92 -39.77 -12.91 -32.00
N GLU K 93 -39.14 -13.59 -32.95
CA GLU K 93 -39.61 -13.49 -34.30
C GLU K 93 -39.53 -14.78 -35.08
N GLN K 94 -39.92 -15.88 -34.43
CA GLN K 94 -39.92 -17.19 -35.09
C GLN K 94 -40.45 -18.28 -34.18
N THR K 95 -41.72 -18.66 -34.38
CA THR K 95 -42.36 -19.73 -33.60
C THR K 95 -42.22 -20.99 -34.45
N ALA K 96 -42.33 -22.16 -33.83
CA ALA K 96 -42.24 -23.41 -34.58
C ALA K 96 -42.77 -24.61 -33.82
N PHE K 97 -43.52 -25.45 -34.53
CA PHE K 97 -44.10 -26.67 -33.97
C PHE K 97 -43.59 -27.81 -34.87
N TYR K 98 -43.02 -28.85 -34.26
CA TYR K 98 -42.45 -29.96 -35.04
C TYR K 98 -42.52 -31.31 -34.32
N ILE K 99 -42.62 -32.37 -35.13
CA ILE K 99 -42.73 -33.73 -34.62
C ILE K 99 -41.68 -34.70 -35.18
N LYS K 100 -41.18 -35.56 -34.30
CA LYS K 100 -40.20 -36.58 -34.67
C LYS K 100 -40.98 -37.89 -34.66
N ALA K 101 -40.82 -38.67 -35.71
CA ALA K 101 -41.50 -39.95 -35.80
C ALA K 101 -40.97 -40.75 -36.96
N LEU K 102 -41.42 -42.00 -37.04
CA LEU K 102 -40.97 -42.91 -38.08
C LEU K 102 -41.42 -42.50 -39.46
N SER K 103 -40.50 -42.57 -40.43
CA SER K 103 -40.78 -42.20 -41.81
C SER K 103 -42.06 -42.83 -42.36
N LYS K 104 -42.46 -43.93 -41.73
CA LYS K 104 -43.68 -44.62 -42.12
C LYS K 104 -44.86 -43.68 -41.90
N ASP K 105 -44.93 -43.06 -40.73
CA ASP K 105 -46.04 -42.16 -40.42
C ASP K 105 -45.93 -40.72 -40.95
N MET K 106 -45.05 -40.55 -41.93
CA MET K 106 -44.84 -39.24 -42.54
C MET K 106 -46.16 -38.48 -42.79
N PRO K 107 -47.15 -39.12 -43.45
CA PRO K 107 -48.43 -38.44 -43.72
C PRO K 107 -49.22 -38.14 -42.46
N LYS K 108 -49.71 -39.20 -41.81
CA LYS K 108 -50.50 -39.05 -40.59
C LYS K 108 -49.95 -37.93 -39.70
N VAL K 109 -48.63 -37.78 -39.71
CA VAL K 109 -48.01 -36.73 -38.91
C VAL K 109 -48.48 -35.36 -39.42
N VAL K 110 -48.05 -35.00 -40.64
CA VAL K 110 -48.40 -33.73 -41.25
C VAL K 110 -49.83 -33.31 -40.93
N GLU K 111 -50.73 -34.29 -40.97
CA GLU K 111 -52.15 -34.04 -40.67
C GLU K 111 -52.27 -33.37 -39.31
N LEU K 112 -51.62 -33.99 -38.33
CA LEU K 112 -51.64 -33.48 -36.97
C LEU K 112 -51.07 -32.06 -36.92
N LEU K 113 -49.89 -31.86 -37.50
CA LEU K 113 -49.26 -30.53 -37.50
C LEU K 113 -50.27 -29.54 -38.05
N ALA K 114 -50.88 -29.93 -39.16
CA ALA K 114 -51.87 -29.11 -39.84
C ALA K 114 -53.07 -28.87 -38.94
N ASP K 115 -53.28 -29.76 -37.99
CA ASP K 115 -54.40 -29.64 -37.08
C ASP K 115 -54.12 -28.72 -35.87
N VAL K 116 -52.87 -28.57 -35.48
CA VAL K 116 -52.56 -27.71 -34.34
C VAL K 116 -52.50 -26.26 -34.77
N VAL K 117 -51.79 -26.03 -35.86
CA VAL K 117 -51.62 -24.70 -36.44
C VAL K 117 -52.94 -24.06 -36.87
N GLN K 118 -53.84 -24.86 -37.45
CA GLN K 118 -55.13 -24.38 -37.95
C GLN K 118 -56.33 -24.53 -37.01
N ASN K 119 -56.62 -25.77 -36.62
CA ASN K 119 -57.76 -26.05 -35.74
C ASN K 119 -57.45 -26.20 -34.26
N CYS K 120 -56.63 -25.32 -33.72
CA CYS K 120 -56.29 -25.41 -32.31
C CYS K 120 -57.57 -25.30 -31.45
N ALA K 121 -57.71 -26.19 -30.47
CA ALA K 121 -58.90 -26.20 -29.60
C ALA K 121 -59.19 -24.87 -28.92
N LEU K 122 -58.44 -24.58 -27.87
CA LEU K 122 -58.59 -23.35 -27.09
C LEU K 122 -59.74 -23.39 -26.11
N GLU K 123 -59.85 -24.49 -25.38
CA GLU K 123 -60.92 -24.66 -24.40
C GLU K 123 -60.78 -23.66 -23.25
N GLU K 124 -61.89 -23.02 -22.88
CA GLU K 124 -61.92 -22.03 -21.81
C GLU K 124 -61.52 -22.57 -20.41
N SER K 125 -61.56 -23.89 -20.26
CA SER K 125 -61.21 -24.53 -18.99
C SER K 125 -59.70 -24.70 -18.95
N GLN K 126 -59.13 -24.91 -20.13
CA GLN K 126 -57.70 -25.12 -20.30
C GLN K 126 -56.88 -23.82 -20.16
N ILE K 127 -57.35 -22.75 -20.80
CA ILE K 127 -56.66 -21.47 -20.73
C ILE K 127 -56.52 -21.03 -19.28
N GLU K 128 -57.65 -20.78 -18.61
CA GLU K 128 -57.61 -20.37 -17.21
C GLU K 128 -56.79 -21.30 -16.33
N LYS K 129 -56.18 -22.31 -16.94
CA LYS K 129 -55.33 -23.27 -16.23
C LYS K 129 -53.89 -23.02 -16.66
N GLU K 130 -53.71 -22.82 -17.95
CA GLU K 130 -52.40 -22.55 -18.49
C GLU K 130 -52.02 -21.14 -18.09
N ARG K 131 -52.95 -20.44 -17.47
CA ARG K 131 -52.69 -19.08 -17.02
C ARG K 131 -51.87 -19.20 -15.75
N GLY K 132 -52.32 -20.05 -14.84
CA GLY K 132 -51.60 -20.23 -13.59
C GLY K 132 -50.21 -20.81 -13.82
N VAL K 133 -50.07 -21.64 -14.85
CA VAL K 133 -48.79 -22.27 -15.18
C VAL K 133 -47.76 -21.32 -15.78
N ILE K 134 -48.12 -20.58 -16.83
CA ILE K 134 -47.16 -19.65 -17.40
C ILE K 134 -46.67 -18.83 -16.23
N LEU K 135 -47.60 -18.24 -15.49
CA LEU K 135 -47.25 -17.42 -14.33
C LEU K 135 -46.20 -18.09 -13.45
N GLN K 136 -46.10 -19.40 -13.52
CA GLN K 136 -45.12 -20.12 -12.73
C GLN K 136 -43.82 -20.23 -13.51
N GLU K 137 -43.90 -20.58 -14.79
CA GLU K 137 -42.69 -20.69 -15.60
C GLU K 137 -41.95 -19.37 -15.60
N LEU K 138 -42.50 -18.40 -14.88
CA LEU K 138 -41.86 -17.10 -14.78
C LEU K 138 -41.13 -17.04 -13.45
N LYS K 139 -41.81 -17.27 -12.34
CA LYS K 139 -41.14 -17.24 -11.04
C LYS K 139 -39.87 -18.07 -11.13
N GLU K 140 -39.87 -19.03 -12.06
CA GLU K 140 -38.72 -19.90 -12.27
C GLU K 140 -37.77 -19.30 -13.31
N MET K 141 -38.22 -19.09 -14.54
CA MET K 141 -37.35 -18.52 -15.55
C MET K 141 -36.64 -17.26 -15.07
N ASP K 142 -37.17 -16.68 -14.00
CA ASP K 142 -36.62 -15.46 -13.42
C ASP K 142 -35.30 -15.69 -12.71
N ASN K 143 -35.06 -16.91 -12.25
CA ASN K 143 -33.82 -17.22 -11.56
C ASN K 143 -32.73 -17.79 -12.46
N ASP K 144 -32.87 -17.57 -13.77
CA ASP K 144 -31.88 -18.02 -14.72
C ASP K 144 -31.16 -16.78 -15.21
N MET K 145 -30.33 -16.21 -14.33
CA MET K 145 -29.56 -15.02 -14.63
C MET K 145 -29.13 -14.87 -16.08
N THR K 146 -28.52 -15.91 -16.63
CA THR K 146 -28.06 -15.86 -18.00
C THR K 146 -29.14 -15.23 -18.86
N ASN K 147 -30.37 -15.71 -18.66
CA ASN K 147 -31.53 -15.22 -19.43
C ASN K 147 -32.11 -13.91 -18.88
N VAL K 148 -32.15 -13.75 -17.56
CA VAL K 148 -32.66 -12.51 -16.99
C VAL K 148 -31.83 -11.39 -17.61
N THR K 149 -30.57 -11.70 -17.90
CA THR K 149 -29.67 -10.73 -18.49
C THR K 149 -29.95 -10.52 -19.97
N PHE K 150 -29.82 -11.58 -20.76
CA PHE K 150 -30.10 -11.43 -22.18
C PHE K 150 -31.40 -10.72 -22.50
N ASP K 151 -32.39 -10.81 -21.62
CA ASP K 151 -33.65 -10.12 -21.88
C ASP K 151 -33.43 -8.63 -21.68
N TYR K 152 -32.87 -8.28 -20.53
CA TYR K 152 -32.55 -6.89 -20.21
C TYR K 152 -31.71 -6.28 -21.32
N LEU K 153 -30.74 -7.04 -21.82
CA LEU K 153 -29.88 -6.58 -22.90
C LEU K 153 -30.80 -6.13 -24.02
N HIS K 154 -31.72 -7.01 -24.43
CA HIS K 154 -32.67 -6.65 -25.47
C HIS K 154 -33.45 -5.42 -25.02
N ALA K 155 -34.03 -5.54 -23.83
CA ALA K 155 -34.85 -4.49 -23.24
C ALA K 155 -34.31 -3.06 -23.24
N THR K 156 -33.01 -2.91 -23.48
CA THR K 156 -32.43 -1.56 -23.50
C THR K 156 -31.60 -1.36 -24.73
N ALA K 157 -31.19 -2.45 -25.36
CA ALA K 157 -30.41 -2.35 -26.56
C ALA K 157 -31.35 -1.84 -27.63
N PHE K 158 -32.55 -2.42 -27.68
CA PHE K 158 -33.57 -2.03 -28.65
C PHE K 158 -34.65 -1.20 -27.99
N GLN K 159 -34.46 -0.94 -26.69
CA GLN K 159 -35.36 -0.15 -25.87
C GLN K 159 -36.38 0.66 -26.66
N GLY K 160 -37.61 0.72 -26.15
CA GLY K 160 -38.65 1.48 -26.80
C GLY K 160 -39.29 0.80 -27.99
N THR K 161 -38.57 -0.06 -28.70
CA THR K 161 -39.19 -0.73 -29.83
C THR K 161 -39.88 -2.04 -29.39
N ALA K 162 -40.31 -2.82 -30.36
CA ALA K 162 -41.01 -4.09 -30.11
C ALA K 162 -40.03 -5.23 -29.82
N LEU K 163 -38.86 -5.16 -30.43
CA LEU K 163 -37.85 -6.18 -30.22
C LEU K 163 -37.49 -6.23 -28.75
N ALA K 164 -37.55 -5.07 -28.10
CA ALA K 164 -37.19 -4.93 -26.68
C ALA K 164 -38.17 -5.51 -25.68
N ARG K 165 -38.87 -6.56 -26.08
CA ARG K 165 -39.82 -7.21 -25.17
C ARG K 165 -39.46 -8.65 -24.88
N THR K 166 -39.91 -9.11 -23.73
CA THR K 166 -39.68 -10.48 -23.31
C THR K 166 -40.57 -11.35 -24.17
N VAL K 167 -40.14 -12.57 -24.50
CA VAL K 167 -40.96 -13.46 -25.31
C VAL K 167 -42.13 -13.99 -24.48
N GLU K 168 -41.88 -14.27 -23.20
CA GLU K 168 -42.94 -14.77 -22.34
C GLU K 168 -44.00 -13.73 -22.01
N GLY K 169 -43.74 -12.49 -22.39
CA GLY K 169 -44.69 -11.42 -22.16
C GLY K 169 -44.87 -11.02 -20.72
N THR K 170 -45.46 -9.85 -20.52
CA THR K 170 -45.71 -9.26 -19.21
C THR K 170 -46.53 -10.08 -18.23
N THR K 171 -46.47 -9.70 -16.95
CA THR K 171 -47.22 -10.37 -15.88
C THR K 171 -48.69 -10.00 -15.94
N GLU K 172 -48.97 -8.75 -16.28
CA GLU K 172 -50.33 -8.26 -16.40
C GLU K 172 -51.05 -8.95 -17.55
N ASN K 173 -50.41 -8.96 -18.71
CA ASN K 173 -50.96 -9.58 -19.91
C ASN K 173 -51.33 -11.04 -19.70
N ILE K 174 -50.38 -11.84 -19.25
CA ILE K 174 -50.66 -13.24 -19.04
C ILE K 174 -51.77 -13.42 -18.02
N LYS K 175 -52.07 -12.39 -17.24
CA LYS K 175 -53.14 -12.50 -16.25
C LYS K 175 -54.50 -12.11 -16.85
N HIS K 176 -54.49 -11.36 -17.94
CA HIS K 176 -55.73 -10.90 -18.57
C HIS K 176 -56.01 -11.35 -20.00
N LEU K 177 -55.04 -11.90 -20.71
CA LEU K 177 -55.31 -12.32 -22.09
C LEU K 177 -56.62 -13.11 -22.12
N THR K 178 -57.36 -13.04 -23.22
CA THR K 178 -58.63 -13.72 -23.33
C THR K 178 -58.73 -14.66 -24.52
N ARG K 179 -59.62 -15.64 -24.40
CA ARG K 179 -59.83 -16.60 -25.47
C ARG K 179 -59.75 -15.77 -26.74
N ALA K 180 -60.50 -14.68 -26.74
CA ALA K 180 -60.53 -13.78 -27.87
C ALA K 180 -59.11 -13.44 -28.37
N ASP K 181 -58.37 -12.71 -27.55
CA ASP K 181 -57.02 -12.27 -27.89
C ASP K 181 -56.14 -13.38 -28.45
N LEU K 182 -56.21 -14.57 -27.83
CA LEU K 182 -55.42 -15.70 -28.27
C LEU K 182 -55.81 -16.03 -29.69
N ALA K 183 -57.11 -16.10 -29.90
CA ALA K 183 -57.67 -16.40 -31.21
C ALA K 183 -56.98 -15.52 -32.24
N SER K 184 -57.26 -14.22 -32.18
CA SER K 184 -56.67 -13.28 -33.11
C SER K 184 -55.22 -13.61 -33.44
N TYR K 185 -54.38 -13.74 -32.41
CA TYR K 185 -52.97 -14.02 -32.64
C TYR K 185 -52.83 -15.15 -33.65
N ILE K 186 -53.54 -16.24 -33.39
CA ILE K 186 -53.50 -17.40 -34.26
C ILE K 186 -54.00 -17.01 -35.64
N ASP K 187 -55.17 -16.38 -35.65
CA ASP K 187 -55.83 -15.95 -36.87
C ASP K 187 -54.96 -15.00 -37.67
N THR K 188 -54.56 -13.92 -37.01
CA THR K 188 -53.77 -12.88 -37.65
C THR K 188 -52.36 -13.32 -38.05
N HIS K 189 -51.76 -14.25 -37.30
CA HIS K 189 -50.40 -14.66 -37.57
C HIS K 189 -50.11 -16.00 -38.24
N PHE K 190 -50.77 -17.07 -37.81
CA PHE K 190 -50.53 -18.38 -38.40
C PHE K 190 -51.17 -18.53 -39.78
N LYS K 191 -50.55 -17.90 -40.79
CA LYS K 191 -51.02 -17.95 -42.17
C LYS K 191 -49.97 -18.51 -43.14
N ALA K 192 -50.42 -19.46 -43.96
CA ALA K 192 -49.59 -20.18 -44.94
C ALA K 192 -48.40 -19.54 -45.67
N PRO K 193 -48.55 -18.30 -46.15
CA PRO K 193 -47.41 -17.69 -46.85
C PRO K 193 -46.25 -17.39 -45.92
N ARG K 194 -46.56 -17.44 -44.62
CA ARG K 194 -45.60 -17.18 -43.54
C ARG K 194 -45.21 -18.45 -42.76
N MET K 195 -45.68 -19.60 -43.24
CA MET K 195 -45.37 -20.86 -42.58
C MET K 195 -44.55 -21.73 -43.51
N VAL K 196 -43.75 -22.61 -42.94
CA VAL K 196 -42.93 -23.51 -43.74
C VAL K 196 -43.00 -24.96 -43.27
N LEU K 197 -43.29 -25.84 -44.21
CA LEU K 197 -43.37 -27.23 -43.89
C LEU K 197 -42.01 -27.76 -44.26
N ALA K 198 -41.29 -28.17 -43.24
CA ALA K 198 -39.97 -28.72 -43.40
C ALA K 198 -39.91 -30.09 -42.76
N ALA K 199 -39.00 -30.91 -43.28
CA ALA K 199 -38.82 -32.24 -42.77
C ALA K 199 -37.55 -32.85 -43.34
N ALA K 200 -37.05 -33.85 -42.65
CA ALA K 200 -35.87 -34.53 -43.10
C ALA K 200 -35.98 -35.96 -42.61
N GLY K 201 -35.36 -36.88 -43.35
CA GLY K 201 -35.40 -38.28 -43.00
C GLY K 201 -35.52 -39.13 -44.25
N GLY K 202 -36.10 -40.32 -44.10
CA GLY K 202 -36.28 -41.20 -45.24
C GLY K 202 -37.64 -40.98 -45.89
N ILE K 203 -37.90 -39.74 -46.32
CA ILE K 203 -39.17 -39.38 -46.94
C ILE K 203 -38.97 -38.96 -48.38
N SER K 204 -39.99 -39.24 -49.21
CA SER K 204 -39.94 -38.85 -50.62
C SER K 204 -40.49 -37.43 -50.67
N HIS K 205 -39.93 -36.58 -51.53
CA HIS K 205 -40.43 -35.23 -51.58
C HIS K 205 -41.91 -35.20 -51.97
N LYS K 206 -42.25 -35.81 -53.12
CA LYS K 206 -43.64 -35.85 -53.56
C LYS K 206 -44.48 -36.27 -52.39
N GLU K 207 -44.37 -37.54 -52.01
CA GLU K 207 -45.13 -38.07 -50.90
C GLU K 207 -45.40 -37.07 -49.78
N LEU K 208 -44.48 -36.16 -49.55
CA LEU K 208 -44.64 -35.16 -48.50
C LEU K 208 -45.61 -34.06 -48.95
N VAL K 209 -45.23 -33.34 -49.99
CA VAL K 209 -46.07 -32.27 -50.49
C VAL K 209 -47.52 -32.73 -50.63
N ASP K 210 -47.73 -33.91 -51.20
CA ASP K 210 -49.08 -34.45 -51.38
C ASP K 210 -49.95 -34.26 -50.15
N ALA K 211 -49.39 -34.57 -48.99
CA ALA K 211 -50.12 -34.44 -47.75
C ALA K 211 -50.47 -32.99 -47.54
N ALA K 212 -49.50 -32.13 -47.79
CA ALA K 212 -49.70 -30.71 -47.63
C ALA K 212 -50.96 -30.32 -48.37
N ARG K 213 -50.93 -30.53 -49.69
CA ARG K 213 -52.05 -30.20 -50.57
C ARG K 213 -53.39 -30.55 -49.94
N GLN K 214 -53.44 -31.65 -49.18
CA GLN K 214 -54.68 -32.11 -48.59
C GLN K 214 -55.12 -31.47 -47.26
N HIS K 215 -54.19 -31.10 -46.38
CA HIS K 215 -54.58 -30.51 -45.11
C HIS K 215 -54.33 -29.03 -44.98
N PHE K 216 -53.35 -28.53 -45.73
CA PHE K 216 -53.01 -27.12 -45.69
C PHE K 216 -53.66 -26.35 -46.85
N SER K 217 -54.86 -26.76 -47.24
CA SER K 217 -55.58 -26.11 -48.34
C SER K 217 -56.08 -24.71 -47.96
N GLY K 218 -57.33 -24.42 -48.29
CA GLY K 218 -57.91 -23.11 -47.99
C GLY K 218 -57.26 -21.98 -48.77
N VAL K 219 -57.31 -22.06 -50.10
CA VAL K 219 -56.70 -21.06 -50.97
C VAL K 219 -57.30 -19.67 -50.74
N SER K 220 -56.50 -18.64 -51.04
CA SER K 220 -56.89 -17.23 -50.87
C SER K 220 -57.36 -16.54 -52.15
N PHE K 221 -58.12 -15.47 -51.97
CA PHE K 221 -58.67 -14.72 -53.08
C PHE K 221 -57.95 -13.41 -53.37
N THR K 222 -58.04 -12.47 -52.45
CA THR K 222 -57.41 -11.16 -52.60
C THR K 222 -55.90 -11.17 -52.45
N TYR K 223 -55.24 -10.21 -53.10
CA TYR K 223 -53.79 -10.09 -53.03
C TYR K 223 -53.33 -9.84 -51.60
N LYS K 224 -54.21 -9.26 -50.80
CA LYS K 224 -53.94 -8.97 -49.39
C LYS K 224 -53.34 -10.18 -48.66
N GLU K 225 -53.99 -11.33 -48.81
CA GLU K 225 -53.60 -12.58 -48.18
C GLU K 225 -52.27 -13.18 -48.62
N ASP K 226 -51.80 -12.80 -49.79
CA ASP K 226 -50.52 -13.29 -50.31
C ASP K 226 -49.40 -12.30 -49.96
N ALA K 227 -49.69 -11.41 -49.01
CA ALA K 227 -48.72 -10.40 -48.59
C ALA K 227 -48.13 -10.60 -47.21
N VAL K 228 -46.80 -10.48 -47.15
CA VAL K 228 -46.01 -10.61 -45.94
C VAL K 228 -45.85 -9.22 -45.31
N PRO K 229 -46.63 -8.95 -44.23
CA PRO K 229 -46.55 -7.65 -43.56
C PRO K 229 -45.13 -7.28 -43.16
N ILE K 230 -44.55 -6.28 -43.84
CA ILE K 230 -43.20 -5.87 -43.49
C ILE K 230 -43.22 -5.14 -42.14
N LEU K 231 -42.24 -5.45 -41.31
CA LEU K 231 -42.10 -4.91 -39.96
C LEU K 231 -41.42 -3.57 -39.79
N PRO K 232 -41.83 -2.81 -38.75
CA PRO K 232 -41.30 -1.49 -38.41
C PRO K 232 -39.87 -1.67 -37.86
N ARG K 233 -38.91 -0.90 -38.35
CA ARG K 233 -37.52 -1.05 -37.88
C ARG K 233 -37.35 -0.81 -36.40
N CYS K 234 -36.40 -1.51 -35.79
CA CYS K 234 -36.14 -1.36 -34.38
C CYS K 234 -34.85 -0.58 -34.12
N ARG K 235 -34.99 0.56 -33.44
CA ARG K 235 -33.88 1.46 -33.15
C ARG K 235 -32.92 0.98 -32.08
N PHE K 236 -31.65 0.84 -32.46
CA PHE K 236 -30.64 0.45 -31.49
C PHE K 236 -30.31 1.70 -30.69
N THR K 237 -30.01 1.52 -29.41
CA THR K 237 -29.69 2.66 -28.58
C THR K 237 -28.58 2.32 -27.61
N GLY K 238 -27.44 3.00 -27.75
CA GLY K 238 -26.36 2.75 -26.84
C GLY K 238 -26.81 3.08 -25.43
N SER K 239 -26.68 2.13 -24.51
CA SER K 239 -27.11 2.41 -23.17
C SER K 239 -26.85 1.25 -22.27
N GLU K 240 -27.24 1.41 -21.03
CA GLU K 240 -27.08 0.37 -20.03
C GLU K 240 -28.26 0.32 -19.08
N ILE K 241 -28.42 -0.85 -18.48
CA ILE K 241 -29.45 -1.11 -17.49
C ILE K 241 -28.77 -1.98 -16.44
N ARG K 242 -28.74 -1.47 -15.21
CA ARG K 242 -28.06 -2.18 -14.12
C ARG K 242 -29.02 -2.59 -13.02
N ALA K 243 -29.12 -3.90 -12.82
CA ALA K 243 -30.00 -4.46 -11.79
C ALA K 243 -29.13 -5.01 -10.70
N ARG K 244 -29.08 -4.30 -9.58
CA ARG K 244 -28.20 -4.74 -8.52
C ARG K 244 -28.83 -5.46 -7.36
N ASP K 245 -28.07 -6.42 -6.83
CA ASP K 245 -28.47 -7.25 -5.72
C ASP K 245 -27.17 -7.89 -5.24
N ASP K 246 -26.50 -7.25 -4.28
CA ASP K 246 -25.25 -7.79 -3.76
C ASP K 246 -25.47 -9.13 -3.06
N ALA K 247 -26.70 -9.62 -3.07
CA ALA K 247 -27.01 -10.88 -2.40
C ALA K 247 -26.82 -12.07 -3.30
N LEU K 248 -26.56 -11.81 -4.58
CA LEU K 248 -26.35 -12.88 -5.54
C LEU K 248 -24.89 -13.30 -5.53
N PRO K 249 -24.65 -14.58 -5.72
CA PRO K 249 -23.33 -15.23 -5.75
C PRO K 249 -22.38 -14.72 -6.80
N VAL K 250 -22.91 -14.47 -7.99
CA VAL K 250 -22.07 -13.98 -9.06
C VAL K 250 -22.78 -12.87 -9.75
N ALA K 251 -22.13 -12.29 -10.75
CA ALA K 251 -22.74 -11.22 -11.49
C ALA K 251 -22.63 -11.59 -12.95
N HIS K 252 -23.64 -11.21 -13.73
CA HIS K 252 -23.65 -11.47 -15.16
C HIS K 252 -23.61 -10.14 -15.86
N VAL K 253 -22.78 -10.03 -16.90
CA VAL K 253 -22.69 -8.80 -17.66
C VAL K 253 -22.82 -9.17 -19.13
N ALA K 254 -23.36 -8.26 -19.93
CA ALA K 254 -23.52 -8.53 -21.35
C ALA K 254 -23.34 -7.24 -22.11
N LEU K 255 -22.42 -7.28 -23.07
CA LEU K 255 -22.16 -6.10 -23.86
C LEU K 255 -22.47 -6.40 -25.32
N ALA K 256 -22.90 -5.37 -26.04
CA ALA K 256 -23.23 -5.54 -27.44
C ALA K 256 -23.37 -4.29 -28.28
N VAL K 257 -23.21 -4.52 -29.59
CA VAL K 257 -23.31 -3.52 -30.65
C VAL K 257 -24.45 -3.94 -31.58
N GLU K 258 -24.91 -3.04 -32.45
CA GLU K 258 -25.98 -3.45 -33.33
C GLU K 258 -25.49 -4.41 -34.41
N GLY K 259 -26.18 -5.54 -34.55
CA GLY K 259 -25.86 -6.56 -35.54
C GLY K 259 -26.23 -6.16 -36.98
N PRO K 260 -25.85 -6.94 -37.99
CA PRO K 260 -26.17 -6.58 -39.37
C PRO K 260 -27.54 -7.00 -39.94
N GLY K 261 -28.11 -8.10 -39.45
CA GLY K 261 -29.38 -8.53 -39.99
C GLY K 261 -29.21 -9.69 -40.96
N TRP K 262 -29.90 -10.78 -40.64
CA TRP K 262 -29.87 -12.01 -41.41
C TRP K 262 -29.26 -12.02 -42.81
N ALA K 263 -29.79 -11.20 -43.69
CA ALA K 263 -29.29 -11.18 -45.06
C ALA K 263 -27.79 -10.97 -45.28
N ASP K 264 -27.26 -9.90 -44.71
CA ASP K 264 -25.86 -9.51 -44.86
C ASP K 264 -24.83 -10.62 -44.87
N PRO K 265 -23.97 -10.62 -45.90
CA PRO K 265 -22.89 -11.60 -46.12
C PRO K 265 -21.77 -11.41 -45.11
N ASP K 266 -21.91 -10.36 -44.33
CA ASP K 266 -20.91 -10.05 -43.33
C ASP K 266 -21.08 -10.93 -42.11
N ASN K 267 -22.30 -11.39 -41.85
CA ASN K 267 -22.49 -12.23 -40.69
C ASN K 267 -21.48 -13.36 -40.67
N VAL K 268 -21.05 -13.80 -41.87
CA VAL K 268 -20.06 -14.88 -41.98
C VAL K 268 -18.78 -14.40 -41.28
N VAL K 269 -18.24 -13.29 -41.78
CA VAL K 269 -17.03 -12.72 -41.22
C VAL K 269 -17.22 -12.63 -39.73
N LEU K 270 -18.28 -11.97 -39.29
CA LEU K 270 -18.52 -11.86 -37.85
C LEU K 270 -18.41 -13.18 -37.05
N HIS K 271 -19.03 -14.24 -37.55
CA HIS K 271 -18.96 -15.52 -36.86
C HIS K 271 -17.56 -16.08 -36.86
N VAL K 272 -16.80 -15.76 -37.91
CA VAL K 272 -15.43 -16.21 -38.01
C VAL K 272 -14.75 -15.52 -36.86
N ALA K 273 -15.05 -14.25 -36.67
CA ALA K 273 -14.44 -13.50 -35.58
C ALA K 273 -14.82 -14.15 -34.27
N ASN K 274 -16.11 -14.14 -33.97
CA ASN K 274 -16.60 -14.72 -32.74
C ASN K 274 -16.00 -16.08 -32.39
N ALA K 275 -15.40 -16.74 -33.38
CA ALA K 275 -14.77 -18.04 -33.17
C ALA K 275 -13.38 -17.85 -32.62
N ILE K 276 -12.73 -16.78 -33.04
CA ILE K 276 -11.39 -16.47 -32.57
C ILE K 276 -11.37 -16.31 -31.04
N ILE K 277 -12.34 -15.56 -30.53
CA ILE K 277 -12.46 -15.35 -29.09
C ILE K 277 -13.15 -16.54 -28.45
N GLY K 278 -13.92 -17.28 -29.24
CA GLY K 278 -14.62 -18.43 -28.73
C GLY K 278 -15.31 -18.21 -27.39
N ARG K 279 -15.39 -19.28 -26.61
CA ARG K 279 -16.01 -19.22 -25.30
C ARG K 279 -15.25 -20.12 -24.33
N TYR K 280 -15.46 -19.88 -23.04
CA TYR K 280 -14.80 -20.65 -21.99
C TYR K 280 -15.74 -20.86 -20.81
N ASP K 281 -15.39 -21.84 -20.00
CA ASP K 281 -16.17 -22.17 -18.84
C ASP K 281 -15.43 -23.14 -17.91
N ARG K 282 -15.42 -22.79 -16.63
CA ARG K 282 -14.76 -23.58 -15.60
C ARG K 282 -14.29 -24.99 -15.93
N THR K 283 -15.20 -25.83 -16.40
CA THR K 283 -14.87 -27.23 -16.68
C THR K 283 -13.99 -27.54 -17.88
N PHE K 284 -13.81 -26.57 -18.76
CA PHE K 284 -12.99 -26.81 -19.91
C PHE K 284 -11.66 -27.40 -19.57
N GLY K 285 -11.44 -28.63 -19.99
CA GLY K 285 -10.18 -29.27 -19.71
C GLY K 285 -9.04 -28.55 -20.40
N GLY K 286 -9.36 -27.74 -21.39
CA GLY K 286 -8.33 -27.02 -22.10
C GLY K 286 -7.31 -26.37 -21.18
N GLY K 287 -7.79 -25.53 -20.27
CA GLY K 287 -6.89 -24.88 -19.34
C GLY K 287 -6.00 -23.84 -19.95
N LYS K 288 -5.00 -23.41 -19.18
CA LYS K 288 -4.09 -22.36 -19.63
C LYS K 288 -3.51 -22.48 -21.05
N HIS K 289 -3.80 -23.58 -21.73
CA HIS K 289 -3.26 -23.77 -23.07
C HIS K 289 -4.25 -23.49 -24.17
N LEU K 290 -5.51 -23.25 -23.82
CA LEU K 290 -6.58 -22.92 -24.75
C LEU K 290 -6.05 -21.87 -25.71
N SER K 291 -6.59 -21.81 -26.92
CA SER K 291 -6.09 -20.86 -27.93
C SER K 291 -6.70 -19.48 -27.86
N SER K 292 -7.86 -19.40 -27.23
CA SER K 292 -8.53 -18.13 -27.11
C SER K 292 -7.82 -17.28 -26.11
N ARG K 293 -7.21 -16.21 -26.58
CA ARG K 293 -6.48 -15.31 -25.69
C ARG K 293 -7.30 -15.04 -24.41
N LEU K 294 -8.55 -14.63 -24.58
CA LEU K 294 -9.43 -14.32 -23.45
C LEU K 294 -9.65 -15.52 -22.57
N ALA K 295 -9.76 -16.69 -23.18
CA ALA K 295 -9.96 -17.89 -22.42
C ALA K 295 -8.75 -18.06 -21.52
N ALA K 296 -7.58 -17.96 -22.16
CA ALA K 296 -6.29 -18.11 -21.49
C ALA K 296 -6.12 -17.17 -20.31
N LEU K 297 -6.35 -15.88 -20.55
CA LEU K 297 -6.24 -14.89 -19.49
C LEU K 297 -7.28 -15.19 -18.43
N ALA K 298 -8.48 -15.47 -18.90
CA ALA K 298 -9.57 -15.79 -18.00
C ALA K 298 -9.15 -16.85 -16.99
N VAL K 299 -8.36 -17.81 -17.45
CA VAL K 299 -7.89 -18.90 -16.61
C VAL K 299 -6.74 -18.47 -15.72
N GLU K 300 -5.75 -17.86 -16.35
CA GLU K 300 -4.55 -17.38 -15.68
C GLU K 300 -4.91 -16.58 -14.45
N HIS K 301 -5.88 -15.68 -14.57
CA HIS K 301 -6.24 -14.82 -13.43
C HIS K 301 -7.58 -15.01 -12.74
N LYS K 302 -8.18 -16.19 -12.92
CA LYS K 302 -9.48 -16.53 -12.34
C LYS K 302 -10.53 -15.45 -12.61
N LEU K 303 -10.50 -14.94 -13.84
CA LEU K 303 -11.40 -13.89 -14.29
C LEU K 303 -12.90 -14.17 -14.29
N CYS K 304 -13.29 -15.39 -14.59
CA CYS K 304 -14.73 -15.65 -14.69
C CYS K 304 -15.13 -17.11 -14.77
N HIS K 305 -16.32 -17.39 -14.25
CA HIS K 305 -16.89 -18.73 -14.26
C HIS K 305 -17.22 -19.15 -15.69
N SER K 306 -17.48 -18.17 -16.55
CA SER K 306 -17.83 -18.47 -17.94
C SER K 306 -18.07 -17.21 -18.73
N PHE K 307 -17.89 -17.32 -20.03
CA PHE K 307 -18.13 -16.20 -20.89
C PHE K 307 -18.43 -16.82 -22.23
N GLN K 308 -19.02 -16.02 -23.11
CA GLN K 308 -19.37 -16.47 -24.44
C GLN K 308 -19.63 -15.34 -25.42
N THR K 309 -19.36 -15.63 -26.69
CA THR K 309 -19.59 -14.68 -27.75
C THR K 309 -20.88 -15.11 -28.42
N PHE K 310 -21.58 -14.12 -28.98
CA PHE K 310 -22.85 -14.36 -29.63
C PHE K 310 -23.05 -13.42 -30.80
N ASN K 311 -23.78 -13.91 -31.80
CA ASN K 311 -24.14 -13.12 -32.96
C ASN K 311 -25.61 -13.41 -33.23
N THR K 312 -26.48 -12.81 -32.42
CA THR K 312 -27.90 -13.02 -32.61
C THR K 312 -28.27 -12.16 -33.82
N SER K 313 -28.94 -12.79 -34.79
CA SER K 313 -29.37 -12.09 -35.99
C SER K 313 -30.89 -12.07 -36.13
N TYR K 314 -31.38 -11.05 -36.83
CA TYR K 314 -32.80 -10.87 -37.05
C TYR K 314 -33.04 -10.39 -38.48
N SER K 315 -34.31 -10.30 -38.85
CA SER K 315 -34.72 -9.86 -40.18
C SER K 315 -33.99 -8.62 -40.66
N ASP K 316 -34.09 -7.55 -39.86
CA ASP K 316 -33.48 -6.27 -40.19
C ASP K 316 -32.25 -5.85 -39.36
N THR K 317 -32.07 -6.41 -38.16
CA THR K 317 -30.98 -6.00 -37.29
C THR K 317 -30.22 -7.13 -36.59
N GLY K 318 -30.01 -6.99 -35.27
CA GLY K 318 -29.30 -8.01 -34.49
C GLY K 318 -28.38 -7.53 -33.36
N LEU K 319 -28.00 -8.43 -32.46
CA LEU K 319 -27.11 -8.08 -31.37
C LEU K 319 -25.79 -8.82 -31.56
N PHE K 320 -24.69 -8.17 -31.18
CA PHE K 320 -23.35 -8.75 -31.33
C PHE K 320 -22.49 -8.41 -30.14
N GLY K 321 -22.07 -9.40 -29.38
CA GLY K 321 -21.24 -9.10 -28.24
C GLY K 321 -20.71 -10.27 -27.45
N PHE K 322 -20.97 -10.23 -26.15
CA PHE K 322 -20.51 -11.29 -25.27
C PHE K 322 -21.08 -11.14 -23.85
N HIS K 323 -21.18 -12.29 -23.19
CA HIS K 323 -21.72 -12.35 -21.84
C HIS K 323 -20.83 -13.23 -20.97
N PHE K 324 -20.50 -12.72 -19.78
CA PHE K 324 -19.68 -13.45 -18.82
C PHE K 324 -20.23 -13.35 -17.41
N VAL K 325 -19.90 -14.36 -16.61
CA VAL K 325 -20.33 -14.44 -15.24
C VAL K 325 -19.08 -14.44 -14.40
N ALA K 326 -19.03 -13.60 -13.38
CA ALA K 326 -17.83 -13.56 -12.57
C ALA K 326 -18.13 -13.23 -11.13
N ASP K 327 -17.09 -13.25 -10.31
CA ASP K 327 -17.25 -12.93 -8.91
C ASP K 327 -17.30 -11.42 -8.83
N PRO K 328 -17.94 -10.90 -7.78
CA PRO K 328 -18.05 -9.46 -7.63
C PRO K 328 -16.71 -8.74 -7.72
N LEU K 329 -15.64 -9.46 -7.39
CA LEU K 329 -14.30 -8.88 -7.40
C LEU K 329 -13.40 -9.15 -8.59
N SER K 330 -13.98 -9.43 -9.73
CA SER K 330 -13.19 -9.68 -10.92
C SER K 330 -13.96 -9.24 -12.15
N ILE K 331 -15.15 -8.71 -11.92
CA ILE K 331 -15.96 -8.27 -13.04
C ILE K 331 -15.09 -7.32 -13.84
N ASP K 332 -14.46 -6.40 -13.12
CA ASP K 332 -13.65 -5.40 -13.76
C ASP K 332 -12.60 -5.99 -14.67
N ASP K 333 -11.50 -6.43 -14.07
CA ASP K 333 -10.39 -7.04 -14.80
C ASP K 333 -10.93 -7.76 -16.05
N MET K 334 -11.92 -8.63 -15.83
CA MET K 334 -12.54 -9.42 -16.90
C MET K 334 -13.05 -8.53 -18.02
N MET K 335 -14.03 -7.71 -17.67
CA MET K 335 -14.61 -6.80 -18.63
C MET K 335 -13.47 -6.29 -19.46
N PHE K 336 -12.56 -5.63 -18.75
CA PHE K 336 -11.41 -5.05 -19.39
C PHE K 336 -10.69 -5.96 -20.38
N CYS K 337 -10.26 -7.14 -19.94
CA CYS K 337 -9.57 -8.06 -20.85
C CYS K 337 -10.36 -8.32 -22.13
N ALA K 338 -11.67 -8.45 -21.95
CA ALA K 338 -12.59 -8.70 -23.04
C ALA K 338 -12.58 -7.55 -24.03
N GLN K 339 -13.06 -6.38 -23.61
CA GLN K 339 -13.10 -5.20 -24.48
C GLN K 339 -11.81 -5.07 -25.27
N GLY K 340 -10.74 -5.60 -24.68
CA GLY K 340 -9.42 -5.56 -25.31
C GLY K 340 -9.37 -6.56 -26.42
N GLU K 341 -9.76 -7.78 -26.12
CA GLU K 341 -9.75 -8.78 -27.14
C GLU K 341 -10.60 -8.30 -28.28
N TRP K 342 -11.66 -7.57 -27.97
CA TRP K 342 -12.49 -7.07 -29.03
C TRP K 342 -11.62 -6.16 -29.89
N MET K 343 -10.97 -5.21 -29.25
CA MET K 343 -10.13 -4.32 -30.01
C MET K 343 -9.13 -5.11 -30.82
N ARG K 344 -8.38 -6.00 -30.18
CA ARG K 344 -7.39 -6.77 -30.91
C ARG K 344 -7.96 -7.18 -32.25
N LEU K 345 -9.18 -7.68 -32.23
CA LEU K 345 -9.87 -8.09 -33.45
C LEU K 345 -9.75 -7.04 -34.54
N CYS K 346 -10.24 -5.84 -34.21
CA CYS K 346 -10.24 -4.73 -35.13
C CYS K 346 -8.87 -4.24 -35.55
N THR K 347 -7.83 -4.56 -34.77
CA THR K 347 -6.50 -4.05 -35.07
C THR K 347 -5.34 -4.98 -35.44
N SER K 348 -5.32 -6.20 -34.94
CA SER K 348 -4.19 -7.05 -35.30
C SER K 348 -4.44 -8.56 -35.42
N THR K 349 -5.63 -8.93 -35.85
CA THR K 349 -5.95 -10.34 -36.01
C THR K 349 -5.01 -10.91 -37.07
N THR K 350 -4.34 -12.03 -36.78
CA THR K 350 -3.40 -12.62 -37.73
C THR K 350 -3.98 -13.75 -38.56
N GLU K 351 -3.29 -14.12 -39.63
CA GLU K 351 -3.76 -15.20 -40.50
C GLU K 351 -3.92 -16.54 -39.76
N SER K 352 -3.14 -16.74 -38.70
CA SER K 352 -3.23 -17.97 -37.93
C SER K 352 -4.50 -17.90 -37.08
N GLU K 353 -4.68 -16.79 -36.37
CA GLU K 353 -5.86 -16.59 -35.53
C GLU K 353 -7.12 -16.96 -36.31
N VAL K 354 -7.16 -16.60 -37.58
CA VAL K 354 -8.33 -16.87 -38.39
C VAL K 354 -8.32 -18.26 -38.97
N LYS K 355 -7.16 -18.77 -39.36
CA LYS K 355 -7.10 -20.11 -39.94
C LYS K 355 -7.80 -21.09 -39.02
N ARG K 356 -7.47 -21.01 -37.74
CA ARG K 356 -8.07 -21.87 -36.75
C ARG K 356 -9.56 -21.57 -36.66
N ALA K 357 -9.88 -20.30 -36.41
CA ALA K 357 -11.27 -19.86 -36.30
C ALA K 357 -12.12 -20.48 -37.41
N LYS K 358 -11.64 -20.37 -38.66
CA LYS K 358 -12.36 -20.95 -39.76
C LYS K 358 -12.66 -22.42 -39.47
N ASN K 359 -11.63 -23.27 -39.51
CA ASN K 359 -11.84 -24.69 -39.26
C ASN K 359 -12.78 -24.97 -38.11
N HIS K 360 -12.80 -24.10 -37.11
CA HIS K 360 -13.69 -24.29 -35.98
C HIS K 360 -15.11 -24.07 -36.42
N LEU K 361 -15.37 -22.88 -36.95
CA LEU K 361 -16.71 -22.52 -37.42
C LEU K 361 -17.22 -23.60 -38.35
N ARG K 362 -16.37 -23.97 -39.29
CA ARG K 362 -16.68 -25.01 -40.25
C ARG K 362 -17.37 -26.19 -39.57
N SER K 363 -16.66 -26.89 -38.69
CA SER K 363 -17.23 -28.05 -37.99
C SER K 363 -18.36 -27.71 -37.02
N ALA K 364 -18.50 -26.45 -36.64
CA ALA K 364 -19.57 -26.07 -35.72
C ALA K 364 -20.86 -26.10 -36.49
N MET K 365 -20.78 -25.58 -37.72
CA MET K 365 -21.91 -25.51 -38.64
C MET K 365 -22.34 -26.92 -39.07
N VAL K 366 -21.38 -27.82 -39.20
CA VAL K 366 -21.63 -29.19 -39.59
C VAL K 366 -22.39 -29.93 -38.50
N ALA K 367 -22.08 -29.60 -37.25
CA ALA K 367 -22.74 -30.21 -36.12
C ALA K 367 -24.12 -29.58 -35.92
N GLN K 368 -24.44 -28.58 -36.73
CA GLN K 368 -25.74 -27.94 -36.65
C GLN K 368 -26.69 -28.89 -37.36
N LEU K 369 -26.10 -29.77 -38.17
CA LEU K 369 -26.85 -30.76 -38.94
C LEU K 369 -26.54 -32.18 -38.47
N ASP K 370 -26.70 -32.40 -37.17
CA ASP K 370 -26.43 -33.69 -36.54
C ASP K 370 -27.75 -34.31 -36.12
N GLY K 371 -28.40 -34.97 -37.06
CA GLY K 371 -29.67 -35.61 -36.78
C GLY K 371 -30.77 -35.03 -37.65
N THR K 372 -31.97 -35.55 -37.53
CA THR K 372 -33.07 -35.05 -38.33
C THR K 372 -33.59 -33.73 -37.80
N THR K 373 -33.97 -33.69 -36.52
CA THR K 373 -34.50 -32.45 -35.95
C THR K 373 -33.65 -31.24 -36.28
N PRO K 374 -32.37 -31.26 -35.91
CA PRO K 374 -31.58 -30.07 -36.25
C PRO K 374 -31.47 -29.77 -37.75
N VAL K 375 -31.40 -30.80 -38.61
CA VAL K 375 -31.31 -30.55 -40.06
C VAL K 375 -32.54 -29.81 -40.50
N CYS K 376 -33.66 -30.31 -40.02
CA CYS K 376 -34.96 -29.75 -40.28
C CYS K 376 -34.94 -28.27 -39.88
N GLU K 377 -34.65 -28.01 -38.60
CA GLU K 377 -34.60 -26.66 -38.05
C GLU K 377 -33.79 -25.71 -38.89
N THR K 378 -32.76 -26.25 -39.55
CA THR K 378 -31.91 -25.47 -40.43
C THR K 378 -32.69 -25.04 -41.65
N ILE K 379 -33.53 -25.96 -42.15
CA ILE K 379 -34.35 -25.65 -43.30
C ILE K 379 -35.48 -24.72 -42.88
N GLY K 380 -36.23 -25.09 -41.85
CA GLY K 380 -37.28 -24.21 -41.39
C GLY K 380 -36.75 -22.79 -41.31
N SER K 381 -35.69 -22.60 -40.54
CA SER K 381 -35.10 -21.27 -40.37
C SER K 381 -34.49 -20.67 -41.65
N HIS K 382 -33.84 -21.50 -42.49
CA HIS K 382 -33.25 -20.96 -43.71
C HIS K 382 -34.31 -20.31 -44.61
N LEU K 383 -35.29 -21.10 -45.04
CA LEU K 383 -36.33 -20.56 -45.92
C LEU K 383 -36.95 -19.29 -45.38
N LEU K 384 -37.38 -19.36 -44.13
CA LEU K 384 -38.03 -18.25 -43.46
C LEU K 384 -37.17 -16.98 -43.33
N ASN K 385 -35.85 -17.15 -43.25
CA ASN K 385 -34.94 -16.00 -43.11
C ASN K 385 -34.14 -15.64 -44.34
N TYR K 386 -33.41 -16.60 -44.87
CA TYR K 386 -32.59 -16.36 -46.05
C TYR K 386 -33.42 -16.45 -47.33
N GLY K 387 -34.57 -17.12 -47.26
CA GLY K 387 -35.43 -17.25 -48.43
C GLY K 387 -35.08 -18.40 -49.37
N ARG K 388 -34.37 -19.38 -48.84
CA ARG K 388 -33.97 -20.55 -49.61
C ARG K 388 -33.12 -21.42 -48.69
N ARG K 389 -32.38 -22.34 -49.26
CA ARG K 389 -31.52 -23.22 -48.46
C ARG K 389 -30.06 -23.02 -48.80
N ILE K 390 -29.26 -22.82 -47.76
CA ILE K 390 -27.85 -22.62 -47.99
C ILE K 390 -27.09 -23.89 -47.65
N SER K 391 -26.54 -24.49 -48.70
CA SER K 391 -25.79 -25.73 -48.61
C SER K 391 -24.45 -25.59 -47.90
N LEU K 392 -24.04 -26.65 -47.22
CA LEU K 392 -22.77 -26.59 -46.52
C LEU K 392 -21.69 -26.33 -47.55
N GLU K 393 -21.91 -26.77 -48.79
CA GLU K 393 -20.94 -26.54 -49.86
C GLU K 393 -20.77 -25.05 -50.07
N GLU K 394 -21.85 -24.31 -49.87
CA GLU K 394 -21.85 -22.87 -50.02
C GLU K 394 -21.25 -22.28 -48.75
N TRP K 395 -21.93 -22.46 -47.63
CA TRP K 395 -21.45 -21.97 -46.35
C TRP K 395 -19.94 -22.14 -46.32
N ASP K 396 -19.46 -23.34 -46.65
CA ASP K 396 -18.03 -23.56 -46.63
C ASP K 396 -17.28 -22.59 -47.52
N SER K 397 -17.66 -22.51 -48.79
CA SER K 397 -16.96 -21.60 -49.67
C SER K 397 -16.91 -20.19 -49.10
N ARG K 398 -18.04 -19.75 -48.55
CA ARG K 398 -18.11 -18.42 -47.97
C ARG K 398 -17.11 -18.22 -46.84
N ILE K 399 -16.73 -19.32 -46.19
CA ILE K 399 -15.76 -19.26 -45.11
C ILE K 399 -14.34 -19.30 -45.65
N SER K 400 -14.08 -20.16 -46.62
CA SER K 400 -12.75 -20.24 -47.21
C SER K 400 -12.31 -18.86 -47.69
N ALA K 401 -13.27 -17.98 -47.91
CA ALA K 401 -12.99 -16.64 -48.40
C ALA K 401 -12.35 -15.72 -47.37
N VAL K 402 -12.83 -15.79 -46.14
CA VAL K 402 -12.36 -14.93 -45.04
C VAL K 402 -10.89 -15.09 -44.62
N ASP K 403 -10.23 -13.95 -44.47
CA ASP K 403 -8.84 -13.85 -44.04
C ASP K 403 -8.74 -12.67 -43.06
N ALA K 404 -7.56 -12.51 -42.47
CA ALA K 404 -7.33 -11.43 -41.52
C ALA K 404 -8.00 -10.12 -41.98
N ARG K 405 -7.36 -9.45 -42.94
CA ARG K 405 -7.84 -8.17 -43.49
C ARG K 405 -9.37 -8.11 -43.43
N MET K 406 -10.03 -9.17 -43.90
CA MET K 406 -11.47 -9.19 -43.89
C MET K 406 -11.99 -8.89 -42.50
N VAL K 407 -11.63 -9.73 -41.54
CA VAL K 407 -12.09 -9.57 -40.17
C VAL K 407 -11.82 -8.19 -39.60
N ARG K 408 -10.55 -7.78 -39.65
CA ARG K 408 -10.15 -6.48 -39.14
C ARG K 408 -11.10 -5.36 -39.60
N ASP K 409 -11.43 -5.36 -40.88
CA ASP K 409 -12.30 -4.31 -41.39
C ASP K 409 -13.72 -4.41 -40.90
N VAL K 410 -14.26 -5.64 -40.91
CA VAL K 410 -15.63 -5.85 -40.49
C VAL K 410 -15.79 -5.50 -39.04
N CYS K 411 -14.99 -6.11 -38.17
CA CYS K 411 -15.11 -5.81 -36.76
C CYS K 411 -14.95 -4.31 -36.47
N SER K 412 -14.06 -3.65 -37.20
CA SER K 412 -13.88 -2.21 -37.01
C SER K 412 -15.21 -1.62 -37.41
N LYS K 413 -15.66 -2.06 -38.59
CA LYS K 413 -16.92 -1.61 -39.19
C LYS K 413 -18.10 -1.67 -38.21
N TYR K 414 -18.21 -2.73 -37.42
CA TYR K 414 -19.31 -2.87 -36.47
C TYR K 414 -19.01 -2.62 -35.02
N ILE K 415 -17.74 -2.64 -34.64
CA ILE K 415 -17.36 -2.46 -33.24
C ILE K 415 -16.72 -1.14 -32.87
N TYR K 416 -15.67 -0.81 -33.60
CA TYR K 416 -14.89 0.38 -33.37
C TYR K 416 -15.64 1.70 -33.16
N ASP K 417 -15.52 2.21 -31.94
CA ASP K 417 -16.11 3.47 -31.54
C ASP K 417 -17.62 3.47 -31.68
N LYS K 418 -18.28 2.40 -31.23
CA LYS K 418 -19.74 2.36 -31.33
C LYS K 418 -20.29 2.40 -29.93
N CYS K 419 -21.34 3.18 -29.70
CA CYS K 419 -21.94 3.27 -28.36
C CYS K 419 -22.55 1.90 -28.10
N PRO K 420 -22.14 1.25 -27.01
CA PRO K 420 -22.68 -0.08 -26.72
C PRO K 420 -23.90 -0.20 -25.82
N ALA K 421 -24.49 -1.40 -25.86
CA ALA K 421 -25.65 -1.71 -25.03
C ALA K 421 -25.11 -2.53 -23.91
N LEU K 422 -25.44 -2.11 -22.69
CA LEU K 422 -24.94 -2.80 -21.52
C LEU K 422 -26.02 -3.24 -20.52
N ALA K 423 -25.87 -4.47 -20.07
CA ALA K 423 -26.82 -4.99 -19.14
C ALA K 423 -26.07 -5.78 -18.09
N ALA K 424 -26.19 -5.36 -16.85
CA ALA K 424 -25.51 -6.07 -15.80
C ALA K 424 -26.50 -6.48 -14.72
N VAL K 425 -26.22 -7.63 -14.13
CA VAL K 425 -27.08 -8.20 -13.09
C VAL K 425 -26.30 -8.87 -11.95
N GLY K 426 -26.68 -8.57 -10.72
CA GLY K 426 -26.03 -9.17 -9.57
C GLY K 426 -25.43 -8.18 -8.63
N PRO K 427 -24.31 -8.54 -7.98
CA PRO K 427 -23.49 -7.80 -7.01
C PRO K 427 -22.42 -6.99 -7.76
N ILE K 428 -22.86 -6.44 -8.88
CA ILE K 428 -22.06 -5.67 -9.82
C ILE K 428 -21.54 -4.28 -9.47
N GLU K 429 -20.84 -4.12 -8.35
CA GLU K 429 -20.33 -2.78 -8.03
C GLU K 429 -19.00 -2.46 -8.65
N GLN K 430 -18.12 -3.46 -8.71
CA GLN K 430 -16.78 -3.28 -9.28
C GLN K 430 -16.79 -2.79 -10.73
N LEU K 431 -17.78 -3.17 -11.53
CA LEU K 431 -17.84 -2.67 -12.90
C LEU K 431 -18.67 -1.44 -12.72
N LEU K 432 -18.22 -0.28 -13.20
CA LEU K 432 -19.08 0.87 -12.95
C LEU K 432 -19.18 2.07 -13.86
N ASP K 433 -18.83 1.95 -15.14
CA ASP K 433 -19.08 3.16 -15.90
C ASP K 433 -19.29 3.11 -17.39
N TYR K 434 -20.47 3.55 -17.82
CA TYR K 434 -20.75 3.53 -19.23
C TYR K 434 -19.63 4.26 -19.92
N ASN K 435 -19.43 5.51 -19.54
CA ASN K 435 -18.36 6.28 -20.15
C ASN K 435 -17.11 5.42 -20.29
N ARG K 436 -16.52 5.08 -19.14
CA ARG K 436 -15.31 4.28 -19.11
C ARG K 436 -15.38 3.14 -20.10
N ILE K 437 -16.55 2.54 -20.22
CA ILE K 437 -16.73 1.43 -21.14
C ILE K 437 -16.71 1.97 -22.54
N ARG K 438 -17.42 3.07 -22.77
CA ARG K 438 -17.45 3.66 -24.10
C ARG K 438 -15.99 3.83 -24.48
N SER K 439 -15.28 4.50 -23.59
CA SER K 439 -13.87 4.78 -23.75
C SER K 439 -13.07 3.53 -24.15
N GLY K 440 -13.56 2.36 -23.78
CA GLY K 440 -12.85 1.14 -24.11
C GLY K 440 -13.19 0.62 -25.48
N MET K 441 -13.89 1.44 -26.26
CA MET K 441 -14.27 1.01 -27.58
C MET K 441 -13.31 1.50 -28.68
N TYR K 442 -12.11 1.91 -28.29
CA TYR K 442 -11.18 2.39 -29.30
C TYR K 442 -9.70 2.48 -28.90
N TRP K 443 -8.85 2.03 -29.82
CA TRP K 443 -7.38 2.02 -29.68
C TRP K 443 -6.85 0.87 -28.79
N ILE K 444 -6.38 -0.20 -29.43
CA ILE K 444 -5.82 -1.40 -28.78
C ILE K 444 -6.12 -2.65 -29.60
N CYS L 20 -18.69 -40.59 -57.69
CA CYS L 20 -19.36 -39.92 -56.55
C CYS L 20 -20.14 -40.91 -55.66
N PRO L 21 -19.87 -40.90 -54.34
CA PRO L 21 -20.39 -41.69 -53.21
C PRO L 21 -21.81 -42.25 -53.23
N GLY L 22 -22.01 -43.31 -52.46
CA GLY L 22 -23.30 -43.97 -52.36
C GLY L 22 -23.49 -44.66 -51.03
N ALA L 23 -23.69 -45.97 -51.07
CA ALA L 23 -23.88 -46.77 -49.87
C ALA L 23 -22.63 -47.58 -49.54
N GLU L 24 -22.63 -48.26 -48.40
CA GLU L 24 -21.49 -49.08 -47.99
C GLU L 24 -21.89 -50.21 -47.05
N ASP L 25 -20.89 -50.79 -46.38
CA ASP L 25 -21.10 -51.88 -45.44
C ASP L 25 -20.30 -51.65 -44.17
N LEU L 26 -20.82 -52.18 -43.05
CA LEU L 26 -20.18 -52.06 -41.75
C LEU L 26 -19.19 -53.21 -41.49
N GLU L 27 -17.90 -52.90 -41.53
CA GLU L 27 -16.87 -53.91 -41.30
C GLU L 27 -16.55 -54.00 -39.81
N ILE L 28 -15.70 -54.96 -39.44
CA ILE L 28 -15.35 -55.14 -38.03
C ILE L 28 -14.32 -56.25 -37.85
N THR L 29 -13.03 -55.90 -37.96
CA THR L 29 -11.94 -56.88 -37.80
C THR L 29 -11.61 -57.07 -36.32
N LYS L 30 -10.84 -58.11 -36.01
CA LYS L 30 -10.45 -58.38 -34.62
C LYS L 30 -9.02 -58.94 -34.54
N LEU L 31 -8.04 -58.06 -34.41
CA LEU L 31 -6.63 -58.45 -34.33
C LEU L 31 -6.35 -59.60 -33.37
N PRO L 32 -5.10 -60.13 -33.40
CA PRO L 32 -4.72 -61.24 -32.53
C PRO L 32 -4.83 -60.91 -31.03
N ASN L 33 -4.26 -59.77 -30.62
CA ASN L 33 -4.29 -59.36 -29.22
C ASN L 33 -5.68 -59.08 -28.64
N GLY L 34 -6.70 -59.06 -29.50
CA GLY L 34 -8.05 -58.82 -29.03
C GLY L 34 -8.55 -57.40 -29.17
N LEU L 35 -7.90 -56.60 -30.01
CA LEU L 35 -8.30 -55.21 -30.22
C LEU L 35 -9.34 -55.12 -31.33
N ILE L 36 -10.61 -55.04 -30.94
CA ILE L 36 -11.70 -54.96 -31.91
C ILE L 36 -11.76 -53.62 -32.65
N ILE L 37 -11.82 -53.71 -33.98
CA ILE L 37 -11.88 -52.53 -34.85
C ILE L 37 -13.23 -52.44 -35.58
N ALA L 38 -14.00 -51.40 -35.30
CA ALA L 38 -15.29 -51.22 -35.94
C ALA L 38 -15.24 -49.99 -36.82
N SER L 39 -15.47 -50.18 -38.12
CA SER L 39 -15.49 -49.08 -39.12
C SER L 39 -16.90 -48.79 -39.61
N LEU L 40 -17.02 -47.87 -40.55
CA LEU L 40 -18.30 -47.49 -41.14
C LEU L 40 -18.17 -46.15 -41.80
N GLU L 41 -18.13 -46.15 -43.12
CA GLU L 41 -18.01 -44.93 -43.89
C GLU L 41 -19.43 -44.50 -44.26
N ASN L 42 -19.89 -43.37 -43.73
CA ASN L 42 -21.24 -42.91 -44.06
C ASN L 42 -21.13 -41.59 -44.83
N PHE L 43 -19.92 -41.32 -45.29
CA PHE L 43 -19.62 -40.13 -46.08
C PHE L 43 -20.07 -38.79 -45.52
N SER L 44 -20.27 -38.71 -44.21
CA SER L 44 -20.66 -37.42 -43.62
C SER L 44 -19.35 -36.64 -43.67
N PRO L 45 -19.43 -35.31 -43.81
CA PRO L 45 -18.25 -34.44 -43.89
C PRO L 45 -17.34 -34.47 -42.65
N ALA L 46 -17.78 -35.16 -41.60
CA ALA L 46 -16.99 -35.21 -40.39
C ALA L 46 -16.94 -36.57 -39.75
N SER L 47 -15.74 -36.96 -39.33
CA SER L 47 -15.51 -38.24 -38.69
C SER L 47 -15.57 -38.11 -37.17
N ARG L 48 -15.63 -39.27 -36.51
CA ARG L 48 -15.66 -39.32 -35.05
C ARG L 48 -15.10 -40.66 -34.58
N ILE L 49 -13.80 -40.68 -34.31
CA ILE L 49 -13.11 -41.86 -33.85
C ILE L 49 -13.09 -41.91 -32.32
N GLY L 50 -13.05 -43.11 -31.78
CA GLY L 50 -13.05 -43.28 -30.34
C GLY L 50 -12.41 -44.57 -29.84
N VAL L 51 -12.14 -44.60 -28.53
CA VAL L 51 -11.53 -45.76 -27.89
C VAL L 51 -12.39 -46.13 -26.66
N PHE L 52 -13.22 -47.16 -26.84
CA PHE L 52 -14.07 -47.63 -25.76
C PHE L 52 -13.24 -48.60 -24.95
N ILE L 53 -13.45 -48.63 -23.65
CA ILE L 53 -12.66 -49.49 -22.81
C ILE L 53 -13.41 -50.04 -21.63
N LYS L 54 -13.14 -51.30 -21.30
CA LYS L 54 -13.77 -51.91 -20.15
C LYS L 54 -13.05 -51.27 -18.96
N ALA L 55 -13.49 -50.09 -18.52
CA ALA L 55 -12.86 -49.42 -17.40
C ALA L 55 -13.94 -48.82 -16.51
N GLY L 56 -13.57 -48.05 -15.48
CA GLY L 56 -14.59 -47.45 -14.64
C GLY L 56 -14.38 -47.58 -13.13
N SER L 57 -15.27 -46.95 -12.36
CA SER L 57 -15.16 -46.98 -10.90
C SER L 57 -15.67 -48.28 -10.29
N ARG L 58 -15.72 -49.33 -11.10
CA ARG L 58 -16.19 -50.65 -10.67
C ARG L 58 -14.98 -51.52 -10.34
N TYR L 59 -13.81 -51.08 -10.78
CA TYR L 59 -12.56 -51.81 -10.56
C TYR L 59 -11.76 -51.10 -9.48
N GLU L 60 -12.41 -50.16 -8.82
CA GLU L 60 -11.77 -49.40 -7.76
C GLU L 60 -11.93 -50.18 -6.46
N THR L 61 -10.89 -50.14 -5.62
CA THR L 61 -10.91 -50.80 -4.32
C THR L 61 -11.03 -49.69 -3.31
N THR L 62 -11.39 -50.03 -2.09
CA THR L 62 -11.52 -48.98 -1.09
C THR L 62 -10.30 -48.08 -1.12
N ALA L 63 -9.12 -48.70 -1.15
CA ALA L 63 -7.86 -47.99 -1.11
C ALA L 63 -7.51 -47.03 -2.27
N ASN L 64 -8.18 -47.14 -3.41
CA ASN L 64 -7.86 -46.26 -4.54
C ASN L 64 -9.06 -45.60 -5.24
N LEU L 65 -10.08 -45.29 -4.45
CA LEU L 65 -11.30 -44.67 -4.96
C LEU L 65 -11.06 -43.44 -5.83
N GLY L 66 -12.10 -43.08 -6.57
CA GLY L 66 -12.06 -41.92 -7.45
C GLY L 66 -10.94 -41.86 -8.46
N THR L 67 -9.94 -42.73 -8.32
CA THR L 67 -8.84 -42.72 -9.26
C THR L 67 -9.37 -42.91 -10.67
N ALA L 68 -10.62 -43.34 -10.80
CA ALA L 68 -11.20 -43.51 -12.12
C ALA L 68 -11.53 -42.11 -12.61
N HIS L 69 -12.31 -41.44 -11.78
CA HIS L 69 -12.76 -40.08 -12.01
C HIS L 69 -11.64 -39.16 -12.47
N LEU L 70 -10.60 -39.04 -11.67
CA LEU L 70 -9.48 -38.16 -11.98
C LEU L 70 -8.87 -38.55 -13.32
N LEU L 71 -8.83 -39.84 -13.58
CA LEU L 71 -8.25 -40.32 -14.81
C LEU L 71 -8.99 -39.70 -15.99
N ARG L 72 -10.26 -39.38 -15.73
CA ARG L 72 -11.14 -38.82 -16.74
C ARG L 72 -10.79 -37.37 -17.10
N LEU L 73 -10.41 -36.60 -16.09
CA LEU L 73 -10.06 -35.21 -16.25
C LEU L 73 -8.60 -35.11 -16.62
N ALA L 74 -7.86 -36.15 -16.29
CA ALA L 74 -6.43 -36.19 -16.57
C ALA L 74 -6.17 -36.44 -18.07
N SER L 75 -7.25 -36.40 -18.84
CA SER L 75 -7.21 -36.61 -20.26
C SER L 75 -6.26 -35.68 -21.03
N PRO L 76 -6.28 -34.37 -20.71
CA PRO L 76 -5.41 -33.39 -21.38
C PRO L 76 -3.94 -33.32 -20.94
N LEU L 77 -3.57 -34.17 -19.98
CA LEU L 77 -2.20 -34.22 -19.45
C LEU L 77 -1.19 -34.85 -20.42
N THR L 78 0.03 -34.31 -20.41
CA THR L 78 1.10 -34.78 -21.29
C THR L 78 1.26 -36.29 -21.45
N THR L 79 1.72 -36.68 -22.64
CA THR L 79 1.94 -38.07 -22.97
C THR L 79 3.39 -38.20 -23.44
N LYS L 80 3.85 -39.42 -23.71
CA LYS L 80 5.23 -39.62 -24.16
C LYS L 80 5.49 -39.11 -25.57
N GLY L 81 4.47 -38.50 -26.19
CA GLY L 81 4.62 -37.99 -27.53
C GLY L 81 3.96 -36.65 -27.79
N ALA L 82 3.37 -36.06 -26.75
CA ALA L 82 2.69 -34.78 -26.90
C ALA L 82 2.46 -34.04 -25.57
N SER L 83 2.74 -32.74 -25.59
CA SER L 83 2.59 -31.92 -24.40
C SER L 83 1.18 -31.43 -24.12
N SER L 84 0.85 -31.33 -22.85
CA SER L 84 -0.45 -30.84 -22.38
C SER L 84 -0.85 -29.68 -23.28
N PHE L 85 0.16 -28.94 -23.70
CA PHE L 85 0.00 -27.79 -24.59
C PHE L 85 -0.32 -28.24 -26.01
N ARG L 86 0.65 -28.81 -26.68
CA ARG L 86 0.48 -29.25 -28.05
C ARG L 86 -0.76 -30.10 -28.26
N ILE L 87 -1.25 -30.74 -27.21
CA ILE L 87 -2.45 -31.55 -27.40
C ILE L 87 -3.66 -30.63 -27.55
N THR L 88 -3.76 -29.64 -26.68
CA THR L 88 -4.89 -28.74 -26.75
C THR L 88 -4.80 -27.80 -27.93
N ARG L 89 -3.65 -27.18 -28.12
CA ARG L 89 -3.47 -26.26 -29.25
C ARG L 89 -3.43 -26.99 -30.59
N GLY L 90 -2.94 -28.22 -30.58
CA GLY L 90 -2.85 -29.00 -31.79
C GLY L 90 -4.22 -29.43 -32.27
N ILE L 91 -5.11 -29.71 -31.31
CA ILE L 91 -6.47 -30.13 -31.64
C ILE L 91 -7.35 -28.93 -32.01
N GLU L 92 -7.26 -27.84 -31.23
CA GLU L 92 -8.05 -26.64 -31.50
C GLU L 92 -7.72 -26.07 -32.87
N ALA L 93 -6.47 -26.28 -33.30
CA ALA L 93 -5.95 -25.81 -34.60
C ALA L 93 -6.71 -26.33 -35.82
N VAL L 94 -7.50 -27.37 -35.63
CA VAL L 94 -8.26 -27.97 -36.73
C VAL L 94 -9.76 -27.93 -36.43
N GLY L 95 -10.14 -27.29 -35.33
CA GLY L 95 -11.53 -27.21 -34.97
C GLY L 95 -11.97 -28.58 -34.49
N GLY L 96 -11.11 -29.22 -33.73
CA GLY L 96 -11.42 -30.53 -33.20
C GLY L 96 -12.10 -30.51 -31.84
N SER L 97 -12.17 -31.68 -31.22
CA SER L 97 -12.77 -31.82 -29.91
C SER L 97 -12.33 -33.14 -29.33
N LEU L 98 -12.14 -33.17 -28.02
CA LEU L 98 -11.70 -34.36 -27.33
C LEU L 98 -12.53 -34.44 -26.07
N SER L 99 -13.19 -35.57 -25.88
CA SER L 99 -14.05 -35.72 -24.72
C SER L 99 -13.99 -37.13 -24.20
N VAL L 100 -14.12 -37.30 -22.90
CA VAL L 100 -14.10 -38.63 -22.29
C VAL L 100 -15.46 -38.91 -21.65
N TYR L 101 -16.02 -40.08 -21.93
CA TYR L 101 -17.30 -40.42 -21.37
C TYR L 101 -17.20 -41.75 -20.66
N SER L 102 -17.74 -41.84 -19.45
CA SER L 102 -17.66 -43.11 -18.73
C SER L 102 -18.83 -43.44 -17.80
N THR L 103 -19.16 -44.73 -17.75
CA THR L 103 -20.21 -45.30 -16.90
C THR L 103 -19.48 -45.87 -15.69
N ARG L 104 -20.16 -46.64 -14.86
CA ARG L 104 -19.46 -47.19 -13.72
C ARG L 104 -18.52 -48.23 -14.28
N GLU L 105 -18.84 -48.74 -15.46
CA GLU L 105 -18.02 -49.79 -16.05
C GLU L 105 -17.53 -49.62 -17.48
N LYS L 106 -17.48 -48.39 -17.98
CA LYS L 106 -17.01 -48.22 -19.34
C LYS L 106 -16.54 -46.81 -19.65
N MET L 107 -15.29 -46.69 -20.10
CA MET L 107 -14.75 -45.38 -20.45
C MET L 107 -14.73 -45.24 -21.97
N THR L 108 -14.92 -44.01 -22.44
CA THR L 108 -14.96 -43.78 -23.86
C THR L 108 -14.20 -42.51 -24.27
N TYR L 109 -13.03 -42.67 -24.86
CA TYR L 109 -12.23 -41.54 -25.31
C TYR L 109 -12.57 -41.38 -26.78
N CYS L 110 -12.91 -40.16 -27.22
CA CYS L 110 -13.24 -39.95 -28.62
C CYS L 110 -13.10 -38.50 -29.09
N VAL L 111 -12.52 -38.34 -30.26
CA VAL L 111 -12.31 -37.04 -30.85
C VAL L 111 -13.27 -36.93 -32.01
N GLU L 112 -13.56 -35.71 -32.47
CA GLU L 112 -14.43 -35.47 -33.62
C GLU L 112 -13.72 -34.41 -34.44
N CYS L 113 -14.02 -34.31 -35.73
CA CYS L 113 -13.36 -33.30 -36.57
C CYS L 113 -13.73 -33.49 -38.02
N LEU L 114 -13.13 -32.68 -38.88
CA LEU L 114 -13.39 -32.76 -40.32
C LEU L 114 -12.50 -33.87 -40.88
N ARG L 115 -13.00 -34.56 -41.90
CA ARG L 115 -12.29 -35.67 -42.53
C ARG L 115 -10.81 -35.47 -42.90
N ASP L 116 -10.49 -34.32 -43.48
CA ASP L 116 -9.12 -34.07 -43.89
C ASP L 116 -8.17 -33.85 -42.74
N HIS L 117 -8.66 -33.98 -41.52
CA HIS L 117 -7.79 -33.75 -40.38
C HIS L 117 -7.69 -34.94 -39.45
N VAL L 118 -8.64 -35.86 -39.54
CA VAL L 118 -8.64 -37.04 -38.68
C VAL L 118 -7.23 -37.58 -38.44
N ASP L 119 -6.43 -37.59 -39.50
CA ASP L 119 -5.05 -38.07 -39.45
C ASP L 119 -4.31 -37.57 -38.21
N THR L 120 -4.34 -36.26 -38.04
CA THR L 120 -3.66 -35.61 -36.93
C THR L 120 -4.39 -35.71 -35.58
N VAL L 121 -5.72 -35.64 -35.58
CA VAL L 121 -6.42 -35.74 -34.30
C VAL L 121 -6.18 -37.10 -33.68
N MET L 122 -5.86 -38.07 -34.52
CA MET L 122 -5.62 -39.43 -34.06
C MET L 122 -4.41 -39.53 -33.15
N GLU L 123 -3.30 -38.95 -33.59
CA GLU L 123 -2.05 -38.99 -32.82
C GLU L 123 -2.34 -38.75 -31.35
N TYR L 124 -3.09 -37.70 -31.07
CA TYR L 124 -3.41 -37.38 -29.70
C TYR L 124 -4.36 -38.42 -29.11
N LEU L 125 -5.44 -38.75 -29.82
CA LEU L 125 -6.37 -39.74 -29.32
C LEU L 125 -5.60 -40.99 -28.93
N LEU L 126 -4.68 -41.39 -29.78
CA LEU L 126 -3.83 -42.53 -29.50
C LEU L 126 -2.98 -42.25 -28.25
N ASN L 127 -2.11 -41.24 -28.35
CA ASN L 127 -1.20 -40.85 -27.26
C ASN L 127 -1.83 -40.69 -25.91
N VAL L 128 -3.04 -40.16 -25.86
CA VAL L 128 -3.74 -39.95 -24.61
C VAL L 128 -4.09 -41.25 -23.88
N THR L 129 -4.64 -42.20 -24.64
CA THR L 129 -5.10 -43.48 -24.10
C THR L 129 -4.06 -44.59 -24.02
N THR L 130 -2.92 -44.38 -24.66
CA THR L 130 -1.91 -45.40 -24.65
C THR L 130 -0.60 -45.03 -23.98
N ALA L 131 -0.21 -43.74 -24.02
CA ALA L 131 1.07 -43.32 -23.43
C ALA L 131 1.00 -42.12 -22.48
N PRO L 132 0.13 -42.16 -21.47
CA PRO L 132 0.09 -41.01 -20.57
C PRO L 132 1.28 -41.03 -19.62
N GLU L 133 1.84 -39.86 -19.32
CA GLU L 133 2.99 -39.75 -18.40
C GLU L 133 2.61 -39.46 -16.95
N PHE L 134 1.41 -38.91 -16.77
CA PHE L 134 0.90 -38.55 -15.45
C PHE L 134 1.99 -38.00 -14.57
N ARG L 135 2.59 -36.90 -15.02
CA ARG L 135 3.63 -36.24 -14.26
C ARG L 135 3.07 -35.80 -12.89
N PRO L 136 3.83 -36.09 -11.82
CA PRO L 136 3.48 -35.78 -10.43
C PRO L 136 2.85 -34.42 -10.25
N TRP L 137 3.46 -33.42 -10.87
CA TRP L 137 2.97 -32.07 -10.73
C TRP L 137 1.71 -31.78 -11.56
N GLU L 138 1.77 -31.97 -12.87
CA GLU L 138 0.60 -31.71 -13.70
C GLU L 138 -0.59 -32.30 -12.99
N VAL L 139 -0.38 -33.43 -12.32
CA VAL L 139 -1.43 -34.11 -11.58
C VAL L 139 -1.89 -33.37 -10.31
N THR L 140 -1.01 -33.26 -9.32
CA THR L 140 -1.39 -32.58 -8.08
C THR L 140 -1.91 -31.17 -8.35
N ASP L 141 -1.55 -30.62 -9.51
CA ASP L 141 -1.96 -29.28 -9.93
C ASP L 141 -3.35 -29.29 -10.56
N LEU L 142 -3.85 -30.50 -10.81
CA LEU L 142 -5.17 -30.72 -11.43
C LEU L 142 -6.21 -31.32 -10.49
N GLN L 143 -5.78 -31.84 -9.37
CA GLN L 143 -6.71 -32.45 -8.43
C GLN L 143 -7.81 -31.54 -7.90
N PRO L 144 -7.48 -30.29 -7.59
CA PRO L 144 -8.55 -29.41 -7.08
C PRO L 144 -9.77 -29.38 -8.00
N GLN L 145 -9.57 -29.72 -9.27
CA GLN L 145 -10.68 -29.74 -10.21
C GLN L 145 -11.77 -30.68 -9.73
N LEU L 146 -11.40 -31.88 -9.30
CA LEU L 146 -12.37 -32.84 -8.79
C LEU L 146 -13.36 -32.13 -7.89
N LYS L 147 -12.86 -31.33 -6.97
CA LYS L 147 -13.73 -30.62 -6.07
C LYS L 147 -14.78 -29.91 -6.89
N VAL L 148 -14.36 -29.31 -8.00
CA VAL L 148 -15.27 -28.55 -8.89
C VAL L 148 -16.13 -29.39 -9.81
N ASP L 149 -15.50 -30.09 -10.73
CA ASP L 149 -16.20 -30.92 -11.66
C ASP L 149 -17.34 -31.63 -10.93
N LYS L 150 -17.07 -32.01 -9.69
CA LYS L 150 -18.05 -32.68 -8.91
C LYS L 150 -19.16 -31.73 -8.50
N ALA L 151 -18.80 -30.55 -8.03
CA ALA L 151 -19.78 -29.56 -7.56
C ALA L 151 -20.83 -29.13 -8.57
N VAL L 152 -20.48 -29.14 -9.86
CA VAL L 152 -21.41 -28.73 -10.90
C VAL L 152 -22.43 -29.81 -11.14
N ALA L 153 -21.94 -31.02 -11.40
CA ALA L 153 -22.82 -32.14 -11.65
C ALA L 153 -23.88 -32.23 -10.55
N PHE L 154 -23.46 -32.14 -9.30
CA PHE L 154 -24.34 -32.22 -8.12
C PHE L 154 -25.36 -31.13 -7.92
N GLN L 155 -25.47 -30.22 -8.88
CA GLN L 155 -26.45 -29.16 -8.78
C GLN L 155 -27.79 -29.80 -9.11
N SER L 156 -27.72 -30.91 -9.84
CA SER L 156 -28.90 -31.66 -10.23
C SER L 156 -29.13 -32.73 -9.16
N PRO L 157 -30.17 -32.60 -8.34
CA PRO L 157 -30.39 -33.62 -7.32
C PRO L 157 -30.55 -34.95 -8.02
N GLN L 158 -31.02 -34.87 -9.27
CA GLN L 158 -31.20 -36.04 -10.14
C GLN L 158 -29.98 -36.99 -9.93
N VAL L 159 -28.75 -36.45 -9.91
CA VAL L 159 -27.51 -37.24 -9.75
C VAL L 159 -27.13 -37.62 -8.31
N GLY L 160 -27.54 -36.79 -7.36
CA GLY L 160 -27.22 -37.08 -5.98
C GLY L 160 -27.89 -38.36 -5.50
N VAL L 161 -29.15 -38.55 -5.87
CA VAL L 161 -29.89 -39.73 -5.45
C VAL L 161 -29.43 -40.98 -6.16
N LEU L 162 -28.90 -40.85 -7.37
CA LEU L 162 -28.42 -42.02 -8.08
C LEU L 162 -27.13 -42.55 -7.42
N GLU L 163 -26.23 -41.65 -7.04
CA GLU L 163 -24.99 -42.06 -6.39
C GLU L 163 -25.34 -42.97 -5.22
N ASN L 164 -26.18 -42.45 -4.32
CA ASN L 164 -26.64 -43.16 -3.12
C ASN L 164 -27.36 -44.48 -3.39
N LEU L 165 -28.22 -44.48 -4.39
CA LEU L 165 -28.96 -45.67 -4.74
C LEU L 165 -27.95 -46.77 -4.93
N HIS L 166 -27.13 -46.62 -5.94
CA HIS L 166 -26.11 -47.61 -6.25
C HIS L 166 -25.39 -48.17 -5.03
N ALA L 167 -25.04 -47.27 -4.11
CA ALA L 167 -24.35 -47.65 -2.89
C ALA L 167 -25.31 -48.29 -1.89
N ALA L 168 -26.60 -47.96 -2.01
CA ALA L 168 -27.64 -48.51 -1.13
C ALA L 168 -28.25 -49.79 -1.73
N ALA L 169 -27.73 -50.19 -2.90
CA ALA L 169 -28.21 -51.38 -3.58
C ALA L 169 -27.07 -52.27 -3.91
N TYR L 170 -25.89 -52.00 -3.34
CA TYR L 170 -24.74 -52.85 -3.60
C TYR L 170 -23.72 -52.95 -2.45
N LYS L 171 -22.86 -53.95 -2.54
CA LYS L 171 -21.84 -54.17 -1.53
C LYS L 171 -20.49 -53.80 -2.10
N THR L 172 -20.35 -53.90 -3.42
CA THR L 172 -19.08 -53.59 -4.10
C THR L 172 -19.21 -53.20 -5.59
N ALA L 173 -18.06 -52.98 -6.23
CA ALA L 173 -17.95 -52.61 -7.66
C ALA L 173 -18.92 -51.54 -8.14
N LEU L 174 -20.15 -51.96 -8.39
CA LEU L 174 -21.18 -51.04 -8.85
C LEU L 174 -21.57 -50.06 -7.75
N ALA L 175 -21.31 -50.42 -6.50
CA ALA L 175 -21.67 -49.50 -5.44
C ALA L 175 -20.70 -48.32 -5.41
N ASN L 176 -19.51 -48.48 -5.98
CA ASN L 176 -18.51 -47.41 -6.00
C ASN L 176 -19.04 -46.18 -6.73
N PRO L 177 -18.94 -44.98 -6.12
CA PRO L 177 -19.41 -43.70 -6.71
C PRO L 177 -18.68 -43.27 -7.97
N LEU L 178 -19.42 -42.63 -8.88
CA LEU L 178 -18.87 -42.19 -10.16
C LEU L 178 -18.04 -40.95 -10.05
N TYR L 179 -18.27 -40.19 -8.98
CA TYR L 179 -17.51 -38.97 -8.71
C TYR L 179 -16.69 -39.18 -7.44
N CYS L 180 -15.36 -39.11 -7.59
CA CYS L 180 -14.43 -39.29 -6.48
C CYS L 180 -15.04 -38.75 -5.21
N PRO L 181 -15.07 -39.57 -4.15
CA PRO L 181 -15.65 -39.12 -2.88
C PRO L 181 -14.89 -37.91 -2.35
N ASP L 182 -15.55 -37.13 -1.50
CA ASP L 182 -14.94 -35.93 -0.93
C ASP L 182 -13.64 -36.14 -0.16
N TYR L 183 -13.62 -37.11 0.73
CA TYR L 183 -12.41 -37.35 1.49
C TYR L 183 -11.18 -37.62 0.64
N ARG L 184 -11.34 -38.34 -0.46
CA ARG L 184 -10.19 -38.67 -1.31
C ARG L 184 -9.73 -37.60 -2.28
N ILE L 185 -10.35 -36.44 -2.26
CA ILE L 185 -9.92 -35.38 -3.15
C ILE L 185 -8.54 -34.92 -2.73
N GLY L 186 -7.60 -35.02 -3.66
CA GLY L 186 -6.23 -34.58 -3.41
C GLY L 186 -5.29 -35.65 -2.88
N LYS L 187 -5.77 -36.88 -2.73
CA LYS L 187 -4.91 -37.95 -2.21
C LYS L 187 -4.62 -39.03 -3.24
N ILE L 188 -5.15 -38.85 -4.44
CA ILE L 188 -4.89 -39.78 -5.51
C ILE L 188 -3.45 -39.56 -5.95
N THR L 189 -2.77 -40.60 -6.44
CA THR L 189 -1.37 -40.45 -6.83
C THR L 189 -1.12 -40.82 -8.27
N SER L 190 0.11 -40.58 -8.73
CA SER L 190 0.52 -40.90 -10.11
C SER L 190 0.65 -42.40 -10.22
N GLU L 191 1.13 -43.00 -9.14
CA GLU L 191 1.27 -44.44 -9.09
C GLU L 191 -0.13 -45.02 -9.27
N GLN L 192 -1.05 -44.62 -8.39
CA GLN L 192 -2.41 -45.10 -8.45
C GLN L 192 -3.07 -45.03 -9.82
N LEU L 193 -2.89 -43.91 -10.51
CA LEU L 193 -3.49 -43.75 -11.84
C LEU L 193 -2.89 -44.80 -12.75
N HIS L 194 -1.57 -44.76 -12.90
CA HIS L 194 -0.87 -45.72 -13.74
C HIS L 194 -1.37 -47.15 -13.61
N HIS L 195 -1.23 -47.72 -12.43
CA HIS L 195 -1.65 -49.10 -12.21
C HIS L 195 -3.12 -49.28 -12.59
N PHE L 196 -3.86 -48.18 -12.72
CA PHE L 196 -5.24 -48.30 -13.10
C PHE L 196 -5.34 -48.44 -14.60
N VAL L 197 -4.32 -47.94 -15.30
CA VAL L 197 -4.29 -48.02 -16.76
C VAL L 197 -3.61 -49.29 -17.21
N GLN L 198 -2.44 -49.58 -16.63
CA GLN L 198 -1.70 -50.77 -17.00
C GLN L 198 -2.58 -51.99 -16.75
N ASN L 199 -3.36 -51.92 -15.67
CA ASN L 199 -4.24 -53.02 -15.27
C ASN L 199 -5.67 -52.98 -15.83
N ASN L 200 -5.96 -52.13 -16.79
CA ASN L 200 -7.31 -52.10 -17.32
C ASN L 200 -7.38 -51.78 -18.79
N PHE L 201 -6.70 -50.72 -19.20
CA PHE L 201 -6.71 -50.32 -20.60
C PHE L 201 -5.83 -51.25 -21.46
N THR L 202 -6.13 -52.54 -21.42
CA THR L 202 -5.40 -53.55 -22.19
C THR L 202 -6.10 -53.86 -23.51
N SER L 203 -5.34 -54.12 -24.55
CA SER L 203 -5.91 -54.39 -25.87
C SER L 203 -7.21 -55.24 -25.95
N ALA L 204 -7.35 -56.23 -25.07
CA ALA L 204 -8.54 -57.10 -25.09
C ALA L 204 -9.80 -56.45 -24.50
N ARG L 205 -9.62 -55.32 -23.81
CA ARG L 205 -10.72 -54.58 -23.19
C ARG L 205 -10.95 -53.27 -23.96
N MET L 206 -10.23 -53.12 -25.06
CA MET L 206 -10.33 -51.91 -25.87
C MET L 206 -10.96 -52.12 -27.25
N ALA L 207 -11.64 -51.09 -27.73
CA ALA L 207 -12.32 -51.12 -29.03
C ALA L 207 -12.14 -49.79 -29.75
N LEU L 208 -11.57 -49.85 -30.95
CA LEU L 208 -11.31 -48.65 -31.74
C LEU L 208 -12.37 -48.37 -32.80
N VAL L 209 -13.56 -47.96 -32.33
CA VAL L 209 -14.69 -47.69 -33.21
C VAL L 209 -14.65 -46.35 -33.94
N GLY L 210 -15.02 -46.34 -35.22
CA GLY L 210 -15.01 -45.08 -35.97
C GLY L 210 -16.04 -44.85 -37.10
N ILE L 211 -16.52 -43.61 -37.22
CA ILE L 211 -17.49 -43.23 -38.24
C ILE L 211 -16.84 -42.32 -39.26
N GLY L 212 -17.37 -42.31 -40.47
CA GLY L 212 -16.80 -41.47 -41.50
C GLY L 212 -15.36 -41.81 -41.81
N VAL L 213 -15.03 -43.10 -41.72
CA VAL L 213 -13.68 -43.55 -42.00
C VAL L 213 -13.61 -44.88 -42.76
N LYS L 214 -12.50 -45.03 -43.50
CA LYS L 214 -12.23 -46.22 -44.30
C LYS L 214 -11.64 -47.31 -43.38
N HIS L 215 -12.34 -48.44 -43.22
CA HIS L 215 -11.86 -49.50 -42.34
C HIS L 215 -10.40 -49.91 -42.58
N SER L 216 -9.89 -49.57 -43.74
CA SER L 216 -8.51 -49.92 -44.11
C SER L 216 -7.52 -48.96 -43.47
N ASP L 217 -8.05 -47.95 -42.79
CA ASP L 217 -7.22 -46.95 -42.11
C ASP L 217 -7.46 -47.04 -40.62
N LEU L 218 -8.72 -47.01 -40.20
CA LEU L 218 -9.00 -47.10 -38.78
C LEU L 218 -8.25 -48.32 -38.28
N LYS L 219 -7.91 -49.20 -39.21
CA LYS L 219 -7.16 -50.41 -38.90
C LYS L 219 -5.69 -50.08 -38.78
N GLN L 220 -5.07 -49.68 -39.88
CA GLN L 220 -3.65 -49.33 -39.90
C GLN L 220 -3.13 -48.60 -38.66
N VAL L 221 -4.04 -47.95 -37.93
CA VAL L 221 -3.68 -47.25 -36.71
C VAL L 221 -3.62 -48.22 -35.54
N ALA L 222 -4.79 -48.71 -35.12
CA ALA L 222 -4.88 -49.64 -34.01
C ALA L 222 -3.69 -50.61 -33.91
N GLU L 223 -3.39 -51.30 -35.01
CA GLU L 223 -2.30 -52.26 -34.99
C GLU L 223 -0.91 -51.64 -34.96
N GLN L 224 -0.51 -51.01 -36.06
CA GLN L 224 0.82 -50.41 -36.15
C GLN L 224 1.19 -49.39 -35.06
N PHE L 225 0.19 -48.75 -34.46
CA PHE L 225 0.49 -47.75 -33.43
C PHE L 225 0.21 -48.16 -31.97
N LEU L 226 -0.85 -48.92 -31.71
CA LEU L 226 -1.18 -49.34 -30.34
C LEU L 226 -0.20 -50.34 -29.70
N ASN L 227 0.04 -50.17 -28.41
CA ASN L 227 0.98 -51.02 -27.65
C ASN L 227 0.39 -51.76 -26.44
N ILE L 228 0.36 -51.10 -25.26
CA ILE L 228 -0.15 -51.71 -24.01
C ILE L 228 -0.71 -53.09 -24.22
N ARG L 229 0.01 -54.11 -23.74
CA ARG L 229 -0.40 -55.50 -23.92
C ARG L 229 -1.84 -55.87 -23.54
N SER L 230 -2.19 -57.12 -23.88
CA SER L 230 -3.53 -57.68 -23.65
C SER L 230 -3.74 -58.36 -22.31
N GLY L 231 -4.88 -59.03 -22.20
CA GLY L 231 -5.22 -59.71 -20.98
C GLY L 231 -6.27 -58.93 -20.24
N ALA L 232 -7.22 -59.63 -19.64
CA ALA L 232 -8.30 -59.00 -18.89
C ALA L 232 -7.77 -58.15 -17.73
N GLY L 233 -6.45 -58.04 -17.66
CA GLY L 233 -5.81 -57.25 -16.62
C GLY L 233 -6.15 -57.63 -15.19
N THR L 234 -7.24 -57.07 -14.68
CA THR L 234 -7.69 -57.32 -13.31
C THR L 234 -9.20 -57.48 -13.31
N SER L 235 -9.67 -58.70 -13.09
CA SER L 235 -11.10 -58.98 -13.07
C SER L 235 -11.82 -58.07 -12.08
N SER L 236 -13.10 -57.83 -12.31
CA SER L 236 -13.89 -56.98 -11.42
C SER L 236 -14.65 -57.78 -10.40
N ALA L 237 -14.70 -57.25 -9.18
CA ALA L 237 -15.40 -57.90 -8.08
C ALA L 237 -16.86 -58.12 -8.46
N LYS L 238 -17.26 -59.40 -8.61
CA LYS L 238 -18.62 -59.77 -8.96
C LYS L 238 -19.61 -58.92 -8.16
N ALA L 239 -20.65 -58.43 -8.82
CA ALA L 239 -21.63 -57.58 -8.18
C ALA L 239 -22.52 -58.29 -7.19
N THR L 240 -22.32 -58.03 -5.91
CA THR L 240 -23.14 -58.65 -4.88
C THR L 240 -24.28 -57.69 -4.63
N TYR L 241 -25.50 -58.20 -4.54
CA TYR L 241 -26.61 -57.32 -4.29
C TYR L 241 -26.80 -57.15 -2.78
N TRP L 242 -27.11 -55.93 -2.35
CA TRP L 242 -27.32 -55.62 -0.94
C TRP L 242 -28.81 -55.35 -0.72
N GLY L 243 -29.26 -54.16 -1.11
CA GLY L 243 -30.66 -53.81 -0.93
C GLY L 243 -30.95 -53.06 0.37
N GLY L 244 -30.44 -51.85 0.48
CA GLY L 244 -30.68 -51.07 1.68
C GLY L 244 -31.19 -49.71 1.29
N GLU L 245 -31.44 -48.88 2.27
CA GLU L 245 -31.94 -47.53 2.03
C GLU L 245 -31.02 -46.45 2.57
N ILE L 246 -30.99 -45.33 1.83
CA ILE L 246 -30.17 -44.18 2.14
C ILE L 246 -31.03 -42.92 2.09
N ARG L 247 -31.40 -42.38 3.26
CA ARG L 247 -32.23 -41.18 3.30
C ARG L 247 -31.39 -39.96 3.69
N GLU L 248 -31.37 -38.96 2.81
CA GLU L 248 -30.59 -37.74 3.01
C GLU L 248 -31.43 -36.49 3.29
N GLN L 249 -31.51 -36.13 4.56
CA GLN L 249 -32.27 -34.96 4.97
C GLN L 249 -31.50 -33.73 4.54
N ASN L 250 -32.13 -32.83 3.79
CA ASN L 250 -31.42 -31.63 3.37
C ASN L 250 -32.26 -30.35 3.33
N GLY L 251 -33.47 -30.39 3.90
CA GLY L 251 -34.33 -29.22 3.92
C GLY L 251 -34.79 -28.64 2.59
N HIS L 252 -34.16 -29.11 1.50
CA HIS L 252 -34.46 -28.71 0.12
C HIS L 252 -36.01 -28.84 -0.13
N SER L 253 -36.56 -28.01 -1.00
CA SER L 253 -38.00 -28.00 -1.28
C SER L 253 -38.67 -29.24 -1.89
N LEU L 254 -37.95 -29.98 -2.72
CA LEU L 254 -38.52 -31.15 -3.36
C LEU L 254 -37.89 -32.45 -2.90
N VAL L 255 -38.67 -33.52 -2.94
CA VAL L 255 -38.19 -34.83 -2.53
C VAL L 255 -38.04 -35.74 -3.75
N HIS L 256 -36.81 -36.16 -3.99
CA HIS L 256 -36.52 -37.07 -5.08
C HIS L 256 -36.43 -38.46 -4.48
N ALA L 257 -36.84 -39.46 -5.23
CA ALA L 257 -36.80 -40.81 -4.71
C ALA L 257 -36.84 -41.84 -5.79
N ALA L 258 -36.13 -42.93 -5.55
CA ALA L 258 -36.10 -44.02 -6.50
C ALA L 258 -36.03 -45.34 -5.73
N VAL L 259 -37.01 -46.19 -5.99
CA VAL L 259 -37.12 -47.48 -5.35
C VAL L 259 -36.93 -48.49 -6.46
N VAL L 260 -35.94 -49.35 -6.33
CA VAL L 260 -35.67 -50.33 -7.37
C VAL L 260 -35.33 -51.70 -6.80
N THR L 261 -35.13 -52.67 -7.68
CA THR L 261 -34.76 -54.03 -7.28
C THR L 261 -33.87 -54.58 -8.35
N GLU L 262 -33.08 -55.60 -8.01
CA GLU L 262 -32.20 -56.17 -9.01
C GLU L 262 -33.02 -56.30 -10.30
N GLY L 263 -32.42 -55.92 -11.41
CA GLY L 263 -33.11 -56.02 -12.68
C GLY L 263 -32.35 -57.05 -13.46
N ALA L 264 -32.40 -56.91 -14.78
CA ALA L 264 -31.69 -57.87 -15.60
C ALA L 264 -30.33 -57.32 -15.84
N ALA L 265 -29.54 -58.10 -16.54
CA ALA L 265 -28.19 -57.69 -16.87
C ALA L 265 -28.17 -57.25 -18.34
N VAL L 266 -26.98 -57.19 -18.92
CA VAL L 266 -26.83 -56.77 -20.30
C VAL L 266 -27.02 -57.94 -21.24
N GLY L 267 -27.64 -57.68 -22.40
CA GLY L 267 -27.86 -58.70 -23.40
C GLY L 267 -28.63 -59.95 -22.97
N SER L 268 -29.02 -60.00 -21.69
CA SER L 268 -29.78 -61.14 -21.15
C SER L 268 -31.27 -60.99 -21.44
N ALA L 269 -31.74 -61.76 -22.43
CA ALA L 269 -33.15 -61.73 -22.85
C ALA L 269 -34.11 -61.14 -21.81
N GLU L 270 -33.95 -61.55 -20.56
CA GLU L 270 -34.83 -61.08 -19.49
C GLU L 270 -34.88 -59.54 -19.33
N ALA L 271 -34.04 -58.82 -20.06
CA ALA L 271 -34.01 -57.35 -19.97
C ALA L 271 -35.06 -56.75 -20.88
N ASN L 272 -34.99 -57.11 -22.16
CA ASN L 272 -35.93 -56.64 -23.17
C ASN L 272 -37.32 -56.53 -22.54
N ALA L 273 -37.60 -57.40 -21.58
CA ALA L 273 -38.89 -57.38 -20.91
C ALA L 273 -39.01 -56.08 -20.14
N PHE L 274 -38.07 -55.85 -19.24
CA PHE L 274 -38.11 -54.62 -18.47
C PHE L 274 -38.11 -53.43 -19.43
N SER L 275 -37.21 -53.48 -20.41
CA SER L 275 -37.08 -52.43 -21.42
C SER L 275 -38.47 -52.13 -22.00
N VAL L 276 -39.35 -53.12 -21.95
CA VAL L 276 -40.71 -52.95 -22.44
C VAL L 276 -41.60 -52.58 -21.26
N LEU L 277 -41.34 -53.18 -20.11
CA LEU L 277 -42.13 -52.86 -18.92
C LEU L 277 -41.78 -51.44 -18.50
N GLN L 278 -40.66 -50.97 -19.04
CA GLN L 278 -40.20 -49.63 -18.77
C GLN L 278 -41.24 -48.71 -19.41
N HIS L 279 -41.36 -48.82 -20.73
CA HIS L 279 -42.30 -48.03 -21.52
C HIS L 279 -43.74 -48.26 -21.11
N VAL L 280 -44.03 -49.43 -20.58
CA VAL L 280 -45.37 -49.76 -20.16
C VAL L 280 -45.81 -48.93 -18.95
N LEU L 281 -44.86 -48.60 -18.09
CA LEU L 281 -45.16 -47.80 -16.90
C LEU L 281 -45.02 -46.31 -17.17
N GLY L 282 -44.45 -45.98 -18.32
CA GLY L 282 -44.25 -44.59 -18.70
C GLY L 282 -42.87 -44.13 -18.30
N ALA L 283 -41.95 -44.04 -19.27
CA ALA L 283 -40.58 -43.62 -18.98
C ALA L 283 -40.19 -42.29 -19.63
N GLY L 284 -40.92 -41.23 -19.30
CA GLY L 284 -40.63 -39.93 -19.88
C GLY L 284 -41.76 -39.41 -20.74
N PRO L 285 -41.70 -38.12 -21.15
CA PRO L 285 -42.73 -37.50 -21.98
C PRO L 285 -42.33 -37.41 -23.46
N LEU L 286 -43.34 -37.28 -24.33
CA LEU L 286 -43.12 -37.19 -25.78
C LEU L 286 -43.82 -35.95 -26.34
N ILE L 287 -44.54 -35.26 -25.47
CA ILE L 287 -45.26 -34.06 -25.84
C ILE L 287 -44.92 -32.98 -24.80
N LYS L 288 -44.26 -31.92 -25.25
CA LYS L 288 -43.86 -30.82 -24.39
C LYS L 288 -44.99 -30.30 -23.52
N ARG L 289 -44.78 -30.29 -22.21
CA ARG L 289 -45.80 -29.84 -21.27
C ARG L 289 -46.99 -30.78 -21.35
N GLY L 290 -46.72 -32.04 -21.68
CA GLY L 290 -47.78 -33.03 -21.81
C GLY L 290 -48.41 -33.62 -20.56
N SER L 291 -49.22 -34.66 -20.79
CA SER L 291 -49.93 -35.38 -19.74
C SER L 291 -49.55 -36.86 -19.80
N SER L 292 -49.04 -37.29 -20.96
CA SER L 292 -48.62 -38.66 -21.18
C SER L 292 -49.59 -39.70 -20.61
N VAL L 293 -50.63 -40.01 -21.38
CA VAL L 293 -51.61 -40.99 -20.93
C VAL L 293 -51.08 -42.43 -21.12
N THR L 294 -50.14 -42.61 -22.03
CA THR L 294 -49.55 -43.93 -22.29
C THR L 294 -48.59 -44.28 -21.15
N SER L 295 -48.73 -43.56 -20.04
CA SER L 295 -47.88 -43.77 -18.88
C SER L 295 -48.72 -44.22 -17.69
N LYS L 296 -48.74 -45.53 -17.45
CA LYS L 296 -49.50 -46.10 -16.34
C LYS L 296 -49.09 -45.35 -15.10
N LEU L 297 -47.81 -45.46 -14.77
CA LEU L 297 -47.25 -44.83 -13.60
C LEU L 297 -47.69 -43.38 -13.45
N TYR L 298 -47.32 -42.54 -14.41
CA TYR L 298 -47.67 -41.12 -14.38
C TYR L 298 -49.15 -41.00 -14.05
N GLN L 299 -49.98 -41.28 -15.05
CA GLN L 299 -51.42 -41.20 -14.89
C GLN L 299 -51.82 -41.82 -13.57
N GLY L 300 -51.19 -42.94 -13.22
CA GLY L 300 -51.50 -43.62 -11.99
C GLY L 300 -51.31 -42.77 -10.75
N VAL L 301 -50.35 -41.86 -10.82
CA VAL L 301 -50.06 -41.02 -9.68
C VAL L 301 -50.97 -39.80 -9.61
N ALA L 302 -51.30 -39.26 -10.78
CA ALA L 302 -52.15 -38.08 -10.88
C ALA L 302 -53.50 -38.35 -10.23
N LYS L 303 -53.88 -39.63 -10.20
CA LYS L 303 -55.14 -40.06 -9.61
C LYS L 303 -54.99 -40.28 -8.10
N ALA L 304 -54.05 -39.56 -7.49
CA ALA L 304 -53.80 -39.65 -6.06
C ALA L 304 -53.24 -38.35 -5.53
N THR L 305 -52.43 -37.68 -6.35
CA THR L 305 -51.82 -36.41 -5.98
C THR L 305 -52.56 -35.21 -6.58
N THR L 306 -52.49 -34.09 -5.89
CA THR L 306 -53.16 -32.86 -6.32
C THR L 306 -52.21 -31.81 -6.91
N GLN L 307 -51.05 -31.65 -6.28
CA GLN L 307 -50.05 -30.68 -6.70
C GLN L 307 -49.01 -31.27 -7.68
N PRO L 308 -48.25 -30.40 -8.35
CA PRO L 308 -47.21 -30.78 -9.30
C PRO L 308 -46.24 -31.80 -8.76
N PHE L 309 -45.90 -32.75 -9.63
CA PHE L 309 -44.99 -33.82 -9.29
C PHE L 309 -44.49 -34.43 -10.60
N ASP L 310 -43.78 -35.54 -10.49
CA ASP L 310 -43.30 -36.25 -11.64
C ASP L 310 -42.75 -37.62 -11.27
N ALA L 311 -43.08 -38.63 -12.08
CA ALA L 311 -42.63 -40.00 -11.83
C ALA L 311 -42.34 -40.73 -13.13
N SER L 312 -41.45 -41.72 -13.06
CA SER L 312 -41.12 -42.48 -14.24
C SER L 312 -40.48 -43.84 -13.97
N ALA L 313 -40.27 -44.59 -15.03
CA ALA L 313 -39.69 -45.93 -14.94
C ALA L 313 -38.16 -45.95 -15.01
N PHE L 314 -37.54 -46.46 -13.95
CA PHE L 314 -36.11 -46.54 -13.92
C PHE L 314 -35.60 -47.90 -14.42
N ASN L 315 -34.57 -47.89 -15.23
CA ASN L 315 -34.01 -49.13 -15.74
C ASN L 315 -32.58 -49.06 -16.26
N VAL L 316 -31.71 -49.86 -15.64
CA VAL L 316 -30.29 -49.94 -15.98
C VAL L 316 -29.87 -51.39 -16.19
N ASN L 317 -28.98 -51.59 -17.15
CA ASN L 317 -28.48 -52.92 -17.44
C ASN L 317 -26.95 -52.97 -17.42
N TYR L 318 -26.41 -53.68 -16.43
CA TYR L 318 -24.96 -53.82 -16.30
C TYR L 318 -24.54 -55.24 -16.65
N SER L 319 -23.31 -55.39 -17.13
CA SER L 319 -22.74 -56.68 -17.54
C SER L 319 -23.10 -57.86 -16.66
N ASP L 320 -22.94 -57.72 -15.34
CA ASP L 320 -23.24 -58.81 -14.42
C ASP L 320 -24.34 -58.47 -13.41
N SER L 321 -25.24 -57.57 -13.78
CA SER L 321 -26.33 -57.19 -12.92
C SER L 321 -27.11 -56.04 -13.56
N GLY L 322 -27.99 -55.43 -12.80
CA GLY L 322 -28.77 -54.32 -13.31
C GLY L 322 -29.75 -53.88 -12.25
N LEU L 323 -30.48 -52.80 -12.53
CA LEU L 323 -31.46 -52.30 -11.58
C LEU L 323 -32.77 -51.92 -12.27
N PHE L 324 -33.84 -51.88 -11.49
CA PHE L 324 -35.13 -51.54 -12.04
C PHE L 324 -36.09 -51.07 -10.97
N GLY L 325 -36.86 -50.06 -11.34
CA GLY L 325 -37.84 -49.49 -10.43
C GLY L 325 -38.36 -48.19 -10.99
N PHE L 326 -38.84 -47.35 -10.11
CA PHE L 326 -39.36 -46.08 -10.56
C PHE L 326 -38.64 -44.97 -9.83
N TYR L 327 -38.76 -43.74 -10.34
CA TYR L 327 -38.12 -42.58 -9.73
C TYR L 327 -39.18 -41.46 -9.66
N THR L 328 -39.38 -40.91 -8.48
CA THR L 328 -40.36 -39.85 -8.28
C THR L 328 -39.69 -38.53 -7.96
N ILE L 329 -40.50 -37.49 -7.90
CA ILE L 329 -40.02 -36.14 -7.58
C ILE L 329 -41.30 -35.48 -7.22
N SER L 330 -41.38 -34.87 -6.05
CA SER L 330 -42.64 -34.25 -5.69
C SER L 330 -42.50 -33.28 -4.54
N GLN L 331 -43.59 -32.63 -4.18
CA GLN L 331 -43.51 -31.69 -3.07
C GLN L 331 -43.31 -32.55 -1.85
N ALA L 332 -42.73 -32.00 -0.80
CA ALA L 332 -42.43 -32.79 0.38
C ALA L 332 -43.62 -33.31 1.17
N ALA L 333 -44.73 -32.59 1.11
CA ALA L 333 -45.92 -32.99 1.85
C ALA L 333 -46.63 -34.19 1.23
N HIS L 334 -46.59 -34.25 -0.09
CA HIS L 334 -47.23 -35.34 -0.83
C HIS L 334 -46.23 -36.45 -1.15
N ALA L 335 -44.95 -36.18 -0.95
CA ALA L 335 -43.89 -37.13 -1.21
C ALA L 335 -44.33 -38.56 -0.89
N GLY L 336 -44.93 -38.73 0.28
CA GLY L 336 -45.38 -40.05 0.67
C GLY L 336 -46.31 -40.67 -0.35
N GLU L 337 -47.58 -40.26 -0.31
CA GLU L 337 -48.61 -40.78 -1.22
C GLU L 337 -48.15 -40.94 -2.67
N VAL L 338 -47.33 -40.00 -3.16
CA VAL L 338 -46.82 -40.07 -4.52
C VAL L 338 -45.95 -41.30 -4.74
N ILE L 339 -45.22 -41.69 -3.72
CA ILE L 339 -44.37 -42.87 -3.80
C ILE L 339 -45.23 -44.10 -3.65
N ARG L 340 -46.10 -44.09 -2.62
CA ARG L 340 -47.00 -45.22 -2.34
C ARG L 340 -47.82 -45.53 -3.57
N ALA L 341 -48.35 -44.49 -4.19
CA ALA L 341 -49.13 -44.65 -5.40
C ALA L 341 -48.23 -45.26 -6.47
N ALA L 342 -46.97 -44.87 -6.46
CA ALA L 342 -46.00 -45.37 -7.41
C ALA L 342 -45.88 -46.90 -7.31
N MET L 343 -46.08 -47.41 -6.10
CA MET L 343 -46.01 -48.85 -5.84
C MET L 343 -47.29 -49.56 -6.26
N ASN L 344 -48.41 -49.17 -5.66
CA ASN L 344 -49.72 -49.76 -5.95
C ASN L 344 -49.97 -49.82 -7.45
N GLN L 345 -49.35 -48.89 -8.18
CA GLN L 345 -49.49 -48.82 -9.62
C GLN L 345 -48.58 -49.82 -10.28
N LEU L 346 -47.61 -50.32 -9.51
CA LEU L 346 -46.66 -51.30 -10.00
C LEU L 346 -47.16 -52.73 -9.67
N LYS L 347 -48.02 -52.83 -8.64
CA LYS L 347 -48.60 -54.10 -8.22
C LYS L 347 -49.76 -54.41 -9.13
N ALA L 348 -50.66 -53.44 -9.25
CA ALA L 348 -51.82 -53.59 -10.11
C ALA L 348 -51.33 -53.82 -11.54
N ALA L 349 -50.02 -53.72 -11.73
CA ALA L 349 -49.41 -53.91 -13.04
C ALA L 349 -48.74 -55.27 -13.09
N ALA L 350 -48.28 -55.72 -11.93
CA ALA L 350 -47.63 -57.01 -11.85
C ALA L 350 -48.69 -58.10 -11.81
N GLN L 351 -49.95 -57.70 -11.69
CA GLN L 351 -51.07 -58.66 -11.60
C GLN L 351 -52.13 -58.65 -12.72
N GLY L 352 -51.74 -59.04 -13.93
CA GLY L 352 -52.68 -59.11 -15.06
C GLY L 352 -53.45 -57.87 -15.47
N GLY L 353 -52.92 -56.69 -15.12
CA GLY L 353 -53.56 -55.43 -15.47
C GLY L 353 -52.78 -54.74 -16.57
N VAL L 354 -52.35 -55.56 -17.53
CA VAL L 354 -51.58 -55.10 -18.68
C VAL L 354 -52.25 -55.59 -19.96
N THR L 355 -52.90 -54.67 -20.66
CA THR L 355 -53.59 -54.98 -21.92
C THR L 355 -52.61 -55.50 -22.96
N GLU L 356 -52.98 -56.57 -23.65
CA GLU L 356 -52.13 -57.15 -24.67
C GLU L 356 -51.82 -56.07 -25.70
N GLU L 357 -52.53 -54.95 -25.60
CA GLU L 357 -52.33 -53.84 -26.52
C GLU L 357 -51.35 -52.82 -25.97
N ASP L 358 -51.33 -52.63 -24.65
CA ASP L 358 -50.39 -51.68 -24.04
C ASP L 358 -49.02 -52.14 -24.48
N VAL L 359 -48.87 -53.45 -24.50
CA VAL L 359 -47.63 -54.12 -24.88
C VAL L 359 -47.28 -53.90 -26.34
N THR L 360 -48.29 -53.81 -27.19
CA THR L 360 -48.07 -53.59 -28.61
C THR L 360 -47.58 -52.18 -28.84
N LYS L 361 -48.02 -51.25 -27.99
CA LYS L 361 -47.62 -49.85 -28.09
C LYS L 361 -46.19 -49.62 -27.60
N ALA L 362 -45.93 -50.04 -26.37
CA ALA L 362 -44.60 -49.88 -25.79
C ALA L 362 -43.54 -50.42 -26.74
N LYS L 363 -43.93 -51.37 -27.60
CA LYS L 363 -43.01 -51.97 -28.56
C LYS L 363 -42.59 -50.99 -29.65
N ASN L 364 -43.49 -50.10 -30.03
CA ASN L 364 -43.16 -49.12 -31.06
C ASN L 364 -42.30 -48.05 -30.39
N GLN L 365 -42.81 -47.52 -29.27
CA GLN L 365 -42.11 -46.47 -28.52
C GLN L 365 -40.66 -46.89 -28.35
N LEU L 366 -40.45 -48.17 -28.07
CA LEU L 366 -39.13 -48.71 -27.88
C LEU L 366 -38.42 -48.86 -29.23
N LYS L 367 -39.11 -49.37 -30.24
CA LYS L 367 -38.48 -49.49 -31.54
C LYS L 367 -38.06 -48.09 -31.94
N ALA L 368 -38.96 -47.13 -31.73
CA ALA L 368 -38.72 -45.73 -32.05
C ALA L 368 -37.51 -45.16 -31.29
N THR L 369 -37.71 -44.84 -30.02
CA THR L 369 -36.65 -44.31 -29.17
C THR L 369 -35.30 -44.80 -29.63
N TYR L 370 -35.12 -46.12 -29.69
CA TYR L 370 -33.86 -46.68 -30.13
C TYR L 370 -33.43 -46.06 -31.45
N LEU L 371 -34.26 -46.22 -32.47
CA LEU L 371 -34.00 -45.70 -33.82
C LEU L 371 -33.62 -44.26 -33.98
N MET L 372 -34.12 -43.41 -33.08
CA MET L 372 -33.82 -41.97 -33.12
C MET L 372 -32.46 -41.72 -32.44
N SER L 373 -32.01 -42.68 -31.63
CA SER L 373 -30.74 -42.55 -30.94
C SER L 373 -29.58 -42.80 -31.88
N VAL L 374 -29.89 -43.24 -33.08
CA VAL L 374 -28.85 -43.52 -34.05
C VAL L 374 -28.71 -42.35 -35.01
N GLU L 375 -29.45 -41.28 -34.72
CA GLU L 375 -29.41 -40.07 -35.55
C GLU L 375 -28.13 -39.24 -35.31
N THR L 376 -27.91 -38.85 -34.05
CA THR L 376 -26.73 -38.06 -33.68
C THR L 376 -25.45 -38.89 -33.80
N ALA L 377 -24.51 -38.42 -34.60
CA ALA L 377 -23.24 -39.12 -34.80
C ALA L 377 -22.74 -39.70 -33.49
N GLN L 378 -22.98 -38.97 -32.40
CA GLN L 378 -22.56 -39.42 -31.09
C GLN L 378 -23.39 -40.62 -30.72
N GLY L 379 -24.70 -40.49 -30.87
CA GLY L 379 -25.60 -41.60 -30.56
C GLY L 379 -25.28 -42.88 -31.31
N LEU L 380 -24.84 -42.76 -32.57
CA LEU L 380 -24.50 -43.92 -33.37
C LEU L 380 -23.20 -44.54 -32.90
N LEU L 381 -22.15 -43.74 -32.81
CA LEU L 381 -20.85 -44.24 -32.37
C LEU L 381 -20.95 -44.92 -31.02
N ASN L 382 -22.02 -44.68 -30.27
CA ASN L 382 -22.16 -45.32 -28.98
C ASN L 382 -22.80 -46.69 -29.17
N GLU L 383 -23.81 -46.79 -30.01
CA GLU L 383 -24.41 -48.08 -30.21
C GLU L 383 -23.38 -49.02 -30.84
N ILE L 384 -22.75 -48.60 -31.93
CA ILE L 384 -21.72 -49.42 -32.60
C ILE L 384 -20.67 -49.90 -31.62
N GLY L 385 -20.17 -48.97 -30.81
CA GLY L 385 -19.16 -49.29 -29.82
C GLY L 385 -19.55 -50.32 -28.78
N SER L 386 -20.50 -49.97 -27.91
CA SER L 386 -20.96 -50.89 -26.86
C SER L 386 -21.00 -52.32 -27.38
N GLU L 387 -21.72 -52.51 -28.46
CA GLU L 387 -21.85 -53.83 -29.07
C GLU L 387 -20.47 -54.32 -29.49
N ALA L 388 -19.80 -53.54 -30.33
CA ALA L 388 -18.47 -53.90 -30.81
C ALA L 388 -17.42 -54.18 -29.73
N LEU L 389 -17.75 -53.94 -28.46
CA LEU L 389 -16.77 -54.18 -27.40
C LEU L 389 -17.17 -55.32 -26.48
N LEU L 390 -18.48 -55.48 -26.30
CA LEU L 390 -18.99 -56.53 -25.42
C LEU L 390 -19.14 -57.89 -26.13
N SER L 391 -18.94 -57.89 -27.45
CA SER L 391 -19.05 -59.14 -28.22
C SER L 391 -18.32 -59.13 -29.56
N GLY L 392 -17.91 -57.96 -30.03
CA GLY L 392 -17.20 -57.90 -31.30
C GLY L 392 -18.14 -58.28 -32.44
N THR L 393 -19.42 -58.04 -32.20
CA THR L 393 -20.47 -58.34 -33.16
C THR L 393 -21.36 -57.12 -33.37
N HIS L 394 -22.24 -57.22 -34.37
CA HIS L 394 -23.17 -56.15 -34.62
C HIS L 394 -24.48 -56.69 -35.16
N THR L 395 -25.50 -56.67 -34.30
CA THR L 395 -26.84 -57.15 -34.62
C THR L 395 -27.60 -56.14 -35.47
N ALA L 396 -27.88 -56.50 -36.72
CA ALA L 396 -28.61 -55.63 -37.63
C ALA L 396 -29.83 -55.01 -36.94
N PRO L 397 -30.28 -53.85 -37.43
CA PRO L 397 -31.45 -53.16 -36.85
C PRO L 397 -32.77 -53.92 -36.96
N SER L 398 -32.84 -54.88 -37.89
CA SER L 398 -34.05 -55.67 -38.09
C SER L 398 -34.06 -56.86 -37.14
N VAL L 399 -32.88 -57.24 -36.67
CA VAL L 399 -32.74 -58.35 -35.73
C VAL L 399 -33.08 -57.83 -34.33
N VAL L 400 -32.63 -56.62 -34.01
CA VAL L 400 -32.90 -56.03 -32.70
C VAL L 400 -34.40 -55.84 -32.54
N ALA L 401 -35.03 -55.31 -33.59
CA ALA L 401 -36.48 -55.08 -33.56
C ALA L 401 -37.21 -56.41 -33.44
N GLN L 402 -36.53 -57.50 -33.81
CA GLN L 402 -37.11 -58.82 -33.74
C GLN L 402 -37.09 -59.34 -32.31
N LYS L 403 -35.97 -59.09 -31.62
CA LYS L 403 -35.81 -59.51 -30.23
C LYS L 403 -36.68 -58.63 -29.34
N ILE L 404 -37.29 -57.61 -29.93
CA ILE L 404 -38.15 -56.73 -29.18
C ILE L 404 -39.57 -57.25 -29.18
N ASP L 405 -40.15 -57.42 -30.36
CA ASP L 405 -41.52 -57.93 -30.43
C ASP L 405 -41.62 -59.39 -29.97
N SER L 406 -40.48 -60.06 -29.84
CA SER L 406 -40.46 -61.46 -29.40
C SER L 406 -40.76 -61.50 -27.90
N VAL L 407 -41.36 -60.42 -27.41
CA VAL L 407 -41.74 -60.30 -26.02
C VAL L 407 -43.20 -60.68 -25.84
N THR L 408 -43.49 -61.45 -24.78
CA THR L 408 -44.84 -61.87 -24.52
C THR L 408 -45.43 -61.08 -23.35
N SER L 409 -46.75 -60.98 -23.32
CA SER L 409 -47.45 -60.27 -22.25
C SER L 409 -47.06 -60.88 -20.91
N ALA L 410 -46.60 -62.12 -20.95
CA ALA L 410 -46.19 -62.82 -19.75
C ALA L 410 -44.85 -62.27 -19.28
N ASP L 411 -43.86 -62.27 -20.17
CA ASP L 411 -42.54 -61.75 -19.82
C ASP L 411 -42.69 -60.42 -19.08
N VAL L 412 -43.66 -59.61 -19.52
CA VAL L 412 -43.92 -58.32 -18.93
C VAL L 412 -44.56 -58.46 -17.55
N VAL L 413 -45.70 -59.13 -17.48
CA VAL L 413 -46.37 -59.30 -16.20
C VAL L 413 -45.42 -59.95 -15.19
N ASN L 414 -44.41 -60.66 -15.70
CA ASN L 414 -43.42 -61.33 -14.84
C ASN L 414 -42.39 -60.30 -14.40
N ALA L 415 -41.93 -59.51 -15.35
CA ALA L 415 -40.96 -58.48 -15.03
C ALA L 415 -41.56 -57.72 -13.86
N ALA L 416 -42.82 -57.33 -14.01
CA ALA L 416 -43.53 -56.58 -12.99
C ALA L 416 -43.64 -57.35 -11.69
N LYS L 417 -43.53 -58.68 -11.78
CA LYS L 417 -43.63 -59.51 -10.58
C LYS L 417 -42.25 -59.68 -9.94
N LYS L 418 -41.24 -59.91 -10.78
CA LYS L 418 -39.87 -60.08 -10.28
C LYS L 418 -39.51 -58.89 -9.39
N PHE L 419 -40.33 -57.85 -9.49
CA PHE L 419 -40.14 -56.62 -8.72
C PHE L 419 -40.76 -56.66 -7.32
N VAL L 420 -42.07 -56.84 -7.23
CA VAL L 420 -42.77 -56.84 -5.95
C VAL L 420 -42.32 -57.88 -4.93
N SER L 421 -41.57 -58.89 -5.36
CA SER L 421 -41.10 -59.94 -4.46
C SER L 421 -39.69 -59.74 -3.89
N GLY L 422 -38.69 -59.58 -4.76
CA GLY L 422 -37.31 -59.39 -4.34
C GLY L 422 -37.03 -58.30 -3.32
N LYS L 423 -35.77 -58.19 -2.90
CA LYS L 423 -35.40 -57.16 -1.94
C LYS L 423 -35.24 -55.84 -2.68
N LYS L 424 -35.89 -54.81 -2.14
CA LYS L 424 -35.88 -53.48 -2.73
C LYS L 424 -34.86 -52.53 -2.11
N SER L 425 -34.34 -51.61 -2.90
CA SER L 425 -33.37 -50.62 -2.45
C SER L 425 -33.98 -49.25 -2.68
N MET L 426 -33.79 -48.32 -1.76
CA MET L 426 -34.34 -46.98 -1.91
C MET L 426 -33.30 -45.85 -1.79
N ALA L 427 -33.65 -44.66 -2.27
CA ALA L 427 -32.76 -43.51 -2.21
C ALA L 427 -33.59 -42.23 -2.19
N ALA L 428 -33.23 -41.27 -1.34
CA ALA L 428 -33.96 -40.00 -1.26
C ALA L 428 -33.05 -38.79 -1.10
N SER L 429 -33.66 -37.63 -0.87
CA SER L 429 -32.96 -36.35 -0.68
C SER L 429 -33.97 -35.22 -0.68
N GLY L 430 -33.95 -34.43 0.38
CA GLY L 430 -34.90 -33.33 0.49
C GLY L 430 -35.57 -33.37 1.85
N ASP L 431 -36.56 -32.52 2.07
CA ASP L 431 -37.28 -32.53 3.33
C ASP L 431 -38.06 -33.83 3.35
N LEU L 432 -37.43 -34.87 3.87
CA LEU L 432 -38.03 -36.21 3.94
C LEU L 432 -38.88 -36.34 5.20
N GLY L 433 -39.48 -35.24 5.64
CA GLY L 433 -40.31 -35.23 6.83
C GLY L 433 -41.57 -36.07 6.76
N SER L 434 -42.22 -36.08 5.60
CA SER L 434 -43.45 -36.85 5.40
C SER L 434 -43.21 -37.96 4.37
N THR L 435 -41.95 -38.24 4.08
CA THR L 435 -41.58 -39.28 3.14
C THR L 435 -41.53 -40.63 3.87
N PRO L 436 -41.85 -41.72 3.16
CA PRO L 436 -41.84 -43.05 3.78
C PRO L 436 -40.52 -43.86 3.73
N PHE L 437 -40.40 -44.82 4.64
CA PHE L 437 -39.24 -45.70 4.71
C PHE L 437 -39.53 -46.94 3.85
N LEU L 438 -38.48 -47.63 3.43
CA LEU L 438 -38.66 -48.83 2.61
C LEU L 438 -39.60 -49.83 3.29
N ASP L 439 -39.41 -50.06 4.58
CA ASP L 439 -40.21 -51.02 5.34
C ASP L 439 -41.70 -50.68 5.45
N GLU L 440 -42.12 -49.55 4.87
CA GLU L 440 -43.52 -49.16 4.97
C GLU L 440 -44.24 -49.20 3.63
N LEU L 441 -43.78 -50.07 2.73
CA LEU L 441 -44.41 -50.17 1.43
C LEU L 441 -45.05 -51.56 1.19
N ALA M 2 -0.13 -7.51 -14.54
CA ALA M 2 -0.95 -8.75 -14.69
C ALA M 2 -2.24 -8.65 -13.86
N PRO M 3 -3.40 -8.45 -14.53
CA PRO M 3 -3.64 -8.29 -15.98
C PRO M 3 -3.12 -7.01 -16.65
N ASN M 4 -3.76 -5.88 -16.34
CA ASN M 4 -3.37 -4.59 -16.92
C ASN M 4 -2.20 -3.94 -16.19
N ILE M 5 -1.39 -3.20 -16.94
CA ILE M 5 -0.21 -2.53 -16.40
C ILE M 5 -0.51 -1.15 -15.80
N ARG M 6 -1.68 -1.03 -15.16
CA ARG M 6 -2.09 0.24 -14.55
C ARG M 6 -2.40 0.01 -13.06
N LYS M 7 -2.43 -1.26 -12.65
CA LYS M 7 -2.73 -1.64 -11.26
C LYS M 7 -1.60 -2.45 -10.58
N SER M 8 -0.59 -2.87 -11.36
CA SER M 8 0.54 -3.65 -10.82
C SER M 8 1.90 -2.94 -10.87
N HIS M 9 1.98 -1.81 -11.57
CA HIS M 9 3.21 -1.01 -11.72
C HIS M 9 3.34 -0.16 -10.43
N PRO M 10 4.35 -0.43 -9.58
CA PRO M 10 4.56 0.32 -8.32
C PRO M 10 4.62 1.86 -8.40
N LEU M 11 4.46 2.40 -9.61
CA LEU M 11 4.45 3.84 -9.86
C LEU M 11 3.15 4.21 -10.58
N LEU M 12 2.99 3.68 -11.79
CA LEU M 12 1.81 3.93 -12.60
C LEU M 12 0.55 3.63 -11.79
N LYS M 13 0.63 2.62 -10.92
CA LYS M 13 -0.49 2.23 -10.07
C LYS M 13 -0.94 3.41 -9.22
N MET M 14 0.01 4.23 -8.77
CA MET M 14 -0.30 5.38 -7.95
C MET M 14 -1.11 6.46 -8.67
N ILE M 15 -0.66 6.89 -9.84
CA ILE M 15 -1.39 7.91 -10.60
C ILE M 15 -2.78 7.37 -10.92
N ASN M 16 -2.89 6.05 -10.93
CA ASN M 16 -4.15 5.40 -11.22
C ASN M 16 -4.93 5.07 -9.95
N ASN M 17 -4.22 4.97 -8.84
CA ASN M 17 -4.85 4.63 -7.56
C ASN M 17 -5.28 5.87 -6.78
N SER M 18 -4.85 7.05 -7.25
CA SER M 18 -5.19 8.30 -6.60
C SER M 18 -5.73 9.39 -7.54
N LEU M 19 -5.72 9.12 -8.84
CA LEU M 19 -6.19 10.10 -9.80
C LEU M 19 -7.09 9.59 -10.90
N ILE M 20 -7.37 8.29 -10.92
CA ILE M 20 -8.23 7.82 -11.98
C ILE M 20 -9.33 6.94 -11.49
N ASP M 21 -8.96 5.89 -10.77
CA ASP M 21 -9.95 4.96 -10.25
C ASP M 21 -10.45 5.41 -8.90
N LEU M 22 -9.88 6.50 -8.43
CA LEU M 22 -10.29 7.05 -7.16
C LEU M 22 -11.79 7.19 -7.12
N PRO M 23 -12.44 6.58 -6.12
CA PRO M 23 -13.88 6.64 -5.95
C PRO M 23 -14.26 7.98 -5.37
N ALA M 24 -15.19 8.64 -6.04
CA ALA M 24 -15.64 9.93 -5.60
C ALA M 24 -17.15 9.99 -5.53
N PRO M 25 -17.66 10.69 -4.51
CA PRO M 25 -19.11 10.82 -4.37
C PRO M 25 -19.61 11.31 -5.72
N SER M 26 -20.64 10.66 -6.24
CA SER M 26 -21.20 11.05 -7.52
C SER M 26 -21.69 12.49 -7.50
N ASN M 27 -21.79 13.07 -6.31
CA ASN M 27 -22.34 14.41 -6.17
C ASN M 27 -21.53 15.56 -5.60
N ILE M 28 -20.21 15.49 -5.53
CA ILE M 28 -19.52 16.64 -4.97
C ILE M 28 -19.69 17.83 -5.91
N SER M 29 -19.90 19.01 -5.30
CA SER M 29 -20.11 20.25 -6.03
C SER M 29 -18.85 20.87 -6.65
N ALA M 30 -18.87 22.19 -6.73
CA ALA M 30 -17.77 22.94 -7.28
C ALA M 30 -16.90 23.42 -6.14
N TRP M 31 -17.40 23.36 -4.93
CA TRP M 31 -16.59 23.79 -3.80
C TRP M 31 -15.58 22.73 -3.45
N TRP M 32 -15.54 21.66 -4.24
CA TRP M 32 -14.60 20.55 -4.05
C TRP M 32 -13.44 20.70 -5.03
N ASN M 33 -13.64 21.56 -6.01
CA ASN M 33 -12.67 21.84 -7.06
C ASN M 33 -11.43 22.54 -6.51
N PHE M 34 -11.64 23.53 -5.67
CA PHE M 34 -10.54 24.29 -5.08
C PHE M 34 -9.37 23.42 -4.64
N GLY M 35 -9.66 22.15 -4.35
CA GLY M 35 -8.61 21.23 -3.94
C GLY M 35 -7.55 21.24 -5.00
N SER M 36 -7.92 20.73 -6.18
CA SER M 36 -6.99 20.71 -7.29
C SER M 36 -6.42 22.10 -7.51
N LEU M 37 -7.24 23.06 -7.87
CA LEU M 37 -6.73 24.42 -8.10
C LEU M 37 -5.60 24.76 -7.14
N LEU M 38 -5.83 24.54 -5.86
CA LEU M 38 -4.80 24.83 -4.89
C LEU M 38 -3.54 24.10 -5.34
N ALA M 39 -3.68 22.83 -5.68
CA ALA M 39 -2.51 22.11 -6.13
C ALA M 39 -1.89 22.76 -7.37
N VAL M 40 -2.68 22.90 -8.44
CA VAL M 40 -2.19 23.52 -9.66
C VAL M 40 -1.58 24.88 -9.32
N CYS M 41 -2.16 25.51 -8.32
CA CYS M 41 -1.71 26.81 -7.88
C CYS M 41 -0.28 26.71 -7.36
N LEU M 42 -0.06 25.74 -6.48
CA LEU M 42 1.25 25.51 -5.90
C LEU M 42 2.27 25.23 -6.99
N MET M 43 2.13 24.10 -7.67
CA MET M 43 3.04 23.75 -8.73
C MET M 43 3.29 24.96 -9.64
N THR M 44 2.25 25.72 -9.94
CA THR M 44 2.45 26.86 -10.80
C THR M 44 3.32 27.98 -10.19
N GLN M 45 3.10 28.29 -8.91
CA GLN M 45 3.89 29.33 -8.25
C GLN M 45 5.37 28.99 -8.33
N ILE M 46 5.68 27.73 -8.03
CA ILE M 46 7.03 27.17 -8.02
C ILE M 46 7.76 27.36 -9.34
N LEU M 47 7.03 27.24 -10.45
CA LEU M 47 7.61 27.42 -11.76
C LEU M 47 7.99 28.87 -11.97
N THR M 48 7.02 29.75 -11.87
CA THR M 48 7.31 31.17 -12.01
C THR M 48 8.39 31.53 -10.98
N GLY M 49 8.30 30.88 -9.83
CA GLY M 49 9.25 31.10 -8.75
C GLY M 49 10.70 30.86 -9.11
N LEU M 50 11.00 29.67 -9.63
CA LEU M 50 12.36 29.36 -10.06
C LEU M 50 12.76 30.37 -11.14
N LEU M 51 11.98 30.40 -12.21
CA LEU M 51 12.23 31.31 -13.31
C LEU M 51 12.64 32.66 -12.80
N LEU M 52 11.95 33.10 -11.77
CA LEU M 52 12.27 34.38 -11.17
C LEU M 52 13.59 34.30 -10.43
N ALA M 53 13.64 33.43 -9.42
CA ALA M 53 14.84 33.27 -8.63
C ALA M 53 16.10 33.23 -9.50
N MET M 54 15.93 32.90 -10.78
CA MET M 54 17.09 32.82 -11.66
C MET M 54 17.60 34.17 -12.08
N HIS M 55 17.01 35.24 -11.56
CA HIS M 55 17.45 36.58 -11.92
C HIS M 55 17.53 37.51 -10.71
N TYR M 56 16.93 37.09 -9.61
CA TYR M 56 16.94 37.91 -8.40
C TYR M 56 18.33 37.83 -7.81
N THR M 57 18.66 38.74 -6.89
CA THR M 57 19.96 38.76 -6.24
C THR M 57 19.76 39.22 -4.79
N ALA M 58 19.62 38.28 -3.87
CA ALA M 58 19.38 38.62 -2.46
C ALA M 58 20.46 39.41 -1.74
N ASP M 59 20.41 40.73 -1.83
CA ASP M 59 21.39 41.57 -1.15
C ASP M 59 20.95 43.01 -1.17
N THR M 60 20.51 43.51 -0.01
CA THR M 60 20.03 44.89 0.14
C THR M 60 20.42 45.91 -0.94
N SER M 61 21.70 45.99 -1.27
CA SER M 61 22.18 46.92 -2.28
C SER M 61 21.83 46.57 -3.74
N LEU M 62 21.20 45.43 -3.96
CA LEU M 62 20.82 45.05 -5.31
C LEU M 62 19.47 44.33 -5.40
N ALA M 63 18.84 44.08 -4.26
CA ALA M 63 17.57 43.38 -4.30
C ALA M 63 16.60 44.14 -5.18
N PHE M 64 16.23 45.36 -4.79
CA PHE M 64 15.28 46.13 -5.57
C PHE M 64 15.62 46.18 -7.04
N SER M 65 16.80 46.68 -7.37
CA SER M 65 17.22 46.79 -8.77
C SER M 65 17.20 45.52 -9.60
N SER M 66 17.46 44.38 -8.98
CA SER M 66 17.45 43.11 -9.71
C SER M 66 16.03 42.79 -10.17
N VAL M 67 15.05 43.05 -9.32
CA VAL M 67 13.66 42.77 -9.68
C VAL M 67 13.27 43.63 -10.87
N ALA M 68 13.70 44.89 -10.87
CA ALA M 68 13.36 45.78 -11.98
C ALA M 68 14.09 45.31 -13.25
N HIS M 69 15.38 45.04 -13.13
CA HIS M 69 16.13 44.56 -14.28
C HIS M 69 15.36 43.32 -14.80
N THR M 70 14.93 42.43 -13.90
CA THR M 70 14.22 41.24 -14.33
C THR M 70 12.99 41.60 -15.14
N CYS M 71 12.27 42.62 -14.71
CA CYS M 71 11.07 43.04 -15.41
C CYS M 71 11.41 43.69 -16.73
N ARG M 72 12.29 44.69 -16.68
CA ARG M 72 12.68 45.44 -17.87
C ARG M 72 13.57 44.77 -18.90
N ASN M 73 14.53 43.98 -18.46
CA ASN M 73 15.48 43.36 -19.38
C ASN M 73 15.32 41.88 -19.71
N VAL M 74 14.68 41.14 -18.83
CA VAL M 74 14.50 39.74 -19.11
C VAL M 74 13.34 39.55 -20.08
N GLN M 75 13.53 38.67 -21.07
CA GLN M 75 12.47 38.38 -22.04
C GLN M 75 11.21 37.89 -21.30
N TYR M 76 10.11 38.63 -21.39
CA TYR M 76 8.84 38.26 -20.73
C TYR M 76 8.99 38.21 -19.24
N GLY M 77 10.11 38.71 -18.76
CA GLY M 77 10.33 38.71 -17.34
C GLY M 77 9.11 39.32 -16.70
N TRP M 78 8.87 40.58 -17.02
CA TRP M 78 7.74 41.29 -16.44
C TRP M 78 6.51 40.42 -16.23
N LEU M 79 6.10 39.73 -17.29
CA LEU M 79 4.95 38.85 -17.25
C LEU M 79 5.14 37.81 -16.17
N ILE M 80 6.31 37.19 -16.21
CA ILE M 80 6.65 36.15 -15.27
C ILE M 80 6.54 36.63 -13.84
N ARG M 81 6.85 37.89 -13.58
CA ARG M 81 6.69 38.36 -12.22
C ARG M 81 5.20 38.41 -11.94
N ASN M 82 4.48 39.11 -12.81
CA ASN M 82 3.05 39.30 -12.65
C ASN M 82 2.38 38.03 -12.25
N LEU M 83 2.51 37.02 -13.08
CA LEU M 83 1.91 35.76 -12.75
C LEU M 83 2.26 35.29 -11.33
N HIS M 84 3.52 35.45 -10.91
CA HIS M 84 3.96 35.00 -9.57
C HIS M 84 3.34 35.86 -8.50
N ALA M 85 3.52 37.18 -8.66
CA ALA M 85 3.02 38.14 -7.69
C ALA M 85 1.55 37.98 -7.33
N ASN M 86 0.74 37.70 -8.35
CA ASN M 86 -0.70 37.56 -8.15
C ASN M 86 -1.08 36.13 -7.83
N GLY M 87 -0.36 35.18 -8.42
CA GLY M 87 -0.65 33.77 -8.19
C GLY M 87 -0.83 33.61 -6.71
N ALA M 88 -0.01 34.35 -5.96
CA ALA M 88 -0.05 34.32 -4.51
C ALA M 88 -1.47 34.63 -4.02
N SER M 89 -2.06 35.67 -4.58
CA SER M 89 -3.41 36.05 -4.21
C SER M 89 -4.34 34.92 -4.58
N PHE M 90 -4.50 34.72 -5.89
CA PHE M 90 -5.34 33.65 -6.44
C PHE M 90 -5.19 32.44 -5.49
N PHE M 91 -3.97 32.24 -5.01
CA PHE M 91 -3.65 31.14 -4.10
C PHE M 91 -4.44 31.34 -2.83
N PHE M 92 -4.17 32.43 -2.12
CA PHE M 92 -4.89 32.71 -0.90
C PHE M 92 -6.40 32.68 -1.10
N ILE M 93 -6.88 33.21 -2.21
CA ILE M 93 -8.32 33.16 -2.48
C ILE M 93 -8.73 31.69 -2.41
N CYS M 94 -8.28 30.92 -3.39
CA CYS M 94 -8.62 29.53 -3.41
C CYS M 94 -8.56 28.91 -2.04
N ILE M 95 -7.43 29.00 -1.36
CA ILE M 95 -7.32 28.37 -0.04
C ILE M 95 -8.47 28.78 0.86
N PHE M 96 -8.87 30.05 0.79
CA PHE M 96 -9.95 30.54 1.63
C PHE M 96 -11.27 29.84 1.43
N LEU M 97 -11.67 29.66 0.19
CA LEU M 97 -12.89 28.95 -0.06
C LEU M 97 -12.66 27.49 0.40
N HIS M 98 -11.59 26.89 -0.07
CA HIS M 98 -11.25 25.52 0.29
C HIS M 98 -11.42 25.30 1.81
N ILE M 99 -11.28 26.36 2.60
CA ILE M 99 -11.45 26.24 4.05
C ILE M 99 -12.94 26.40 4.43
N GLY M 100 -13.62 27.34 3.75
CA GLY M 100 -15.02 27.58 4.01
C GLY M 100 -15.83 26.36 3.61
N ARG M 101 -15.47 25.79 2.47
CA ARG M 101 -16.12 24.59 1.98
C ARG M 101 -16.06 23.60 3.12
N GLY M 102 -14.88 23.44 3.69
CA GLY M 102 -14.71 22.50 4.76
C GLY M 102 -15.55 22.81 5.98
N LEU M 103 -15.64 24.08 6.35
CA LEU M 103 -16.42 24.46 7.52
C LEU M 103 -17.89 24.13 7.33
N TYR M 104 -18.46 24.65 6.24
CA TYR M 104 -19.86 24.43 5.92
C TYR M 104 -20.21 22.94 5.94
N TYR M 105 -19.59 22.16 5.07
CA TYR M 105 -19.90 20.75 5.01
C TYR M 105 -19.19 19.87 6.03
N GLY M 106 -18.69 20.48 7.10
CA GLY M 106 -18.01 19.72 8.14
C GLY M 106 -16.94 18.70 7.74
N SER M 107 -16.20 18.96 6.67
CA SER M 107 -15.15 18.04 6.27
C SER M 107 -14.21 17.92 7.46
N TYR M 108 -14.19 18.93 8.30
CA TYR M 108 -13.35 18.93 9.48
C TYR M 108 -13.54 17.75 10.39
N LEU M 109 -14.41 16.82 10.00
CA LEU M 109 -14.60 15.65 10.85
C LEU M 109 -13.55 14.63 10.46
N TYR M 110 -12.91 14.90 9.32
CA TYR M 110 -11.81 14.08 8.85
C TYR M 110 -10.62 14.77 9.50
N LYS M 111 -10.52 14.68 10.82
CA LYS M 111 -9.49 15.37 11.56
C LYS M 111 -8.09 15.50 10.95
N GLU M 112 -7.42 14.37 10.69
CA GLU M 112 -6.07 14.40 10.14
C GLU M 112 -5.99 15.16 8.83
N THR M 113 -6.87 14.83 7.90
CA THR M 113 -6.91 15.52 6.60
C THR M 113 -7.03 17.02 6.82
N TRP M 114 -7.72 17.40 7.89
CA TRP M 114 -7.93 18.81 8.22
C TRP M 114 -6.73 19.44 8.88
N ASN M 115 -6.31 18.88 10.00
CA ASN M 115 -5.18 19.44 10.71
C ASN M 115 -4.04 19.70 9.76
N THR M 116 -3.71 18.74 8.91
CA THR M 116 -2.64 18.98 7.94
C THR M 116 -3.00 20.26 7.19
N GLY M 117 -4.24 20.30 6.71
CA GLY M 117 -4.66 21.48 5.99
C GLY M 117 -4.21 22.70 6.74
N VAL M 118 -4.55 22.77 8.01
CA VAL M 118 -4.20 23.93 8.81
C VAL M 118 -2.70 24.20 8.70
N ILE M 119 -1.89 23.19 9.01
CA ILE M 119 -0.45 23.38 8.93
C ILE M 119 -0.12 24.01 7.59
N LEU M 120 -0.68 23.43 6.52
CA LEU M 120 -0.47 23.91 5.15
C LEU M 120 -0.72 25.40 5.07
N LEU M 121 -1.87 25.83 5.57
CA LEU M 121 -2.23 27.25 5.56
C LEU M 121 -1.13 28.07 6.21
N LEU M 122 -0.80 27.67 7.42
CA LEU M 122 0.23 28.30 8.22
C LEU M 122 1.52 28.49 7.45
N THR M 123 1.92 27.46 6.70
CA THR M 123 3.12 27.51 5.88
C THR M 123 2.94 28.49 4.72
N LEU M 124 1.82 28.39 4.00
CA LEU M 124 1.57 29.29 2.90
C LEU M 124 1.69 30.71 3.44
N MET M 125 0.95 30.98 4.50
CA MET M 125 1.01 32.28 5.12
C MET M 125 2.46 32.75 5.30
N ALA M 126 3.24 31.92 6.00
CA ALA M 126 4.65 32.22 6.26
C ALA M 126 5.37 32.44 4.95
N THR M 127 5.19 31.50 4.03
CA THR M 127 5.84 31.56 2.73
C THR M 127 5.64 32.90 2.08
N ALA M 128 4.40 33.30 1.86
CA ALA M 128 4.17 34.60 1.23
C ALA M 128 4.87 35.72 1.99
N PHE M 129 4.92 35.62 3.30
CA PHE M 129 5.54 36.66 4.08
C PHE M 129 6.96 36.93 3.63
N VAL M 130 7.75 35.88 3.57
CA VAL M 130 9.14 36.00 3.17
C VAL M 130 9.31 36.39 1.71
N GLY M 131 8.49 35.82 0.86
CA GLY M 131 8.59 36.16 -0.55
C GLY M 131 8.46 37.66 -0.68
N TYR M 132 7.40 38.21 -0.12
CA TYR M 132 7.13 39.63 -0.18
C TYR M 132 8.30 40.53 0.21
N VAL M 133 9.17 40.05 1.08
CA VAL M 133 10.29 40.88 1.50
C VAL M 133 11.44 40.95 0.51
N LEU M 134 11.60 39.92 -0.33
CA LEU M 134 12.69 39.87 -1.31
C LEU M 134 12.88 41.09 -2.19
N PRO M 135 11.81 41.65 -2.76
CA PRO M 135 11.97 42.83 -3.61
C PRO M 135 12.55 44.06 -2.85
N TRP M 136 12.76 43.87 -1.56
CA TRP M 136 13.32 44.91 -0.74
C TRP M 136 12.77 46.29 -1.01
N GLY M 137 11.46 46.41 -0.87
CA GLY M 137 10.82 47.69 -1.08
C GLY M 137 10.58 48.29 0.27
N GLN M 138 9.88 49.42 0.33
CA GLN M 138 9.58 50.06 1.61
C GLN M 138 8.73 49.17 2.51
N MET M 139 7.68 48.57 1.93
CA MET M 139 6.84 47.67 2.71
C MET M 139 7.70 46.47 3.08
N SER M 140 8.24 45.83 2.05
CA SER M 140 9.10 44.66 2.22
C SER M 140 9.84 44.80 3.55
N PHE M 141 10.52 45.93 3.65
CA PHE M 141 11.30 46.24 4.83
C PHE M 141 10.42 46.33 6.04
N TRP M 142 9.71 47.42 6.13
CA TRP M 142 8.84 47.64 7.24
C TRP M 142 7.92 46.47 7.56
N GLY M 143 7.66 45.63 6.57
CA GLY M 143 6.83 44.48 6.84
C GLY M 143 7.73 43.48 7.56
N ALA M 144 8.86 43.20 6.93
CA ALA M 144 9.83 42.29 7.50
C ALA M 144 10.15 42.74 8.93
N THR M 145 10.13 44.05 9.16
CA THR M 145 10.46 44.60 10.48
C THR M 145 9.37 44.44 11.52
N VAL M 146 8.12 44.49 11.08
CA VAL M 146 7.03 44.37 12.03
C VAL M 146 6.69 42.94 12.32
N ILE M 147 6.59 42.15 11.26
CA ILE M 147 6.20 40.78 11.43
C ILE M 147 7.13 39.96 12.30
N THR M 148 8.41 39.98 11.98
CA THR M 148 9.35 39.22 12.78
C THR M 148 9.26 39.72 14.21
N ASN M 149 9.19 41.03 14.35
CA ASN M 149 9.13 41.62 15.68
C ASN M 149 8.01 41.00 16.49
N LEU M 150 7.07 40.39 15.82
CA LEU M 150 5.98 39.77 16.55
C LEU M 150 6.44 38.78 17.62
N PHE M 151 7.48 38.01 17.33
CA PHE M 151 7.95 37.01 18.27
C PHE M 151 8.54 37.65 19.51
N SER M 152 8.88 38.92 19.43
CA SER M 152 9.45 39.60 20.56
C SER M 152 8.41 39.75 21.64
N ALA M 153 7.22 39.18 21.42
CA ALA M 153 6.15 39.29 22.42
C ALA M 153 6.29 38.22 23.49
N ILE M 154 6.95 37.12 23.11
CA ILE M 154 7.18 36.01 24.01
C ILE M 154 8.20 36.53 25.01
N PRO M 155 8.01 36.24 26.30
CA PRO M 155 8.98 36.72 27.29
C PRO M 155 10.20 35.81 27.43
N TYR M 156 11.36 36.41 27.75
CA TYR M 156 12.65 35.70 27.91
C TYR M 156 13.33 35.41 26.56
N ILE M 157 12.89 34.33 25.91
CA ILE M 157 13.43 33.92 24.61
C ILE M 157 12.90 34.86 23.52
N GLY M 158 12.23 35.91 23.96
CA GLY M 158 11.64 36.87 23.04
C GLY M 158 12.67 37.63 22.26
N HIS M 159 13.02 38.82 22.73
CA HIS M 159 13.99 39.64 22.04
C HIS M 159 15.04 38.75 21.41
N THR M 160 15.48 37.76 22.16
CA THR M 160 16.52 36.88 21.65
C THR M 160 16.14 36.07 20.40
N LEU M 161 14.94 35.48 20.36
CA LEU M 161 14.56 34.71 19.16
C LEU M 161 14.69 35.58 17.89
N VAL M 162 14.17 36.80 17.98
CA VAL M 162 14.21 37.73 16.85
C VAL M 162 15.60 37.78 16.23
N GLU M 163 16.62 37.89 17.06
CA GLU M 163 17.99 37.98 16.55
C GLU M 163 18.28 36.96 15.46
N TRP M 164 17.97 35.68 15.71
CA TRP M 164 18.23 34.68 14.67
C TRP M 164 17.60 35.19 13.40
N ALA M 165 16.29 35.38 13.48
CA ALA M 165 15.51 35.84 12.35
C ALA M 165 16.29 36.86 11.53
N TRP M 166 16.51 38.05 12.08
CA TRP M 166 17.22 39.08 11.34
C TRP M 166 18.66 38.74 11.08
N GLY M 167 19.23 37.95 11.98
CA GLY M 167 20.61 37.58 11.82
C GLY M 167 21.43 38.80 12.15
N GLY M 168 20.84 39.69 12.93
CA GLY M 168 21.53 40.90 13.31
C GLY M 168 20.88 41.52 14.51
N PHE M 169 21.02 42.84 14.65
CA PHE M 169 20.44 43.56 15.76
C PHE M 169 19.33 44.46 15.21
N SER M 170 19.06 44.27 13.93
CA SER M 170 18.06 45.01 13.19
C SER M 170 18.10 44.47 11.75
N VAL M 171 16.96 44.56 11.05
CA VAL M 171 16.87 44.05 9.67
C VAL M 171 17.93 44.60 8.76
N ASP M 172 18.65 43.71 8.10
CA ASP M 172 19.70 44.08 7.16
C ASP M 172 19.96 42.88 6.23
N ASN M 173 21.04 42.94 5.45
CA ASN M 173 21.38 41.90 4.50
C ASN M 173 21.14 40.47 4.97
N PRO M 174 21.84 40.06 6.03
CA PRO M 174 21.69 38.71 6.56
C PRO M 174 20.23 38.27 6.62
N THR M 175 19.35 39.23 6.84
CA THR M 175 17.93 38.91 6.91
C THR M 175 17.48 38.59 5.50
N LEU M 176 17.64 39.55 4.61
CA LEU M 176 17.26 39.34 3.24
C LEU M 176 17.72 38.01 2.68
N THR M 177 19.03 37.78 2.63
CA THR M 177 19.55 36.54 2.07
C THR M 177 18.95 35.30 2.69
N ARG M 178 18.79 35.27 4.02
CA ARG M 178 18.27 34.06 4.60
C ARG M 178 16.79 33.93 4.34
N PHE M 179 16.13 35.05 4.01
CA PHE M 179 14.71 34.97 3.70
C PHE M 179 14.61 34.34 2.34
N PHE M 180 15.45 34.78 1.41
CA PHE M 180 15.45 34.19 0.08
C PHE M 180 15.61 32.67 0.17
N ALA M 181 16.47 32.21 1.07
CA ALA M 181 16.68 30.78 1.28
C ALA M 181 15.34 30.20 1.70
N LEU M 182 14.77 30.78 2.75
CA LEU M 182 13.50 30.36 3.27
C LEU M 182 12.45 30.24 2.18
N HIS M 183 12.22 31.36 1.50
CA HIS M 183 11.24 31.37 0.45
C HIS M 183 11.51 30.25 -0.56
N PHE M 184 12.76 30.10 -1.02
CA PHE M 184 13.08 29.06 -1.98
C PHE M 184 12.70 27.69 -1.46
N LEU M 185 12.94 27.46 -0.18
CA LEU M 185 12.65 26.17 0.43
C LEU M 185 11.18 25.83 0.78
N LEU M 186 10.54 26.67 1.59
CA LEU M 186 9.15 26.44 2.03
C LEU M 186 8.11 25.83 1.08
N PRO M 187 8.01 26.33 -0.17
CA PRO M 187 7.06 25.83 -1.16
C PRO M 187 7.13 24.32 -1.26
N PHE M 188 8.36 23.83 -1.41
CA PHE M 188 8.60 22.41 -1.52
C PHE M 188 8.01 21.72 -0.30
N ALA M 189 8.20 22.28 0.90
CA ALA M 189 7.64 21.69 2.11
C ALA M 189 6.11 21.64 1.97
N ILE M 190 5.53 22.67 1.35
CA ILE M 190 4.09 22.69 1.16
C ILE M 190 3.68 21.52 0.28
N ALA M 191 4.42 21.38 -0.82
CA ALA M 191 4.18 20.31 -1.78
C ALA M 191 4.30 18.96 -1.07
N GLY M 192 5.19 18.92 -0.09
CA GLY M 192 5.41 17.70 0.65
C GLY M 192 4.21 17.43 1.54
N ILE M 193 3.86 18.39 2.39
CA ILE M 193 2.72 18.18 3.28
C ILE M 193 1.43 18.00 2.46
N THR M 194 1.32 18.69 1.34
CA THR M 194 0.15 18.47 0.53
C THR M 194 0.00 16.97 0.28
N ILE M 195 1.12 16.27 0.14
CA ILE M 195 1.08 14.82 -0.10
C ILE M 195 0.51 14.07 1.07
N ILE M 196 0.84 14.50 2.28
CA ILE M 196 0.31 13.86 3.47
C ILE M 196 -1.19 14.18 3.52
N HIS M 197 -1.52 15.46 3.35
CA HIS M 197 -2.88 15.95 3.34
C HIS M 197 -3.74 15.03 2.48
N LEU M 198 -3.42 14.98 1.19
CA LEU M 198 -4.16 14.14 0.28
C LEU M 198 -4.14 12.69 0.65
N THR M 199 -2.98 12.22 1.10
CA THR M 199 -2.86 10.82 1.48
C THR M 199 -3.73 10.42 2.65
N PHE M 200 -3.99 11.36 3.55
CA PHE M 200 -4.87 11.08 4.69
C PHE M 200 -6.29 11.02 4.16
N LEU M 201 -6.63 11.97 3.30
CA LEU M 201 -7.96 12.01 2.73
C LEU M 201 -8.33 10.70 2.08
N HIS M 202 -7.40 10.08 1.36
CA HIS M 202 -7.69 8.83 0.67
C HIS M 202 -7.99 7.59 1.52
N GLU M 203 -7.99 7.72 2.84
CA GLU M 203 -8.32 6.57 3.68
C GLU M 203 -9.84 6.53 3.85
N SER M 204 -10.43 7.72 3.81
CA SER M 204 -11.87 7.95 4.01
C SER M 204 -12.75 8.33 2.80
N GLY M 205 -12.13 8.76 1.71
CA GLY M 205 -12.89 9.15 0.54
C GLY M 205 -13.32 10.58 0.77
N SER M 206 -13.82 11.24 -0.27
CA SER M 206 -14.25 12.63 -0.13
C SER M 206 -15.59 12.74 0.60
N ASN M 207 -15.79 13.87 1.25
CA ASN M 207 -17.04 14.14 1.97
C ASN M 207 -17.97 14.53 0.85
N ASN M 208 -19.20 14.93 1.17
CA ASN M 208 -20.11 15.35 0.11
C ASN M 208 -21.25 16.23 0.65
N PRO M 209 -21.72 17.18 -0.16
CA PRO M 209 -22.79 18.13 0.19
C PRO M 209 -23.97 17.68 1.04
N LEU M 210 -24.38 16.43 0.93
CA LEU M 210 -25.52 15.96 1.71
C LEU M 210 -25.14 15.49 3.11
N GLY M 211 -23.86 15.22 3.33
CA GLY M 211 -23.42 14.81 4.64
C GLY M 211 -23.83 13.41 5.08
N ILE M 212 -24.03 12.51 4.11
CA ILE M 212 -24.41 11.13 4.39
C ILE M 212 -23.67 10.14 3.50
N SER M 213 -23.56 8.90 3.95
CA SER M 213 -22.90 7.83 3.21
C SER M 213 -23.05 7.98 1.70
N SER M 214 -22.00 7.65 0.95
CA SER M 214 -22.07 7.77 -0.49
C SER M 214 -21.64 6.50 -1.19
N ASP M 215 -21.26 5.49 -0.41
CA ASP M 215 -20.81 4.19 -0.94
C ASP M 215 -21.88 3.69 -1.91
N SER M 216 -23.11 3.99 -1.53
CA SER M 216 -24.28 3.60 -2.29
C SER M 216 -24.25 4.11 -3.74
N ASP M 217 -23.15 4.76 -4.12
CA ASP M 217 -23.03 5.32 -5.48
C ASP M 217 -21.81 6.22 -5.63
N LYS M 218 -20.73 5.68 -6.19
CA LYS M 218 -19.52 6.47 -6.42
C LYS M 218 -19.07 6.41 -7.87
N ILE M 219 -18.27 7.38 -8.28
CA ILE M 219 -17.81 7.41 -9.66
C ILE M 219 -16.32 7.69 -9.78
N PRO M 220 -15.69 7.12 -10.80
CA PRO M 220 -14.25 7.29 -11.05
C PRO M 220 -13.87 8.75 -11.26
N PHE M 221 -12.89 9.23 -10.49
CA PHE M 221 -12.44 10.60 -10.63
C PHE M 221 -12.39 10.95 -12.09
N HIS M 222 -11.94 10.00 -12.89
CA HIS M 222 -11.86 10.20 -14.31
C HIS M 222 -12.97 9.40 -14.98
N PRO M 223 -13.66 10.01 -15.96
CA PRO M 223 -13.43 11.38 -16.44
C PRO M 223 -14.38 12.38 -15.81
N TYR M 224 -15.13 11.93 -14.82
CA TYR M 224 -16.10 12.80 -14.16
C TYR M 224 -15.55 14.04 -13.48
N TYR M 225 -14.52 13.88 -12.67
CA TYR M 225 -13.96 15.03 -12.00
C TYR M 225 -12.71 15.60 -12.63
N SER M 226 -12.02 14.80 -13.44
CA SER M 226 -10.85 15.31 -14.11
C SER M 226 -11.41 16.39 -15.05
N PHE M 227 -12.52 16.09 -15.73
CA PHE M 227 -13.15 17.05 -16.63
C PHE M 227 -13.78 18.19 -15.90
N LYS M 228 -14.44 17.89 -14.79
CA LYS M 228 -15.07 18.94 -14.01
C LYS M 228 -14.00 19.94 -13.55
N ASP M 229 -12.82 19.43 -13.24
CA ASP M 229 -11.71 20.28 -12.77
C ASP M 229 -11.01 21.09 -13.85
N ILE M 230 -10.72 20.49 -14.99
CA ILE M 230 -10.08 21.25 -16.04
C ILE M 230 -10.93 22.49 -16.31
N LEU M 231 -12.26 22.32 -16.24
CA LEU M 231 -13.17 23.44 -16.44
C LEU M 231 -13.06 24.42 -15.28
N GLY M 232 -13.19 23.90 -14.06
CA GLY M 232 -13.06 24.76 -12.89
C GLY M 232 -11.81 25.61 -12.97
N LEU M 233 -10.69 24.99 -13.34
CA LEU M 233 -9.42 25.70 -13.48
C LEU M 233 -9.55 26.91 -14.42
N THR M 234 -10.10 26.69 -15.62
CA THR M 234 -10.26 27.77 -16.60
C THR M 234 -11.25 28.84 -16.20
N LEU M 235 -12.20 28.51 -15.32
CA LEU M 235 -13.17 29.50 -14.87
C LEU M 235 -12.55 30.44 -13.84
N MET M 236 -11.56 29.96 -13.11
CA MET M 236 -10.90 30.77 -12.11
C MET M 236 -9.70 31.44 -12.73
N LEU M 237 -9.09 30.75 -13.69
CA LEU M 237 -7.91 31.28 -14.37
C LEU M 237 -8.19 32.58 -15.12
N THR M 238 -9.39 32.71 -15.70
CA THR M 238 -9.77 33.92 -16.44
C THR M 238 -9.63 35.22 -15.63
N PRO M 239 -10.31 35.35 -14.48
CA PRO M 239 -10.16 36.59 -13.71
C PRO M 239 -8.71 36.84 -13.30
N PHE M 240 -8.07 35.84 -12.70
CA PHE M 240 -6.68 35.98 -12.29
C PHE M 240 -5.82 36.46 -13.45
N LEU M 241 -6.04 35.97 -14.66
CA LEU M 241 -5.23 36.46 -15.79
C LEU M 241 -5.69 37.87 -16.14
N THR M 242 -6.99 38.09 -16.06
CA THR M 242 -7.57 39.38 -16.36
C THR M 242 -6.98 40.48 -15.50
N LEU M 243 -6.58 40.15 -14.28
CA LEU M 243 -5.99 41.14 -13.41
C LEU M 243 -4.55 41.32 -13.76
N ALA M 244 -3.82 40.20 -13.79
CA ALA M 244 -2.39 40.19 -14.09
C ALA M 244 -2.09 40.57 -15.54
N LEU M 245 -3.11 40.89 -16.31
CA LEU M 245 -2.85 41.31 -17.66
C LEU M 245 -3.47 42.67 -17.93
N PHE M 246 -4.56 42.98 -17.21
CA PHE M 246 -5.24 44.26 -17.43
C PHE M 246 -5.15 45.26 -16.28
N SER M 247 -4.85 44.79 -15.07
CA SER M 247 -4.75 45.71 -13.93
C SER M 247 -3.77 45.16 -12.90
N PRO M 248 -2.56 44.86 -13.34
CA PRO M 248 -1.48 44.31 -12.52
C PRO M 248 -1.36 44.81 -11.10
N ASN M 249 -1.56 46.12 -10.93
CA ASN M 249 -1.38 46.70 -9.61
C ASN M 249 -2.62 46.95 -8.77
N LEU M 250 -3.75 46.43 -9.21
CA LEU M 250 -4.95 46.66 -8.43
C LEU M 250 -4.70 46.25 -6.98
N LEU M 251 -4.51 44.95 -6.76
CA LEU M 251 -4.30 44.38 -5.42
C LEU M 251 -3.03 44.79 -4.70
N GLY M 252 -2.08 45.37 -5.44
CA GLY M 252 -0.82 45.76 -4.84
C GLY M 252 -0.59 47.20 -4.40
N ASP M 253 -0.06 47.34 -3.19
CA ASP M 253 0.25 48.64 -2.63
C ASP M 253 1.38 49.22 -3.49
N PRO M 254 1.35 50.53 -3.77
CA PRO M 254 2.37 51.22 -4.58
C PRO M 254 3.54 51.76 -3.75
N GLU M 255 3.30 51.94 -2.46
CA GLU M 255 4.32 52.42 -1.57
C GLU M 255 5.58 51.55 -1.69
N ASN M 256 5.39 50.29 -2.06
CA ASN M 256 6.50 49.34 -2.20
C ASN M 256 7.25 49.52 -3.52
N PHE M 257 7.15 50.71 -4.11
CA PHE M 257 7.86 51.02 -5.34
C PHE M 257 8.94 51.99 -4.98
N THR M 258 9.12 52.13 -3.68
CA THR M 258 10.11 53.02 -3.12
C THR M 258 11.08 52.15 -2.30
N PRO M 259 12.37 52.14 -2.71
CA PRO M 259 13.44 51.38 -2.04
C PRO M 259 13.41 51.53 -0.55
N ALA M 260 13.48 50.40 0.15
CA ALA M 260 13.44 50.43 1.59
C ALA M 260 14.33 51.53 2.18
N ASN M 261 13.82 52.18 3.22
CA ASN M 261 14.53 53.23 3.92
C ASN M 261 14.32 52.95 5.39
N PRO M 262 15.34 52.35 6.05
CA PRO M 262 15.27 52.00 7.47
C PRO M 262 15.09 53.21 8.35
N LEU M 263 14.97 54.38 7.74
CA LEU M 263 14.84 55.61 8.50
C LEU M 263 13.46 56.25 8.48
N VAL M 264 12.66 55.88 7.49
CA VAL M 264 11.34 56.46 7.38
C VAL M 264 10.26 55.40 7.23
N THR M 265 9.41 55.23 8.23
CA THR M 265 8.33 54.27 8.09
C THR M 265 7.23 55.09 7.46
N PRO M 266 6.65 54.60 6.36
CA PRO M 266 5.58 55.31 5.67
C PRO M 266 4.36 55.60 6.55
N PRO M 267 3.64 56.68 6.22
CA PRO M 267 2.45 57.12 6.94
C PRO M 267 1.24 56.21 6.80
N HIS M 268 0.98 55.78 5.56
CA HIS M 268 -0.15 54.92 5.23
C HIS M 268 0.28 53.45 5.03
N ILE M 269 0.46 52.77 6.17
CA ILE M 269 0.93 51.39 6.20
C ILE M 269 -0.10 50.29 6.35
N LYS M 270 -0.23 49.49 5.28
CA LYS M 270 -1.18 48.38 5.21
C LYS M 270 -0.52 47.12 4.66
N PRO M 271 -0.81 45.96 5.25
CA PRO M 271 -0.19 44.75 4.70
C PRO M 271 -1.02 44.37 3.47
N GLU M 272 -0.53 43.42 2.67
CA GLU M 272 -1.28 42.99 1.49
C GLU M 272 -2.62 42.42 2.00
N TRP M 273 -3.68 42.49 1.19
CA TRP M 273 -5.00 42.05 1.62
C TRP M 273 -5.16 40.78 2.43
N TYR M 274 -4.53 39.69 2.01
CA TYR M 274 -4.70 38.46 2.75
C TYR M 274 -4.26 38.44 4.21
N PHE M 275 -3.72 39.54 4.70
CA PHE M 275 -3.31 39.54 6.11
C PHE M 275 -4.09 40.55 6.92
N LEU M 276 -4.99 41.27 6.26
CA LEU M 276 -5.75 42.29 6.96
C LEU M 276 -6.54 41.83 8.18
N PHE M 277 -7.38 40.79 8.03
CA PHE M 277 -8.17 40.32 9.16
C PHE M 277 -7.28 40.08 10.38
N ALA M 278 -6.11 39.50 10.13
CA ALA M 278 -5.17 39.25 11.22
C ALA M 278 -4.80 40.62 11.74
N TYR M 279 -4.31 41.44 10.83
CA TYR M 279 -3.90 42.81 11.12
C TYR M 279 -4.92 43.49 11.98
N ALA M 280 -6.18 43.44 11.56
CA ALA M 280 -7.26 44.08 12.31
C ALA M 280 -7.32 43.58 13.75
N ILE M 281 -7.27 42.27 13.92
CA ILE M 281 -7.32 41.71 15.26
C ILE M 281 -6.12 42.13 16.07
N LEU M 282 -4.93 42.00 15.52
CA LEU M 282 -3.74 42.41 16.27
C LEU M 282 -3.92 43.87 16.74
N ARG M 283 -4.52 44.70 15.88
CA ARG M 283 -4.76 46.13 16.16
C ARG M 283 -5.97 46.39 17.06
N SER M 284 -6.83 45.39 17.20
CA SER M 284 -8.02 45.53 18.02
C SER M 284 -7.65 45.57 19.50
N ILE M 285 -6.78 44.67 19.96
CA ILE M 285 -6.37 44.70 21.36
C ILE M 285 -5.19 45.66 21.56
N PRO M 286 -5.35 46.65 22.45
CA PRO M 286 -4.32 47.65 22.74
C PRO M 286 -3.35 47.16 23.80
N ASN M 287 -2.56 46.15 23.43
CA ASN M 287 -1.56 45.58 24.31
C ASN M 287 -0.67 44.72 23.42
N LYS M 288 0.65 44.91 23.55
CA LYS M 288 1.62 44.16 22.76
C LYS M 288 1.17 42.70 22.73
N LEU M 289 1.23 42.06 23.91
CA LEU M 289 0.89 40.65 24.08
C LEU M 289 -0.55 40.27 23.71
N GLY M 290 -1.51 41.06 24.18
CA GLY M 290 -2.89 40.75 23.87
C GLY M 290 -3.03 40.62 22.37
N GLY M 291 -2.72 41.70 21.65
CA GLY M 291 -2.82 41.71 20.20
C GLY M 291 -2.19 40.46 19.58
N VAL M 292 -0.98 40.15 19.99
CA VAL M 292 -0.29 38.96 19.49
C VAL M 292 -1.15 37.74 19.77
N LEU M 293 -1.44 37.51 21.04
CA LEU M 293 -2.26 36.37 21.43
C LEU M 293 -3.56 36.28 20.66
N ALA M 294 -4.32 37.36 20.63
CA ALA M 294 -5.57 37.37 19.88
C ALA M 294 -5.28 36.92 18.46
N LEU M 295 -4.18 37.44 17.91
CA LEU M 295 -3.75 37.08 16.58
C LEU M 295 -3.50 35.59 16.53
N ALA M 296 -2.53 35.15 17.31
CA ALA M 296 -2.17 33.75 17.40
C ALA M 296 -3.39 32.84 17.40
N ALA M 297 -4.37 33.16 18.25
CA ALA M 297 -5.58 32.36 18.33
C ALA M 297 -6.49 32.63 17.15
N SER M 298 -6.46 33.83 16.61
CA SER M 298 -7.34 34.14 15.49
C SER M 298 -7.24 33.13 14.37
N VAL M 299 -6.13 32.41 14.33
CA VAL M 299 -5.93 31.42 13.28
C VAL M 299 -5.80 30.04 13.88
N LEU M 300 -5.05 29.97 14.98
CA LEU M 300 -4.85 28.71 15.70
C LEU M 300 -6.16 28.09 16.14
N ILE M 301 -7.24 28.88 16.06
CA ILE M 301 -8.54 28.40 16.49
C ILE M 301 -9.04 27.30 15.57
N LEU M 302 -8.60 27.34 14.32
CA LEU M 302 -9.02 26.32 13.37
C LEU M 302 -8.83 24.91 13.93
N PHE M 303 -7.79 24.72 14.72
CA PHE M 303 -7.53 23.40 15.29
C PHE M 303 -8.69 22.91 16.14
N LEU M 304 -9.46 23.86 16.68
CA LEU M 304 -10.60 23.54 17.55
C LEU M 304 -11.91 23.20 16.83
N ILE M 305 -12.16 23.84 15.69
CA ILE M 305 -13.39 23.58 14.96
C ILE M 305 -13.92 22.15 15.02
N PRO M 306 -13.03 21.14 14.95
CA PRO M 306 -13.48 19.75 15.00
C PRO M 306 -14.06 19.33 16.35
N PHE M 307 -13.63 19.97 17.43
CA PHE M 307 -14.14 19.63 18.76
C PHE M 307 -15.32 20.54 19.17
N LEU M 308 -15.65 21.49 18.32
CA LEU M 308 -16.77 22.42 18.54
C LEU M 308 -17.96 22.08 17.65
N HIS M 309 -18.00 20.84 17.21
CA HIS M 309 -19.08 20.37 16.36
C HIS M 309 -20.05 19.69 17.31
N LYS M 310 -21.29 20.16 17.34
CA LYS M 310 -22.26 19.56 18.24
C LYS M 310 -23.48 19.04 17.50
N SER M 311 -23.67 19.47 16.26
CA SER M 311 -24.83 19.01 15.51
C SER M 311 -24.79 17.51 15.16
N LYS M 312 -25.94 16.86 15.23
CA LYS M 312 -26.06 15.42 14.94
C LYS M 312 -25.91 15.12 13.46
N GLN M 313 -25.93 16.17 12.66
CA GLN M 313 -25.80 16.03 11.23
C GLN M 313 -24.40 16.54 10.84
N ARG M 314 -23.91 16.21 9.65
CA ARG M 314 -22.57 16.63 9.27
C ARG M 314 -22.45 17.96 8.56
N THR M 315 -23.34 18.21 7.62
CA THR M 315 -23.28 19.46 6.89
C THR M 315 -24.35 20.40 7.34
N MET M 316 -24.21 21.66 6.95
CA MET M 316 -25.16 22.71 7.30
C MET M 316 -26.34 22.72 6.33
N THR M 317 -26.18 22.10 5.17
CA THR M 317 -27.23 22.05 4.17
C THR M 317 -28.62 21.95 4.79
N PHE M 318 -28.71 21.18 5.87
CA PHE M 318 -29.98 20.94 6.55
C PHE M 318 -30.12 21.62 7.90
N ARG M 319 -29.39 22.71 8.10
CA ARG M 319 -29.46 23.44 9.36
C ARG M 319 -29.43 24.93 9.06
N PRO M 320 -30.58 25.48 8.67
CA PRO M 320 -30.73 26.90 8.33
C PRO M 320 -30.15 27.82 9.38
N LEU M 321 -30.41 27.50 10.65
CA LEU M 321 -29.90 28.33 11.73
C LEU M 321 -28.40 28.46 11.61
N SER M 322 -27.71 27.32 11.65
CA SER M 322 -26.26 27.30 11.53
C SER M 322 -25.88 28.09 10.27
N GLN M 323 -26.56 27.80 9.16
CA GLN M 323 -26.27 28.49 7.90
C GLN M 323 -26.21 30.00 8.04
N THR M 324 -27.26 30.58 8.60
CA THR M 324 -27.29 32.02 8.78
C THR M 324 -26.10 32.46 9.63
N LEU M 325 -25.82 31.70 10.67
CA LEU M 325 -24.70 32.01 11.55
C LEU M 325 -23.40 31.90 10.78
N PHE M 326 -23.32 30.95 9.85
CA PHE M 326 -22.12 30.75 9.02
C PHE M 326 -21.85 31.97 8.12
N TRP M 327 -22.89 32.43 7.43
CA TRP M 327 -22.79 33.58 6.55
C TRP M 327 -22.57 34.85 7.31
N LEU M 328 -23.00 34.85 8.57
CA LEU M 328 -22.80 35.99 9.41
C LEU M 328 -21.31 36.07 9.69
N LEU M 329 -20.71 34.88 9.90
CA LEU M 329 -19.27 34.76 10.18
C LEU M 329 -18.47 35.21 8.97
N VAL M 330 -18.87 34.73 7.80
CA VAL M 330 -18.17 35.11 6.58
C VAL M 330 -18.13 36.63 6.52
N ALA M 331 -19.31 37.23 6.40
CA ALA M 331 -19.42 38.68 6.33
C ALA M 331 -18.59 39.31 7.45
N ASN M 332 -18.76 38.80 8.67
CA ASN M 332 -18.02 39.29 9.82
C ASN M 332 -16.55 39.45 9.42
N LEU M 333 -16.02 38.44 8.72
CA LEU M 333 -14.62 38.43 8.24
C LEU M 333 -14.36 39.52 7.22
N LEU M 334 -15.28 39.65 6.27
CA LEU M 334 -15.16 40.66 5.24
C LEU M 334 -14.91 42.01 5.89
N ILE M 335 -15.69 42.30 6.93
CA ILE M 335 -15.55 43.55 7.67
C ILE M 335 -14.14 43.66 8.23
N LEU M 336 -13.79 42.73 9.13
CA LEU M 336 -12.45 42.72 9.73
C LEU M 336 -11.39 43.11 8.71
N THR M 337 -11.46 42.52 7.53
CA THR M 337 -10.51 42.85 6.46
C THR M 337 -10.57 44.35 6.20
N TRP M 338 -11.74 44.82 5.77
CA TRP M 338 -11.94 46.23 5.52
C TRP M 338 -11.33 47.06 6.64
N ILE M 339 -11.70 46.74 7.87
CA ILE M 339 -11.18 47.47 9.02
C ILE M 339 -9.67 47.55 8.98
N GLY M 340 -9.04 46.46 8.58
CA GLY M 340 -7.59 46.48 8.50
C GLY M 340 -7.12 47.48 7.46
N SER M 341 -7.93 47.67 6.44
CA SER M 341 -7.60 48.61 5.38
C SER M 341 -7.68 50.06 5.87
N GLN M 342 -8.27 50.25 7.04
CA GLN M 342 -8.45 51.60 7.58
C GLN M 342 -7.56 51.91 8.76
N PRO M 343 -7.20 53.19 8.93
CA PRO M 343 -6.35 53.68 10.01
C PRO M 343 -6.98 53.57 11.37
N VAL M 344 -6.15 53.67 12.39
CA VAL M 344 -6.61 53.57 13.77
C VAL M 344 -7.23 54.89 14.20
N GLU M 345 -8.55 54.95 14.08
CA GLU M 345 -9.34 56.11 14.43
C GLU M 345 -10.79 55.73 14.56
N HIS M 346 -11.55 56.62 15.17
CA HIS M 346 -12.96 56.38 15.33
C HIS M 346 -13.59 56.61 13.96
N PRO M 347 -14.62 55.83 13.61
CA PRO M 347 -15.21 54.77 14.42
C PRO M 347 -14.41 53.46 14.38
N PHE M 348 -13.71 53.25 13.27
CA PHE M 348 -12.88 52.07 13.00
C PHE M 348 -12.34 51.27 14.18
N ILE M 349 -11.75 51.94 15.15
CA ILE M 349 -11.21 51.24 16.31
C ILE M 349 -12.27 50.41 17.00
N ILE M 350 -13.39 51.05 17.32
CA ILE M 350 -14.48 50.34 17.98
C ILE M 350 -15.08 49.27 17.08
N ILE M 351 -15.28 49.60 15.80
CA ILE M 351 -15.84 48.64 14.85
C ILE M 351 -14.93 47.41 14.82
N GLY M 352 -13.63 47.65 14.67
CA GLY M 352 -12.68 46.56 14.67
C GLY M 352 -12.92 45.74 15.91
N GLN M 353 -12.65 46.33 17.07
CA GLN M 353 -12.84 45.66 18.34
C GLN M 353 -14.07 44.77 18.39
N MET M 354 -15.21 45.30 17.95
CA MET M 354 -16.45 44.51 17.94
C MET M 354 -16.32 43.26 17.07
N ALA M 355 -16.17 43.49 15.77
CA ALA M 355 -16.05 42.42 14.78
C ALA M 355 -15.19 41.25 15.25
N SER M 356 -14.10 41.55 15.95
CA SER M 356 -13.22 40.53 16.47
C SER M 356 -14.00 39.73 17.48
N LEU M 357 -14.48 40.43 18.51
CA LEU M 357 -15.26 39.78 19.55
C LEU M 357 -16.31 38.85 18.94
N SER M 358 -17.03 39.37 17.96
CA SER M 358 -18.06 38.62 17.27
C SER M 358 -17.52 37.43 16.48
N TYR M 359 -16.32 37.59 15.94
CA TYR M 359 -15.68 36.51 15.19
C TYR M 359 -15.49 35.37 16.18
N PHE M 360 -14.61 35.59 17.16
CA PHE M 360 -14.31 34.58 18.17
C PHE M 360 -15.55 33.98 18.82
N THR M 361 -16.56 34.82 19.04
CA THR M 361 -17.79 34.36 19.69
C THR M 361 -18.68 33.46 18.86
N ILE M 362 -18.76 33.75 17.56
CA ILE M 362 -19.56 32.93 16.66
C ILE M 362 -18.97 31.51 16.60
N LEU M 363 -17.64 31.44 16.62
CA LEU M 363 -16.92 30.16 16.56
C LEU M 363 -16.89 29.40 17.86
N LEU M 364 -16.57 30.10 18.94
CA LEU M 364 -16.49 29.46 20.25
C LEU M 364 -17.80 29.21 20.98
N ILE M 365 -18.82 30.02 20.73
CA ILE M 365 -20.09 29.87 21.44
C ILE M 365 -21.37 29.81 20.64
N LEU M 366 -21.51 30.64 19.62
CA LEU M 366 -22.76 30.59 18.86
C LEU M 366 -22.93 29.33 18.01
N PHE M 367 -21.84 28.80 17.46
CA PHE M 367 -21.95 27.58 16.66
C PHE M 367 -22.26 26.35 17.48
N PRO M 368 -21.54 26.14 18.60
CA PRO M 368 -21.84 24.97 19.41
C PRO M 368 -23.23 25.08 20.04
N THR M 369 -23.62 26.30 20.41
CA THR M 369 -24.94 26.51 21.02
C THR M 369 -26.10 26.32 20.04
N ILE M 370 -26.03 26.97 18.87
CA ILE M 370 -27.09 26.81 17.86
C ILE M 370 -27.11 25.33 17.48
N GLY M 371 -25.93 24.74 17.32
CA GLY M 371 -25.83 23.35 16.95
C GLY M 371 -26.64 22.41 17.81
N THR M 372 -26.52 22.56 19.13
CA THR M 372 -27.26 21.72 20.08
C THR M 372 -28.74 21.99 19.91
N LEU M 373 -29.12 23.23 20.19
CA LEU M 373 -30.51 23.65 20.06
C LEU M 373 -31.11 22.95 18.86
N GLU M 374 -30.48 23.13 17.71
CA GLU M 374 -30.96 22.52 16.49
C GLU M 374 -31.36 21.06 16.69
N ASN M 375 -30.47 20.26 17.26
CA ASN M 375 -30.80 18.85 17.46
C ASN M 375 -32.14 18.70 18.17
N LYS M 376 -32.27 19.33 19.34
CA LYS M 376 -33.51 19.24 20.11
C LYS M 376 -34.76 19.62 19.31
N MET M 377 -34.57 20.39 18.24
CA MET M 377 -35.70 20.80 17.42
C MET M 377 -36.02 19.76 16.35
N LEU M 378 -35.26 18.68 16.34
CA LEU M 378 -35.48 17.59 15.40
C LEU M 378 -36.01 16.44 16.23
N ASN M 379 -35.86 16.61 17.55
CA ASN M 379 -36.29 15.65 18.57
C ASN M 379 -35.28 14.52 18.82
N TYR M 380 -34.00 14.88 18.90
CA TYR M 380 -32.92 13.90 19.14
C TYR M 380 -32.33 14.07 20.55
N GLY N 1 -1.70 67.92 8.98
CA GLY N 1 -2.88 68.22 8.11
C GLY N 1 -3.77 67.01 7.90
N GLU N 2 -4.51 66.62 8.94
CA GLU N 2 -5.41 65.48 8.89
C GLU N 2 -6.26 65.39 7.61
N LEU N 3 -6.26 66.45 6.82
CA LEU N 3 -7.05 66.49 5.59
C LEU N 3 -6.22 66.50 4.31
N GLU N 4 -6.79 65.94 3.23
CA GLU N 4 -6.09 65.91 1.95
C GLU N 4 -7.05 65.98 0.76
N LEU N 5 -6.58 66.65 -0.30
CA LEU N 5 -7.36 66.80 -1.51
C LEU N 5 -6.89 65.76 -2.52
N HIS N 6 -7.81 64.92 -3.01
CA HIS N 6 -7.48 63.88 -3.99
C HIS N 6 -7.67 64.40 -5.42
N PRO N 7 -6.91 63.88 -6.39
CA PRO N 7 -7.03 64.33 -7.77
C PRO N 7 -8.20 63.70 -8.54
N PRO N 8 -8.56 64.28 -9.69
CA PRO N 8 -9.64 63.84 -10.58
C PRO N 8 -9.20 62.73 -11.53
N ALA N 9 -10.03 62.41 -12.52
CA ALA N 9 -9.69 61.35 -13.45
C ALA N 9 -9.65 61.71 -14.93
N PHE N 10 -8.54 62.27 -15.38
CA PHE N 10 -8.38 62.65 -16.78
C PHE N 10 -8.42 61.39 -17.65
N PRO N 11 -9.05 61.48 -18.81
CA PRO N 11 -9.19 60.39 -19.77
C PRO N 11 -7.99 60.20 -20.66
N TRP N 12 -6.87 59.77 -20.06
CA TRP N 12 -5.67 59.55 -20.82
C TRP N 12 -5.95 58.68 -22.04
N SER N 13 -5.38 59.10 -23.16
CA SER N 13 -5.52 58.42 -24.44
C SER N 13 -5.22 56.92 -24.40
N HIS N 14 -4.59 56.49 -23.32
CA HIS N 14 -4.20 55.09 -23.14
C HIS N 14 -4.82 54.44 -21.90
N GLY N 15 -5.81 55.10 -21.29
CA GLY N 15 -6.44 54.57 -20.10
C GLY N 15 -7.19 53.26 -20.28
N GLY N 16 -7.87 53.12 -21.41
CA GLY N 16 -8.65 51.93 -21.71
C GLY N 16 -7.91 50.60 -21.78
N PRO N 17 -8.53 49.52 -21.28
CA PRO N 17 -7.94 48.18 -21.27
C PRO N 17 -7.49 47.69 -22.64
N LEU N 18 -7.53 48.55 -23.64
CA LEU N 18 -7.08 48.16 -24.97
C LEU N 18 -6.34 49.32 -25.60
N SER N 19 -6.15 50.37 -24.82
CA SER N 19 -5.50 51.59 -25.27
C SER N 19 -4.00 51.68 -25.08
N ALA N 20 -3.28 51.72 -26.19
CA ALA N 20 -1.84 51.82 -26.18
C ALA N 20 -1.45 53.23 -25.79
N LEU N 21 -0.21 53.41 -25.36
CA LEU N 21 0.25 54.74 -25.01
C LEU N 21 0.25 55.54 -26.30
N ASP N 22 0.25 56.87 -26.17
CA ASP N 22 0.29 57.76 -27.34
C ASP N 22 1.77 57.95 -27.69
N HIS N 23 2.32 57.02 -28.47
CA HIS N 23 3.74 57.09 -28.81
C HIS N 23 4.27 58.43 -29.26
N SER N 24 3.40 59.43 -29.43
CA SER N 24 3.87 60.75 -29.83
C SER N 24 3.97 61.63 -28.59
N SER N 25 2.96 61.55 -27.74
CA SER N 25 2.92 62.32 -26.50
C SER N 25 4.07 61.85 -25.59
N VAL N 26 4.51 60.62 -25.83
CA VAL N 26 5.61 60.02 -25.08
C VAL N 26 6.93 60.61 -25.54
N ARG N 27 7.11 60.69 -26.86
CA ARG N 27 8.34 61.26 -27.45
C ARG N 27 8.51 62.67 -26.94
N ARG N 28 7.39 63.37 -26.82
CA ARG N 28 7.41 64.73 -26.31
C ARG N 28 7.72 64.68 -24.83
N GLY N 29 6.85 64.02 -24.05
CA GLY N 29 7.07 63.92 -22.63
C GLY N 29 8.54 63.80 -22.33
N PHE N 30 9.20 62.91 -23.08
CA PHE N 30 10.65 62.66 -22.96
C PHE N 30 11.46 63.94 -23.02
N GLN N 31 11.25 64.67 -24.11
CA GLN N 31 11.90 65.93 -24.37
C GLN N 31 11.73 66.79 -23.14
N VAL N 32 10.52 66.79 -22.59
CA VAL N 32 10.22 67.55 -21.40
C VAL N 32 11.07 67.08 -20.24
N TYR N 33 11.30 65.76 -20.17
CA TYR N 33 12.12 65.21 -19.10
C TYR N 33 13.57 65.62 -19.35
N LYS N 34 14.04 65.34 -20.57
CA LYS N 34 15.40 65.66 -20.97
C LYS N 34 15.76 67.12 -20.87
N GLN N 35 14.81 68.00 -21.17
CA GLN N 35 15.09 69.42 -21.14
C GLN N 35 14.64 70.16 -19.89
N VAL N 36 14.01 69.46 -18.95
CA VAL N 36 13.58 70.14 -17.73
C VAL N 36 13.79 69.39 -16.42
N CYS N 37 13.26 68.18 -16.34
CA CYS N 37 13.35 67.37 -15.13
C CYS N 37 14.76 66.80 -14.87
N SER N 38 15.41 66.38 -15.95
CA SER N 38 16.76 65.80 -15.88
C SER N 38 17.84 66.73 -15.33
N ALA N 39 17.43 67.71 -14.54
CA ALA N 39 18.36 68.65 -13.94
C ALA N 39 18.28 68.47 -12.44
N CYS N 40 17.29 67.71 -12.00
CA CYS N 40 17.10 67.44 -10.57
C CYS N 40 16.62 65.98 -10.37
N HIS N 41 15.96 65.44 -11.39
CA HIS N 41 15.42 64.09 -11.32
C HIS N 41 16.16 63.00 -12.11
N SER N 42 16.56 61.95 -11.40
CA SER N 42 17.28 60.83 -11.96
C SER N 42 16.33 59.85 -12.64
N MET N 43 16.84 59.06 -13.57
CA MET N 43 15.99 58.09 -14.26
C MET N 43 16.72 56.77 -14.38
N ASP N 44 17.47 56.43 -13.34
CA ASP N 44 18.29 55.22 -13.31
C ASP N 44 17.84 53.92 -13.98
N TYR N 45 16.55 53.62 -14.10
CA TYR N 45 16.20 52.36 -14.74
C TYR N 45 15.82 52.44 -16.21
N VAL N 46 16.03 53.60 -16.82
CA VAL N 46 15.73 53.75 -18.23
C VAL N 46 17.04 54.02 -18.96
N ALA N 47 17.10 53.68 -20.24
CA ALA N 47 18.30 53.93 -21.00
C ALA N 47 17.98 54.18 -22.44
N PHE N 48 18.81 55.02 -23.06
CA PHE N 48 18.64 55.42 -24.45
C PHE N 48 18.24 54.31 -25.42
N ARG N 49 18.72 53.09 -25.20
CA ARG N 49 18.34 52.03 -26.12
C ARG N 49 16.84 51.75 -26.03
N ASN N 50 16.26 51.92 -24.85
CA ASN N 50 14.83 51.68 -24.61
C ASN N 50 13.96 52.50 -25.55
N LEU N 51 14.45 53.70 -25.89
CA LEU N 51 13.73 54.62 -26.78
C LEU N 51 13.57 54.03 -28.17
N ILE N 52 14.64 53.47 -28.72
CA ILE N 52 14.60 52.89 -30.05
C ILE N 52 13.29 52.12 -30.26
N GLY N 53 12.83 52.07 -31.51
CA GLY N 53 11.60 51.35 -31.81
C GLY N 53 10.34 51.75 -31.05
N VAL N 54 10.46 52.72 -30.12
CA VAL N 54 9.32 53.20 -29.34
C VAL N 54 9.01 54.67 -29.57
N THR N 55 10.03 55.53 -29.47
CA THR N 55 9.84 56.97 -29.69
C THR N 55 10.89 57.54 -30.62
N HIS N 56 12.04 56.90 -30.72
CA HIS N 56 13.09 57.42 -31.58
C HIS N 56 13.65 56.37 -32.45
N THR N 57 14.35 56.79 -33.50
CA THR N 57 14.98 55.87 -34.45
C THR N 57 16.33 55.50 -33.88
N GLU N 58 16.93 54.44 -34.41
CA GLU N 58 18.24 54.03 -33.93
C GLU N 58 19.22 55.20 -34.06
N ALA N 59 19.37 55.76 -35.27
CA ALA N 59 20.26 56.88 -35.49
C ALA N 59 20.08 58.01 -34.46
N GLU N 60 18.85 58.43 -34.24
CA GLU N 60 18.54 59.51 -33.29
C GLU N 60 19.09 59.21 -31.91
N ALA N 61 18.77 58.04 -31.40
CA ALA N 61 19.20 57.63 -30.08
C ALA N 61 20.72 57.70 -29.92
N LYS N 62 21.44 57.21 -30.93
CA LYS N 62 22.90 57.23 -30.88
C LYS N 62 23.29 58.67 -30.59
N ALA N 63 22.86 59.58 -31.45
CA ALA N 63 23.16 60.97 -31.26
C ALA N 63 22.69 61.42 -29.88
N LEU N 64 21.44 61.09 -29.55
CA LEU N 64 20.89 61.47 -28.26
C LEU N 64 21.86 61.10 -27.17
N ALA N 65 22.26 59.83 -27.14
CA ALA N 65 23.17 59.34 -26.12
C ALA N 65 24.57 59.94 -26.18
N GLU N 66 24.94 60.50 -27.32
CA GLU N 66 26.27 61.08 -27.46
C GLU N 66 26.34 62.53 -26.97
N GLU N 67 25.18 63.09 -26.64
CA GLU N 67 25.13 64.46 -26.13
C GLU N 67 25.60 64.49 -24.68
N VAL N 68 25.95 63.33 -24.14
CA VAL N 68 26.39 63.26 -22.75
C VAL N 68 27.76 62.61 -22.61
N GLU N 69 28.52 63.09 -21.64
CA GLU N 69 29.84 62.55 -21.36
C GLU N 69 29.68 61.66 -20.13
N VAL N 70 30.07 60.39 -20.23
CA VAL N 70 29.93 59.47 -19.11
C VAL N 70 31.27 59.09 -18.52
N GLN N 71 31.23 58.51 -17.32
CA GLN N 71 32.44 58.11 -16.62
C GLN N 71 32.74 56.62 -16.74
N ASP N 72 33.67 56.29 -17.64
CA ASP N 72 34.10 54.91 -17.87
C ASP N 72 35.50 54.77 -17.25
N GLY N 73 36.10 53.59 -17.37
CA GLY N 73 37.43 53.38 -16.81
C GLY N 73 37.49 52.36 -15.68
N PRO N 74 38.67 52.14 -15.08
CA PRO N 74 39.96 52.79 -15.37
C PRO N 74 40.60 52.36 -16.67
N ASP N 75 41.53 53.20 -17.13
CA ASP N 75 42.26 52.98 -18.38
C ASP N 75 43.40 52.01 -18.15
N GLU N 76 44.57 52.33 -18.70
CA GLU N 76 45.73 51.48 -18.52
C GLU N 76 46.64 51.98 -17.38
N ASN N 77 46.51 53.25 -17.02
CA ASN N 77 47.30 53.81 -15.94
C ASN N 77 46.45 53.73 -14.68
N GLY N 78 45.15 53.49 -14.87
CA GLY N 78 44.23 53.38 -13.75
C GLY N 78 43.48 54.66 -13.44
N GLU N 79 43.30 55.49 -14.45
CA GLU N 79 42.59 56.76 -14.27
C GLU N 79 41.19 56.68 -14.89
N LEU N 80 40.22 57.28 -14.21
CA LEU N 80 38.86 57.33 -14.72
C LEU N 80 38.83 58.43 -15.76
N PHE N 81 38.30 58.12 -16.94
CA PHE N 81 38.24 59.11 -18.02
C PHE N 81 36.84 59.29 -18.59
N MET N 82 36.54 60.50 -19.04
CA MET N 82 35.24 60.78 -19.60
C MET N 82 35.22 60.28 -21.03
N ARG N 83 34.03 59.94 -21.52
CA ARG N 83 33.91 59.48 -22.89
C ARG N 83 32.48 59.73 -23.33
N PRO N 84 32.27 59.82 -24.65
CA PRO N 84 30.94 60.06 -25.21
C PRO N 84 30.00 58.90 -24.86
N GLY N 85 28.69 59.18 -24.81
CA GLY N 85 27.71 58.16 -24.47
C GLY N 85 27.26 57.23 -25.58
N LYS N 86 27.02 55.98 -25.22
CA LYS N 86 26.58 54.95 -26.15
C LYS N 86 25.14 54.59 -25.78
N ILE N 87 24.41 54.03 -26.74
CA ILE N 87 23.01 53.64 -26.54
C ILE N 87 22.80 52.75 -25.31
N SER N 88 23.88 52.12 -24.86
CA SER N 88 23.84 51.21 -23.74
C SER N 88 23.91 51.88 -22.37
N ASP N 89 24.06 53.18 -22.33
CA ASP N 89 24.13 53.84 -21.04
C ASP N 89 22.75 54.19 -20.57
N TYR N 90 22.60 54.37 -19.26
CA TYR N 90 21.31 54.74 -18.69
C TYR N 90 21.28 56.28 -18.63
N PHE N 91 20.13 56.85 -18.32
CA PHE N 91 20.03 58.31 -18.23
C PHE N 91 20.85 58.78 -17.05
N PRO N 92 21.73 59.76 -17.29
CA PRO N 92 22.62 60.36 -16.31
C PRO N 92 21.97 60.94 -15.08
N LYS N 93 22.62 60.72 -13.95
CA LYS N 93 22.16 61.25 -12.66
C LYS N 93 22.58 62.73 -12.63
N PRO N 94 21.75 63.58 -12.04
CA PRO N 94 22.08 65.00 -11.98
C PRO N 94 22.97 65.24 -10.79
N TYR N 95 23.04 64.25 -9.92
CA TYR N 95 23.87 64.35 -8.73
C TYR N 95 24.63 63.05 -8.53
N PRO N 96 25.74 63.08 -7.79
CA PRO N 96 26.58 61.91 -7.52
C PRO N 96 26.06 61.04 -6.39
N ASN N 97 25.05 61.53 -5.67
CA ASN N 97 24.47 60.81 -4.55
C ASN N 97 23.43 61.69 -3.89
N PRO N 98 22.44 61.08 -3.21
CA PRO N 98 21.40 61.84 -2.55
C PRO N 98 21.92 62.94 -1.64
N GLU N 99 23.03 62.69 -0.96
CA GLU N 99 23.56 63.72 -0.10
C GLU N 99 23.72 65.03 -0.86
N ALA N 100 24.26 64.96 -2.06
CA ALA N 100 24.49 66.13 -2.90
C ALA N 100 23.19 66.81 -3.30
N ALA N 101 22.35 66.06 -4.02
CA ALA N 101 21.08 66.59 -4.48
C ALA N 101 20.41 67.39 -3.38
N ARG N 102 20.19 66.78 -2.22
CA ARG N 102 19.55 67.47 -1.10
C ARG N 102 20.13 68.87 -0.96
N ALA N 103 21.45 68.92 -0.78
CA ALA N 103 22.15 70.19 -0.61
C ALA N 103 21.89 71.23 -1.70
N ALA N 104 21.59 70.78 -2.91
CA ALA N 104 21.33 71.71 -3.99
C ALA N 104 19.84 71.93 -4.27
N ASN N 105 19.00 71.57 -3.31
CA ASN N 105 17.56 71.76 -3.44
C ASN N 105 16.90 72.07 -2.11
N ASN N 106 17.71 72.59 -1.19
CA ASN N 106 17.26 72.98 0.15
C ASN N 106 16.92 71.84 1.08
N GLY N 107 17.77 70.83 1.11
CA GLY N 107 17.58 69.67 1.98
C GLY N 107 16.52 68.71 1.46
N ALA N 108 15.88 69.08 0.36
CA ALA N 108 14.84 68.26 -0.26
C ALA N 108 15.42 67.36 -1.35
N LEU N 109 14.92 66.13 -1.39
CA LEU N 109 15.40 65.14 -2.33
C LEU N 109 14.44 64.84 -3.48
N PRO N 110 14.71 65.40 -4.68
CA PRO N 110 13.88 65.19 -5.88
C PRO N 110 14.04 63.75 -6.37
N PRO N 111 13.15 62.85 -5.92
CA PRO N 111 13.12 61.40 -6.22
C PRO N 111 13.23 60.97 -7.67
N ASP N 112 13.99 59.92 -7.90
CA ASP N 112 14.17 59.39 -9.24
C ASP N 112 12.80 59.13 -9.82
N LEU N 113 12.62 59.53 -11.06
CA LEU N 113 11.34 59.37 -11.73
C LEU N 113 11.30 58.24 -12.76
N SER N 114 11.54 57.01 -12.32
CA SER N 114 11.49 55.87 -13.23
C SER N 114 10.16 55.18 -12.96
N TYR N 115 9.95 54.89 -11.69
CA TYR N 115 8.74 54.24 -11.25
C TYR N 115 7.80 55.22 -10.54
N ILE N 116 8.10 56.52 -10.58
CA ILE N 116 7.25 57.51 -9.90
C ILE N 116 5.76 57.40 -10.21
N VAL N 117 5.43 57.23 -11.48
CA VAL N 117 4.04 57.10 -11.91
C VAL N 117 3.28 56.01 -11.10
N ASN N 118 3.98 54.93 -10.74
CA ASN N 118 3.38 53.81 -9.97
C ASN N 118 3.65 53.88 -8.48
N ALA N 119 4.38 54.87 -8.01
CA ALA N 119 4.70 54.93 -6.58
C ALA N 119 3.91 55.93 -5.77
N ARG N 120 3.02 56.66 -6.43
CA ARG N 120 2.20 57.65 -5.75
C ARG N 120 0.73 57.35 -6.00
N HIS N 121 -0.05 57.26 -4.92
CA HIS N 121 -1.48 56.97 -5.04
C HIS N 121 -2.10 57.96 -6.00
N GLY N 122 -2.52 57.47 -7.16
CA GLY N 122 -3.11 58.34 -8.16
C GLY N 122 -2.41 58.26 -9.50
N GLY N 123 -1.14 57.89 -9.47
CA GLY N 123 -0.39 57.77 -10.71
C GLY N 123 -0.42 59.01 -11.58
N GLU N 124 -0.34 58.83 -12.88
CA GLU N 124 -0.31 59.94 -13.83
C GLU N 124 -1.39 60.99 -13.57
N ASP N 125 -2.46 60.58 -12.89
CA ASP N 125 -3.55 61.50 -12.53
C ASP N 125 -3.06 62.49 -11.46
N TYR N 126 -2.28 61.98 -10.52
CA TYR N 126 -1.72 62.77 -9.44
C TYR N 126 -0.59 63.61 -9.95
N VAL N 127 0.38 62.98 -10.58
CA VAL N 127 1.52 63.70 -11.12
C VAL N 127 1.08 64.86 -11.99
N PHE N 128 -0.03 64.71 -12.69
CA PHE N 128 -0.50 65.81 -13.52
C PHE N 128 -0.94 67.00 -12.66
N SER N 129 -1.89 66.75 -11.77
CA SER N 129 -2.41 67.78 -10.88
C SER N 129 -1.34 68.47 -10.01
N LEU N 130 -0.34 67.71 -9.54
CA LEU N 130 0.69 68.34 -8.73
C LEU N 130 1.34 69.41 -9.59
N LEU N 131 1.78 69.02 -10.80
CA LEU N 131 2.42 69.94 -11.74
C LEU N 131 1.60 71.20 -12.03
N THR N 132 0.35 71.01 -12.39
CA THR N 132 -0.52 72.12 -12.72
C THR N 132 -1.06 72.86 -11.49
N GLY N 133 -1.63 72.11 -10.55
CA GLY N 133 -2.24 72.66 -9.35
C GLY N 133 -1.56 73.65 -8.40
N TYR N 134 -0.30 74.01 -8.65
CA TYR N 134 0.39 74.97 -7.75
C TYR N 134 -0.40 76.27 -7.56
N CYS N 135 -0.52 76.73 -6.32
CA CYS N 135 -1.25 77.97 -6.04
C CYS N 135 -0.95 78.61 -4.69
N ASP N 136 -1.72 79.65 -4.36
CA ASP N 136 -1.55 80.40 -3.11
C ASP N 136 -2.21 79.76 -1.89
N PRO N 137 -1.53 79.82 -0.73
CA PRO N 137 -2.05 79.25 0.50
C PRO N 137 -3.31 79.99 0.93
N PRO N 138 -4.37 79.26 1.31
CA PRO N 138 -5.62 79.90 1.74
C PRO N 138 -5.43 80.59 3.07
N ALA N 139 -6.51 81.16 3.60
CA ALA N 139 -6.46 81.87 4.85
C ALA N 139 -5.96 81.05 6.06
N GLY N 140 -4.96 81.59 6.76
CA GLY N 140 -4.41 80.95 7.94
C GLY N 140 -3.27 79.96 7.78
N VAL N 141 -2.76 79.83 6.56
CA VAL N 141 -1.67 78.90 6.28
C VAL N 141 -0.37 79.58 5.90
N VAL N 142 0.68 79.35 6.70
CA VAL N 142 2.01 79.92 6.48
C VAL N 142 2.99 78.87 5.98
N VAL N 143 3.45 79.03 4.74
CA VAL N 143 4.37 78.07 4.16
C VAL N 143 5.81 78.47 4.42
N ARG N 144 6.51 77.61 5.15
CA ARG N 144 7.92 77.83 5.48
C ARG N 144 8.70 78.35 4.28
N GLU N 145 9.65 79.25 4.57
CA GLU N 145 10.52 79.87 3.56
C GLU N 145 11.30 78.80 2.75
N GLY N 146 11.12 78.81 1.43
CA GLY N 146 11.79 77.85 0.58
C GLY N 146 10.84 76.80 0.04
N LEU N 147 9.69 76.70 0.69
CA LEU N 147 8.67 75.76 0.30
C LEU N 147 7.55 76.53 -0.39
N HIS N 148 6.91 75.91 -1.36
CA HIS N 148 5.82 76.55 -2.08
C HIS N 148 4.53 75.83 -1.74
N TYR N 149 3.41 76.50 -1.93
CA TYR N 149 2.16 75.88 -1.62
C TYR N 149 1.74 75.02 -2.80
N ASN N 150 1.00 73.97 -2.48
CA ASN N 150 0.43 73.08 -3.46
C ASN N 150 -0.59 72.27 -2.69
N PRO N 151 -1.86 72.49 -3.00
CA PRO N 151 -2.98 71.82 -2.36
C PRO N 151 -2.96 70.32 -2.63
N TYR N 152 -2.46 69.93 -3.80
CA TYR N 152 -2.42 68.52 -4.16
C TYR N 152 -1.37 67.69 -3.41
N PHE N 153 -0.28 68.33 -3.05
CA PHE N 153 0.79 67.65 -2.33
C PHE N 153 0.45 67.50 -0.85
N PRO N 154 0.70 66.32 -0.29
CA PRO N 154 0.44 66.01 1.13
C PRO N 154 1.23 66.91 2.08
N GLY N 155 0.51 67.69 2.88
CA GLY N 155 1.16 68.62 3.80
C GLY N 155 1.11 70.01 3.17
N GLN N 156 0.82 69.99 1.86
CA GLN N 156 0.69 71.18 1.01
C GLN N 156 1.95 72.01 0.88
N ALA N 157 3.00 71.62 1.58
CA ALA N 157 4.28 72.32 1.52
C ALA N 157 5.26 71.46 0.75
N ILE N 158 5.36 71.71 -0.56
CA ILE N 158 6.25 70.96 -1.44
C ILE N 158 7.55 71.67 -1.72
N GLY N 159 8.66 70.95 -1.59
CA GLY N 159 9.95 71.56 -1.83
C GLY N 159 10.34 71.72 -3.29
N MET N 160 9.41 71.41 -4.20
CA MET N 160 9.72 71.56 -5.61
C MET N 160 9.17 72.82 -6.19
N ALA N 161 10.04 73.62 -6.78
CA ALA N 161 9.61 74.87 -7.39
C ALA N 161 8.81 74.51 -8.64
N PRO N 162 7.66 75.18 -8.85
CA PRO N 162 6.82 74.92 -10.03
C PRO N 162 7.72 74.84 -11.27
N PRO N 163 7.96 73.63 -11.76
CA PRO N 163 8.81 73.35 -12.91
C PRO N 163 8.35 73.76 -14.30
N ILE N 164 7.06 74.01 -14.50
CA ILE N 164 6.68 74.40 -15.84
C ILE N 164 5.82 75.65 -16.04
N TYR N 165 6.05 76.29 -17.20
CA TYR N 165 5.36 77.50 -17.62
C TYR N 165 5.40 77.63 -19.15
N ASN N 166 4.26 77.94 -19.75
CA ASN N 166 4.15 78.10 -21.20
C ASN N 166 5.44 78.45 -21.91
N GLU N 167 5.71 77.77 -23.03
CA GLU N 167 6.90 78.00 -23.84
C GLU N 167 8.25 77.70 -23.16
N ILE N 168 8.22 77.20 -21.93
CA ILE N 168 9.45 76.88 -21.20
C ILE N 168 10.45 76.10 -22.06
N LEU N 169 9.94 75.52 -23.14
CA LEU N 169 10.74 74.76 -24.09
C LEU N 169 9.91 74.81 -25.37
N GLU N 170 10.38 74.18 -26.44
CA GLU N 170 9.60 74.22 -27.67
C GLU N 170 9.70 72.93 -28.50
N TYR N 171 8.64 72.10 -28.42
CA TYR N 171 8.58 70.82 -29.13
C TYR N 171 8.96 70.97 -30.60
N ASP N 172 9.74 70.02 -31.10
CA ASP N 172 10.20 70.03 -32.50
C ASP N 172 9.14 69.57 -33.51
N ASP N 173 7.98 69.13 -33.01
CA ASP N 173 6.89 68.66 -33.90
C ASP N 173 5.86 69.76 -34.13
N GLY N 174 6.13 70.94 -33.59
CA GLY N 174 5.24 72.07 -33.77
C GLY N 174 3.97 71.97 -32.95
N THR N 175 4.11 71.79 -31.65
CA THR N 175 2.94 71.70 -30.80
C THR N 175 2.93 72.76 -29.72
N PRO N 176 1.76 73.37 -29.50
CA PRO N 176 1.51 74.43 -28.51
C PRO N 176 2.02 74.05 -27.12
N ALA N 177 3.18 74.58 -26.76
CA ALA N 177 3.81 74.31 -25.48
C ALA N 177 3.11 74.95 -24.27
N THR N 178 1.80 74.76 -24.16
CA THR N 178 1.10 75.34 -23.02
C THR N 178 1.48 74.54 -21.81
N MET N 179 1.32 75.12 -20.61
CA MET N 179 1.69 74.43 -19.36
C MET N 179 1.17 73.00 -19.31
N SER N 180 -0.15 72.85 -19.46
CA SER N 180 -0.78 71.54 -19.41
C SER N 180 -0.31 70.63 -20.56
N GLN N 181 -0.33 71.13 -21.80
CA GLN N 181 0.11 70.34 -22.95
C GLN N 181 1.42 69.63 -22.65
N ILE N 182 2.30 70.28 -21.89
CA ILE N 182 3.57 69.70 -21.47
C ILE N 182 3.29 68.67 -20.38
N ALA N 183 2.72 69.14 -19.26
CA ALA N 183 2.36 68.28 -18.12
C ALA N 183 1.59 67.02 -18.55
N LYS N 184 0.89 67.11 -19.68
CA LYS N 184 0.15 65.96 -20.20
C LYS N 184 1.18 65.03 -20.81
N ASP N 185 2.03 65.58 -21.68
CA ASP N 185 3.06 64.78 -22.33
C ASP N 185 4.10 64.18 -21.40
N VAL N 186 4.55 64.93 -20.40
CA VAL N 186 5.53 64.41 -19.46
C VAL N 186 4.91 63.31 -18.59
N CYS N 187 3.66 63.52 -18.13
CA CYS N 187 2.97 62.52 -17.34
C CYS N 187 2.79 61.25 -18.17
N THR N 188 2.47 61.42 -19.46
CA THR N 188 2.32 60.30 -20.40
C THR N 188 3.66 59.55 -20.56
N PHE N 189 4.75 60.30 -20.61
CA PHE N 189 6.07 59.70 -20.74
C PHE N 189 6.30 58.82 -19.51
N LEU N 190 6.25 59.42 -18.32
CA LEU N 190 6.46 58.70 -17.06
C LEU N 190 5.81 57.33 -17.04
N ARG N 191 4.60 57.25 -17.56
CA ARG N 191 3.90 55.99 -17.66
C ARG N 191 4.80 55.05 -18.47
N TRP N 192 5.03 55.35 -19.75
CA TRP N 192 5.89 54.50 -20.55
C TRP N 192 7.15 54.15 -19.81
N ALA N 193 7.79 55.17 -19.27
CA ALA N 193 9.02 54.94 -18.53
C ALA N 193 8.84 53.98 -17.39
N ALA N 194 7.67 54.02 -16.76
CA ALA N 194 7.37 53.17 -15.60
C ALA N 194 6.98 51.72 -15.94
N GLU N 195 6.48 51.47 -17.14
CA GLU N 195 6.12 50.11 -17.51
C GLU N 195 6.03 49.95 -19.00
N PRO N 196 7.19 50.08 -19.68
CA PRO N 196 7.41 49.98 -21.12
C PRO N 196 6.63 48.87 -21.80
N GLU N 197 6.42 47.78 -21.08
CA GLU N 197 5.67 46.67 -21.63
C GLU N 197 4.24 47.10 -21.98
N HIS N 198 3.65 47.89 -21.08
CA HIS N 198 2.29 48.42 -21.21
C HIS N 198 1.57 47.97 -22.48
N ASP N 199 2.07 48.42 -23.62
CA ASP N 199 1.49 48.05 -24.91
C ASP N 199 1.39 46.54 -25.12
N GLN N 200 2.52 45.87 -25.25
CA GLN N 200 2.50 44.43 -25.45
C GLN N 200 1.72 43.75 -24.34
N ARG N 201 1.57 44.40 -23.19
CA ARG N 201 0.83 43.81 -22.08
C ARG N 201 -0.66 43.77 -22.35
N LYS N 202 -1.19 44.87 -22.88
CA LYS N 202 -2.59 44.91 -23.20
C LYS N 202 -2.92 44.10 -24.45
N ARG N 203 -2.00 44.08 -25.41
CA ARG N 203 -2.23 43.30 -26.63
C ARG N 203 -2.45 41.83 -26.28
N MET N 204 -1.63 41.31 -25.39
CA MET N 204 -1.76 39.92 -24.96
C MET N 204 -3.09 39.78 -24.26
N GLY N 205 -3.35 40.67 -23.29
CA GLY N 205 -4.61 40.65 -22.56
C GLY N 205 -5.78 40.37 -23.48
N LEU N 206 -5.87 41.14 -24.56
CA LEU N 206 -6.92 40.93 -25.54
C LEU N 206 -6.90 39.45 -25.94
N LYS N 207 -5.79 39.05 -26.59
CA LYS N 207 -5.61 37.67 -27.05
C LYS N 207 -6.06 36.66 -26.01
N MET N 208 -5.67 36.91 -24.76
CA MET N 208 -6.03 36.05 -23.64
C MET N 208 -7.55 35.99 -23.52
N LEU N 209 -8.18 37.15 -23.41
CA LEU N 209 -9.62 37.18 -23.30
C LEU N 209 -10.29 36.42 -24.42
N LEU N 210 -9.72 36.49 -25.63
CA LEU N 210 -10.32 35.78 -26.75
C LEU N 210 -10.16 34.27 -26.66
N ILE N 211 -8.97 33.80 -26.36
CA ILE N 211 -8.81 32.37 -26.24
C ILE N 211 -9.67 31.93 -25.07
N SER N 212 -9.44 32.59 -23.93
CA SER N 212 -10.17 32.30 -22.69
C SER N 212 -11.70 32.26 -22.81
N ALA N 213 -12.24 33.00 -23.77
CA ALA N 213 -13.69 33.00 -23.97
C ALA N 213 -14.03 31.70 -24.71
N LEU N 214 -13.41 31.52 -25.88
CA LEU N 214 -13.59 30.34 -26.70
C LEU N 214 -13.40 29.02 -25.95
N LEU N 215 -12.19 28.85 -25.41
CA LEU N 215 -11.78 27.65 -24.66
C LEU N 215 -12.63 27.30 -23.44
N THR N 216 -13.09 28.32 -22.71
CA THR N 216 -13.92 28.09 -21.55
C THR N 216 -15.25 27.51 -21.99
N SER N 217 -15.81 28.07 -23.07
CA SER N 217 -17.07 27.56 -23.57
C SER N 217 -16.86 26.15 -24.09
N LEU N 218 -15.89 25.96 -24.99
CA LEU N 218 -15.60 24.62 -25.55
C LEU N 218 -15.54 23.55 -24.48
N LEU N 219 -15.11 23.93 -23.30
CA LEU N 219 -15.02 22.97 -22.21
C LEU N 219 -16.30 22.86 -21.45
N TYR N 220 -17.15 23.87 -21.53
CA TYR N 220 -18.38 23.76 -20.78
C TYR N 220 -19.17 22.65 -21.44
N TYR N 221 -18.84 22.40 -22.68
CA TYR N 221 -19.51 21.36 -23.44
C TYR N 221 -19.04 20.01 -22.96
N MET N 222 -17.76 19.76 -23.18
CA MET N 222 -17.15 18.51 -22.80
C MET N 222 -17.33 18.15 -21.33
N LYS N 223 -17.67 19.09 -20.47
CA LYS N 223 -17.87 18.74 -19.06
C LYS N 223 -19.27 18.17 -18.95
N ARG N 224 -20.21 18.86 -19.58
CA ARG N 224 -21.62 18.47 -19.56
C ARG N 224 -21.78 17.18 -20.33
N HIS N 225 -21.29 17.19 -21.56
CA HIS N 225 -21.37 16.02 -22.41
C HIS N 225 -21.15 14.74 -21.62
N LYS N 226 -20.01 14.68 -20.93
CA LYS N 226 -19.68 13.50 -20.14
C LYS N 226 -20.61 13.35 -19.00
N TRP N 227 -20.85 14.43 -18.28
CA TRP N 227 -21.75 14.33 -17.13
C TRP N 227 -23.21 13.97 -17.47
N SER N 228 -23.68 14.37 -18.65
CA SER N 228 -25.05 14.07 -19.07
C SER N 228 -25.51 12.73 -18.51
N VAL N 229 -24.71 11.70 -18.79
CA VAL N 229 -24.98 10.34 -18.36
C VAL N 229 -25.50 10.25 -16.94
N LEU N 230 -24.95 11.04 -16.03
CA LEU N 230 -25.41 11.01 -14.65
C LEU N 230 -26.56 11.94 -14.37
N LYS N 231 -26.70 12.99 -15.19
CA LYS N 231 -27.79 13.92 -14.98
C LYS N 231 -29.10 13.35 -15.53
N SER N 232 -29.04 12.73 -16.70
CA SER N 232 -30.25 12.15 -17.30
C SER N 232 -30.69 10.86 -16.59
N ARG N 233 -29.72 10.18 -15.98
CA ARG N 233 -29.96 8.93 -15.26
C ARG N 233 -31.22 8.92 -14.43
N LYS N 234 -31.85 7.76 -14.40
CA LYS N 234 -33.07 7.57 -13.63
C LYS N 234 -32.95 6.26 -12.87
N MET N 235 -33.44 6.25 -11.64
CA MET N 235 -33.38 5.04 -10.84
C MET N 235 -34.72 4.72 -10.22
N ALA N 236 -34.91 3.44 -9.91
CA ALA N 236 -36.14 2.95 -9.30
C ALA N 236 -35.84 1.84 -8.30
N TYR N 237 -36.59 1.80 -7.20
CA TYR N 237 -36.43 0.77 -6.18
C TYR N 237 -37.49 -0.31 -6.38
N ARG N 238 -37.09 -1.47 -6.90
CA ARG N 238 -38.03 -2.58 -7.13
C ARG N 238 -37.80 -3.80 -6.24
N PRO N 239 -38.34 -3.77 -4.99
CA PRO N 239 -38.22 -4.85 -4.02
C PRO N 239 -38.84 -6.15 -4.53
N PRO N 240 -38.89 -7.19 -3.68
CA PRO N 240 -39.45 -8.50 -4.04
C PRO N 240 -40.98 -8.54 -4.16
N LYS N 241 -41.64 -8.12 -3.08
CA LYS N 241 -43.11 -8.07 -2.96
C LYS N 241 -43.76 -9.45 -2.84
N VAL O 1 -40.82 -9.93 -11.13
CA VAL O 1 -40.20 -10.68 -12.25
C VAL O 1 -39.44 -9.74 -13.19
N HIS O 2 -38.47 -10.28 -13.92
CA HIS O 2 -37.67 -9.47 -14.82
C HIS O 2 -38.43 -9.12 -16.08
N ASN O 3 -39.73 -9.38 -16.07
CA ASN O 3 -40.53 -9.08 -17.24
C ASN O 3 -41.27 -7.76 -17.10
N ASP O 4 -41.71 -7.46 -15.89
CA ASP O 4 -42.43 -6.21 -15.60
C ASP O 4 -41.46 -5.03 -15.53
N VAL O 5 -40.36 -5.13 -16.28
CA VAL O 5 -39.37 -4.07 -16.29
C VAL O 5 -39.09 -3.57 -17.70
N THR O 6 -39.16 -2.24 -17.86
CA THR O 6 -38.89 -1.56 -19.13
C THR O 6 -38.17 -0.24 -18.95
N VAL O 7 -37.32 0.08 -19.91
CA VAL O 7 -36.56 1.31 -19.91
C VAL O 7 -37.50 2.51 -20.04
N PRO O 8 -37.49 3.44 -19.07
CA PRO O 8 -38.36 4.63 -19.08
C PRO O 8 -38.21 5.47 -20.33
N ASP O 9 -38.83 6.63 -20.34
CA ASP O 9 -38.77 7.51 -21.51
C ASP O 9 -37.65 8.54 -21.42
N PHE O 10 -36.67 8.37 -22.31
CA PHE O 10 -35.52 9.26 -22.40
C PHE O 10 -35.66 10.17 -23.61
N SER O 11 -36.89 10.54 -23.91
CA SER O 11 -37.15 11.41 -25.05
C SER O 11 -36.86 12.83 -24.66
N ALA O 12 -37.15 13.19 -23.42
CA ALA O 12 -36.88 14.54 -22.99
C ALA O 12 -35.41 14.88 -23.26
N TYR O 13 -34.54 13.88 -23.09
CA TYR O 13 -33.08 14.05 -23.26
C TYR O 13 -32.47 13.54 -24.56
N ARG O 14 -33.24 12.82 -25.38
CA ARG O 14 -32.70 12.29 -26.61
C ARG O 14 -32.36 13.34 -27.64
N ARG O 15 -31.35 13.02 -28.46
CA ARG O 15 -30.92 13.93 -29.51
C ARG O 15 -31.99 13.76 -30.58
N GLU O 16 -32.39 14.87 -31.19
CA GLU O 16 -33.44 14.81 -32.18
C GLU O 16 -33.35 13.73 -33.24
N ASP O 17 -32.16 13.47 -33.78
CA ASP O 17 -31.99 12.46 -34.83
C ASP O 17 -32.30 11.02 -34.48
N VAL O 18 -32.45 10.75 -33.20
CA VAL O 18 -32.77 9.41 -32.73
C VAL O 18 -33.86 9.51 -31.68
N MET O 19 -34.97 10.16 -32.05
CA MET O 19 -36.10 10.32 -31.16
C MET O 19 -37.25 9.45 -31.62
N ASP O 20 -37.21 9.03 -32.89
CA ASP O 20 -38.24 8.18 -33.46
C ASP O 20 -37.82 6.71 -33.46
N ALA O 21 -38.52 5.94 -32.62
CA ALA O 21 -38.29 4.51 -32.42
C ALA O 21 -38.54 3.65 -33.65
N THR O 22 -38.29 4.19 -34.83
CA THR O 22 -38.50 3.42 -36.03
C THR O 22 -37.47 3.76 -37.08
N THR O 23 -36.47 4.56 -36.69
CA THR O 23 -35.40 4.92 -37.62
C THR O 23 -34.06 4.47 -37.03
N SER O 24 -33.27 3.77 -37.85
CA SER O 24 -31.95 3.28 -37.45
C SER O 24 -31.12 4.41 -36.85
N SER O 25 -30.53 4.17 -35.68
CA SER O 25 -29.72 5.20 -35.04
C SER O 25 -28.34 5.21 -35.65
N GLN O 26 -28.08 4.26 -36.55
CA GLN O 26 -26.78 4.12 -37.20
C GLN O 26 -26.46 5.04 -38.37
N THR O 27 -27.47 5.69 -38.91
CA THR O 27 -27.21 6.59 -40.00
C THR O 27 -26.74 7.91 -39.42
N SER O 28 -27.46 8.35 -38.39
CA SER O 28 -27.19 9.61 -37.72
C SER O 28 -26.13 9.54 -36.61
N SER O 29 -25.26 8.55 -36.66
CA SER O 29 -24.21 8.44 -35.65
C SER O 29 -23.02 9.27 -36.15
N GLU O 30 -22.51 8.91 -37.32
CA GLU O 30 -21.39 9.62 -37.92
C GLU O 30 -21.40 11.06 -37.52
N ASP O 31 -22.59 11.67 -37.51
CA ASP O 31 -22.69 13.06 -37.13
C ASP O 31 -22.62 13.27 -35.65
N ARG O 32 -23.59 12.75 -34.92
CA ARG O 32 -23.62 12.93 -33.47
C ARG O 32 -22.26 12.92 -32.80
N LYS O 33 -21.36 12.06 -33.30
CA LYS O 33 -19.98 11.95 -32.79
C LYS O 33 -19.03 12.94 -33.49
N GLY O 34 -19.00 12.93 -34.82
CA GLY O 34 -18.14 13.87 -35.51
C GLY O 34 -18.24 15.21 -34.79
N PHE O 35 -19.45 15.59 -34.38
CA PHE O 35 -19.63 16.86 -33.71
C PHE O 35 -18.98 16.94 -32.36
N SER O 36 -19.52 16.21 -31.39
CA SER O 36 -18.93 16.24 -30.06
C SER O 36 -17.42 16.08 -30.19
N TYR O 37 -16.99 15.31 -31.18
CA TYR O 37 -15.56 15.12 -31.39
C TYR O 37 -14.91 16.39 -31.95
N LEU O 38 -15.67 17.17 -32.71
CA LEU O 38 -15.15 18.42 -33.25
C LEU O 38 -14.96 19.44 -32.14
N VAL O 39 -15.91 19.47 -31.20
CA VAL O 39 -15.79 20.37 -30.08
C VAL O 39 -14.46 20.00 -29.46
N THR O 40 -14.39 18.72 -29.09
CA THR O 40 -13.20 18.15 -28.47
C THR O 40 -11.93 18.53 -29.25
N ALA O 41 -11.82 18.07 -30.49
CA ALA O 41 -10.67 18.36 -31.34
C ALA O 41 -10.29 19.84 -31.35
N THR O 42 -11.30 20.71 -31.42
CA THR O 42 -11.06 22.14 -31.42
C THR O 42 -10.44 22.52 -30.08
N ALA O 43 -11.16 22.25 -28.99
CA ALA O 43 -10.64 22.56 -27.66
C ALA O 43 -9.14 22.22 -27.64
N CYS O 44 -8.81 21.03 -28.14
CA CYS O 44 -7.43 20.57 -28.18
C CYS O 44 -6.54 21.56 -28.93
N VAL O 45 -7.05 22.15 -30.01
CA VAL O 45 -6.28 23.14 -30.76
C VAL O 45 -6.08 24.40 -29.93
N ALA O 46 -7.16 24.83 -29.27
CA ALA O 46 -7.17 26.01 -28.41
C ALA O 46 -6.11 25.85 -27.36
N THR O 47 -6.08 24.67 -26.75
CA THR O 47 -5.10 24.39 -25.73
C THR O 47 -3.71 24.53 -26.32
N ALA O 48 -3.45 23.75 -27.35
CA ALA O 48 -2.15 23.72 -28.05
C ALA O 48 -1.58 25.10 -28.26
N TYR O 49 -2.36 25.98 -28.90
CA TYR O 49 -1.92 27.33 -29.16
C TYR O 49 -1.48 27.99 -27.87
N ALA O 50 -2.43 28.09 -26.94
CA ALA O 50 -2.16 28.70 -25.65
C ALA O 50 -0.91 28.11 -25.01
N ALA O 51 -0.86 26.80 -24.91
CA ALA O 51 0.30 26.13 -24.33
C ALA O 51 1.59 26.44 -25.09
N LYS O 52 1.57 26.24 -26.40
CA LYS O 52 2.75 26.52 -27.22
C LYS O 52 3.30 27.93 -26.98
N ASN O 53 2.42 28.90 -26.81
CA ASN O 53 2.90 30.26 -26.59
C ASN O 53 3.44 30.51 -25.20
N VAL O 54 2.82 29.94 -24.19
CA VAL O 54 3.29 30.14 -22.83
C VAL O 54 4.63 29.47 -22.64
N VAL O 55 4.87 28.38 -23.35
CA VAL O 55 6.15 27.75 -23.22
C VAL O 55 7.19 28.63 -23.94
N THR O 56 6.87 29.07 -25.15
CA THR O 56 7.79 29.93 -25.86
C THR O 56 8.15 31.10 -24.94
N GLN O 57 7.12 31.78 -24.43
CA GLN O 57 7.32 32.91 -23.52
C GLN O 57 8.33 32.58 -22.43
N PHE O 58 7.96 31.68 -21.54
CA PHE O 58 8.84 31.31 -20.48
C PHE O 58 10.20 30.94 -20.98
N ILE O 59 10.27 30.10 -22.01
CA ILE O 59 11.57 29.69 -22.52
C ILE O 59 12.51 30.78 -23.00
N SER O 60 12.01 31.84 -23.61
CA SER O 60 12.97 32.85 -24.01
C SER O 60 13.38 33.68 -22.79
N SER O 61 12.75 33.41 -21.65
CA SER O 61 13.09 34.11 -20.41
C SER O 61 14.53 33.77 -20.00
N LEU O 62 15.00 32.64 -20.52
CA LEU O 62 16.34 32.15 -20.21
C LEU O 62 17.40 32.72 -21.11
N SER O 63 17.12 32.74 -22.41
CA SER O 63 18.09 33.27 -23.36
C SER O 63 18.56 34.65 -22.95
N ALA O 64 19.49 35.19 -23.74
CA ALA O 64 20.10 36.50 -23.49
C ALA O 64 19.13 37.61 -23.11
N SER O 65 19.55 38.47 -22.19
CA SER O 65 18.72 39.58 -21.74
C SER O 65 18.70 40.65 -22.84
N ALA O 66 18.33 41.87 -22.45
CA ALA O 66 18.27 42.98 -23.40
C ALA O 66 19.46 43.91 -23.16
N ASP O 67 20.01 43.86 -21.94
CA ASP O 67 21.15 44.68 -21.60
C ASP O 67 22.46 44.07 -22.08
N VAL O 68 22.36 43.21 -23.09
CA VAL O 68 23.54 42.59 -23.70
C VAL O 68 23.99 43.56 -24.80
N LEU O 69 25.01 44.34 -24.46
CA LEU O 69 25.63 45.38 -25.28
C LEU O 69 25.70 45.20 -26.82
N ALA O 70 26.49 46.08 -27.46
CA ALA O 70 26.67 46.08 -28.92
C ALA O 70 28.12 45.84 -29.38
N LEU O 71 28.51 46.45 -30.50
CA LEU O 71 29.85 46.25 -31.04
C LEU O 71 31.06 46.82 -30.31
N SER O 72 32.22 46.52 -30.92
CA SER O 72 33.56 46.84 -30.45
C SER O 72 34.25 48.16 -30.76
N LYS O 73 35.49 47.99 -31.23
CA LYS O 73 36.37 49.09 -31.59
C LYS O 73 37.41 49.23 -30.48
N ILE O 74 38.68 48.96 -30.76
CA ILE O 74 39.69 49.11 -29.71
C ILE O 74 41.01 49.75 -30.11
N GLU O 75 41.65 50.37 -29.12
CA GLU O 75 42.89 51.12 -29.29
C GLU O 75 44.14 50.30 -29.05
N ILE O 76 45.07 50.32 -30.01
CA ILE O 76 46.31 49.57 -29.87
C ILE O 76 47.49 50.16 -30.62
N LYS O 77 48.63 50.30 -29.94
CA LYS O 77 49.85 50.83 -30.56
C LYS O 77 50.82 49.69 -30.84
N LEU O 78 51.04 49.41 -32.11
CA LEU O 78 51.94 48.35 -32.55
C LEU O 78 53.39 48.55 -32.11
N SER O 79 53.66 49.57 -31.30
CA SER O 79 55.01 49.82 -30.82
C SER O 79 55.11 49.37 -29.35
N ASP O 80 53.97 48.99 -28.76
CA ASP O 80 53.90 48.49 -27.38
C ASP O 80 54.07 46.98 -27.41
N ILE O 81 54.35 46.46 -28.59
CA ILE O 81 54.56 45.05 -28.79
C ILE O 81 55.85 44.91 -29.57
N PRO O 82 56.98 44.88 -28.86
CA PRO O 82 58.29 44.75 -29.49
C PRO O 82 58.37 43.48 -30.33
N GLU O 83 59.47 43.32 -31.05
CA GLU O 83 59.65 42.15 -31.91
C GLU O 83 59.81 40.83 -31.16
N GLY O 84 58.73 40.05 -31.12
CA GLY O 84 58.74 38.73 -30.46
C GLY O 84 57.84 38.47 -29.27
N LYS O 85 56.77 39.26 -29.11
CA LYS O 85 55.87 39.09 -27.96
C LYS O 85 54.36 39.12 -28.20
N ASN O 86 53.63 38.68 -27.19
CA ASN O 86 52.18 38.58 -27.24
C ASN O 86 51.56 39.35 -26.09
N VAL O 87 50.34 39.85 -26.28
CA VAL O 87 49.62 40.62 -25.24
C VAL O 87 48.08 40.41 -25.22
N ALA O 88 47.50 40.39 -24.03
CA ALA O 88 46.05 40.18 -23.85
C ALA O 88 45.29 41.47 -23.65
N PHE O 89 44.18 41.61 -24.38
CA PHE O 89 43.33 42.80 -24.29
C PHE O 89 41.91 42.41 -23.95
N LYS O 90 41.34 42.98 -22.90
CA LYS O 90 39.97 42.64 -22.49
C LYS O 90 38.98 43.06 -23.56
N TRP O 91 38.83 42.24 -24.59
CA TRP O 91 37.92 42.58 -25.67
C TRP O 91 36.55 41.92 -25.51
N ARG O 92 35.60 42.41 -26.28
CA ARG O 92 34.22 41.93 -26.29
C ARG O 92 33.99 40.63 -25.54
N GLY O 93 34.08 40.71 -24.21
CA GLY O 93 33.87 39.53 -23.40
C GLY O 93 35.10 38.67 -23.22
N LYS O 94 35.58 38.08 -24.32
CA LYS O 94 36.76 37.20 -24.26
C LYS O 94 38.07 37.83 -24.78
N PRO O 95 39.21 37.28 -24.34
CA PRO O 95 40.53 37.77 -24.74
C PRO O 95 40.72 38.01 -26.22
N LEU O 96 41.78 38.76 -26.55
CA LEU O 96 42.13 39.07 -27.92
C LEU O 96 43.63 39.16 -28.00
N PHE O 97 44.22 38.27 -28.79
CA PHE O 97 45.67 38.24 -28.96
C PHE O 97 46.16 39.10 -30.10
N VAL O 98 47.23 39.83 -29.85
CA VAL O 98 47.87 40.69 -30.83
C VAL O 98 49.33 40.30 -30.68
N ARG O 99 49.93 39.75 -31.74
CA ARG O 99 51.31 39.32 -31.61
C ARG O 99 52.26 39.75 -32.71
N HIS O 100 53.42 40.25 -32.28
CA HIS O 100 54.46 40.71 -33.20
C HIS O 100 55.32 39.50 -33.54
N ARG O 101 55.34 39.14 -34.81
CA ARG O 101 56.13 37.99 -35.21
C ARG O 101 57.49 38.38 -35.75
N THR O 102 58.53 37.85 -35.15
CA THR O 102 59.88 38.12 -35.64
C THR O 102 59.92 37.43 -37.00
N GLN O 103 60.85 37.81 -37.88
CA GLN O 103 60.95 37.19 -39.20
C GLN O 103 61.34 35.70 -39.09
N ALA O 104 62.10 35.38 -38.03
CA ALA O 104 62.56 34.00 -37.75
C ALA O 104 61.42 32.99 -37.80
N GLU O 105 60.36 33.30 -37.06
CA GLU O 105 59.18 32.44 -37.00
C GLU O 105 58.18 32.67 -38.14
N ILE O 106 58.23 33.85 -38.78
CA ILE O 106 57.32 34.14 -39.87
C ILE O 106 57.56 33.24 -41.08
N ASN O 107 58.75 32.64 -41.16
CA ASN O 107 59.06 31.73 -42.26
C ASN O 107 58.35 30.41 -41.95
N GLN O 108 58.32 30.08 -40.67
CA GLN O 108 57.71 28.86 -40.20
C GLN O 108 56.24 28.81 -40.59
N GLU O 109 55.41 29.57 -39.88
CA GLU O 109 53.96 29.61 -40.10
C GLU O 109 53.41 29.54 -41.52
N ALA O 110 54.24 29.84 -42.51
CA ALA O 110 53.81 29.80 -43.91
C ALA O 110 54.48 28.63 -44.63
N GLU O 111 55.65 28.27 -44.14
CA GLU O 111 56.42 27.17 -44.71
C GLU O 111 55.87 25.86 -44.14
N VAL O 112 54.59 25.57 -44.42
CA VAL O 112 53.96 24.36 -43.90
C VAL O 112 53.14 23.54 -44.90
N ASP O 113 53.06 22.24 -44.63
CA ASP O 113 52.31 21.28 -45.46
C ASP O 113 50.81 21.51 -45.19
N VAL O 114 50.27 22.59 -45.74
CA VAL O 114 48.86 22.96 -45.55
C VAL O 114 47.83 21.86 -45.85
N SER O 115 48.27 20.72 -46.37
CA SER O 115 47.35 19.63 -46.68
C SER O 115 47.23 18.64 -45.52
N LYS O 116 48.07 18.81 -44.51
CA LYS O 116 48.05 17.93 -43.35
C LYS O 116 47.27 18.56 -42.21
N LEU O 117 47.10 19.88 -42.26
CA LEU O 117 46.39 20.58 -41.21
C LEU O 117 44.95 20.12 -41.01
N ARG O 118 44.54 20.07 -39.74
CA ARG O 118 43.20 19.68 -39.35
C ARG O 118 42.20 20.59 -40.05
N ASP O 119 42.58 21.86 -40.14
CA ASP O 119 41.79 22.90 -40.78
C ASP O 119 42.89 23.69 -41.45
N PRO O 120 43.08 23.48 -42.75
CA PRO O 120 44.10 24.17 -43.55
C PRO O 120 43.76 25.64 -43.83
N GLN O 121 44.81 26.46 -43.93
CA GLN O 121 44.67 27.89 -44.22
C GLN O 121 46.05 28.50 -44.34
N HIS O 122 46.52 28.74 -45.57
CA HIS O 122 47.84 29.35 -45.76
C HIS O 122 47.93 30.54 -44.82
N ASP O 123 49.02 30.57 -44.05
CA ASP O 123 49.28 31.63 -43.08
C ASP O 123 48.72 33.02 -43.43
N LEU O 124 48.83 33.40 -44.70
CA LEU O 124 48.40 34.71 -45.17
C LEU O 124 46.91 35.00 -45.38
N ASP O 125 46.04 34.06 -45.05
CA ASP O 125 44.60 34.31 -45.18
C ASP O 125 44.16 34.73 -43.79
N ARG O 126 44.93 34.28 -42.80
CA ARG O 126 44.68 34.54 -41.39
C ARG O 126 45.16 35.90 -40.93
N VAL O 127 46.05 36.52 -41.71
CA VAL O 127 46.58 37.82 -41.35
C VAL O 127 46.86 38.69 -42.58
N LYS O 128 46.96 40.00 -42.36
CA LYS O 128 47.24 40.94 -43.45
C LYS O 128 48.74 41.30 -43.47
N LYS O 129 49.30 41.62 -42.31
CA LYS O 129 50.72 41.96 -42.23
C LYS O 129 51.49 40.83 -41.54
N PRO O 130 52.45 40.22 -42.27
CA PRO O 130 53.31 39.12 -41.84
C PRO O 130 54.01 39.20 -40.48
N GLU O 131 53.89 40.32 -39.80
CA GLU O 131 54.53 40.46 -38.48
C GLU O 131 53.53 40.61 -37.35
N TRP O 132 52.28 40.88 -37.70
CA TRP O 132 51.23 41.04 -36.70
C TRP O 132 50.09 40.02 -36.83
N VAL O 133 50.18 38.93 -36.07
CA VAL O 133 49.12 37.92 -36.09
C VAL O 133 48.15 38.32 -34.98
N ILE O 134 46.87 38.28 -35.28
CA ILE O 134 45.87 38.65 -34.30
C ILE O 134 44.67 37.70 -34.31
N LEU O 135 44.26 37.28 -33.13
CA LEU O 135 43.15 36.33 -32.99
C LEU O 135 42.44 36.36 -31.62
N VAL O 136 41.30 35.69 -31.54
CA VAL O 136 40.54 35.66 -30.30
C VAL O 136 40.92 34.43 -29.49
N GLY O 137 41.71 34.68 -28.44
CA GLY O 137 42.21 33.64 -27.54
C GLY O 137 41.20 32.75 -26.81
N VAL O 138 40.42 31.99 -27.57
CA VAL O 138 39.45 31.10 -26.97
C VAL O 138 39.54 29.79 -27.72
N CYS O 139 40.06 28.77 -27.06
CA CYS O 139 40.21 27.44 -27.65
C CYS O 139 38.91 27.08 -28.37
N THR O 140 39.03 26.43 -29.51
CA THR O 140 37.87 26.03 -30.31
C THR O 140 37.28 24.73 -29.77
N HIS O 141 37.95 24.14 -28.79
CA HIS O 141 37.51 22.89 -28.16
C HIS O 141 36.35 23.12 -27.17
N LEU O 142 36.73 23.33 -25.92
CA LEU O 142 35.76 23.57 -24.86
C LEU O 142 35.99 24.88 -24.11
N GLY O 143 36.51 25.85 -24.86
CA GLY O 143 36.69 27.21 -24.39
C GLY O 143 37.72 27.81 -23.47
N CYS O 144 38.81 27.11 -23.14
CA CYS O 144 39.83 27.66 -22.24
C CYS O 144 40.74 28.63 -22.98
N VAL O 145 41.29 29.61 -22.28
CA VAL O 145 42.17 30.59 -22.92
C VAL O 145 43.53 29.95 -23.23
N PRO O 146 43.90 29.84 -24.52
CA PRO O 146 45.17 29.22 -24.88
C PRO O 146 46.29 29.89 -24.12
N ILE O 147 47.45 29.25 -24.07
CA ILE O 147 48.57 29.83 -23.36
C ILE O 147 49.64 30.27 -24.31
N ALA O 148 50.13 31.48 -24.07
CA ALA O 148 51.12 32.13 -24.90
C ALA O 148 52.49 31.47 -24.92
N ASN O 149 53.21 31.68 -26.02
CA ASN O 149 54.57 31.16 -26.21
C ASN O 149 54.77 29.81 -25.55
N SER O 150 53.88 28.87 -25.85
CA SER O 150 53.99 27.54 -25.26
C SER O 150 53.54 26.45 -26.22
N GLY O 151 53.94 25.24 -25.93
CA GLY O 151 53.57 24.13 -26.77
C GLY O 151 54.78 23.63 -27.51
N ASP O 152 54.52 22.98 -28.63
CA ASP O 152 55.59 22.42 -29.44
C ASP O 152 55.61 23.11 -30.80
N PHE O 153 54.73 24.09 -30.97
CA PHE O 153 54.67 24.78 -32.25
C PHE O 153 54.86 26.29 -32.11
N GLY O 154 55.68 26.63 -31.13
CA GLY O 154 56.02 28.01 -30.84
C GLY O 154 54.92 29.03 -30.80
N GLY O 155 53.67 28.56 -30.74
CA GLY O 155 52.54 29.47 -30.69
C GLY O 155 51.75 29.45 -29.40
N TYR O 156 50.76 28.56 -29.35
CA TYR O 156 49.91 28.47 -28.18
C TYR O 156 49.75 27.06 -27.67
N TYR O 157 49.03 26.96 -26.55
CA TYR O 157 48.73 25.69 -25.88
C TYR O 157 47.54 25.87 -24.94
N CYS O 158 46.58 24.96 -24.98
CA CYS O 158 45.44 25.07 -24.08
C CYS O 158 45.56 23.95 -23.07
N PRO O 159 45.93 24.27 -21.83
CA PRO O 159 46.09 23.31 -20.76
C PRO O 159 44.90 22.43 -20.39
N CYS O 160 43.71 22.79 -20.85
CA CYS O 160 42.51 22.02 -20.51
C CYS O 160 42.44 20.61 -21.08
N HIS O 161 42.88 20.42 -22.31
CA HIS O 161 42.88 19.09 -22.88
C HIS O 161 44.00 18.94 -23.86
N GLY O 162 45.02 19.77 -23.72
CA GLY O 162 46.19 19.69 -24.58
C GLY O 162 46.15 19.96 -26.07
N SER O 163 45.61 21.11 -26.49
CA SER O 163 45.59 21.43 -27.90
C SER O 163 46.75 22.36 -28.23
N HIS O 164 47.55 22.01 -29.23
CA HIS O 164 48.70 22.82 -29.61
C HIS O 164 48.37 23.71 -30.80
N TYR O 165 48.62 25.01 -30.65
CA TYR O 165 48.37 25.98 -31.72
C TYR O 165 49.70 26.61 -32.10
N ASP O 166 49.88 26.92 -33.38
CA ASP O 166 51.12 27.54 -33.83
C ASP O 166 51.04 29.06 -33.73
N ALA O 167 51.98 29.76 -34.36
CA ALA O 167 52.02 31.23 -34.33
C ALA O 167 50.96 31.85 -35.22
N SER O 168 50.29 31.01 -35.98
CA SER O 168 49.23 31.47 -36.86
C SER O 168 47.92 31.22 -36.15
N GLY O 169 47.99 30.60 -34.98
CA GLY O 169 46.79 30.31 -34.22
C GLY O 169 46.06 29.11 -34.81
N ARG O 170 46.70 28.49 -35.79
CA ARG O 170 46.14 27.32 -36.46
C ARG O 170 46.30 26.13 -35.53
N ILE O 171 45.30 25.26 -35.52
CA ILE O 171 45.35 24.08 -34.67
C ILE O 171 46.25 23.02 -35.31
N ARG O 172 47.23 22.52 -34.54
CA ARG O 172 48.18 21.53 -35.05
C ARG O 172 48.14 20.16 -34.37
N LYS O 173 47.92 20.15 -33.06
CA LYS O 173 47.87 18.89 -32.32
C LYS O 173 46.88 19.04 -31.15
N GLY O 174 46.21 17.95 -30.77
CA GLY O 174 45.25 18.03 -29.69
C GLY O 174 43.83 17.65 -30.09
N PRO O 175 42.82 18.03 -29.28
CA PRO O 175 41.41 17.72 -29.54
C PRO O 175 40.67 18.84 -30.22
N ALA O 176 41.22 20.05 -30.13
CA ALA O 176 40.60 21.22 -30.74
C ALA O 176 40.16 20.95 -32.17
N PRO O 177 38.94 21.34 -32.52
CA PRO O 177 38.44 21.11 -33.87
C PRO O 177 38.89 22.08 -34.95
N TYR O 178 38.92 23.37 -34.62
CA TYR O 178 39.28 24.41 -35.59
C TYR O 178 40.49 25.26 -35.25
N ASN O 179 40.84 26.19 -36.15
CA ASN O 179 41.97 27.08 -35.92
C ASN O 179 41.45 28.34 -35.26
N LEU O 180 42.14 28.78 -34.22
CA LEU O 180 41.75 29.97 -33.51
C LEU O 180 41.15 30.94 -34.48
N GLU O 181 40.00 31.47 -34.09
CA GLU O 181 39.26 32.42 -34.89
C GLU O 181 40.06 33.71 -35.19
N VAL O 182 39.81 34.32 -36.35
CA VAL O 182 40.48 35.56 -36.75
C VAL O 182 39.46 36.70 -36.75
N PRO O 183 39.65 37.72 -35.92
CA PRO O 183 38.68 38.82 -35.91
C PRO O 183 38.83 39.63 -37.19
N THR O 184 37.89 40.54 -37.44
CA THR O 184 37.93 41.39 -38.63
C THR O 184 38.54 42.76 -38.32
N TYR O 185 39.86 42.84 -38.42
CA TYR O 185 40.55 44.09 -38.12
C TYR O 185 40.91 44.96 -39.33
N GLN O 186 41.25 46.22 -39.05
CA GLN O 186 41.65 47.21 -40.05
C GLN O 186 42.88 48.02 -39.56
N PHE O 187 43.75 48.41 -40.50
CA PHE O 187 44.96 49.20 -40.19
C PHE O 187 44.73 50.70 -40.38
N VAL O 188 45.63 51.51 -39.79
CA VAL O 188 45.55 52.97 -39.90
C VAL O 188 46.95 53.61 -39.77
N GLY O 189 47.31 54.04 -38.55
CA GLY O 189 48.60 54.67 -38.33
C GLY O 189 49.78 53.82 -38.75
N ASP O 190 50.99 54.31 -38.46
CA ASP O 190 52.22 53.58 -38.80
C ASP O 190 52.56 52.58 -37.67
N ASP O 191 51.92 52.79 -36.52
CA ASP O 191 52.04 51.93 -35.35
C ASP O 191 50.84 52.22 -34.43
N LEU O 192 49.67 51.88 -34.95
CA LEU O 192 48.38 52.06 -34.28
C LEU O 192 47.33 51.30 -35.10
N VAL O 193 46.89 50.14 -34.61
CA VAL O 193 45.89 49.31 -35.30
C VAL O 193 44.50 49.20 -34.66
N VAL O 194 43.52 48.88 -35.49
CA VAL O 194 42.13 48.75 -35.09
C VAL O 194 41.71 47.30 -35.17
N VAL O 195 40.72 46.93 -34.37
CA VAL O 195 40.20 45.56 -34.38
C VAL O 195 38.70 45.60 -34.64
N GLY O 196 38.09 46.78 -34.44
CA GLY O 196 36.67 46.96 -34.67
C GLY O 196 36.19 46.62 -36.08
N GLY P 10 -45.30 22.38 25.82
CA GLY P 10 -46.73 22.59 25.43
C GLY P 10 -46.92 22.39 23.94
N ARG P 11 -47.96 23.02 23.38
CA ARG P 11 -48.23 22.90 21.94
C ARG P 11 -47.47 24.01 21.19
N LEU P 12 -46.32 24.38 21.75
CA LEU P 12 -45.45 25.39 21.15
C LEU P 12 -44.29 24.65 20.52
N MET P 13 -43.59 23.89 21.35
CA MET P 13 -42.46 23.10 20.89
C MET P 13 -42.98 22.26 19.75
N ASP P 14 -44.25 21.85 19.84
CA ASP P 14 -44.88 21.01 18.82
C ASP P 14 -45.17 21.75 17.51
N ARG P 15 -45.45 23.06 17.60
CA ARG P 15 -45.70 23.85 16.39
C ARG P 15 -44.40 24.48 15.93
N ILE P 16 -43.39 24.40 16.80
CA ILE P 16 -42.05 24.89 16.51
C ILE P 16 -41.37 23.78 15.70
N ARG P 17 -41.23 22.61 16.33
CA ARG P 17 -40.61 21.45 15.69
C ARG P 17 -41.10 21.29 14.25
N LYS P 18 -42.42 21.28 14.06
CA LYS P 18 -42.97 21.13 12.70
C LYS P 18 -42.33 22.18 11.78
N TRP P 19 -42.27 23.43 12.22
CA TRP P 19 -41.67 24.46 11.39
C TRP P 19 -40.25 24.05 11.04
N TYR P 20 -39.37 24.02 12.03
CA TYR P 20 -37.97 23.64 11.83
C TYR P 20 -37.85 22.49 10.84
N TYR P 21 -38.69 21.49 11.02
CA TYR P 21 -38.68 20.34 10.14
C TYR P 21 -38.82 20.73 8.68
N ASN P 22 -39.78 21.59 8.37
CA ASN P 22 -39.99 22.02 6.99
C ASN P 22 -38.86 22.94 6.62
N ALA P 23 -38.24 23.53 7.65
CA ALA P 23 -37.13 24.46 7.46
C ALA P 23 -35.86 23.75 6.99
N ALA P 24 -35.41 22.75 7.76
CA ALA P 24 -34.23 21.97 7.39
C ALA P 24 -34.41 21.49 5.95
N GLY P 25 -35.65 21.12 5.62
CA GLY P 25 -35.99 20.68 4.29
C GLY P 25 -35.37 19.42 3.73
N PHE P 26 -35.03 18.46 4.57
CA PHE P 26 -34.44 17.24 4.03
C PHE P 26 -35.52 16.40 3.42
N ASN P 27 -36.75 16.83 3.63
CA ASN P 27 -37.89 16.14 3.05
C ASN P 27 -37.87 16.37 1.54
N LYS P 28 -37.52 17.57 1.13
CA LYS P 28 -37.49 17.87 -0.29
C LYS P 28 -36.74 16.80 -1.09
N TYR P 29 -35.86 16.07 -0.41
CA TYR P 29 -35.07 15.01 -1.05
C TYR P 29 -35.66 13.63 -0.79
N GLY P 30 -36.74 13.57 -0.02
CA GLY P 30 -37.38 12.30 0.27
C GLY P 30 -36.76 11.60 1.45
N LEU P 31 -35.82 12.26 2.08
CA LEU P 31 -35.11 11.67 3.20
C LEU P 31 -35.81 11.83 4.53
N MET P 32 -35.98 10.71 5.23
CA MET P 32 -36.61 10.72 6.53
C MET P 32 -35.67 11.41 7.50
N ARG P 33 -36.19 11.78 8.66
CA ARG P 33 -35.39 12.46 9.66
C ARG P 33 -34.11 11.70 9.90
N ASP P 34 -34.23 10.40 10.14
CA ASP P 34 -33.04 9.60 10.40
C ASP P 34 -32.23 9.15 9.21
N ASP P 35 -32.52 9.70 8.04
CA ASP P 35 -31.73 9.31 6.91
C ASP P 35 -30.55 10.25 6.91
N THR P 36 -30.76 11.46 7.38
CA THR P 36 -29.70 12.45 7.39
C THR P 36 -28.74 12.40 8.57
N LEU P 37 -28.91 11.41 9.42
CA LEU P 37 -28.03 11.31 10.58
C LEU P 37 -26.57 11.08 10.23
N TYR P 38 -25.68 11.75 10.93
CA TYR P 38 -24.27 11.54 10.68
C TYR P 38 -23.95 10.20 11.30
N GLU P 39 -23.21 9.38 10.55
CA GLU P 39 -22.84 8.02 10.98
C GLU P 39 -21.65 7.82 11.91
N ASP P 40 -21.79 8.10 13.20
CA ASP P 40 -20.67 7.88 14.11
C ASP P 40 -20.65 6.38 14.37
N ASP P 41 -19.96 5.95 15.43
CA ASP P 41 -19.85 4.52 15.78
C ASP P 41 -21.18 3.88 16.21
N ASP P 42 -21.96 4.62 17.00
CA ASP P 42 -23.25 4.17 17.51
C ASP P 42 -24.24 3.96 16.37
N VAL P 43 -24.39 4.99 15.55
CA VAL P 43 -25.27 4.90 14.43
C VAL P 43 -24.85 3.68 13.60
N LYS P 44 -23.59 3.66 13.18
CA LYS P 44 -23.08 2.53 12.40
C LYS P 44 -23.64 1.25 12.99
N GLU P 45 -23.36 1.02 14.27
CA GLU P 45 -23.83 -0.16 14.96
C GLU P 45 -25.32 -0.34 14.77
N ALA P 46 -26.08 0.72 15.07
CA ALA P 46 -27.51 0.63 14.92
C ALA P 46 -27.89 0.15 13.52
N LEU P 47 -27.45 0.88 12.51
CA LEU P 47 -27.78 0.52 11.14
C LEU P 47 -27.59 -0.95 10.81
N LYS P 48 -26.60 -1.58 11.44
CA LYS P 48 -26.34 -3.00 11.19
C LYS P 48 -27.43 -3.89 11.77
N ARG P 49 -28.09 -3.38 12.82
CA ARG P 49 -29.16 -4.12 13.50
C ARG P 49 -30.51 -4.00 12.78
N LEU P 50 -30.58 -3.12 11.78
CA LEU P 50 -31.82 -2.90 11.02
C LEU P 50 -32.28 -4.15 10.29
N PRO P 51 -33.59 -4.39 10.30
CA PRO P 51 -34.20 -5.55 9.63
C PRO P 51 -33.93 -5.47 8.15
N LYS P 52 -33.48 -6.58 7.57
CA LYS P 52 -33.16 -6.65 6.16
C LYS P 52 -33.80 -5.51 5.36
N ASP P 53 -35.10 -5.54 5.20
CA ASP P 53 -35.80 -4.51 4.41
C ASP P 53 -35.61 -3.04 4.83
N LEU P 54 -35.95 -2.68 6.06
CA LEU P 54 -35.81 -1.30 6.49
C LEU P 54 -34.50 -0.69 6.03
N TYR P 55 -33.48 -1.53 5.93
CA TYR P 55 -32.16 -1.09 5.49
C TYR P 55 -32.15 -0.92 3.99
N ASN P 56 -32.56 -1.93 3.25
CA ASN P 56 -32.56 -1.81 1.80
C ASN P 56 -33.37 -0.63 1.36
N GLU P 57 -34.34 -0.25 2.17
CA GLU P 57 -35.19 0.89 1.87
C GLU P 57 -34.45 2.21 2.14
N ARG P 58 -33.84 2.30 3.31
CA ARG P 58 -33.08 3.49 3.67
C ARG P 58 -32.09 3.71 2.57
N MET P 59 -31.44 2.62 2.16
CA MET P 59 -30.46 2.67 1.09
C MET P 59 -31.01 3.43 -0.11
N PHE P 60 -31.97 2.84 -0.80
CA PHE P 60 -32.54 3.50 -1.96
C PHE P 60 -32.72 5.00 -1.78
N ARG P 61 -33.51 5.37 -0.76
CA ARG P 61 -33.77 6.78 -0.46
C ARG P 61 -32.55 7.71 -0.56
N ILE P 62 -31.42 7.23 -0.05
CA ILE P 62 -30.19 7.98 -0.07
C ILE P 62 -29.56 7.96 -1.44
N LYS P 63 -29.40 6.77 -2.01
CA LYS P 63 -28.81 6.70 -3.33
C LYS P 63 -29.65 7.52 -4.29
N ARG P 64 -30.89 7.81 -3.90
CA ARG P 64 -31.78 8.59 -4.76
C ARG P 64 -31.59 10.06 -4.47
N ALA P 65 -31.45 10.37 -3.19
CA ALA P 65 -31.24 11.73 -2.79
C ALA P 65 -29.90 12.15 -3.41
N LEU P 66 -28.89 11.29 -3.30
CA LEU P 66 -27.58 11.58 -3.87
C LEU P 66 -27.70 11.86 -5.34
N ASP P 67 -28.51 11.05 -6.01
CA ASP P 67 -28.69 11.25 -7.43
C ASP P 67 -29.29 12.62 -7.68
N LEU P 68 -30.10 13.07 -6.75
CA LEU P 68 -30.70 14.37 -6.88
C LEU P 68 -29.62 15.42 -6.75
N SER P 69 -29.04 15.54 -5.56
CA SER P 69 -27.98 16.51 -5.32
C SER P 69 -26.95 16.63 -6.44
N LEU P 70 -26.79 15.57 -7.22
CA LEU P 70 -25.86 15.54 -8.32
C LEU P 70 -26.47 16.21 -9.52
N LYS P 71 -27.79 16.06 -9.68
CA LYS P 71 -28.52 16.66 -10.79
C LYS P 71 -28.92 18.10 -10.46
N HIS P 72 -28.88 18.43 -9.15
CA HIS P 72 -29.22 19.75 -8.61
C HIS P 72 -30.73 19.98 -8.45
N ARG P 73 -31.52 18.91 -8.57
CA ARG P 73 -32.97 19.02 -8.46
C ARG P 73 -33.49 18.37 -7.19
N ILE P 74 -34.78 18.56 -6.94
CA ILE P 74 -35.46 18.00 -5.77
C ILE P 74 -36.65 17.19 -6.25
N LEU P 75 -37.48 16.77 -5.29
CA LEU P 75 -38.67 15.99 -5.61
C LEU P 75 -39.87 16.92 -5.87
N PRO P 76 -40.79 16.52 -6.78
CA PRO P 76 -41.95 17.39 -7.02
C PRO P 76 -42.70 17.48 -5.69
N LYS P 77 -43.29 18.64 -5.41
CA LYS P 77 -44.01 18.89 -4.15
C LYS P 77 -44.77 17.71 -3.54
N GLU P 78 -45.47 16.95 -4.40
CA GLU P 78 -46.30 15.82 -3.99
C GLU P 78 -45.60 14.56 -3.45
N GLN P 79 -44.27 14.50 -3.54
CA GLN P 79 -43.56 13.33 -3.06
C GLN P 79 -42.76 13.59 -1.78
N TRP P 80 -42.77 14.83 -1.30
CA TRP P 80 -42.03 15.20 -0.10
C TRP P 80 -42.57 14.54 1.14
N VAL P 81 -41.69 14.32 2.12
CA VAL P 81 -42.10 13.71 3.37
C VAL P 81 -42.81 14.80 4.14
N LYS P 82 -43.83 14.40 4.89
CA LYS P 82 -44.61 15.35 5.67
C LYS P 82 -44.36 15.12 7.14
N TYR P 83 -44.01 16.20 7.84
CA TYR P 83 -43.69 16.14 9.26
C TYR P 83 -44.30 15.02 10.09
N GLU P 84 -45.58 14.73 9.88
CA GLU P 84 -46.24 13.70 10.67
C GLU P 84 -46.15 12.27 10.10
N GLU P 85 -45.78 12.15 8.83
CA GLU P 85 -45.65 10.84 8.21
C GLU P 85 -44.21 10.40 8.21
N ASP P 86 -43.35 11.13 8.95
CA ASP P 86 -41.93 10.79 9.02
C ASP P 86 -41.68 9.68 10.04
N LYS P 87 -41.23 8.53 9.54
CA LYS P 87 -40.99 7.38 10.40
C LYS P 87 -39.58 7.39 11.02
N PRO P 88 -39.50 7.39 12.35
CA PRO P 88 -38.19 7.38 12.99
C PRO P 88 -37.81 5.90 13.11
N TYR P 89 -37.44 5.31 12.00
CA TYR P 89 -37.08 3.90 11.96
C TYR P 89 -35.83 3.52 12.73
N LEU P 90 -35.00 4.49 13.11
CA LEU P 90 -33.77 4.13 13.79
C LEU P 90 -33.69 4.54 15.24
N GLU P 91 -34.27 5.70 15.56
CA GLU P 91 -34.24 6.24 16.91
C GLU P 91 -34.28 5.17 18.01
N PRO P 92 -35.17 4.16 17.86
CA PRO P 92 -35.22 3.15 18.92
C PRO P 92 -33.95 2.28 18.99
N TYR P 93 -33.50 1.77 17.84
CA TYR P 93 -32.32 0.93 17.80
C TYR P 93 -31.12 1.66 18.33
N LEU P 94 -31.04 2.95 18.02
CA LEU P 94 -29.93 3.77 18.47
C LEU P 94 -29.90 3.92 19.99
N LYS P 95 -30.98 4.44 20.57
CA LYS P 95 -31.06 4.64 22.03
C LYS P 95 -30.66 3.40 22.79
N GLU P 96 -30.81 2.25 22.15
CA GLU P 96 -30.46 0.98 22.74
C GLU P 96 -28.94 0.82 22.66
N VAL P 97 -28.38 1.03 21.48
CA VAL P 97 -26.95 0.93 21.30
C VAL P 97 -26.33 1.83 22.37
N ILE P 98 -26.73 3.10 22.34
CA ILE P 98 -26.23 4.06 23.31
C ILE P 98 -26.46 3.62 24.74
N ARG P 99 -27.66 3.15 25.03
CA ARG P 99 -27.98 2.70 26.39
C ARG P 99 -26.97 1.59 26.75
N GLU P 100 -26.78 0.65 25.82
CA GLU P 100 -25.87 -0.48 26.01
C GLU P 100 -24.47 0.01 26.32
N ARG P 101 -23.97 0.87 25.44
CA ARG P 101 -22.63 1.42 25.60
C ARG P 101 -22.49 2.09 26.96
N LEU P 102 -23.38 3.04 27.27
CA LEU P 102 -23.31 3.75 28.55
C LEU P 102 -23.01 2.84 29.72
N GLU P 103 -23.51 1.62 29.62
CA GLU P 103 -23.30 0.60 30.65
C GLU P 103 -21.83 0.18 30.67
N ARG P 104 -21.41 -0.53 29.63
CA ARG P 104 -20.02 -0.99 29.53
C ARG P 104 -19.07 0.05 30.09
N GLU P 105 -19.30 1.32 29.72
CA GLU P 105 -18.45 2.41 30.16
C GLU P 105 -18.44 2.64 31.66
N ALA P 106 -19.60 2.77 32.27
CA ALA P 106 -19.67 3.02 33.72
C ALA P 106 -19.29 1.79 34.53
N TRP P 107 -19.39 0.62 33.91
CA TRP P 107 -19.05 -0.61 34.57
C TRP P 107 -17.55 -0.83 34.67
N ASN P 108 -16.77 -0.20 33.79
CA ASN P 108 -15.32 -0.34 33.81
C ASN P 108 -14.60 0.55 34.81
N LYS P 109 -15.09 0.54 36.05
CA LYS P 109 -14.53 1.33 37.15
C LYS P 109 -14.60 0.54 38.47
N GLY Q 1 -5.31 -0.69 -2.45
CA GLY Q 1 -5.79 0.61 -2.99
C GLY Q 1 -7.14 0.56 -3.69
N ILE Q 2 -7.70 -0.65 -3.83
CA ILE Q 2 -9.00 -0.86 -4.47
C ILE Q 2 -10.19 -0.61 -3.52
N HIS Q 3 -11.09 0.29 -3.93
CA HIS Q 3 -12.28 0.64 -3.17
C HIS Q 3 -13.57 0.21 -3.87
N PHE Q 4 -13.51 0.00 -5.18
CA PHE Q 4 -14.68 -0.41 -5.96
C PHE Q 4 -15.05 -1.90 -5.89
N GLY Q 5 -16.06 -2.19 -5.07
CA GLY Q 5 -16.53 -3.54 -4.87
C GLY Q 5 -16.76 -3.84 -3.40
N ASN Q 6 -15.94 -3.22 -2.55
CA ASN Q 6 -16.00 -3.40 -1.10
C ASN Q 6 -16.81 -2.30 -0.39
N LEU Q 7 -17.33 -1.35 -1.17
CA LEU Q 7 -18.10 -0.21 -0.64
C LEU Q 7 -19.28 -0.55 0.28
N ALA Q 8 -20.48 -0.69 -0.27
CA ALA Q 8 -21.64 -1.03 0.56
C ALA Q 8 -22.54 -2.09 -0.09
N ARG Q 9 -23.47 -2.64 0.69
CA ARG Q 9 -24.40 -3.67 0.23
C ARG Q 9 -25.70 -3.04 -0.18
N VAL Q 10 -25.98 -3.11 -1.48
CA VAL Q 10 -27.18 -2.53 -2.04
C VAL Q 10 -28.07 -3.61 -2.66
N ARG Q 11 -29.38 -3.50 -2.47
CA ARG Q 11 -30.27 -4.49 -3.07
C ARG Q 11 -31.51 -3.92 -3.74
N HIS Q 12 -31.80 -4.49 -4.90
CA HIS Q 12 -32.96 -4.14 -5.70
C HIS Q 12 -33.00 -2.75 -6.28
N ILE Q 13 -31.95 -2.33 -6.97
CA ILE Q 13 -32.02 -1.01 -7.54
C ILE Q 13 -31.67 -1.11 -9.01
N ILE Q 14 -32.56 -0.57 -9.84
CA ILE Q 14 -32.35 -0.60 -11.26
C ILE Q 14 -32.03 0.77 -11.76
N THR Q 15 -31.01 0.90 -12.59
CA THR Q 15 -30.69 2.22 -13.14
C THR Q 15 -30.52 2.11 -14.63
N TYR Q 16 -31.02 3.11 -15.34
CA TYR Q 16 -30.90 3.14 -16.79
C TYR Q 16 -30.34 4.50 -17.13
N SER Q 17 -29.45 4.54 -18.12
CA SER Q 17 -28.86 5.79 -18.55
C SER Q 17 -28.48 5.59 -20.01
N LEU Q 18 -28.23 6.70 -20.72
CA LEU Q 18 -27.89 6.60 -22.14
C LEU Q 18 -26.53 7.14 -22.54
N SER Q 19 -25.96 6.54 -23.57
CA SER Q 19 -24.69 6.98 -24.07
C SER Q 19 -24.76 8.49 -24.23
N PRO Q 20 -23.64 9.19 -24.08
CA PRO Q 20 -23.61 10.65 -24.22
C PRO Q 20 -23.95 11.02 -25.65
N PHE Q 21 -23.43 10.22 -26.58
CA PHE Q 21 -23.67 10.44 -28.00
C PHE Q 21 -25.15 10.29 -28.37
N GLU Q 22 -25.93 9.69 -27.50
CA GLU Q 22 -27.34 9.52 -27.80
C GLU Q 22 -28.13 10.65 -27.19
N GLN Q 23 -27.59 11.32 -26.17
CA GLN Q 23 -28.36 12.41 -25.58
C GLN Q 23 -27.79 13.79 -25.79
N ARG Q 24 -28.56 14.80 -25.40
CA ARG Q 24 -28.18 16.19 -25.61
C ARG Q 24 -27.14 16.84 -24.72
N ALA Q 25 -26.31 17.66 -25.35
CA ALA Q 25 -25.28 18.43 -24.68
C ALA Q 25 -25.85 18.98 -23.37
N ILE Q 26 -26.70 20.00 -23.49
CA ILE Q 26 -27.38 20.62 -22.35
C ILE Q 26 -28.83 20.77 -22.84
N PRO Q 27 -29.76 20.07 -22.18
CA PRO Q 27 -31.16 20.15 -22.57
C PRO Q 27 -32.12 20.95 -21.70
N ASN Q 28 -33.20 21.40 -22.33
CA ASN Q 28 -34.27 22.15 -21.67
C ASN Q 28 -33.73 23.37 -20.93
N ILE Q 29 -32.90 24.17 -21.60
CA ILE Q 29 -32.33 25.35 -20.96
C ILE Q 29 -33.43 26.25 -20.39
N PHE Q 30 -34.63 26.17 -20.97
CA PHE Q 30 -35.73 27.01 -20.53
C PHE Q 30 -36.87 26.28 -19.83
N SER Q 31 -37.22 25.10 -20.31
CA SER Q 31 -38.31 24.37 -19.68
C SER Q 31 -37.90 23.67 -18.39
N ASP Q 32 -36.60 23.63 -18.11
CA ASP Q 32 -36.08 22.93 -16.92
C ASP Q 32 -34.83 23.58 -16.27
N ALA Q 33 -33.86 23.95 -17.09
CA ALA Q 33 -32.63 24.55 -16.59
C ALA Q 33 -32.84 25.82 -15.76
N LEU Q 34 -33.08 26.94 -16.44
CA LEU Q 34 -33.28 28.21 -15.75
C LEU Q 34 -34.25 28.17 -14.57
N PRO Q 35 -35.50 27.77 -14.83
CA PRO Q 35 -36.50 27.70 -13.76
C PRO Q 35 -36.00 27.06 -12.45
N ASN Q 36 -34.90 26.31 -12.53
CA ASN Q 36 -34.32 25.68 -11.35
C ASN Q 36 -33.18 26.54 -10.86
N VAL Q 37 -32.48 27.16 -11.79
CA VAL Q 37 -31.39 28.03 -11.41
C VAL Q 37 -32.01 29.08 -10.50
N TRP Q 38 -33.23 29.47 -10.83
CA TRP Q 38 -33.93 30.46 -10.03
C TRP Q 38 -34.25 29.88 -8.64
N ARG Q 39 -35.12 28.88 -8.59
CA ARG Q 39 -35.52 28.26 -7.32
C ARG Q 39 -34.41 28.36 -6.29
N ARG Q 40 -33.26 27.85 -6.69
CA ARG Q 40 -32.10 27.84 -5.83
C ARG Q 40 -31.83 29.25 -5.34
N PHE Q 41 -31.59 30.16 -6.28
CA PHE Q 41 -31.31 31.55 -5.92
C PHE Q 41 -32.36 32.00 -4.90
N SER Q 42 -33.63 31.77 -5.21
CA SER Q 42 -34.70 32.17 -4.32
C SER Q 42 -34.54 31.67 -2.91
N SER Q 43 -34.53 30.34 -2.76
CA SER Q 43 -34.42 29.73 -1.45
C SER Q 43 -33.22 30.15 -0.60
N GLN Q 44 -32.12 30.52 -1.24
CA GLN Q 44 -30.89 30.89 -0.52
C GLN Q 44 -30.59 32.37 -0.27
N VAL Q 45 -31.14 33.25 -1.09
CA VAL Q 45 -30.86 34.67 -0.92
C VAL Q 45 -31.28 35.20 0.45
N PHE Q 46 -32.22 34.53 1.12
CA PHE Q 46 -32.69 34.98 2.43
C PHE Q 46 -31.87 34.57 3.65
N LYS Q 47 -30.84 33.76 3.43
CA LYS Q 47 -29.96 33.33 4.51
C LYS Q 47 -28.63 34.02 4.29
N VAL Q 48 -28.29 34.20 3.02
CA VAL Q 48 -27.03 34.84 2.61
C VAL Q 48 -27.05 36.36 2.66
N ALA Q 49 -27.80 36.99 1.75
CA ALA Q 49 -27.87 38.44 1.67
C ALA Q 49 -27.95 39.18 3.01
N PRO Q 50 -28.96 38.87 3.85
CA PRO Q 50 -29.09 39.55 5.14
C PRO Q 50 -27.79 40.03 5.77
N PRO Q 51 -26.97 39.10 6.29
CA PRO Q 51 -25.71 39.55 6.90
C PRO Q 51 -24.80 40.35 5.97
N PHE Q 52 -24.80 40.04 4.67
CA PHE Q 52 -23.96 40.80 3.75
C PHE Q 52 -24.45 42.23 3.70
N LEU Q 53 -25.75 42.38 3.49
CA LEU Q 53 -26.34 43.69 3.47
C LEU Q 53 -25.96 44.35 4.80
N GLY Q 54 -26.15 43.60 5.90
CA GLY Q 54 -25.82 44.09 7.23
C GLY Q 54 -24.42 44.69 7.27
N ALA Q 55 -23.50 44.06 6.57
CA ALA Q 55 -22.13 44.57 6.54
C ALA Q 55 -22.12 45.87 5.77
N TYR Q 56 -22.54 45.81 4.51
CA TYR Q 56 -22.58 46.97 3.64
C TYR Q 56 -22.95 48.21 4.43
N LEU Q 57 -24.06 48.13 5.13
CA LEU Q 57 -24.51 49.25 5.92
C LEU Q 57 -23.36 49.67 6.79
N LEU Q 58 -23.04 48.85 7.77
CA LEU Q 58 -21.96 49.16 8.69
C LEU Q 58 -20.75 49.78 8.01
N TYR Q 59 -20.41 49.31 6.81
CA TYR Q 59 -19.26 49.85 6.10
C TYR Q 59 -19.46 51.31 5.78
N SER Q 60 -20.59 51.61 5.16
CA SER Q 60 -20.92 52.98 4.78
C SER Q 60 -21.01 53.90 5.98
N TRP Q 61 -21.68 53.45 7.03
CA TRP Q 61 -21.77 54.28 8.21
C TRP Q 61 -20.39 54.62 8.68
N GLY Q 62 -19.65 53.60 9.08
CA GLY Q 62 -18.29 53.80 9.56
C GLY Q 62 -17.54 54.76 8.68
N THR Q 63 -17.60 54.55 7.36
CA THR Q 63 -16.91 55.41 6.41
C THR Q 63 -17.49 56.83 6.40
N GLN Q 64 -18.80 56.95 6.24
CA GLN Q 64 -19.46 58.25 6.24
C GLN Q 64 -19.23 59.04 7.53
N GLU Q 65 -19.25 58.34 8.66
CA GLU Q 65 -19.04 58.96 9.96
C GLU Q 65 -17.62 59.47 10.11
N PHE Q 66 -16.69 58.75 9.49
CA PHE Q 66 -15.28 59.13 9.55
C PHE Q 66 -15.02 60.38 8.71
N GLU Q 67 -15.49 60.39 7.47
CA GLU Q 67 -15.32 61.54 6.59
C GLU Q 67 -16.01 62.75 7.15
N ARG Q 68 -17.04 62.50 7.96
CA ARG Q 68 -17.81 63.56 8.60
C ARG Q 68 -16.97 64.20 9.70
N LEU Q 69 -16.32 63.37 10.51
CA LEU Q 69 -15.49 63.85 11.60
C LEU Q 69 -14.23 64.61 11.14
N LYS Q 70 -14.00 64.61 9.84
CA LYS Q 70 -12.85 65.30 9.29
C LYS Q 70 -13.18 66.76 9.02
N ARG Q 71 -14.44 67.01 8.66
CA ARG Q 71 -14.89 68.36 8.38
C ARG Q 71 -14.79 69.20 9.66
N LYS Q 72 -14.90 70.52 9.53
CA LYS Q 72 -14.82 71.40 10.69
C LYS Q 72 -16.16 71.95 11.15
N ASN Q 73 -16.31 72.00 12.48
CA ASN Q 73 -17.52 72.49 13.14
C ASN Q 73 -17.38 73.96 13.49
N PRO Q 74 -18.15 74.84 12.81
CA PRO Q 74 -18.11 76.28 13.05
C PRO Q 74 -18.20 76.73 14.51
N ALA Q 75 -18.99 76.04 15.32
CA ALA Q 75 -19.19 76.38 16.73
C ALA Q 75 -17.90 76.53 17.56
N ASP Q 76 -16.76 76.22 16.96
CA ASP Q 76 -15.48 76.34 17.65
C ASP Q 76 -14.78 77.63 17.23
N TYR Q 77 -15.22 78.19 16.10
CA TYR Q 77 -14.65 79.43 15.53
C TYR Q 77 -15.58 80.64 15.54
N GLU Q 78 -16.81 80.49 16.02
CA GLU Q 78 -17.75 81.61 16.08
C GLU Q 78 -17.48 82.43 17.34
N ASN Q 79 -16.37 82.09 18.01
CA ASN Q 79 -15.94 82.77 19.22
C ASN Q 79 -14.66 83.54 18.91
N GLU R 11 3.15 84.73 -26.83
CA GLU R 11 1.84 84.95 -26.14
C GLU R 11 0.75 84.10 -26.81
N LEU R 12 0.36 83.01 -26.12
CA LEU R 12 -0.67 82.07 -26.57
C LEU R 12 -1.46 81.70 -25.33
N VAL R 13 -2.62 81.06 -25.48
CA VAL R 13 -3.39 80.73 -24.29
C VAL R 13 -3.51 79.24 -23.99
N ASP R 14 -3.12 78.89 -22.76
CA ASP R 14 -3.16 77.52 -22.27
C ASP R 14 -4.61 77.13 -22.03
N PRO R 15 -5.18 76.32 -22.92
CA PRO R 15 -6.57 75.90 -22.76
C PRO R 15 -7.00 75.66 -21.32
N LEU R 16 -6.02 75.44 -20.45
CA LEU R 16 -6.32 75.20 -19.04
C LEU R 16 -6.95 76.44 -18.39
N THR R 17 -6.18 77.53 -18.32
CA THR R 17 -6.66 78.77 -17.72
C THR R 17 -7.95 79.29 -18.35
N THR R 18 -8.21 78.90 -19.60
CA THR R 18 -9.42 79.30 -20.32
C THR R 18 -10.64 78.55 -19.78
N ILE R 19 -10.46 77.26 -19.53
CA ILE R 19 -11.55 76.44 -19.02
C ILE R 19 -11.63 76.54 -17.51
N ARG R 20 -10.53 76.91 -16.86
CA ARG R 20 -10.52 77.05 -15.42
C ARG R 20 -11.44 78.23 -15.14
N GLU R 21 -11.53 79.13 -16.11
CA GLU R 21 -12.39 80.29 -16.01
C GLU R 21 -13.83 79.78 -16.11
N HIS R 22 -14.18 79.33 -17.32
CA HIS R 22 -15.50 78.80 -17.64
C HIS R 22 -16.14 78.00 -16.51
N CYS R 23 -15.40 77.06 -15.93
CA CYS R 23 -15.94 76.23 -14.85
C CYS R 23 -16.28 77.01 -13.58
N GLU R 24 -15.43 77.96 -13.20
CA GLU R 24 -15.68 78.75 -12.01
C GLU R 24 -17.06 79.42 -12.01
N GLN R 25 -17.82 79.22 -13.11
CA GLN R 25 -19.16 79.79 -13.28
C GLN R 25 -20.23 78.79 -12.85
N THR R 26 -19.95 77.50 -13.01
CA THR R 26 -20.89 76.45 -12.63
C THR R 26 -21.34 76.77 -11.21
N GLU R 27 -22.60 76.50 -10.92
CA GLU R 27 -23.11 76.78 -9.60
C GLU R 27 -22.25 76.17 -8.50
N LYS R 28 -22.03 74.86 -8.56
CA LYS R 28 -21.21 74.19 -7.55
C LYS R 28 -20.01 75.05 -7.16
N CYS R 29 -19.28 75.50 -8.17
CA CYS R 29 -18.09 76.33 -7.99
C CYS R 29 -18.36 77.58 -7.20
N VAL R 30 -19.20 78.45 -7.75
CA VAL R 30 -19.52 79.68 -7.07
C VAL R 30 -19.98 79.43 -5.65
N LYS R 31 -20.92 78.50 -5.47
CA LYS R 31 -21.42 78.20 -4.14
C LYS R 31 -20.29 77.97 -3.17
N ALA R 32 -19.28 77.23 -3.59
CA ALA R 32 -18.13 76.95 -2.74
C ALA R 32 -17.17 78.14 -2.79
N ARG R 33 -17.05 78.76 -3.95
CA ARG R 33 -16.19 79.91 -4.13
C ARG R 33 -16.57 80.97 -3.10
N GLU R 34 -17.87 81.19 -2.96
CA GLU R 34 -18.38 82.16 -1.99
C GLU R 34 -18.05 81.77 -0.55
N ARG R 35 -18.37 80.53 -0.19
CA ARG R 35 -18.11 80.04 1.17
C ARG R 35 -16.68 80.38 1.56
N LEU R 36 -15.76 80.25 0.61
CA LEU R 36 -14.36 80.54 0.84
C LEU R 36 -14.18 82.03 1.04
N GLU R 37 -14.56 82.80 0.02
CA GLU R 37 -14.45 84.25 0.06
C GLU R 37 -14.73 84.70 1.49
N LEU R 38 -15.80 84.15 2.05
CA LEU R 38 -16.24 84.48 3.40
C LEU R 38 -15.27 83.98 4.47
N CYS R 39 -14.85 82.72 4.36
CA CYS R 39 -13.92 82.18 5.33
C CYS R 39 -12.70 83.08 5.32
N ASP R 40 -12.11 83.23 4.14
CA ASP R 40 -10.91 84.05 3.92
C ASP R 40 -11.02 85.36 4.69
N ALA R 41 -12.15 86.03 4.54
CA ALA R 41 -12.40 87.29 5.19
C ALA R 41 -12.31 87.24 6.72
N ARG R 42 -13.22 86.50 7.36
CA ARG R 42 -13.22 86.42 8.80
C ARG R 42 -11.87 86.05 9.40
N VAL R 43 -11.15 85.18 8.70
CA VAL R 43 -9.84 84.74 9.19
C VAL R 43 -8.72 85.77 9.00
N SER R 44 -8.63 86.34 7.80
CA SER R 44 -7.59 87.33 7.51
C SER R 44 -7.69 88.54 8.44
N SER R 45 -8.92 88.88 8.82
CA SER R 45 -9.19 90.02 9.69
C SER R 45 -9.34 89.59 11.16
N ARG R 46 -8.31 88.91 11.67
CA ARG R 46 -8.33 88.43 13.07
C ARG R 46 -7.04 87.66 13.38
N SER R 47 -6.25 88.11 14.35
CA SER R 47 -5.00 87.40 14.67
C SER R 47 -4.78 87.03 16.15
N HIS R 48 -4.87 85.72 16.36
CA HIS R 48 -4.74 84.96 17.61
C HIS R 48 -5.93 84.06 17.35
N THR R 49 -5.80 83.26 16.29
CA THR R 49 -6.82 82.37 15.79
C THR R 49 -6.62 80.85 16.01
N GLU R 50 -6.61 80.11 14.90
CA GLU R 50 -6.46 78.66 14.84
C GLU R 50 -7.07 78.21 13.51
N GLU R 51 -8.26 78.71 13.20
CA GLU R 51 -8.96 78.37 11.96
C GLU R 51 -8.07 78.54 10.74
N GLN R 52 -8.39 77.79 9.70
CA GLN R 52 -7.66 77.82 8.42
C GLN R 52 -8.74 77.62 7.36
N CYS R 53 -8.55 78.16 6.17
CA CYS R 53 -9.56 77.99 5.13
C CYS R 53 -9.17 76.95 4.08
N THR R 54 -8.44 75.93 4.53
CA THR R 54 -8.02 74.84 3.66
C THR R 54 -9.29 74.17 3.18
N GLU R 55 -10.01 73.55 4.12
CA GLU R 55 -11.25 72.85 3.82
C GLU R 55 -12.02 73.56 2.71
N GLU R 56 -12.53 74.75 3.02
CA GLU R 56 -13.29 75.54 2.08
C GLU R 56 -12.59 75.57 0.72
N LEU R 57 -11.29 75.79 0.74
CA LEU R 57 -10.51 75.85 -0.49
C LEU R 57 -10.61 74.55 -1.27
N PHE R 58 -10.30 73.45 -0.60
CA PHE R 58 -10.36 72.17 -1.25
C PHE R 58 -11.71 72.01 -1.90
N ASP R 59 -12.75 72.10 -1.07
CA ASP R 59 -14.12 71.97 -1.55
C ASP R 59 -14.20 72.67 -2.87
N PHE R 60 -13.57 73.84 -2.94
CA PHE R 60 -13.59 74.60 -4.16
C PHE R 60 -12.79 73.94 -5.26
N LEU R 61 -11.47 73.90 -5.07
CA LEU R 61 -10.57 73.30 -6.05
C LEU R 61 -11.14 71.98 -6.53
N HIS R 62 -11.71 71.23 -5.58
CA HIS R 62 -12.30 69.93 -5.87
C HIS R 62 -13.35 70.07 -6.95
N ALA R 63 -14.40 70.81 -6.65
CA ALA R 63 -15.47 71.01 -7.62
C ALA R 63 -14.93 71.60 -8.92
N ARG R 64 -14.10 72.63 -8.80
CA ARG R 64 -13.53 73.29 -9.97
C ARG R 64 -12.83 72.30 -10.88
N ASP R 65 -11.65 71.89 -10.45
CA ASP R 65 -10.84 70.96 -11.21
C ASP R 65 -11.62 69.75 -11.73
N HIS R 66 -12.44 69.15 -10.88
CA HIS R 66 -13.21 67.99 -11.35
C HIS R 66 -13.81 68.36 -12.68
N CYS R 67 -14.40 69.57 -12.73
CA CYS R 67 -15.01 70.10 -13.94
C CYS R 67 -13.94 70.20 -15.03
N VAL R 68 -12.83 70.86 -14.72
CA VAL R 68 -11.74 71.03 -15.68
C VAL R 68 -11.41 69.70 -16.33
N ALA R 69 -11.44 68.65 -15.53
CA ALA R 69 -11.12 67.31 -15.97
C ALA R 69 -11.95 66.78 -17.13
N HIS R 70 -13.24 67.10 -17.16
CA HIS R 70 -14.13 66.62 -18.21
C HIS R 70 -13.90 67.19 -19.61
N LYS R 71 -13.38 68.41 -19.66
CA LYS R 71 -13.18 69.09 -20.93
C LYS R 71 -11.73 69.27 -21.37
N LEU R 72 -10.90 69.78 -20.45
CA LEU R 72 -9.50 70.06 -20.71
C LEU R 72 -8.82 69.24 -21.79
N PHE R 73 -8.87 67.92 -21.65
CA PHE R 73 -8.24 67.03 -22.60
C PHE R 73 -8.76 67.08 -24.03
N ASN R 74 -9.96 67.62 -24.22
CA ASN R 74 -10.53 67.71 -25.56
C ASN R 74 -9.68 68.68 -26.35
N LYS R 75 -9.33 69.79 -25.70
CA LYS R 75 -8.55 70.84 -26.33
C LYS R 75 -7.05 70.58 -26.39
N LEU R 76 -6.54 69.76 -25.48
CA LEU R 76 -5.12 69.45 -25.53
C LEU R 76 -4.88 68.48 -26.68
N LYS R 77 -3.67 68.48 -27.20
CA LYS R 77 -3.33 67.62 -28.32
C LYS R 77 -3.10 66.16 -27.94
N UNK S 1 -28.34 -19.68 -39.29
CA UNK S 1 -28.59 -19.88 -37.84
C UNK S 1 -27.74 -18.93 -36.96
N UNK S 2 -27.46 -19.34 -35.73
CA UNK S 2 -26.66 -18.55 -34.79
C UNK S 2 -25.33 -19.26 -34.44
N UNK S 3 -24.84 -20.07 -35.38
CA UNK S 3 -23.58 -20.79 -35.20
CA UNK S 4 -18.67 -20.70 -33.94
CA UNK S 5 -18.03 -19.95 -30.83
N UNK S 6 -16.94 -30.84 -28.22
CA UNK S 6 -18.03 -30.28 -29.03
C UNK S 6 -17.88 -28.76 -29.24
N UNK S 7 -18.27 -28.29 -30.42
CA UNK S 7 -18.20 -26.86 -30.76
C UNK S 7 -19.33 -26.09 -30.04
N UNK S 8 -20.38 -26.83 -29.65
CA UNK S 8 -21.53 -26.26 -28.93
C UNK S 8 -21.37 -26.76 -27.47
N UNK S 9 -22.45 -26.81 -26.70
CA UNK S 9 -22.32 -27.26 -25.32
C UNK S 9 -23.06 -26.37 -24.35
N UNK S 10 -23.70 -26.98 -23.35
CA UNK S 10 -24.46 -26.20 -22.38
C UNK S 10 -23.62 -25.47 -21.35
N UNK S 11 -22.73 -24.60 -21.84
CA UNK S 11 -21.81 -23.77 -21.01
C UNK S 11 -22.18 -23.65 -19.52
N UNK S 12 -21.32 -24.21 -18.67
N UNK S 13 -22.70 -24.37 -16.57
CA UNK S 13 -22.66 -23.25 -15.64
C UNK S 13 -21.42 -23.31 -14.76
N UNK S 14 -21.60 -23.10 -13.43
CA UNK S 14 -20.70 -23.07 -12.27
C UNK S 14 -21.32 -22.37 -11.06
N UNK S 15 -20.79 -22.69 -9.89
CA UNK S 15 -21.29 -22.09 -8.66
C UNK S 15 -20.16 -22.01 -7.66
N UNK S 16 -20.46 -21.52 -6.47
CA UNK S 16 -19.46 -21.37 -5.41
C UNK S 16 -19.53 -22.55 -4.40
N UNK S 17 -18.38 -22.88 -3.81
CA UNK S 17 -18.28 -23.98 -2.83
C UNK S 17 -17.72 -23.60 -1.45
N UNK S 18 -17.25 -24.62 -0.72
CA UNK S 18 -16.70 -24.47 0.63
C UNK S 18 -15.21 -24.10 0.60
CA ARG S 21 -34.40 -21.49 -9.99
C ARG S 21 -35.48 -22.43 -9.47
N PRO S 22 -36.05 -22.14 -8.28
CA PRO S 22 -37.11 -22.93 -7.64
C PRO S 22 -38.17 -23.51 -8.58
N LEU S 23 -38.47 -24.80 -8.40
CA LEU S 23 -39.45 -25.52 -9.22
C LEU S 23 -40.79 -25.69 -8.48
N LEU S 24 -41.92 -25.54 -9.20
CA LEU S 24 -43.24 -25.68 -8.58
C LEU S 24 -44.41 -26.10 -9.50
N CYS S 25 -44.13 -26.51 -10.75
CA CYS S 25 -45.20 -26.93 -11.68
C CYS S 25 -44.76 -28.07 -12.61
N ARG S 26 -45.68 -28.99 -12.93
CA ARG S 26 -45.39 -30.13 -13.79
C ARG S 26 -44.74 -29.81 -15.13
N GLU S 27 -45.18 -28.73 -15.78
CA GLU S 27 -44.64 -28.32 -17.09
C GLU S 27 -43.16 -27.92 -17.09
N SER S 28 -42.48 -28.12 -15.96
CA SER S 28 -41.07 -27.79 -15.83
C SER S 28 -40.28 -28.98 -15.25
N MET S 29 -40.83 -30.17 -15.44
CA MET S 29 -40.23 -31.41 -14.97
C MET S 29 -40.50 -32.53 -15.96
N SER S 30 -41.57 -33.30 -15.70
CA SER S 30 -41.98 -34.43 -16.53
C SER S 30 -40.86 -35.10 -17.33
N GLY S 31 -40.34 -36.20 -16.80
CA GLY S 31 -39.27 -36.94 -17.47
C GLY S 31 -37.95 -36.95 -16.74
N ARG S 32 -37.80 -36.09 -15.74
CA ARG S 32 -36.57 -36.00 -14.97
C ARG S 32 -36.53 -37.07 -13.87
N SER S 33 -36.83 -38.31 -14.23
CA SER S 33 -36.83 -39.41 -13.25
C SER S 33 -35.75 -40.45 -13.58
N ALA S 34 -34.71 -40.01 -14.28
CA ALA S 34 -33.61 -40.87 -14.68
C ALA S 34 -34.07 -41.83 -15.77
N ARG S 35 -34.10 -41.34 -17.02
CA ARG S 35 -34.51 -42.16 -18.16
C ARG S 35 -33.70 -43.47 -18.09
N ARG S 36 -32.42 -43.34 -17.72
CA ARG S 36 -31.52 -44.49 -17.59
C ARG S 36 -30.17 -44.12 -16.91
N ASP S 37 -29.16 -44.98 -17.07
CA ASP S 37 -27.83 -44.79 -16.47
C ASP S 37 -27.29 -43.35 -16.40
N LEU S 38 -26.36 -43.13 -15.47
CA LEU S 38 -25.78 -41.81 -15.24
C LEU S 38 -24.38 -41.75 -15.85
N VAL S 39 -24.27 -41.21 -17.05
CA VAL S 39 -22.98 -41.12 -17.75
C VAL S 39 -22.30 -39.78 -17.60
N ALA S 40 -21.14 -39.77 -16.97
CA ALA S 40 -20.41 -38.53 -16.80
C ALA S 40 -19.48 -38.33 -17.97
N GLY S 41 -19.53 -37.15 -18.54
CA GLY S 41 -18.65 -36.85 -19.65
C GLY S 41 -17.95 -35.54 -19.37
N ILE S 42 -16.79 -35.36 -19.98
CA ILE S 42 -16.02 -34.14 -19.82
C ILE S 42 -15.24 -33.93 -21.07
N SER S 43 -15.16 -32.68 -21.50
CA SER S 43 -14.45 -32.43 -22.72
C SER S 43 -13.39 -31.40 -22.50
N LEU S 44 -12.41 -31.40 -23.40
CA LEU S 44 -11.33 -30.46 -23.32
C LEU S 44 -11.69 -29.18 -24.09
N ASN S 45 -12.84 -29.17 -24.76
CA ASN S 45 -13.26 -27.98 -25.51
C ASN S 45 -14.70 -27.56 -25.22
N ALA S 46 -15.50 -28.49 -24.72
CA ALA S 46 -16.91 -28.23 -24.40
C ALA S 46 -17.13 -28.36 -22.88
N PRO S 47 -18.37 -28.12 -22.40
CA PRO S 47 -18.71 -28.20 -20.96
C PRO S 47 -18.70 -29.58 -20.26
N ALA S 48 -19.37 -29.62 -19.11
CA ALA S 48 -19.48 -30.82 -18.28
C ALA S 48 -20.95 -31.25 -18.14
N SER S 49 -21.33 -32.26 -18.93
CA SER S 49 -22.69 -32.80 -18.96
C SER S 49 -22.88 -34.09 -18.15
N VAL S 50 -24.14 -34.44 -17.86
CA VAL S 50 -24.46 -35.64 -17.07
C VAL S 50 -25.90 -36.19 -17.29
N ARG S 51 -26.04 -37.52 -17.45
CA ARG S 51 -27.33 -38.18 -17.68
C ARG S 51 -27.93 -38.78 -16.42
N ALA T 1 -21.97 15.14 -46.31
CA ALA T 1 -22.15 15.81 -44.98
C ALA T 1 -20.78 16.10 -44.39
N LEU T 2 -20.50 17.36 -44.05
CA LEU T 2 -19.19 17.68 -43.48
C LEU T 2 -18.89 16.94 -42.19
N LEU T 3 -19.85 16.88 -41.29
CA LEU T 3 -19.59 16.24 -40.02
C LEU T 3 -19.27 14.80 -40.23
N ARG T 4 -19.97 14.14 -41.14
CA ARG T 4 -19.70 12.74 -41.37
C ARG T 4 -18.33 12.61 -41.97
N GLN T 5 -18.07 13.33 -43.07
CA GLN T 5 -16.75 13.27 -43.71
C GLN T 5 -15.71 13.57 -42.63
N ALA T 6 -16.07 14.49 -41.74
CA ALA T 6 -15.18 14.89 -40.63
C ALA T 6 -14.88 13.70 -39.74
N TYR T 7 -15.96 13.14 -39.20
CA TYR T 7 -15.86 12.00 -38.31
C TYR T 7 -15.15 10.84 -38.97
N SER T 8 -15.35 10.65 -40.27
CA SER T 8 -14.71 9.52 -40.94
C SER T 8 -13.19 9.69 -41.15
N ALA T 9 -12.81 10.74 -41.86
CA ALA T 9 -11.39 10.99 -42.15
C ALA T 9 -10.58 11.70 -41.05
N LEU T 10 -11.23 12.18 -39.98
CA LEU T 10 -10.50 12.86 -38.92
C LEU T 10 -10.69 12.32 -37.53
N PHE T 11 -11.75 12.76 -36.87
CA PHE T 11 -12.02 12.35 -35.51
C PHE T 11 -12.12 10.84 -35.21
N ARG T 12 -11.98 9.97 -36.21
CA ARG T 12 -12.10 8.54 -35.93
C ARG T 12 -10.79 7.91 -35.52
N ARG T 13 -9.91 7.70 -36.48
CA ARG T 13 -8.60 7.10 -36.20
C ARG T 13 -7.88 8.01 -35.19
N THR T 14 -7.58 7.47 -34.01
CA THR T 14 -6.90 8.24 -32.99
C THR T 14 -5.60 8.84 -33.56
N SER T 15 -5.02 8.12 -34.51
CA SER T 15 -3.79 8.57 -35.15
C SER T 15 -3.99 9.86 -35.96
N THR T 16 -5.05 9.92 -36.76
CA THR T 16 -5.30 11.10 -37.55
C THR T 16 -5.96 12.21 -36.75
N PHE T 17 -6.63 11.85 -35.65
CA PHE T 17 -7.28 12.86 -34.80
C PHE T 17 -6.18 13.79 -34.42
N ALA T 18 -5.15 13.23 -33.80
CA ALA T 18 -4.00 13.99 -33.40
C ALA T 18 -3.44 14.78 -34.58
N LEU T 19 -2.98 14.07 -35.61
CA LEU T 19 -2.44 14.72 -36.79
C LEU T 19 -3.25 15.95 -37.22
N THR T 20 -4.50 16.01 -36.80
CA THR T 20 -5.34 17.15 -37.14
C THR T 20 -5.09 18.28 -36.19
N VAL T 21 -5.20 18.03 -34.89
CA VAL T 21 -4.99 19.09 -33.90
C VAL T 21 -3.70 19.83 -34.20
N VAL T 22 -2.69 19.09 -34.68
CA VAL T 22 -1.38 19.66 -35.02
C VAL T 22 -1.49 20.59 -36.23
N LEU T 23 -1.69 20.02 -37.41
CA LEU T 23 -1.82 20.81 -38.62
C LEU T 23 -2.92 21.85 -38.41
N GLY T 24 -3.85 21.52 -37.53
CA GLY T 24 -4.96 22.40 -37.22
C GLY T 24 -4.47 23.59 -36.44
N ALA T 25 -4.05 23.37 -35.20
CA ALA T 25 -3.55 24.46 -34.37
C ALA T 25 -2.70 25.41 -35.23
N VAL T 26 -1.75 24.83 -35.96
CA VAL T 26 -0.90 25.59 -36.85
C VAL T 26 -1.64 26.72 -37.53
N LEU T 27 -2.62 26.38 -38.34
CA LEU T 27 -3.41 27.37 -39.04
C LEU T 27 -4.01 28.34 -38.04
N PHE T 28 -4.61 27.80 -36.99
CA PHE T 28 -5.26 28.63 -35.99
C PHE T 28 -4.36 29.72 -35.50
N GLU T 29 -3.17 29.36 -35.05
CA GLU T 29 -2.21 30.34 -34.57
C GLU T 29 -2.10 31.39 -35.68
N ARG T 30 -1.32 31.05 -36.71
CA ARG T 30 -1.09 31.91 -37.87
C ARG T 30 -2.25 32.88 -38.05
N ALA T 31 -3.47 32.34 -38.13
CA ALA T 31 -4.65 33.18 -38.32
C ALA T 31 -4.98 34.03 -37.11
N PHE T 32 -5.18 33.40 -35.97
CA PHE T 32 -5.53 34.16 -34.78
C PHE T 32 -4.62 35.36 -34.61
N ASP T 33 -3.31 35.10 -34.50
CA ASP T 33 -2.33 36.17 -34.32
C ASP T 33 -2.68 37.38 -35.19
N GLN T 34 -2.76 37.14 -36.50
CA GLN T 34 -3.09 38.20 -37.44
C GLN T 34 -4.30 39.02 -36.98
N GLY T 35 -5.39 38.31 -36.73
CA GLY T 35 -6.59 39.00 -36.30
C GLY T 35 -6.36 39.92 -35.13
N ALA T 36 -5.99 39.35 -33.99
CA ALA T 36 -5.75 40.12 -32.76
C ALA T 36 -4.80 41.29 -33.00
N ASP T 37 -3.74 41.03 -33.75
CA ASP T 37 -2.78 42.08 -34.05
C ASP T 37 -3.55 43.18 -34.79
N ALA T 38 -4.31 42.77 -35.79
CA ALA T 38 -5.10 43.72 -36.56
C ALA T 38 -6.16 44.42 -35.69
N ILE T 39 -6.94 43.66 -34.92
CA ILE T 39 -7.96 44.27 -34.07
C ILE T 39 -7.36 45.26 -33.13
N PHE T 40 -6.09 45.03 -32.79
CA PHE T 40 -5.37 45.90 -31.86
C PHE T 40 -4.76 47.11 -32.53
N GLU T 41 -3.93 46.87 -33.54
CA GLU T 41 -3.31 47.97 -34.25
C GLU T 41 -4.38 48.92 -34.81
N HIS T 42 -5.59 48.39 -34.97
CA HIS T 42 -6.72 49.18 -35.49
C HIS T 42 -7.34 50.04 -34.38
N LEU T 43 -7.51 49.47 -33.19
CA LEU T 43 -8.09 50.21 -32.08
C LEU T 43 -7.15 51.30 -31.57
N ASN T 44 -5.90 51.24 -32.02
CA ASN T 44 -4.92 52.23 -31.60
C ASN T 44 -4.27 52.87 -32.82
N GLU T 45 -5.08 53.31 -33.78
CA GLU T 45 -4.53 53.91 -34.99
C GLU T 45 -3.75 55.18 -34.71
N GLY T 46 -2.66 55.33 -35.45
CA GLY T 46 -1.80 56.50 -35.32
C GLY T 46 -1.16 56.73 -33.97
N LYS T 47 -1.10 55.71 -33.12
CA LYS T 47 -0.49 55.87 -31.80
C LYS T 47 0.70 54.95 -31.63
N LEU T 48 0.83 53.97 -32.52
CA LEU T 48 1.92 53.01 -32.44
C LEU T 48 3.12 53.46 -33.22
N TRP T 49 4.29 53.11 -32.72
CA TRP T 49 5.54 53.47 -33.37
C TRP T 49 5.51 52.99 -34.80
N LYS T 50 4.78 51.92 -35.06
CA LYS T 50 4.71 51.40 -36.41
C LYS T 50 3.99 52.42 -37.32
N HIS T 51 3.23 53.34 -36.71
CA HIS T 51 2.48 54.39 -37.43
C HIS T 51 3.24 55.72 -37.56
N ILE T 52 3.94 56.07 -36.49
CA ILE T 52 4.74 57.29 -36.42
C ILE T 52 6.05 57.10 -37.19
N LYS T 53 6.54 55.86 -37.22
CA LYS T 53 7.80 55.50 -37.86
C LYS T 53 8.31 56.33 -39.03
N HIS T 54 7.49 56.60 -40.04
CA HIS T 54 7.96 57.37 -41.20
C HIS T 54 8.32 58.86 -41.03
N LYS T 55 7.96 59.47 -39.89
CA LYS T 55 8.26 60.88 -39.67
C LYS T 55 9.73 61.15 -39.31
N TYR T 56 10.49 60.08 -39.11
CA TYR T 56 11.89 60.21 -38.74
C TYR T 56 12.73 59.22 -39.55
N GLU T 57 12.10 58.13 -39.96
CA GLU T 57 12.80 57.12 -40.76
C GLU T 57 13.15 57.77 -42.08
N ALA T 58 14.30 58.43 -42.13
CA ALA T 58 14.77 59.09 -43.33
C ALA T 58 14.86 58.05 -44.43
N SER T 59 14.01 58.20 -45.45
CA SER T 59 13.97 57.27 -46.59
C SER T 59 13.57 57.95 -47.90
C13 PEE U . 18.75 2.89 16.44
C12 PEE U . 18.26 3.51 17.76
C11 PEE U . 17.53 2.45 18.64
C10 PEE U . 16.07 2.81 19.00
O4 PEE U . 15.13 2.56 18.21
O2 PEE U . 15.92 3.42 20.29
C2 PEE U . 14.54 3.40 20.90
C1 PEE U . 14.32 2.10 21.77
O3P PEE U . 13.63 1.00 21.06
P PEE U . 13.66 -0.56 21.56
O2P PEE U . 14.78 -0.73 22.73
O1P PEE U . 14.08 -1.50 20.32
O4P PEE U . 12.17 -1.03 22.12
C4 PEE U . 11.22 -0.16 22.84
C5 PEE U . 9.95 -0.89 23.36
C3 PEE U . 14.22 4.75 21.66
O3 PEE U . 12.82 4.85 22.16
C30 PEE U . 11.85 5.23 21.20
O5 PEE U . 11.94 6.24 20.48
C31 PEE U . 10.63 4.27 21.12
C32 PEE U . 9.73 4.22 22.37
C1 BOG V . 7.25 2.08 0.91
O1 BOG V . 8.37 2.53 1.61
C2 BOG V . 6.57 0.90 1.68
O5 BOG V . 6.35 3.21 0.75
C1' BOG V . 9.52 2.99 0.86
C2' BOG V . 10.09 4.22 1.54
C3' BOG V . 11.50 3.99 2.05
C4' BOG V . 12.13 5.34 2.32
C5' BOG V . 12.34 5.62 3.80
C6' BOG V . 11.31 6.60 4.34
C7' BOG V . 11.71 7.08 5.71
C8' BOG V . 10.65 8.02 6.13
N1 AZI W . 37.73 29.61 -2.08
N2 AZI W . 37.44 30.38 -1.24
N3 AZI W . 37.16 31.15 -0.39
CHA HEM X . 28.63 24.77 -2.51
CHB HEM X . 28.08 20.11 -3.26
CHC HEM X . 23.63 20.50 -1.61
CHD HEM X . 24.24 25.08 -0.90
C1A HEM X . 28.86 23.48 -2.82
C2A HEM X . 30.04 23.03 -3.45
C3A HEM X . 29.84 21.78 -3.80
C4A HEM X . 28.57 21.40 -3.21
CMA HEM X . 30.76 20.88 -4.67
CAA HEM X . 31.28 23.82 -3.69
CBA HEM X . 32.00 23.65 -2.37
CGA HEM X . 33.30 24.45 -2.29
O1A HEM X . 33.23 25.70 -2.38
O2A HEM X . 34.38 23.82 -2.13
C1B HEM X . 26.84 19.76 -2.81
C2B HEM X . 26.18 18.41 -2.97
C3B HEM X . 25.02 18.49 -2.31
C4B HEM X . 24.83 19.93 -1.99
CMB HEM X . 26.58 17.12 -3.68
CAB HEM X . 24.14 17.49 -2.18
CBB HEM X . 23.10 17.55 -3.26
C1C HEM X . 23.40 21.86 -1.37
C2C HEM X . 22.10 22.30 -0.98
C3C HEM X . 22.30 23.60 -0.68
C4C HEM X . 23.69 23.89 -0.95
CMC HEM X . 20.91 21.37 -0.75
CAC HEM X . 21.33 24.41 -0.17
CBC HEM X . 20.11 24.56 -1.08
C1D HEM X . 25.47 25.41 -1.32
C2D HEM X . 26.10 26.73 -1.15
C3D HEM X . 27.28 26.65 -1.67
C4D HEM X . 27.45 25.27 -2.06
CMD HEM X . 25.65 28.03 -0.43
CAD HEM X . 28.15 27.87 -1.83
CBD HEM X . 29.09 28.21 -0.68
CGD HEM X . 30.31 27.32 -0.67
O1D HEM X . 30.90 27.12 -1.76
O2D HEM X . 30.67 26.82 0.41
NA HEM X . 27.93 22.49 -2.69
NB HEM X . 25.97 20.71 -2.24
NC HEM X . 24.35 22.85 -1.38
ND HEM X . 26.31 24.53 -1.82
FE HEM X . 26.12 22.67 -1.98
CHA HEM Y . 19.99 -0.11 -2.77
CHB HEM Y . 20.40 4.38 -1.47
CHC HEM Y . 22.37 5.37 -5.68
CHD HEM Y . 21.94 0.90 -7.03
C1A HEM Y . 19.88 1.06 -2.04
C2A HEM Y . 19.68 1.08 -0.65
C3A HEM Y . 19.65 2.32 -0.33
C4A HEM Y . 20.09 3.05 -1.47
CMA HEM Y . 19.18 2.82 1.02
CAA HEM Y . 19.40 -0.07 0.23
CBA HEM Y . 20.52 -0.60 1.10
CGA HEM Y . 21.68 -1.11 0.29
O1A HEM Y . 22.73 -0.42 0.30
O2A HEM Y . 21.56 -2.19 -0.35
C1B HEM Y . 20.92 5.09 -2.52
C2B HEM Y . 21.21 6.58 -2.53
C3B HEM Y . 21.56 6.82 -3.82
C4B HEM Y . 21.79 5.53 -4.45
CMB HEM Y . 21.12 7.58 -1.37
CAB HEM Y . 21.58 7.99 -4.54
CBB HEM Y . 21.49 9.26 -3.85
C1C HEM Y . 22.39 4.22 -6.42
C2C HEM Y . 23.25 4.12 -7.56
C3C HEM Y . 23.21 2.85 -7.90
C4C HEM Y . 22.26 2.21 -7.01
CMC HEM Y . 24.03 5.26 -8.20
CAC HEM Y . 23.90 2.31 -8.94
CBC HEM Y . 23.50 2.71 -10.36
C1D HEM Y . 21.28 0.26 -6.03
C2D HEM Y . 20.95 -1.12 -6.01
C3D HEM Y . 20.51 -1.49 -4.82
C4D HEM Y . 20.48 -0.24 -4.09
CMD HEM Y . 21.21 -2.06 -7.15
CAD HEM Y . 20.16 -2.90 -4.45
CBD HEM Y . 20.80 -3.28 -3.16
CGD HEM Y . 21.02 -4.77 -3.06
O1D HEM Y . 21.84 -5.28 -3.86
O2D HEM Y . 20.40 -5.42 -2.18
NA HEM Y . 20.25 2.27 -2.55
NB HEM Y . 21.24 4.49 -3.74
NC HEM Y . 21.85 3.05 -6.04
ND HEM Y . 20.93 0.83 -4.87
FE HEM Y . 21.10 2.66 -4.34
C5 ICX Z . 29.57 16.87 -14.57
C4 ICX Z . 30.83 16.28 -14.61
C3 ICX Z . 31.36 15.76 -15.80
C7 ICX Z . 32.71 15.14 -15.83
C8 ICX Z . 33.74 16.08 -16.41
C9 ICX Z . 34.25 17.14 -15.60
C10 ICX Z . 35.22 18.06 -16.08
C11 ICX Z . 35.71 17.94 -17.43
C12 ICX Z . 35.21 16.88 -18.25
C13 ICX Z . 34.23 15.97 -17.74
C23 ICX Z . 36.73 18.87 -17.99
O24 ICX Z . 37.23 18.65 -19.12
N25 ICX Z . 37.11 19.96 -17.22
C26 ICX Z . 38.03 20.85 -17.67
C27 ICX Z . 38.32 22.01 -17.10
C28 ICX Z . 37.76 22.63 -15.88
C29 ICX Z . 38.55 22.22 -14.67
C30 ICX Z . 37.71 22.26 -13.38
C31 ICX Z . 36.50 21.41 -13.46
O32 ICX Z . 36.26 20.54 -14.32
N33 ICX Z . 35.67 21.73 -12.43
C34 ICX Z . 34.42 21.10 -12.20
C35 ICX Z . 34.54 20.19 -11.01
O36 ICX Z . 35.48 19.43 -10.81
O37 ICX Z . 33.44 20.39 -10.23
C38 ICX Z . 33.40 19.60 -9.06
C2 ICX Z . 30.56 15.85 -16.97
C1 ICX Z . 29.27 16.45 -16.95
C6 ICX Z . 28.79 16.98 -15.73
I1 ICX Z . 26.93 17.87 -15.63
C1 UQ AA . 18.55 -0.53 4.32
C2 UQ AA . 18.12 -1.90 3.74
C3 UQ AA . 16.86 -2.08 3.17
C4 UQ AA . 15.85 -0.89 3.11
C5 UQ AA . 16.26 0.51 3.69
C6 UQ AA . 17.55 0.69 4.28
CM5 UQ AA . 15.20 1.64 3.61
CM3 UQ AA . 15.72 -4.26 3.53
CM2 UQ AA . 19.14 -3.66 5.11
C7 UQ AA . 18.12 2.03 4.93
C8 UQ AA . 17.67 3.42 4.46
C9 UQ AA . 17.71 4.58 5.18
C10 UQ AA . 18.26 4.56 6.60
C11 UQ AA . 17.24 5.93 4.69
C12 UQ AA . 15.79 6.33 5.05
O2 UQ AA . 19.06 -2.99 3.81
O3 UQ AA . 16.44 -3.35 2.63
O4 UQ AA . 14.74 -1.05 2.61
O1 UQ AA . 19.68 -0.40 4.83
C27 PEE BA . 21.08 17.06 13.79
C26 PEE BA . 21.58 15.99 14.76
C25 PEE BA . 23.09 15.71 14.57
C24 PEE BA . 23.62 14.73 15.64
C23 PEE BA . 25.09 14.32 15.45
C22 PEE BA . 25.50 13.08 16.24
C21 PEE BA . 26.50 12.23 15.91
C20 PEE BA . 26.40 10.99 15.04
C19 PEE BA . 26.19 9.69 15.81
C18 PEE BA . 25.15 8.84 15.73
C17 PEE BA . 24.85 7.68 16.67
C16 PEE BA . 23.51 7.89 17.44
C15 PEE BA . 22.72 6.60 17.75
C14 PEE BA . 22.83 6.13 19.22
C13 PEE BA . 22.04 4.84 19.54
C12 PEE BA . 22.05 4.44 21.03
C11 PEE BA . 20.61 4.32 21.61
C10 PEE BA . 19.87 2.98 21.28
O4 PEE BA . 20.44 2.05 20.68
O2 PEE BA . 18.51 2.95 21.70
C2 PEE BA . 18.12 2.21 22.94
C1 PEE BA . 18.68 0.74 22.99
O3P PEE BA . 17.86 -0.21 23.75
P PEE BA . 18.43 -0.93 25.10
O2P PEE BA . 20.04 -0.80 25.18
O1P PEE BA . 18.05 -2.51 25.01
O4P PEE BA . 17.73 -0.25 26.46
C4 PEE BA . 16.93 -0.98 27.49
C5 PEE BA . 16.66 -0.18 28.80
N PEE BA . 16.27 -1.06 29.91
C3 PEE BA . 18.42 3.05 24.23
O3 PEE BA . 17.78 2.55 25.48
C30 PEE BA . 16.37 2.72 25.63
O5 PEE BA . 15.62 1.82 26.07
C31 PEE BA . 15.80 4.12 25.19
C32 PEE BA . 16.04 5.27 26.21
C33 PEE BA . 16.97 6.33 25.65
C34 PEE BA . 17.44 7.29 26.75
C35 PEE BA . 18.06 8.57 26.17
C36 PEE BA . 17.40 9.84 26.74
C37 PEE BA . 17.58 11.06 25.81
C38 PEE BA . 18.69 12.01 26.29
C39 PEE BA . 18.76 13.37 25.55
C40 PEE BA . 19.14 14.57 26.46
C41 PEE BA . 20.12 15.57 25.79
C42 PEE BA . 20.58 16.66 26.78
C43 PEE BA . 22.11 16.79 26.94
C44 PEE BA . 22.61 17.81 27.98
C45 PEE BA . 24.11 18.09 27.90
C46 PEE BA . 24.52 19.27 28.79
C26 PEE CA . 31.49 5.00 -12.76
C25 PEE CA . 31.53 3.44 -12.88
C24 PEE CA . 31.79 2.72 -11.51
C23 PEE CA . 32.10 1.19 -11.62
C22 PEE CA . 32.26 0.46 -10.28
C21 PEE CA . 33.37 0.41 -9.51
C20 PEE CA . 33.75 1.36 -8.38
C19 PEE CA . 34.96 0.94 -7.57
C18 PEE CA . 35.02 0.56 -6.28
C17 PEE CA . 35.40 -0.82 -5.71
C16 PEE CA . 34.50 -1.24 -4.52
C15 PEE CA . 33.78 -2.61 -4.67
C14 PEE CA . 34.00 -3.56 -3.48
C13 PEE CA . 32.95 -4.67 -3.29
C12 PEE CA . 33.48 -6.07 -3.66
C11 PEE CA . 33.02 -7.15 -2.68
C10 PEE CA . 34.14 -7.68 -1.72
O4 PEE CA . 34.37 -7.13 -0.61
O2 PEE CA . 34.84 -8.81 -2.20
C2 PEE CA . 35.59 -9.61 -1.20
C1 PEE CA . 35.06 -11.06 -1.19
O3P PEE CA . 33.63 -11.17 -0.91
P PEE CA . 32.84 -12.57 -1.17
O2P PEE CA . 33.39 -13.27 -2.51
O1P PEE CA . 31.29 -12.21 -1.33
O4P PEE CA . 33.01 -13.61 0.13
C4 PEE CA . 31.88 -14.28 0.86
C5 PEE CA . 32.06 -14.37 2.41
N PEE CA . 33.29 -15.12 2.80
C3 PEE CA . 37.15 -9.57 -1.42
O3 PEE CA . 37.72 -8.22 -1.58
C30 PEE CA . 38.13 -7.59 -0.39
O5 PEE CA . 37.76 -7.91 0.74
C31 PEE CA . 39.11 -6.40 -0.62
C32 PEE CA . 38.47 -5.00 -0.44
C33 PEE CA . 39.32 -3.87 -1.08
C34 PEE CA . 38.44 -2.72 -1.65
C35 PEE CA . 39.12 -1.36 -1.57
C36 PEE CA . 38.56 -0.37 -2.61
C37 PEE CA . 39.65 0.13 -3.60
C38 PEE CA . 39.92 1.67 -3.46
C39 PEE CA . 39.71 2.49 -4.78
C40 PEE CA . 38.76 3.72 -4.63
C41 PEE CA . 37.83 3.91 -5.85
C42 PEE CA . 38.48 4.84 -6.92
C43 PEE CA . 37.51 5.88 -7.55
C44 PEE CA . 37.55 6.05 -9.09
C45 PEE CA . 36.27 6.62 -9.70
C46 PEE CA . 35.22 5.52 -9.96
C1 BOG DA . 38.30 28.59 21.66
O1 BOG DA . 39.62 28.99 21.99
C2 BOG DA . 37.58 28.00 22.92
O2 BOG DA . 38.28 26.87 23.43
C3 BOG DA . 36.14 27.60 22.56
O3 BOG DA . 35.47 27.06 23.70
C4 BOG DA . 35.39 28.85 22.01
O4 BOG DA . 34.03 28.51 21.67
C5 BOG DA . 36.15 29.43 20.77
O5 BOG DA . 37.55 29.75 21.13
C6 BOG DA . 35.48 30.71 20.20
O6 BOG DA . 34.71 30.47 19.03
C1' BOG DA . 40.40 29.78 21.05
C2' BOG DA . 40.31 31.26 21.43
C3' BOG DA . 41.15 32.16 20.54
C4' BOG DA . 40.50 32.25 19.18
C5' BOG DA . 41.44 32.78 18.10
C6' BOG DA . 42.45 31.73 17.65
C7' BOG DA . 43.18 32.23 16.42
C8' BOG DA . 44.14 31.18 16.03
FE HEC EA . 55.67 40.38 -3.06
CHA HEC EA . 54.42 38.51 -5.57
CHB HEC EA . 55.26 37.90 -0.95
CHC HEC EA . 56.76 42.31 -0.37
CHD HEC EA . 56.04 42.91 -5.11
NA HEC EA . 54.98 38.61 -3.25
C1A HEC EA . 54.52 37.97 -4.34
C2A HEC EA . 54.34 36.57 -4.12
C3A HEC EA . 54.42 36.43 -2.83
C4A HEC EA . 54.87 37.69 -2.27
CMA HEC EA . 54.22 35.06 -2.20
CAA HEC EA . 54.32 35.38 -5.02
CBA HEC EA . 53.68 35.39 -6.37
CGA HEC EA . 53.64 34.00 -6.96
O1A HEC EA . 53.00 33.81 -8.01
O2A HEC EA . 54.26 33.08 -6.37
NB HEC EA . 56.07 40.19 -1.09
C1B HEC EA . 55.83 39.05 -0.36
C2B HEC EA . 56.17 39.22 1.05
C3B HEC EA . 56.57 40.44 1.20
C4B HEC EA . 56.51 41.04 -0.10
CMB HEC EA . 55.96 38.28 2.22
CAB HEC EA . 56.69 41.20 2.48
CBB HEC EA . 57.61 40.48 3.45
NC HEC EA . 56.31 42.18 -2.80
C1C HEC EA . 56.66 42.86 -1.63
C2C HEC EA . 56.84 44.31 -1.85
C3C HEC EA . 56.68 44.45 -3.18
C4C HEC EA . 56.38 43.13 -3.78
CMC HEC EA . 57.02 45.47 -0.86
CAC HEC EA . 56.55 45.69 -4.07
CBC HEC EA . 58.07 46.00 -4.21
ND HEC EA . 55.37 40.65 -4.94
C1D HEC EA . 55.56 41.77 -5.67
C2D HEC EA . 55.31 41.51 -7.10
C3D HEC EA . 54.88 40.23 -7.23
C4D HEC EA . 54.87 39.73 -5.87
CMD HEC EA . 55.46 42.40 -8.32
CAD HEC EA . 54.43 39.54 -8.52
CBD HEC EA . 55.49 38.66 -9.16
CGD HEC EA . 55.10 38.22 -10.58
O1D HEC EA . 53.94 37.78 -10.79
O2D HEC EA . 55.96 38.30 -11.48
C1 CDL FA . 32.77 -9.54 11.43
O1 CDL FA . 33.91 -9.23 10.51
CA2 CDL FA . 32.41 -8.38 12.37
OA2 CDL FA . 32.17 -7.26 11.62
PA1 CDL FA . 30.74 -6.60 11.48
OA3 CDL FA . 29.95 -6.67 12.76
OA4 CDL FA . 29.89 -7.31 10.45
OA5 CDL FA . 31.03 -5.09 11.07
CA3 CDL FA . 31.57 -4.72 9.86
CA4 CDL FA . 32.06 -3.25 9.92
OA6 CDL FA . 31.72 -2.47 8.75
CA5 CDL FA . 30.55 -1.74 8.89
OA7 CDL FA . 29.83 -1.67 9.87
C11 CDL FA . 30.18 -1.00 7.60
C12 CDL FA . 30.96 0.32 7.33
CA6 CDL FA . 33.60 -3.30 10.08
OA8 CDL FA . 34.24 -3.01 8.85
CA7 CDL FA . 35.61 -3.16 8.92
OA9 CDL FA . 36.22 -4.19 8.89
C31 CDL FA . 36.34 -1.82 9.00
CB2 CDL FA . 33.02 -10.80 12.30
OB2 CDL FA . 34.37 -11.12 12.31
PB2 CDL FA . 34.97 -12.36 13.10
OB3 CDL FA . 35.62 -13.34 12.14
OB4 CDL FA . 33.92 -13.15 13.85
OB5 CDL FA . 36.04 -11.74 14.08
CB3 CDL FA . 35.78 -10.66 14.89
CB4 CDL FA . 36.97 -9.69 14.84
OB6 CDL FA . 36.88 -8.65 15.81
CB5 CDL FA . 38.07 -8.46 16.49
OB7 CDL FA . 39.12 -9.01 16.25
C51 CDL FA . 37.94 -7.46 17.64
C52 CDL FA . 38.77 -6.16 17.47
C53 CDL FA . 38.85 -5.36 18.79
CB6 CDL FA . 37.03 -9.09 13.42
OB8 CDL FA . 36.16 -7.99 13.32
CB7 CDL FA . 36.59 -7.07 12.39
OB9 CDL FA . 36.65 -7.26 11.20
C71 CDL FA . 37.02 -5.73 13.03
C72 CDL FA . 35.93 -4.60 13.07
C73 CDL FA . 36.55 -3.18 13.13
C74 CDL FA . 35.95 -2.31 14.26
C1 BOG GA . 33.31 21.69 20.20
O1 BOG GA . 32.96 20.32 20.32
C2 BOG GA . 32.32 22.61 21.03
O2 BOG GA . 30.96 22.46 20.57
C3 BOG GA . 32.75 24.08 20.88
O3 BOG GA . 31.89 24.92 21.63
C4 BOG GA . 34.21 24.25 21.35
O4 BOG GA . 34.62 25.60 21.20
C5 BOG GA . 35.15 23.31 20.53
O5 BOG GA . 34.70 21.89 20.66
C6 BOG GA . 36.63 23.41 20.99
O6 BOG GA . 36.80 23.42 22.41
C1' BOG GA . 32.93 19.46 19.12
C2' BOG GA . 32.22 18.13 19.46
C3' BOG GA . 32.97 16.91 18.94
C4' BOG GA . 31.96 15.80 18.66
C5' BOG GA . 32.27 15.01 17.39
C6' BOG GA . 31.38 13.78 17.22
C7' BOG GA . 32.07 12.72 16.36
C8' BOG GA . 31.15 11.53 16.23
FE1 FES HA . 4.41 51.31 16.26
FE2 FES HA . 2.97 49.09 16.15
S1 FES HA . 2.24 51.13 16.56
S2 FES HA . 5.09 49.31 15.59
O1 UNL IA . 31.78 19.14 15.07
O2 UNL IA . 31.14 17.98 14.40
C1 CDL JA . 33.48 -8.61 2.82
O1 CDL JA . 33.01 -9.08 1.48
CA2 CDL JA . 34.92 -9.07 3.14
OA2 CDL JA . 35.26 -10.19 2.40
PA1 CDL JA . 36.09 -11.38 3.00
OA3 CDL JA . 36.54 -12.37 1.96
OA4 CDL JA . 35.27 -12.19 3.96
OA5 CDL JA . 37.33 -10.66 3.71
CA3 CDL JA . 38.64 -10.70 3.25
CA4 CDL JA . 39.50 -9.54 3.87
OA6 CDL JA . 40.86 -9.56 3.37
CA5 CDL JA . 41.13 -8.48 2.53
OA7 CDL JA . 40.93 -7.33 2.78
C11 CDL JA . 41.76 -8.89 1.19
C12 CDL JA . 42.91 -7.96 0.67
CA6 CDL JA . 39.52 -9.74 5.40
OA8 CDL JA . 39.40 -8.49 6.06
CA7 CDL JA . 38.53 -8.50 7.15
OA9 CDL JA . 37.45 -9.05 7.24
C31 CDL JA . 39.07 -7.69 8.33
CB2 CDL JA . 32.52 -9.08 3.96
OB2 CDL JA . 33.05 -8.74 5.19
PB2 CDL JA . 32.53 -7.55 6.08
OB3 CDL JA . 33.00 -7.72 7.51
OB4 CDL JA . 31.02 -7.49 6.16
OB5 CDL JA . 33.15 -6.26 5.41
CB3 CDL JA . 34.30 -5.66 5.88
CB4 CDL JA . 34.82 -4.57 4.88
OB6 CDL JA . 33.81 -3.86 4.15
CB5 CDL JA . 33.88 -2.50 4.42
OB7 CDL JA . 33.43 -1.97 5.40
C51 CDL JA . 34.61 -1.68 3.30
C52 CDL JA . 35.09 -0.23 3.71
C53 CDL JA . 36.02 0.43 2.66
CB6 CDL JA . 35.78 -5.27 3.89
OB8 CDL JA . 36.98 -5.68 4.53
CB7 CDL JA . 37.91 -4.66 4.63
OB9 CDL JA . 38.02 -3.90 5.57
C71 CDL JA . 38.85 -4.58 3.42
C72 CDL JA . 39.84 -3.37 3.42
C1 BOG KA . -2.11 6.40 -1.23
O1 BOG KA . -2.03 7.67 -0.69
C2 BOG KA . -1.37 6.33 -2.61
O2 BOG KA . -1.94 7.25 -3.55
C3 BOG KA . -1.46 4.90 -3.18
O3 BOG KA . -0.80 4.82 -4.44
C4 BOG KA . -0.83 3.91 -2.15
O4 BOG KA . -0.88 2.57 -2.64
C5 BOG KA . -1.57 4.03 -0.77
O5 BOG KA . -1.54 5.43 -0.28
C6 BOG KA . -0.97 3.11 0.32
O6 BOG KA . 0.38 3.45 0.66
C2' BOG KA . -0.96 10.21 -2.61
C3' BOG KA . -2.00 11.17 -3.14
C4' BOG KA . -1.31 12.26 -3.95
C5' BOG KA . -1.71 12.28 -5.42
C6' BOG KA . -0.64 11.60 -6.29
C7' BOG KA . -0.94 11.79 -7.77
C8' BOG KA . 0.15 11.09 -8.50
N1 AZI LA . 10.25 46.91 -8.66
N2 AZI LA . 9.73 46.76 -7.62
N3 AZI LA . 9.21 46.60 -6.57
CHA HEM MA . 8.73 36.79 -4.63
CHB HEM MA . 4.85 34.35 -3.17
CHC HEM MA . 7.13 30.34 -4.29
CHD HEM MA . 10.84 32.80 -5.95
C1A HEM MA . 7.47 36.48 -4.17
C2A HEM MA . 6.56 37.45 -3.52
C3A HEM MA . 5.54 36.76 -2.97
C4A HEM MA . 5.72 35.38 -3.46
CMA HEM MA . 4.48 37.28 -2.02
CAA HEM MA . 6.73 38.95 -3.55
CBA HEM MA . 6.09 39.26 -4.89
CGA HEM MA . 6.21 40.72 -5.26
O1A HEM MA . 7.37 41.19 -5.39
O2A HEM MA . 5.16 41.38 -5.41
C1B HEM MA . 5.08 33.01 -3.40
C2B HEM MA . 4.20 31.87 -2.96
C3B HEM MA . 4.79 30.82 -3.46
C4B HEM MA . 6.11 31.21 -3.97
CMB HEM MA . 2.95 31.78 -2.08
CAB HEM MA . 4.28 29.58 -3.29
CBB HEM MA . 4.86 28.77 -2.13
C1C HEM MA . 8.39 30.67 -4.73
C2C HEM MA . 9.32 29.67 -5.18
C3C HEM MA . 10.39 30.35 -5.67
C4C HEM MA . 10.06 31.77 -5.54
CMC HEM MA . 9.01 28.18 -5.24
CAC HEM MA . 11.49 29.75 -6.20
CBC HEM MA . 12.32 28.97 -5.18
C1D HEM MA . 10.57 34.12 -5.76
C2D HEM MA . 11.41 35.20 -6.19
C3D HEM MA . 10.86 36.29 -5.70
C4D HEM MA . 9.65 35.91 -5.10
CMD HEM MA . 12.66 35.19 -7.05
CAD HEM MA . 11.53 37.62 -5.77
CBD HEM MA . 11.29 38.41 -7.05
CGD HEM MA . 9.92 39.09 -7.07
O1D HEM MA . 9.51 39.66 -6.03
O2D HEM MA . 9.27 39.08 -8.13
NA HEM MA . 6.96 35.20 -4.11
NB HEM MA . 6.28 32.56 -3.99
NC HEM MA . 8.83 31.95 -4.96
ND HEM MA . 9.44 34.57 -5.15
FE HEM MA . 7.86 33.57 -4.59
CHA HEM NA . -9.21 18.18 0.60
CHB HEM NA . -5.59 20.34 -1.50
CHC HEM NA . -5.14 23.17 2.31
CHD HEM NA . -8.73 21.01 4.44
C1A HEM NA . -8.28 18.54 -0.29
C2A HEM NA . -8.27 18.10 -1.62
C3A HEM NA . -7.17 18.60 -2.18
C4A HEM NA . -6.65 19.52 -1.24
CMA HEM NA . -6.60 18.23 -3.54
CAA HEM NA . -9.25 17.15 -2.28
CBA HEM NA . -10.34 17.78 -3.14
CGA HEM NA . -11.21 18.77 -2.37
O1A HEM NA . -11.06 19.99 -2.62
O2A HEM NA . -12.00 18.33 -1.50
C1B HEM NA . -5.09 21.26 -0.60
C2B HEM NA . -3.94 22.15 -0.87
C3B HEM NA . -3.74 22.82 0.35
C4B HEM NA . -4.88 22.51 1.17
CMB HEM NA . -3.16 22.25 -2.21
CAB HEM NA . -2.71 23.58 0.85
CBB HEM NA . -1.57 23.90 -0.01
C1C HEM NA . -6.14 22.87 3.15
C2C HEM NA . -6.48 23.73 4.23
C3C HEM NA . -7.56 23.16 4.83
C4C HEM NA . -7.79 21.92 4.11
CMC HEM NA . -5.72 25.02 4.64
CAC HEM NA . -8.24 23.65 5.95
CBC HEM NA . -7.59 23.81 7.33
C1D HEM NA . -9.10 19.96 3.63
C2D HEM NA . -10.20 19.08 3.92
C3D HEM NA . -10.39 18.34 2.81
C4D HEM NA . -9.36 18.71 1.87
CMD HEM NA . -11.13 19.14 5.13
CAD HEM NA . -11.54 17.40 2.67
CBD HEM NA . -12.38 17.66 1.46
CGD HEM NA . -13.76 17.14 1.63
O1D HEM NA . -14.45 17.68 2.52
O2D HEM NA . -14.16 16.20 0.92
NA HEM NA . -7.34 19.50 -0.07
NB HEM NA . -5.64 21.47 0.66
NC HEM NA . -7.02 21.84 2.99
ND HEM NA . -8.57 19.72 2.37
FE HEM NA . -7.14 20.62 1.50
C5 ICX OA . 2.80 35.99 8.54
C4 ICX OA . 1.67 36.81 8.52
C3 ICX OA . 1.03 37.19 9.71
C7 ICX OA . -0.18 38.08 9.69
C8 ICX OA . 0.19 39.55 9.96
C9 ICX OA . 0.69 40.36 8.89
C10 ICX OA . 1.06 41.73 9.08
C11 ICX OA . 0.94 42.32 10.37
C12 ICX OA . 0.43 41.54 11.46
C13 ICX OA . 0.06 40.17 11.25
C23 ICX OA . 1.32 43.76 10.63
O24 ICX OA . 1.02 44.30 11.71
N25 ICX OA . 2.02 44.44 9.64
C26 ICX OA . 2.40 45.75 9.81
C27 ICX OA . 3.20 46.42 9.00
C28 ICX OA . 3.87 46.01 7.72
C29 ICX OA . 3.03 46.28 6.50
C30 ICX OA . 3.37 45.37 5.36
C31 ICX OA . 3.16 43.94 5.69
O32 ICX OA . 2.52 43.53 6.66
N33 ICX OA . 3.80 43.16 4.79
C34 ICX OA . 3.81 41.73 4.85
C35 ICX OA . 2.86 41.18 3.85
O36 ICX OA . 1.72 41.59 3.67
O37 ICX OA . 3.47 40.17 3.19
C38 ICX OA . 2.69 39.53 2.18
C2 ICX OA . 1.57 36.74 10.94
C1 ICX OA . 2.73 35.92 10.96
C6 ICX OA . 3.35 35.56 9.75
I1 ICX OA . 5.04 34.36 9.76
C1 UQ PA . -9.70 15.64 -6.32
C2 UQ PA . -10.72 14.88 -5.43
C3 UQ PA . -10.31 13.86 -4.58
C4 UQ PA . -8.81 13.45 -4.53
C5 UQ PA . -7.77 14.19 -5.42
C6 UQ PA . -8.20 15.25 -6.29
CM5 UQ PA . -6.29 13.70 -5.30
CM3 UQ PA . -11.79 11.91 -4.31
CM2 UQ PA . -12.83 14.75 -6.65
C7 UQ PA . -7.25 16.11 -7.28
C8 UQ PA . -5.76 16.32 -7.02
C9 UQ PA . -4.79 16.61 -7.93
C10 UQ PA . -5.16 16.74 -9.41
C11 UQ PA . -3.31 16.81 -7.62
C12 UQ PA . -2.41 15.56 -7.70
O2 UQ PA . -12.09 15.27 -5.50
O3 UQ PA . -11.24 13.15 -3.76
O4 UQ PA . -8.46 12.53 -3.77
O1 UQ PA . -10.12 16.57 -7.07
C1 CDL QA . -24.75 23.00 -12.56
O1 CDL QA . -24.98 24.31 -11.89
CA2 CDL QA . -23.65 23.05 -13.64
OA2 CDL QA . -22.50 23.53 -13.07
PA1 CDL QA . -21.21 22.66 -12.82
OA3 CDL QA . -21.00 21.67 -13.94
OA4 CDL QA . -21.31 21.84 -11.56
OA5 CDL QA . -20.02 23.71 -12.76
CA3 CDL QA . -19.87 24.63 -11.73
CA4 CDL QA . -18.85 25.75 -12.13
OA6 CDL QA . -17.89 26.08 -11.10
CA5 CDL QA . -16.69 25.39 -11.22
OA7 CDL QA . -16.36 24.62 -12.11
C11 CDL QA . -15.74 25.69 -10.05
C12 CDL QA . -14.98 27.02 -10.15
CA6 CDL QA . -19.69 27.00 -12.49
OA8 CDL QA . -19.67 27.93 -11.44
CA7 CDL QA . -20.48 29.01 -11.68
OA9 CDL QA . -21.68 29.03 -11.56
C31 CDL QA . -19.73 30.25 -12.12
CB2 CDL QA . -26.01 22.43 -13.25
OB2 CDL QA . -26.98 23.40 -13.33
PB2 CDL QA . -28.42 23.17 -13.95
OB3 CDL QA . -29.50 23.47 -12.94
OB4 CDL QA . -28.65 21.73 -14.35
OB5 CDL QA . -28.50 24.12 -15.20
CB3 CDL QA . -27.51 24.22 -16.15
CB4 CDL QA . -27.29 25.72 -16.48
OB6 CDL QA . -26.45 25.92 -17.62
CB5 CDL QA . -26.97 26.87 -18.49
OB7 CDL QA . -27.96 27.54 -18.32
C51 CDL QA . -26.13 27.01 -19.75
C52 CDL QA . -25.39 28.35 -19.92
C53 CDL QA . -24.85 28.55 -21.35
CB6 CDL QA . -26.67 26.39 -15.24
OB8 CDL QA . -25.27 26.18 -15.20
CB7 CDL QA . -24.61 27.20 -14.53
OB9 CDL QA . -24.69 27.43 -13.35
C71 CDL QA . -23.73 28.05 -15.46
C72 CDL QA . -22.23 27.65 -15.52
C73 CDL QA . -21.32 28.85 -15.93
C74 CDL QA . -20.40 28.49 -17.11
C1 CDL RA . -23.26 25.44 -4.71
O1 CDL RA . -23.20 25.00 -3.28
CA2 CDL RA . -24.41 26.45 -5.00
OA2 CDL RA . -25.42 26.29 -4.07
PA1 CDL RA . -26.95 26.39 -4.44
OA3 CDL RA . -27.81 26.46 -3.21
OA4 CDL RA . -27.43 25.17 -5.20
OA5 CDL RA . -27.05 27.71 -5.32
CA3 CDL RA . -27.58 28.92 -4.87
CA4 CDL RA . -27.14 30.13 -5.77
OA6 CDL RA . -27.74 31.38 -5.36
CA5 CDL RA . -26.81 32.26 -4.80
OA7 CDL RA . -25.75 32.60 -5.27
C11 CDL RA . -27.28 32.81 -3.44
C12 CDL RA . -26.90 34.30 -3.16
CA6 CDL RA . -27.58 29.81 -7.23
OA8 CDL RA . -26.58 30.20 -8.15
CA7 CDL RA . -26.40 29.30 -9.17
OA9 CDL RA . -26.39 28.10 -9.08
C31 CDL RA . -26.17 29.98 -10.50
CB2 CDL RA . -23.39 24.23 -5.66
OB2 CDL RA . -23.57 24.68 -6.95
PB2 CDL RA . -22.45 24.67 -8.04
OB3 CDL RA . -23.04 24.78 -9.44
OB4 CDL RA . -21.67 23.38 -8.05
OB5 CDL RA . -21.55 25.92 -7.68
CB3 CDL RA . -21.63 27.13 -8.35
CB4 CDL RA . -20.80 28.23 -7.61
OB6 CDL RA . -19.60 27.79 -6.99
CB5 CDL RA . -18.51 28.45 -7.56
OB7 CDL RA . -18.00 28.17 -8.61
C51 CDL RA . -17.97 29.59 -6.66
C52 CDL RA . -17.01 30.61 -7.37
C53 CDL RA . -16.72 31.87 -6.49
CB6 CDL RA . -21.71 28.86 -6.55
OB8 CDL RA . -22.72 29.65 -7.14
CB7 CDL RA . -22.30 30.92 -7.50
OB9 CDL RA . -21.83 31.24 -8.56
C71 CDL RA . -22.49 31.95 -6.36
C72 CDL RA . -21.93 33.38 -6.64
C26 PEE SA . -8.96 32.43 8.74
C25 PEE SA . -10.34 31.81 9.11
C24 PEE SA . -11.23 31.51 7.86
C23 PEE SA . -12.73 31.16 8.16
C22 PEE SA . -13.55 30.70 6.94
C21 PEE SA . -14.14 31.48 6.02
C20 PEE SA . -13.57 31.97 4.69
C19 PEE SA . -14.57 32.70 3.80
C18 PEE SA . -15.03 32.35 2.58
C17 PEE SA . -16.47 32.02 2.17
C16 PEE SA . -16.56 30.80 1.21
C15 PEE SA . -17.43 29.62 1.70
C14 PEE SA . -18.54 29.20 0.69
C13 PEE SA . -19.07 27.78 0.85
C12 PEE SA . -20.52 27.70 1.37
C11 PEE SA . -21.35 26.60 0.65
C10 PEE SA . -22.39 27.17 -0.35
O4 PEE SA . -22.09 27.36 -1.54
O2 PEE SA . -23.68 27.43 0.22
C2 PEE SA . -24.84 27.59 -0.71
C1 PEE SA . -25.91 26.51 -0.44
O3P PEE SA . -25.41 25.16 -0.54
P PEE SA . -26.25 23.89 0.03
O2P PEE SA . -26.95 24.30 1.42
O1P PEE SA . -25.22 22.68 0.32
O4P PEE SA . -27.36 23.37 -1.09
C4 PEE SA . -27.50 21.99 -1.58
C5 PEE SA . -27.75 21.86 -3.10
N PEE SA . -29.02 22.50 -3.51
C3 PEE SA . -25.46 29.03 -0.68
O3 PEE SA . -24.47 30.10 -0.87
C30 PEE SA . -24.26 30.52 -2.21
O5 PEE SA . -24.57 29.85 -3.21
C31 PEE SA . -23.59 31.93 -2.32
C32 PEE SA . -22.07 31.93 -2.56
C33 PEE SA . -21.42 33.30 -2.28
C34 PEE SA . -19.97 33.16 -1.74
C35 PEE SA . -19.04 34.31 -2.19
C36 PEE SA . -17.78 34.45 -1.30
C37 PEE SA . -17.73 35.82 -0.61
C38 PEE SA . -16.47 36.63 -1.00
C39 PEE SA . -15.56 37.02 0.19
C40 PEE SA . -14.06 36.63 0.01
C41 PEE SA . -13.39 36.15 1.31
C42 PEE SA . -12.79 37.32 2.15
C43 PEE SA . -11.38 37.06 2.70
C44 PEE SA . -11.12 37.46 4.17
C45 PEE SA . -9.95 36.69 4.85
C46 PEE SA . -10.40 35.34 5.42
O3P PEE TA . -8.05 9.26 -21.44
P PEE TA . -9.37 8.44 -21.93
O2P PEE TA . -9.92 9.11 -23.28
O1P PEE TA . -10.50 8.52 -20.80
O4P PEE TA . -8.99 6.86 -22.19
O1 UNL UA . -0.99 32.66 -18.98
O1 UNL VA . -0.95 29.92 -17.39
C1 BOG WA . 1.49 36.17 -26.93
O1 BOG WA . 0.35 35.36 -26.69
C2 BOG WA . 2.40 35.54 -28.07
O2 BOG WA . 2.87 34.23 -27.70
C3 BOG WA . 3.61 36.44 -28.35
O3 BOG WA . 4.41 35.87 -29.38
C4 BOG WA . 3.09 37.85 -28.75
O4 BOG WA . 4.18 38.74 -29.02
C5 BOG WA . 2.19 38.45 -27.60
O5 BOG WA . 1.06 37.53 -27.32
C6 BOG WA . 1.61 39.84 -27.96
O6 BOG WA . 1.02 39.89 -29.27
C1' BOG WA . 0.02 34.85 -25.37
C2' BOG WA . -1.07 33.77 -25.48
C3' BOG WA . -2.22 33.99 -24.52
C4' BOG WA . -2.92 32.66 -24.30
C5' BOG WA . -3.49 32.54 -22.89
C6' BOG WA . -4.52 31.41 -22.77
C7' BOG WA . -5.21 31.46 -21.42
C8' BOG WA . -6.18 30.34 -21.35
C1 BOG XA . 8.61 40.48 -30.57
O1 BOG XA . 9.89 40.32 -31.15
C2 BOG XA . 8.61 41.71 -29.58
O2 BOG XA . 9.57 41.53 -28.53
C3 BOG XA . 7.20 41.90 -28.99
O3 BOG XA . 7.20 43.01 -28.11
C4 BOG XA . 6.17 42.10 -30.16
O4 BOG XA . 4.84 42.29 -29.64
C5 BOG XA . 6.23 40.85 -31.12
O5 BOG XA . 7.61 40.67 -31.63
C6 BOG XA . 5.27 41.01 -32.32
O6 BOG XA . 3.95 40.57 -32.04
C1' BOG XA . 10.75 39.24 -30.72
C2' BOG XA . 12.04 39.29 -31.54
C3' BOG XA . 12.55 37.91 -31.90
C4' BOG XA . 12.98 37.90 -33.35
C5' BOG XA . 13.08 36.49 -33.94
C6' BOG XA . 13.28 36.53 -35.45
C7' BOG XA . 13.47 35.14 -36.00
C8' BOG XA . 13.66 35.29 -37.47
FE HEC YA . 10.40 67.65 -9.40
CHA HEC YA . 9.48 66.09 -6.39
CHB HEC YA . 8.04 65.79 -10.95
CHC HEC YA . 11.22 68.98 -12.40
CHD HEC YA . 12.58 69.36 -7.81
NA HEC YA . 9.05 66.27 -8.78
C1A HEC YA . 8.80 65.74 -7.50
C2A HEC YA . 7.61 64.94 -7.47
C3A HEC YA . 7.30 64.75 -8.74
C4A HEC YA . 8.15 65.60 -9.58
CMA HEC YA . 6.14 63.87 -9.13
CAA HEC YA . 6.72 64.47 -6.35
CBA HEC YA . 7.27 64.07 -5.00
CGA HEC YA . 6.19 63.55 -4.08
O1A HEC YA . 6.50 63.13 -2.93
O2A HEC YA . 5.01 63.56 -4.51
NB HEC YA . 9.75 67.48 -11.29
C1B HEC YA . 8.77 66.67 -11.74
C2B HEC YA . 8.59 66.84 -13.12
C3B HEC YA . 9.49 67.65 -13.57
C4B HEC YA . 10.19 68.10 -12.42
CMB HEC YA . 7.64 66.14 -14.05
CAB HEC YA . 9.93 67.89 -15.00
CBB HEC YA . 8.77 68.24 -15.93
NC HEC YA . 11.60 68.93 -10.00
C1C HEC YA . 11.88 69.35 -11.28
C2C HEC YA . 13.06 70.16 -11.34
C3C HEC YA . 13.42 70.31 -10.02
C4C HEC YA . 12.48 69.56 -9.19
CMC HEC YA . 13.87 70.62 -12.55
CAC HEC YA . 14.64 70.87 -9.32
CBC HEC YA . 14.32 72.38 -9.46
ND HEC YA . 10.91 67.71 -7.49
C1D HEC YA . 11.87 68.51 -6.99
C2D HEC YA . 11.90 68.40 -5.51
C3D HEC YA . 11.02 67.46 -5.14
C4D HEC YA . 10.43 67.03 -6.36
CMD HEC YA . 12.76 69.17 -4.50
CAD HEC YA . 10.81 66.93 -3.72
CBD HEC YA . 9.69 67.58 -2.94
CGD HEC YA . 9.72 67.23 -1.48
O1D HEC YA . 9.74 66.02 -1.17
O2D HEC YA . 9.71 68.13 -0.60
O1 UNL ZA . -0.06 34.77 -21.20
FE1 FES AB . 41.33 23.82 -25.02
FE2 FES AB . 40.05 21.51 -24.51
S1 FES AB . 42.18 21.77 -25.12
S2 FES AB . 39.37 23.59 -24.10
C27 PEE BB . 3.56 24.47 -18.76
C26 PEE BB . 2.29 24.20 -19.58
C25 PEE BB . 1.27 25.37 -19.45
C24 PEE BB . 0.01 25.15 -20.33
C23 PEE BB . -1.06 26.27 -20.23
C22 PEE BB . -2.41 25.91 -20.84
C21 PEE BB . -3.61 26.39 -20.46
C20 PEE BB . -4.52 25.80 -19.39
C19 PEE BB . -5.58 24.84 -19.93
C18 PEE BB . -5.75 23.55 -19.65
C17 PEE BB . -6.68 22.56 -20.35
C16 PEE BB . -5.89 21.40 -21.02
C15 PEE BB . -6.64 20.04 -21.09
C14 PEE BB . -7.26 19.69 -22.48
C13 PEE BB . -8.01 18.35 -22.52
C12 PEE BB . -8.45 17.90 -23.93
C11 PEE BB . -7.87 16.51 -24.31
C10 PEE BB . -8.62 15.25 -23.71
O4 PEE BB . -9.66 15.37 -23.04
O2 PEE BB . -7.98 13.99 -23.99
C2 PEE BB . -8.52 13.10 -25.09
C1 PEE BB . -10.06 12.84 -24.97
O3P PEE BB . -10.52 11.57 -25.54
P PEE BB . -11.56 11.51 -26.83
O2P PEE BB . -12.26 12.95 -27.04
O1P PEE BB . -12.70 10.43 -26.48
O4P PEE BB . -10.75 11.05 -28.21
C4 PEE BB . -11.04 9.86 -29.02
C5 PEE BB . -10.35 9.81 -30.39
N PEE BB . -11.04 8.90 -31.32
C3 PEE BB . -8.05 13.57 -26.53
O3 PEE BB . -8.25 12.58 -27.62
C30 PEE BB . -7.38 11.43 -27.65
O5 PEE BB . -7.79 10.27 -27.88
C31 PEE BB . -5.86 11.73 -27.37
C32 PEE BB . -5.09 12.30 -28.58
C33 PEE BB . -4.57 13.72 -28.30
C34 PEE BB . -4.08 14.39 -29.58
C35 PEE BB . -3.29 15.66 -29.31
C36 PEE BB . -1.93 15.65 -30.01
C37 PEE BB . -0.90 16.57 -29.32
C38 PEE BB . -0.74 17.91 -30.07
C39 PEE BB . 0.41 18.82 -29.55
C40 PEE BB . 1.15 19.60 -30.66
C41 PEE BB . 1.59 21.01 -30.22
C42 PEE BB . 2.23 21.81 -31.37
C43 PEE BB . 1.55 23.16 -31.65
C44 PEE BB . 2.02 23.91 -32.92
C45 PEE BB . 1.50 25.35 -33.03
C46 PEE BB . 2.25 26.15 -34.11
#